data_2O7D
#
_entry.id   2O7D
#
_cell.length_a   87.614
_cell.length_b   154.895
_cell.length_c   164.162
_cell.angle_alpha   90.00
_cell.angle_beta   94.06
_cell.angle_gamma   90.00
#
_symmetry.space_group_name_H-M   'P 1 21 1'
#
loop_
_entity.id
_entity.type
_entity.pdbx_description
1 polymer 'Putative histidine ammonia-lyase'
2 non-polymer 'CAFFEIC ACID'
3 water water
#
_entity_poly.entity_id   1
_entity_poly.type   'polypeptide(L)'
_entity_poly.pdbx_seq_one_letter_code
;MLAMSPPKPAVELDRHIDLDQAHAVASGGARIVLAPPARDRCRASEARLGAVIREARHVYGLTTGFGPLANRLISGENVR
TLQANLVHHLASGVGPVLDWTTARAMVLARLVSIAQGASGASEGTIARLIDLLNSELAPAVPSRGTVG(MDO)DLTPLAH
MVLCLQGRGDFLDRDGTRLDGAEGLRRGRLQPLDLSHRDALALVNGTSAMTGIALVNAHACRHLGNWAVALTALLAECLR
GRTEAWAAALSDLRPHPGQKDAAARLRARVDGSARVVRHVIAERRLDAGDIGTEPEAGQDAYSLRCAPQVLGAGFDTLAW
HDRVLTIELNAVTDNPVFPPDGSVPALHGGNFMGQHVALTSDALATAVTVLAGLAERQIARLTDERLNRGLPPFLHRGPA
GLNSGFMGAQVTATALLAEMRATGPASIHSISTNAANQDVVSLGTIAARLCREKIDRWAEILAILALCLAQAAELRCGSG
LDGVSPAGKKLVQALREQFPPLETDRPLGQEIAALATHLLQQSPV
;
_entity_poly.pdbx_strand_id   A,B,C,D,E,F,G,H
#
# COMPACT_ATOMS: atom_id res chain seq x y z
N PRO A 7 54.90 -41.22 9.77
CA PRO A 7 54.98 -40.24 8.65
C PRO A 7 53.58 -39.86 8.17
N LYS A 8 52.77 -39.34 9.10
CA LYS A 8 51.39 -38.92 8.85
C LYS A 8 51.00 -38.79 7.37
N PRO A 9 50.11 -39.68 6.90
CA PRO A 9 49.62 -39.72 5.51
C PRO A 9 49.05 -38.36 5.06
N ALA A 10 48.99 -38.16 3.75
CA ALA A 10 48.47 -36.92 3.20
C ALA A 10 47.42 -37.17 2.12
N VAL A 11 46.31 -36.44 2.22
CA VAL A 11 45.24 -36.55 1.24
C VAL A 11 45.31 -35.32 0.34
N GLU A 12 45.52 -35.54 -0.95
CA GLU A 12 45.61 -34.44 -1.90
C GLU A 12 44.25 -34.18 -2.52
N LEU A 13 43.68 -33.04 -2.18
CA LEU A 13 42.37 -32.66 -2.69
C LEU A 13 42.42 -31.93 -4.03
N ASP A 14 41.75 -32.50 -5.03
CA ASP A 14 41.66 -31.88 -6.33
C ASP A 14 40.16 -31.63 -6.52
N ARG A 15 39.45 -32.65 -6.99
CA ARG A 15 38.01 -32.54 -7.19
C ARG A 15 37.22 -33.52 -6.33
N HIS A 16 37.61 -34.79 -6.36
CA HIS A 16 36.90 -35.84 -5.63
C HIS A 16 37.66 -36.46 -4.45
N ILE A 17 36.93 -36.74 -3.38
CA ILE A 17 37.51 -37.37 -2.20
C ILE A 17 36.47 -38.39 -1.72
N ASP A 18 36.91 -39.61 -1.41
CA ASP A 18 35.95 -40.62 -0.95
C ASP A 18 35.70 -40.50 0.54
N LEU A 19 34.71 -41.23 1.04
CA LEU A 19 34.35 -41.17 2.45
C LEU A 19 35.48 -41.58 3.39
N ASP A 20 36.28 -42.57 3.01
CA ASP A 20 37.37 -42.99 3.88
C ASP A 20 38.42 -41.89 4.01
N GLN A 21 38.79 -41.28 2.89
CA GLN A 21 39.77 -40.19 2.92
C GLN A 21 39.22 -39.04 3.74
N ALA A 22 37.94 -38.74 3.57
CA ALA A 22 37.32 -37.65 4.30
C ALA A 22 37.42 -37.89 5.79
N HIS A 23 37.14 -39.11 6.22
CA HIS A 23 37.22 -39.42 7.65
C HIS A 23 38.66 -39.43 8.15
N ALA A 24 39.59 -39.78 7.26
CA ALA A 24 41.00 -39.82 7.64
C ALA A 24 41.46 -38.41 7.99
N VAL A 25 41.00 -37.43 7.23
CA VAL A 25 41.35 -36.05 7.49
C VAL A 25 40.60 -35.51 8.71
N ALA A 26 39.28 -35.74 8.73
CA ALA A 26 38.46 -35.27 9.85
C ALA A 26 38.95 -35.79 11.20
N SER A 27 39.41 -37.04 11.22
CA SER A 27 39.88 -37.64 12.47
C SER A 27 41.35 -37.32 12.78
N GLY A 28 42.02 -36.60 11.87
CA GLY A 28 43.40 -36.24 12.10
C GLY A 28 44.37 -37.37 11.78
N GLY A 29 43.89 -38.40 11.09
CA GLY A 29 44.74 -39.51 10.71
C GLY A 29 45.53 -39.18 9.46
N ALA A 30 45.13 -38.11 8.78
CA ALA A 30 45.80 -37.69 7.57
C ALA A 30 45.76 -36.18 7.40
N ARG A 31 46.82 -35.65 6.80
CA ARG A 31 46.91 -34.21 6.53
C ARG A 31 46.17 -33.98 5.23
N ILE A 32 45.88 -32.72 4.93
CA ILE A 32 45.20 -32.43 3.68
C ILE A 32 45.98 -31.37 2.93
N VAL A 33 46.07 -31.56 1.62
CA VAL A 33 46.80 -30.62 0.77
C VAL A 33 45.95 -30.37 -0.47
N LEU A 34 45.94 -29.12 -0.91
CA LEU A 34 45.18 -28.75 -2.09
C LEU A 34 46.05 -28.98 -3.32
N ALA A 35 45.56 -29.79 -4.26
CA ALA A 35 46.30 -30.09 -5.48
C ALA A 35 46.44 -28.84 -6.35
N PRO A 36 47.55 -28.75 -7.10
CA PRO A 36 47.81 -27.60 -7.99
C PRO A 36 46.60 -27.16 -8.81
N PRO A 37 45.95 -28.08 -9.51
CA PRO A 37 44.78 -27.70 -10.31
C PRO A 37 43.63 -27.12 -9.49
N ALA A 38 43.49 -27.57 -8.25
CA ALA A 38 42.44 -27.07 -7.37
C ALA A 38 42.81 -25.65 -6.95
N ARG A 39 44.08 -25.46 -6.61
CA ARG A 39 44.56 -24.15 -6.21
C ARG A 39 44.27 -23.15 -7.33
N ASP A 40 44.55 -23.55 -8.58
CA ASP A 40 44.31 -22.66 -9.70
C ASP A 40 42.83 -22.39 -9.93
N ARG A 41 41.99 -23.42 -9.84
CA ARG A 41 40.56 -23.22 -10.03
C ARG A 41 40.04 -22.22 -9.01
N CYS A 42 40.54 -22.33 -7.78
CA CYS A 42 40.11 -21.42 -6.72
C CYS A 42 40.61 -20.01 -6.96
N ARG A 43 41.86 -19.86 -7.39
CA ARG A 43 42.40 -18.52 -7.65
C ARG A 43 41.56 -17.85 -8.74
N ALA A 44 41.17 -18.62 -9.75
CA ALA A 44 40.35 -18.10 -10.83
C ALA A 44 38.95 -17.71 -10.33
N SER A 45 38.41 -18.50 -9.39
CA SER A 45 37.09 -18.19 -8.86
C SER A 45 37.18 -16.93 -7.99
N GLU A 46 38.29 -16.81 -7.26
CA GLU A 46 38.53 -15.66 -6.41
C GLU A 46 38.48 -14.40 -7.27
N ALA A 47 39.09 -14.47 -8.45
CA ALA A 47 39.12 -13.34 -9.37
C ALA A 47 37.71 -13.03 -9.87
N ARG A 48 36.94 -14.07 -10.17
CA ARG A 48 35.57 -13.88 -10.65
C ARG A 48 34.74 -13.13 -9.62
N LEU A 49 34.97 -13.41 -8.34
CA LEU A 49 34.23 -12.74 -7.27
C LEU A 49 34.64 -11.27 -7.28
N GLY A 50 35.93 -11.03 -7.54
CA GLY A 50 36.42 -9.67 -7.59
C GLY A 50 35.77 -8.90 -8.72
N ALA A 51 35.64 -9.53 -9.88
CA ALA A 51 35.03 -8.92 -11.05
C ALA A 51 33.55 -8.59 -10.80
N VAL A 52 32.85 -9.52 -10.15
CA VAL A 52 31.44 -9.33 -9.83
C VAL A 52 31.26 -8.08 -8.98
N ILE A 53 32.13 -7.93 -7.99
CA ILE A 53 32.06 -6.78 -7.11
C ILE A 53 32.43 -5.53 -7.90
N ARG A 54 33.50 -5.64 -8.68
CA ARG A 54 33.98 -4.53 -9.49
C ARG A 54 32.90 -4.01 -10.44
N GLU A 55 32.17 -4.95 -11.05
CA GLU A 55 31.13 -4.60 -12.02
C GLU A 55 29.75 -4.32 -11.39
N ALA A 56 29.69 -4.35 -10.06
CA ALA A 56 28.44 -4.08 -9.35
C ALA A 56 27.29 -4.96 -9.82
N ARG A 57 27.56 -6.25 -10.00
CA ARG A 57 26.54 -7.20 -10.41
C ARG A 57 25.56 -7.40 -9.25
N HIS A 58 24.28 -7.54 -9.56
CA HIS A 58 23.27 -7.77 -8.54
C HIS A 58 23.48 -9.19 -8.01
N VAL A 59 24.11 -9.31 -6.84
CA VAL A 59 24.37 -10.63 -6.26
C VAL A 59 24.03 -10.71 -4.77
N TYR A 60 23.32 -11.77 -4.42
CA TYR A 60 22.90 -12.03 -3.04
C TYR A 60 24.12 -12.01 -2.10
N GLY A 61 24.08 -11.16 -1.08
CA GLY A 61 25.18 -11.12 -0.12
C GLY A 61 26.30 -10.14 -0.45
N LEU A 62 26.32 -9.67 -1.69
CA LEU A 62 27.35 -8.73 -2.13
C LEU A 62 26.70 -7.37 -2.38
N THR A 63 25.45 -7.38 -2.82
CA THR A 63 24.72 -6.14 -3.07
C THR A 63 23.28 -6.23 -2.56
N THR A 64 23.02 -7.18 -1.66
CA THR A 64 21.67 -7.36 -1.12
C THR A 64 21.68 -7.81 0.33
N GLY A 65 20.54 -7.63 1.01
CA GLY A 65 20.42 -8.07 2.38
C GLY A 65 20.25 -9.59 2.33
N PHE A 66 19.89 -10.20 3.44
CA PHE A 66 19.73 -11.66 3.49
C PHE A 66 18.29 -12.11 3.74
N GLY A 67 17.97 -13.32 3.26
CA GLY A 67 16.63 -13.83 3.42
C GLY A 67 15.63 -12.95 2.71
N PRO A 68 14.46 -12.69 3.33
CA PRO A 68 13.42 -11.84 2.76
C PRO A 68 13.90 -10.40 2.62
N LEU A 69 15.00 -10.09 3.31
CA LEU A 69 15.57 -8.75 3.28
C LEU A 69 16.47 -8.53 2.06
N ALA A 70 16.54 -9.51 1.19
CA ALA A 70 17.35 -9.41 -0.03
C ALA A 70 16.81 -8.31 -0.94
N ASN A 71 15.56 -7.90 -0.73
CA ASN A 71 14.96 -6.85 -1.54
C ASN A 71 15.55 -5.48 -1.20
N ARG A 72 16.38 -5.43 -0.17
CA ARG A 72 17.06 -4.19 0.23
C ARG A 72 18.43 -4.23 -0.44
N LEU A 73 18.65 -3.35 -1.43
CA LEU A 73 19.95 -3.35 -2.11
C LEU A 73 21.00 -2.60 -1.31
N ILE A 74 22.23 -3.12 -1.33
CA ILE A 74 23.34 -2.54 -0.56
C ILE A 74 24.47 -1.94 -1.40
N SER A 75 24.95 -0.77 -0.98
CA SER A 75 26.03 -0.10 -1.68
C SER A 75 27.37 -0.71 -1.31
N GLY A 76 28.27 -0.79 -2.29
CA GLY A 76 29.58 -1.37 -2.08
C GLY A 76 30.36 -0.96 -0.85
N GLU A 77 30.22 0.28 -0.41
CA GLU A 77 30.96 0.74 0.76
C GLU A 77 30.47 0.13 2.08
N ASN A 78 29.33 -0.55 2.05
CA ASN A 78 28.79 -1.14 3.28
C ASN A 78 28.85 -2.67 3.33
N VAL A 79 29.49 -3.28 2.33
CA VAL A 79 29.59 -4.72 2.27
C VAL A 79 30.35 -5.37 3.43
N ARG A 80 31.45 -4.74 3.87
CA ARG A 80 32.23 -5.26 5.00
C ARG A 80 31.31 -5.41 6.20
N THR A 81 30.50 -4.39 6.45
CA THR A 81 29.56 -4.41 7.57
C THR A 81 28.46 -5.43 7.33
N LEU A 82 27.96 -5.47 6.10
CA LEU A 82 26.91 -6.41 5.71
C LEU A 82 27.28 -7.84 6.11
N GLN A 83 28.42 -8.30 5.61
CA GLN A 83 28.87 -9.66 5.89
C GLN A 83 29.27 -9.89 7.34
N ALA A 84 29.70 -8.84 8.03
CA ALA A 84 30.07 -8.97 9.43
C ALA A 84 28.81 -9.27 10.25
N ASN A 85 27.74 -8.55 9.96
CA ASN A 85 26.49 -8.75 10.68
C ASN A 85 25.83 -10.08 10.28
N LEU A 86 26.11 -10.54 9.07
CA LEU A 86 25.57 -11.82 8.62
C LEU A 86 26.04 -12.87 9.62
N VAL A 87 27.35 -12.93 9.81
CA VAL A 87 27.94 -13.88 10.75
C VAL A 87 27.37 -13.69 12.15
N HIS A 88 27.18 -12.44 12.53
CA HIS A 88 26.63 -12.11 13.85
C HIS A 88 25.21 -12.60 14.10
N HIS A 89 24.26 -12.21 13.25
CA HIS A 89 22.87 -12.61 13.45
C HIS A 89 22.66 -14.11 13.38
N LEU A 90 23.53 -14.80 12.65
CA LEU A 90 23.41 -16.25 12.49
C LEU A 90 23.98 -17.05 13.67
N ALA A 91 24.76 -16.40 14.52
CA ALA A 91 25.38 -17.10 15.65
C ALA A 91 24.44 -17.29 16.82
N SER A 92 23.26 -17.85 16.56
CA SER A 92 22.26 -18.08 17.59
C SER A 92 22.18 -19.55 18.00
N GLY A 93 23.24 -20.32 17.73
CA GLY A 93 23.23 -21.73 18.07
C GLY A 93 23.26 -22.04 19.55
N VAL A 94 22.72 -23.19 19.92
CA VAL A 94 22.70 -23.65 21.31
C VAL A 94 22.88 -25.16 21.35
N GLY A 95 22.97 -25.71 22.55
CA GLY A 95 23.14 -27.14 22.72
C GLY A 95 24.59 -27.55 22.79
N PRO A 96 24.86 -28.82 23.13
CA PRO A 96 26.24 -29.31 23.22
C PRO A 96 26.95 -29.14 21.88
N VAL A 97 28.24 -28.81 21.94
CA VAL A 97 29.02 -28.62 20.73
C VAL A 97 29.22 -29.94 19.99
N LEU A 98 29.44 -29.86 18.68
CA LEU A 98 29.69 -31.06 17.88
C LEU A 98 31.01 -31.62 18.38
N ASP A 99 31.19 -32.93 18.35
CA ASP A 99 32.45 -33.50 18.81
C ASP A 99 33.58 -33.13 17.86
N TRP A 100 34.80 -33.18 18.38
CA TRP A 100 36.02 -32.85 17.66
C TRP A 100 36.03 -33.31 16.19
N THR A 101 35.86 -34.61 15.97
CA THR A 101 35.89 -35.16 14.64
C THR A 101 34.78 -34.64 13.73
N THR A 102 33.57 -34.54 14.26
CA THR A 102 32.44 -34.07 13.47
C THR A 102 32.59 -32.60 13.09
N ALA A 103 33.02 -31.77 14.03
CA ALA A 103 33.21 -30.34 13.75
C ALA A 103 34.23 -30.19 12.62
N ARG A 104 35.30 -30.97 12.65
CA ARG A 104 36.33 -30.92 11.62
C ARG A 104 35.79 -31.45 10.29
N ALA A 105 34.90 -32.44 10.38
CA ALA A 105 34.30 -33.01 9.19
C ALA A 105 33.48 -31.90 8.51
N MET A 106 32.88 -31.05 9.32
CA MET A 106 32.09 -29.93 8.80
C MET A 106 33.01 -28.98 8.04
N VAL A 107 34.16 -28.68 8.65
CA VAL A 107 35.13 -27.78 8.04
C VAL A 107 35.59 -28.35 6.69
N LEU A 108 35.87 -29.65 6.68
CA LEU A 108 36.30 -30.32 5.47
C LEU A 108 35.24 -30.25 4.38
N ALA A 109 33.99 -30.49 4.77
CA ALA A 109 32.87 -30.46 3.82
C ALA A 109 32.78 -29.11 3.10
N ARG A 110 32.96 -28.03 3.85
CA ARG A 110 32.91 -26.69 3.26
C ARG A 110 34.10 -26.53 2.31
N LEU A 111 35.27 -27.01 2.74
CA LEU A 111 36.47 -26.91 1.93
C LEU A 111 36.32 -27.63 0.59
N VAL A 112 35.84 -28.88 0.63
CA VAL A 112 35.66 -29.65 -0.59
C VAL A 112 34.74 -28.93 -1.57
N SER A 113 33.70 -28.28 -1.07
CA SER A 113 32.78 -27.55 -1.94
C SER A 113 33.56 -26.41 -2.61
N ILE A 114 34.28 -25.64 -1.80
CA ILE A 114 35.09 -24.52 -2.29
C ILE A 114 36.12 -24.95 -3.32
N ALA A 115 36.73 -26.12 -3.10
CA ALA A 115 37.74 -26.65 -4.00
C ALA A 115 37.25 -26.85 -5.42
N GLN A 116 35.94 -26.92 -5.61
CA GLN A 116 35.39 -27.09 -6.95
C GLN A 116 35.56 -25.82 -7.79
N GLY A 117 35.91 -24.72 -7.14
CA GLY A 117 36.16 -23.47 -7.84
C GLY A 117 34.95 -22.65 -8.29
N ALA A 118 33.91 -22.60 -7.46
CA ALA A 118 32.72 -21.83 -7.79
C ALA A 118 32.21 -20.99 -6.62
N SER A 119 33.02 -20.88 -5.57
CA SER A 119 32.62 -20.14 -4.37
C SER A 119 33.26 -18.77 -4.19
N GLY A 120 34.32 -18.49 -4.93
CA GLY A 120 34.98 -17.21 -4.82
C GLY A 120 35.85 -17.00 -3.58
N ALA A 121 36.09 -18.07 -2.83
CA ALA A 121 36.90 -17.96 -1.62
C ALA A 121 38.33 -17.56 -1.94
N SER A 122 38.88 -16.63 -1.15
CA SER A 122 40.24 -16.15 -1.34
C SER A 122 41.26 -17.19 -0.85
N GLU A 123 42.51 -17.06 -1.29
CA GLU A 123 43.54 -18.00 -0.88
C GLU A 123 43.69 -18.07 0.63
N GLY A 124 43.60 -16.91 1.29
CA GLY A 124 43.72 -16.86 2.73
C GLY A 124 42.61 -17.66 3.40
N THR A 125 41.38 -17.43 2.96
CA THR A 125 40.23 -18.12 3.53
C THR A 125 40.44 -19.63 3.45
N ILE A 126 40.82 -20.10 2.26
CA ILE A 126 41.07 -21.52 2.03
C ILE A 126 42.20 -22.03 2.93
N ALA A 127 43.22 -21.20 3.13
CA ALA A 127 44.34 -21.59 3.96
C ALA A 127 43.93 -21.74 5.42
N ARG A 128 43.00 -20.91 5.87
CA ARG A 128 42.54 -20.99 7.26
C ARG A 128 41.85 -22.33 7.48
N LEU A 129 41.12 -22.82 6.48
CA LEU A 129 40.42 -24.09 6.60
C LEU A 129 41.42 -25.24 6.57
N ILE A 130 42.42 -25.14 5.70
CA ILE A 130 43.44 -26.17 5.57
C ILE A 130 44.29 -26.23 6.85
N ASP A 131 44.65 -25.06 7.38
CA ASP A 131 45.45 -24.98 8.60
C ASP A 131 44.73 -25.63 9.77
N LEU A 132 43.42 -25.40 9.86
CA LEU A 132 42.61 -25.98 10.94
C LEU A 132 42.63 -27.50 10.84
N LEU A 133 42.43 -28.01 9.64
CA LEU A 133 42.40 -29.46 9.43
C LEU A 133 43.75 -30.13 9.66
N ASN A 134 44.84 -29.39 9.45
CA ASN A 134 46.16 -29.97 9.67
C ASN A 134 46.64 -29.77 11.09
N SER A 135 45.81 -29.10 11.89
CA SER A 135 46.12 -28.87 13.29
C SER A 135 45.45 -29.97 14.11
N GLU A 136 45.61 -29.92 15.42
CA GLU A 136 45.01 -30.90 16.32
C GLU A 136 43.74 -30.33 16.91
N LEU A 137 43.28 -29.21 16.35
CA LEU A 137 42.09 -28.56 16.88
C LEU A 137 40.84 -28.66 16.03
N ALA A 138 39.73 -28.26 16.64
CA ALA A 138 38.44 -28.26 15.98
C ALA A 138 37.69 -27.06 16.52
N PRO A 139 36.86 -26.42 15.69
CA PRO A 139 36.13 -25.26 16.20
C PRO A 139 35.02 -25.80 17.14
N ALA A 140 34.71 -25.05 18.18
CA ALA A 140 33.66 -25.46 19.12
C ALA A 140 32.39 -24.83 18.60
N VAL A 141 31.51 -25.65 18.03
CA VAL A 141 30.27 -25.13 17.47
C VAL A 141 29.03 -25.83 18.05
N PRO A 142 28.03 -25.03 18.46
CA PRO A 142 26.80 -25.61 19.01
C PRO A 142 26.15 -26.55 18.00
N SER A 143 25.54 -27.62 18.48
CA SER A 143 24.93 -28.60 17.58
C SER A 143 23.52 -28.27 17.10
N ARG A 144 22.82 -27.36 17.76
CA ARG A 144 21.44 -27.01 17.39
C ARG A 144 21.27 -25.59 16.88
N GLY A 145 20.25 -25.38 16.04
CA GLY A 145 19.98 -24.05 15.52
C GLY A 145 19.73 -23.94 14.02
N THR A 146 20.11 -24.98 13.28
CA THR A 146 19.93 -24.96 11.83
C THR A 146 18.75 -25.82 11.39
N VAL A 147 18.06 -25.40 10.33
CA VAL A 147 16.94 -26.16 9.79
C VAL A 147 17.41 -26.84 8.51
N GLY A 148 18.72 -26.79 8.27
CA GLY A 148 19.30 -27.45 7.12
C GLY A 148 18.95 -26.88 5.76
N ASP A 150 23.24 -25.07 6.45
CA ASP A 150 23.74 -25.05 7.83
C ASP A 150 24.42 -23.75 8.19
N LEU A 151 23.71 -22.63 8.02
CA LEU A 151 24.26 -21.32 8.30
C LEU A 151 24.68 -21.06 9.73
N THR A 152 23.86 -21.46 10.70
CA THR A 152 24.20 -21.23 12.09
C THR A 152 25.50 -21.90 12.56
N PRO A 153 25.62 -23.23 12.40
CA PRO A 153 26.88 -23.82 12.86
C PRO A 153 28.11 -23.28 12.09
N LEU A 154 27.92 -22.94 10.83
CA LEU A 154 29.05 -22.42 10.05
C LEU A 154 29.41 -20.99 10.46
N ALA A 155 28.44 -20.24 10.96
CA ALA A 155 28.72 -18.86 11.40
C ALA A 155 29.55 -18.94 12.68
N HIS A 156 29.23 -19.91 13.53
CA HIS A 156 29.97 -20.09 14.77
C HIS A 156 31.38 -20.52 14.42
N MET A 157 31.51 -21.28 13.34
CA MET A 157 32.83 -21.74 12.88
C MET A 157 33.66 -20.52 12.49
N VAL A 158 33.05 -19.61 11.75
CA VAL A 158 33.74 -18.39 11.31
C VAL A 158 34.24 -17.60 12.50
N LEU A 159 33.39 -17.43 13.51
CA LEU A 159 33.78 -16.69 14.71
C LEU A 159 34.98 -17.38 15.37
N CYS A 160 34.96 -18.70 15.43
CA CYS A 160 36.04 -19.45 16.05
C CYS A 160 37.36 -19.21 15.31
N LEU A 161 37.32 -19.33 13.99
CA LEU A 161 38.51 -19.13 13.17
C LEU A 161 39.04 -17.70 13.21
N GLN A 162 38.23 -16.76 13.73
CA GLN A 162 38.65 -15.37 13.84
C GLN A 162 39.20 -15.15 15.25
N GLY A 163 39.11 -16.18 16.07
CA GLY A 163 39.57 -16.09 17.45
C GLY A 163 38.50 -15.53 18.37
N ARG A 164 37.26 -15.52 17.91
CA ARG A 164 36.14 -15.00 18.69
C ARG A 164 35.22 -16.12 19.15
N GLY A 165 35.75 -17.34 19.15
CA GLY A 165 34.97 -18.48 19.58
C GLY A 165 35.91 -19.55 20.10
N ASP A 166 35.39 -20.47 20.91
CA ASP A 166 36.21 -21.54 21.48
C ASP A 166 36.65 -22.60 20.47
N PHE A 167 37.63 -23.39 20.88
CA PHE A 167 38.18 -24.47 20.07
C PHE A 167 38.16 -25.73 20.94
N LEU A 168 38.30 -26.89 20.32
CA LEU A 168 38.32 -28.15 21.06
C LEU A 168 39.58 -28.92 20.69
N ASP A 169 40.14 -29.62 21.69
CA ASP A 169 41.33 -30.44 21.46
C ASP A 169 40.75 -31.84 21.24
N ARG A 170 41.59 -32.80 20.91
CA ARG A 170 41.10 -34.16 20.67
C ARG A 170 40.24 -34.74 21.79
N ASP A 171 40.50 -34.31 23.03
CA ASP A 171 39.75 -34.82 24.17
C ASP A 171 38.47 -34.06 24.47
N GLY A 172 38.17 -33.04 23.67
CA GLY A 172 36.96 -32.27 23.90
C GLY A 172 37.12 -31.13 24.87
N THR A 173 38.31 -30.96 25.42
CA THR A 173 38.56 -29.87 26.37
C THR A 173 38.54 -28.56 25.58
N ARG A 174 37.82 -27.57 26.09
CA ARG A 174 37.68 -26.30 25.39
C ARG A 174 38.74 -25.26 25.66
N LEU A 175 39.17 -24.60 24.59
CA LEU A 175 40.17 -23.54 24.66
C LEU A 175 39.50 -22.27 24.14
N ASP A 176 39.87 -21.11 24.66
CA ASP A 176 39.27 -19.89 24.18
C ASP A 176 39.87 -19.54 22.81
N GLY A 177 39.24 -18.60 22.12
CA GLY A 177 39.71 -18.20 20.79
C GLY A 177 41.19 -17.94 20.68
N ALA A 178 41.72 -17.11 21.58
CA ALA A 178 43.14 -16.75 21.57
C ALA A 178 44.01 -17.99 21.71
N GLU A 179 43.75 -18.80 22.73
CA GLU A 179 44.52 -20.01 23.00
C GLU A 179 44.48 -20.97 21.81
N GLY A 180 43.33 -21.03 21.14
CA GLY A 180 43.21 -21.91 19.99
C GLY A 180 44.12 -21.47 18.85
N LEU A 181 44.08 -20.19 18.52
CA LEU A 181 44.92 -19.68 17.44
C LEU A 181 46.39 -19.88 17.80
N ARG A 182 46.72 -19.68 19.08
CA ARG A 182 48.09 -19.84 19.56
C ARG A 182 48.54 -21.29 19.50
N ARG A 183 47.89 -22.15 20.29
CA ARG A 183 48.23 -23.56 20.35
C ARG A 183 48.23 -24.26 18.99
N GLY A 184 47.30 -23.86 18.12
CA GLY A 184 47.23 -24.47 16.81
C GLY A 184 48.08 -23.76 15.79
N ARG A 185 48.73 -22.67 16.20
CA ARG A 185 49.57 -21.89 15.32
C ARG A 185 48.75 -21.53 14.08
N LEU A 186 47.60 -20.92 14.33
CA LEU A 186 46.67 -20.52 13.28
C LEU A 186 46.61 -19.00 13.14
N GLN A 187 46.37 -18.55 11.92
CA GLN A 187 46.23 -17.12 11.63
C GLN A 187 44.76 -16.77 11.75
N PRO A 188 44.44 -15.58 12.29
CA PRO A 188 43.03 -15.22 12.42
C PRO A 188 42.39 -15.04 11.04
N LEU A 189 41.17 -15.57 10.88
CA LEU A 189 40.44 -15.47 9.62
C LEU A 189 40.15 -14.02 9.24
N ASP A 190 40.50 -13.64 8.00
CA ASP A 190 40.27 -12.29 7.51
C ASP A 190 39.32 -12.32 6.32
N LEU A 191 38.14 -11.72 6.47
CA LEU A 191 37.16 -11.72 5.38
C LEU A 191 37.11 -10.43 4.57
N SER A 192 38.23 -9.73 4.51
CA SER A 192 38.29 -8.46 3.76
C SER A 192 37.99 -8.59 2.27
N HIS A 193 38.13 -9.79 1.71
CA HIS A 193 37.84 -9.97 0.29
C HIS A 193 36.34 -10.11 0.03
N ARG A 194 35.55 -10.01 1.09
CA ARG A 194 34.09 -10.11 0.98
C ARG A 194 33.66 -11.50 0.52
N ASP A 195 34.37 -12.52 1.00
CA ASP A 195 34.07 -13.91 0.65
C ASP A 195 33.45 -14.69 1.81
N ALA A 196 32.72 -13.98 2.68
CA ALA A 196 32.08 -14.62 3.82
C ALA A 196 31.07 -15.69 3.42
N LEU A 197 30.40 -15.50 2.28
CA LEU A 197 29.40 -16.46 1.82
C LEU A 197 30.01 -17.78 1.38
N ALA A 198 31.33 -17.81 1.22
CA ALA A 198 32.00 -19.04 0.83
C ALA A 198 32.16 -19.93 2.08
N LEU A 199 31.99 -19.32 3.25
CA LEU A 199 32.12 -20.05 4.51
C LEU A 199 30.80 -20.36 5.20
N VAL A 200 29.86 -19.44 5.06
CA VAL A 200 28.53 -19.59 5.66
C VAL A 200 27.60 -19.98 4.52
N ASN A 201 27.59 -21.26 4.17
CA ASN A 201 26.77 -21.72 3.06
C ASN A 201 26.73 -23.24 3.02
N GLY A 202 25.84 -23.76 2.19
CA GLY A 202 25.75 -25.19 1.99
C GLY A 202 25.29 -26.08 3.12
N THR A 203 25.56 -27.36 2.93
CA THR A 203 25.15 -28.41 3.86
C THR A 203 26.35 -29.06 4.52
N SER A 204 27.33 -28.24 4.91
CA SER A 204 28.55 -28.74 5.51
C SER A 204 28.38 -29.46 6.85
N ALA A 205 27.54 -28.92 7.72
CA ALA A 205 27.31 -29.53 9.03
C ALA A 205 26.70 -30.92 8.93
N MET A 206 25.55 -31.01 8.27
CA MET A 206 24.88 -32.31 8.14
C MET A 206 25.76 -33.30 7.37
N THR A 207 26.49 -32.82 6.38
CA THR A 207 27.36 -33.68 5.59
C THR A 207 28.52 -34.19 6.46
N GLY A 208 29.06 -33.31 7.29
CA GLY A 208 30.14 -33.71 8.17
C GLY A 208 29.66 -34.75 9.16
N ILE A 209 28.49 -34.50 9.74
CA ILE A 209 27.92 -35.42 10.71
C ILE A 209 27.65 -36.78 10.04
N ALA A 210 27.08 -36.75 8.84
CA ALA A 210 26.77 -37.99 8.12
C ALA A 210 27.99 -38.79 7.72
N LEU A 211 29.07 -38.13 7.31
CA LEU A 211 30.26 -38.86 6.91
C LEU A 211 30.88 -39.59 8.11
N VAL A 212 30.71 -39.02 9.31
CA VAL A 212 31.22 -39.66 10.52
C VAL A 212 30.27 -40.83 10.82
N ASN A 213 28.99 -40.65 10.55
CA ASN A 213 28.02 -41.73 10.75
C ASN A 213 28.36 -42.91 9.83
N ALA A 214 28.74 -42.60 8.58
CA ALA A 214 29.06 -43.64 7.61
C ALA A 214 30.25 -44.49 8.05
N HIS A 215 31.29 -43.85 8.58
CA HIS A 215 32.47 -44.56 9.04
C HIS A 215 32.13 -45.45 10.22
N ALA A 216 31.42 -44.89 11.19
CA ALA A 216 31.03 -45.66 12.37
C ALA A 216 30.19 -46.87 12.01
N CYS A 217 29.24 -46.70 11.09
CA CYS A 217 28.38 -47.80 10.70
C CYS A 217 29.13 -48.93 9.99
N ARG A 218 30.21 -48.59 9.30
CA ARG A 218 30.99 -49.63 8.63
C ARG A 218 31.59 -50.54 9.69
N HIS A 219 32.18 -49.93 10.72
CA HIS A 219 32.78 -50.71 11.80
C HIS A 219 31.71 -51.48 12.57
N LEU A 220 30.60 -50.82 12.91
CA LEU A 220 29.55 -51.50 13.66
C LEU A 220 28.97 -52.66 12.85
N GLY A 221 28.90 -52.50 11.54
CA GLY A 221 28.39 -53.57 10.71
C GLY A 221 29.33 -54.77 10.77
N ASN A 222 30.63 -54.51 10.82
CA ASN A 222 31.59 -55.60 10.91
C ASN A 222 31.44 -56.31 12.25
N TRP A 223 31.14 -55.56 13.30
CA TRP A 223 30.96 -56.19 14.60
C TRP A 223 29.66 -57.00 14.61
N ALA A 224 28.62 -56.48 13.98
CA ALA A 224 27.34 -57.18 13.93
C ALA A 224 27.52 -58.54 13.25
N VAL A 225 28.31 -58.56 12.18
CA VAL A 225 28.58 -59.80 11.44
C VAL A 225 29.42 -60.75 12.29
N ALA A 226 30.49 -60.23 12.87
CA ALA A 226 31.39 -61.04 13.69
C ALA A 226 30.69 -61.63 14.92
N LEU A 227 29.85 -60.83 15.56
CA LEU A 227 29.15 -61.32 16.75
C LEU A 227 28.06 -62.31 16.40
N THR A 228 27.45 -62.16 15.22
CA THR A 228 26.42 -63.10 14.79
C THR A 228 27.09 -64.45 14.55
N ALA A 229 28.28 -64.41 13.97
CA ALA A 229 29.04 -65.62 13.69
C ALA A 229 29.47 -66.31 14.99
N LEU A 230 29.97 -65.53 15.94
CA LEU A 230 30.40 -66.09 17.22
C LEU A 230 29.20 -66.69 17.94
N LEU A 231 28.03 -66.05 17.79
CA LEU A 231 26.80 -66.54 18.42
C LEU A 231 26.46 -67.93 17.88
N ALA A 232 26.71 -68.16 16.60
CA ALA A 232 26.43 -69.46 16.00
C ALA A 232 27.39 -70.50 16.56
N GLU A 233 28.59 -70.09 16.91
CA GLU A 233 29.57 -71.01 17.48
C GLU A 233 29.24 -71.33 18.93
N CYS A 234 28.46 -70.46 19.56
CA CYS A 234 28.08 -70.66 20.96
C CYS A 234 26.76 -71.41 21.11
N LEU A 235 25.99 -71.48 20.04
CA LEU A 235 24.70 -72.14 20.08
C LEU A 235 24.53 -73.25 19.05
N ARG A 236 25.64 -73.74 18.50
CA ARG A 236 25.59 -74.79 17.49
C ARG A 236 24.74 -74.39 16.30
N GLY A 237 24.92 -73.15 15.85
CA GLY A 237 24.14 -72.65 14.73
C GLY A 237 24.40 -73.42 13.44
N ARG A 238 23.38 -73.46 12.58
CA ARG A 238 23.47 -74.14 11.30
C ARG A 238 23.96 -73.17 10.24
N THR A 239 24.97 -73.59 9.48
CA THR A 239 25.54 -72.74 8.44
C THR A 239 24.83 -72.84 7.09
N GLU A 240 23.97 -73.82 6.91
CA GLU A 240 23.31 -73.94 5.61
C GLU A 240 22.42 -72.75 5.31
N ALA A 241 21.97 -72.04 6.34
CA ALA A 241 21.12 -70.88 6.13
C ALA A 241 21.96 -69.74 5.54
N TRP A 242 23.27 -69.83 5.70
CA TRP A 242 24.17 -68.80 5.19
C TRP A 242 24.85 -69.18 3.86
N ALA A 243 24.39 -70.26 3.25
CA ALA A 243 24.96 -70.73 1.99
C ALA A 243 24.85 -69.72 0.87
N ALA A 244 25.83 -69.74 -0.03
CA ALA A 244 25.85 -68.81 -1.15
C ALA A 244 24.66 -69.04 -2.08
N ALA A 245 24.25 -70.29 -2.20
CA ALA A 245 23.12 -70.63 -3.08
C ALA A 245 21.87 -69.81 -2.75
N LEU A 246 21.64 -69.56 -1.46
CA LEU A 246 20.47 -68.78 -1.04
C LEU A 246 20.60 -67.33 -1.46
N SER A 247 21.81 -66.78 -1.39
CA SER A 247 22.07 -65.40 -1.79
C SER A 247 21.81 -65.26 -3.28
N ASP A 248 22.20 -66.27 -4.05
CA ASP A 248 22.01 -66.24 -5.50
C ASP A 248 20.55 -66.26 -5.90
N LEU A 249 19.71 -66.90 -5.08
CA LEU A 249 18.28 -66.98 -5.37
C LEU A 249 17.55 -65.67 -5.07
N ARG A 250 18.14 -64.86 -4.20
CA ARG A 250 17.58 -63.56 -3.82
C ARG A 250 18.79 -62.64 -3.79
N PRO A 251 19.28 -62.25 -4.98
CA PRO A 251 20.45 -61.40 -5.22
C PRO A 251 20.57 -59.95 -4.72
N HIS A 252 20.16 -59.68 -3.49
CA HIS A 252 20.33 -58.33 -2.95
C HIS A 252 21.82 -58.27 -2.58
N PRO A 253 22.56 -57.29 -3.13
CA PRO A 253 23.99 -57.15 -2.85
C PRO A 253 24.36 -57.21 -1.37
N GLY A 254 23.63 -56.44 -0.56
CA GLY A 254 23.90 -56.43 0.87
C GLY A 254 23.78 -57.80 1.49
N GLN A 255 22.77 -58.56 1.07
CA GLN A 255 22.56 -59.91 1.60
C GLN A 255 23.67 -60.87 1.17
N LYS A 256 24.04 -60.80 -0.09
CA LYS A 256 25.10 -61.67 -0.63
C LYS A 256 26.37 -61.43 0.18
N ASP A 257 26.66 -60.16 0.42
CA ASP A 257 27.84 -59.75 1.16
C ASP A 257 27.75 -60.21 2.62
N ALA A 258 26.60 -60.01 3.24
CA ALA A 258 26.43 -60.42 4.63
C ALA A 258 26.65 -61.92 4.78
N ALA A 259 26.04 -62.71 3.91
CA ALA A 259 26.17 -64.16 3.96
C ALA A 259 27.62 -64.61 3.76
N ALA A 260 28.32 -63.96 2.83
CA ALA A 260 29.71 -64.31 2.55
C ALA A 260 30.61 -64.00 3.73
N ARG A 261 30.39 -62.86 4.36
CA ARG A 261 31.18 -62.45 5.51
C ARG A 261 30.89 -63.33 6.73
N LEU A 262 29.65 -63.79 6.85
CA LEU A 262 29.29 -64.66 7.97
C LEU A 262 30.00 -66.01 7.80
N ARG A 263 29.98 -66.55 6.58
CA ARG A 263 30.64 -67.83 6.31
C ARG A 263 32.13 -67.74 6.58
N ALA A 264 32.73 -66.60 6.22
CA ALA A 264 34.16 -66.42 6.42
C ALA A 264 34.51 -66.38 7.90
N ARG A 265 33.66 -65.75 8.70
CA ARG A 265 33.90 -65.67 10.15
C ARG A 265 33.94 -67.04 10.82
N VAL A 266 33.07 -67.96 10.38
CA VAL A 266 33.03 -69.29 10.99
C VAL A 266 33.87 -70.34 10.26
N ASP A 267 34.66 -69.91 9.27
CA ASP A 267 35.52 -70.84 8.54
C ASP A 267 36.45 -71.47 9.57
N GLY A 268 36.63 -72.79 9.51
CA GLY A 268 37.52 -73.45 10.45
C GLY A 268 36.86 -73.83 11.77
N SER A 269 35.61 -73.40 11.97
CA SER A 269 34.91 -73.71 13.21
C SER A 269 34.39 -75.15 13.24
N ALA A 270 34.48 -75.78 14.41
CA ALA A 270 33.99 -77.13 14.59
C ALA A 270 32.83 -77.07 15.57
N ARG A 271 32.41 -75.84 15.90
CA ARG A 271 31.32 -75.62 16.83
C ARG A 271 29.98 -75.35 16.15
N VAL A 272 30.01 -75.13 14.84
CA VAL A 272 28.78 -74.89 14.10
C VAL A 272 28.37 -76.17 13.37
N VAL A 273 27.09 -76.26 13.04
CA VAL A 273 26.57 -77.43 12.34
C VAL A 273 26.56 -77.11 10.85
N ARG A 274 27.28 -77.91 10.06
CA ARG A 274 27.36 -77.67 8.62
C ARG A 274 26.55 -78.63 7.76
N HIS A 275 25.96 -79.65 8.38
CA HIS A 275 25.17 -80.62 7.62
C HIS A 275 23.89 -80.01 7.05
N VAL A 276 23.64 -80.28 5.77
CA VAL A 276 22.42 -79.81 5.11
C VAL A 276 21.33 -80.81 5.49
N ILE A 277 20.31 -80.37 6.21
CA ILE A 277 19.28 -81.30 6.65
C ILE A 277 18.56 -82.11 5.58
N ALA A 278 18.42 -81.56 4.38
CA ALA A 278 17.73 -82.26 3.30
C ALA A 278 18.51 -83.46 2.76
N GLU A 279 19.78 -83.56 3.13
CA GLU A 279 20.61 -84.68 2.67
C GLU A 279 20.19 -85.98 3.35
N ARG A 280 19.67 -85.84 4.58
CA ARG A 280 19.23 -86.98 5.37
C ARG A 280 17.94 -87.61 4.85
N ARG A 281 17.92 -88.95 4.78
CA ARG A 281 16.74 -89.69 4.33
C ARG A 281 16.10 -90.31 5.57
N LEU A 282 14.82 -90.04 5.77
CA LEU A 282 14.12 -90.55 6.95
C LEU A 282 13.46 -91.91 6.76
N ASP A 283 13.41 -92.69 7.85
CA ASP A 283 12.78 -94.02 7.83
C ASP A 283 11.56 -94.00 8.76
N ALA A 284 10.95 -95.16 8.95
CA ALA A 284 9.76 -95.27 9.82
C ALA A 284 10.06 -94.97 11.28
N GLY A 285 11.22 -95.40 11.77
CA GLY A 285 11.58 -95.19 13.15
C GLY A 285 11.97 -93.77 13.52
N ASP A 286 12.00 -92.87 12.54
CA ASP A 286 12.37 -91.48 12.81
C ASP A 286 11.19 -90.60 13.20
N ILE A 287 10.00 -90.93 12.68
CA ILE A 287 8.79 -90.16 12.97
C ILE A 287 8.57 -90.00 14.48
N GLY A 288 8.44 -88.74 14.90
CA GLY A 288 8.22 -88.45 16.31
C GLY A 288 8.64 -87.02 16.63
N THR A 289 9.04 -86.79 17.87
CA THR A 289 9.46 -85.46 18.29
C THR A 289 10.96 -85.43 18.57
N GLU A 290 11.69 -84.64 17.79
CA GLU A 290 13.13 -84.52 17.96
C GLU A 290 13.42 -83.45 19.01
N PRO A 291 14.63 -83.51 19.62
CA PRO A 291 15.02 -82.54 20.65
C PRO A 291 15.03 -81.10 20.14
N GLU A 292 15.42 -80.92 18.88
CA GLU A 292 15.47 -79.58 18.30
C GLU A 292 14.97 -79.58 16.86
N ALA A 293 14.54 -78.41 16.40
CA ALA A 293 14.04 -78.26 15.04
C ALA A 293 15.23 -78.27 14.08
N GLY A 294 14.95 -78.49 12.81
CA GLY A 294 16.02 -78.52 11.81
C GLY A 294 16.50 -77.15 11.38
N GLN A 295 15.94 -76.09 11.97
CA GLN A 295 16.32 -74.73 11.62
C GLN A 295 16.46 -73.84 12.87
N ASP A 296 17.39 -72.91 12.84
CA ASP A 296 17.62 -71.99 13.97
C ASP A 296 16.55 -70.89 14.01
N ALA A 297 16.49 -70.19 15.13
CA ALA A 297 15.56 -69.07 15.27
C ALA A 297 16.05 -68.00 14.29
N TYR A 298 15.19 -67.04 13.96
CA TYR A 298 15.55 -66.01 13.00
C TYR A 298 16.78 -65.16 13.29
N SER A 299 17.07 -64.87 14.56
CA SER A 299 18.24 -64.06 14.89
C SER A 299 19.53 -64.66 14.37
N LEU A 300 19.46 -65.91 13.90
CA LEU A 300 20.61 -66.59 13.33
C LEU A 300 20.32 -66.93 11.87
N ARG A 301 19.20 -67.61 11.64
CA ARG A 301 18.80 -68.04 10.30
C ARG A 301 18.55 -66.91 9.31
N CYS A 302 18.01 -65.80 9.79
CA CYS A 302 17.73 -64.68 8.90
C CYS A 302 18.73 -63.55 9.01
N ALA A 303 19.89 -63.82 9.60
CA ALA A 303 20.94 -62.81 9.75
C ALA A 303 21.34 -62.21 8.40
N PRO A 304 21.51 -63.04 7.35
CA PRO A 304 21.91 -62.48 6.05
C PRO A 304 20.88 -61.50 5.49
N GLN A 305 19.61 -61.81 5.66
CA GLN A 305 18.53 -60.98 5.16
C GLN A 305 18.34 -59.67 5.94
N VAL A 306 18.46 -59.73 7.27
CA VAL A 306 18.31 -58.55 8.11
C VAL A 306 19.56 -57.66 8.01
N LEU A 307 20.74 -58.26 8.19
CA LEU A 307 21.97 -57.51 8.08
C LEU A 307 22.13 -56.95 6.68
N GLY A 308 21.77 -57.76 5.68
CA GLY A 308 21.87 -57.34 4.30
C GLY A 308 21.03 -56.12 3.95
N ALA A 309 19.82 -56.05 4.47
CA ALA A 309 18.94 -54.92 4.20
C ALA A 309 19.54 -53.66 4.83
N GLY A 310 20.18 -53.82 5.97
CA GLY A 310 20.82 -52.69 6.61
C GLY A 310 22.01 -52.24 5.78
N PHE A 311 22.78 -53.21 5.28
CA PHE A 311 23.95 -52.91 4.46
C PHE A 311 23.56 -52.22 3.15
N ASP A 312 22.44 -52.63 2.55
CA ASP A 312 22.02 -52.00 1.31
C ASP A 312 21.57 -50.57 1.60
N THR A 313 21.00 -50.36 2.79
CA THR A 313 20.57 -49.02 3.18
C THR A 313 21.80 -48.13 3.32
N LEU A 314 22.84 -48.63 3.99
CA LEU A 314 24.07 -47.86 4.18
C LEU A 314 24.71 -47.57 2.82
N ALA A 315 24.63 -48.53 1.90
CA ALA A 315 25.20 -48.37 0.57
C ALA A 315 24.53 -47.19 -0.14
N TRP A 316 23.20 -47.15 -0.07
CA TRP A 316 22.48 -46.05 -0.70
C TRP A 316 22.89 -44.75 -0.04
N HIS A 317 22.87 -44.75 1.30
CA HIS A 317 23.26 -43.57 2.07
C HIS A 317 24.65 -43.07 1.65
N ASP A 318 25.61 -43.99 1.50
CA ASP A 318 26.96 -43.60 1.13
C ASP A 318 27.09 -43.08 -0.32
N ARG A 319 26.31 -43.63 -1.25
CA ARG A 319 26.34 -43.17 -2.63
C ARG A 319 25.86 -41.71 -2.69
N VAL A 320 24.76 -41.45 -2.00
CA VAL A 320 24.19 -40.10 -1.96
C VAL A 320 25.14 -39.13 -1.25
N LEU A 321 25.65 -39.55 -0.09
CA LEU A 321 26.56 -38.70 0.67
C LEU A 321 27.84 -38.38 -0.11
N THR A 322 28.35 -39.36 -0.83
CA THR A 322 29.57 -39.13 -1.62
C THR A 322 29.34 -38.02 -2.63
N ILE A 323 28.16 -38.01 -3.26
CA ILE A 323 27.86 -36.96 -4.23
C ILE A 323 27.77 -35.61 -3.51
N GLU A 324 27.07 -35.59 -2.37
CA GLU A 324 26.91 -34.36 -1.61
C GLU A 324 28.23 -33.77 -1.13
N LEU A 325 29.09 -34.61 -0.58
CA LEU A 325 30.39 -34.17 -0.07
C LEU A 325 31.23 -33.49 -1.14
N ASN A 326 31.19 -34.04 -2.36
CA ASN A 326 31.99 -33.51 -3.47
C ASN A 326 31.25 -32.50 -4.34
N ALA A 327 30.08 -32.06 -3.88
CA ALA A 327 29.29 -31.11 -4.65
C ALA A 327 29.50 -29.70 -4.12
N VAL A 328 28.90 -28.75 -4.82
CA VAL A 328 28.94 -27.35 -4.41
C VAL A 328 27.50 -27.08 -3.98
N THR A 329 27.30 -26.88 -2.69
CA THR A 329 25.96 -26.63 -2.16
C THR A 329 25.77 -25.15 -1.81
N ASP A 330 26.65 -24.31 -2.35
CA ASP A 330 26.62 -22.86 -2.12
C ASP A 330 25.52 -22.13 -2.86
N ASN A 331 25.26 -20.92 -2.39
CA ASN A 331 24.33 -19.99 -3.03
C ASN A 331 24.69 -18.60 -2.52
N PRO A 332 25.02 -17.69 -3.44
CA PRO A 332 25.06 -17.93 -4.89
C PRO A 332 26.34 -18.64 -5.30
N VAL A 333 26.48 -18.94 -6.59
CA VAL A 333 27.68 -19.59 -7.13
C VAL A 333 28.17 -18.80 -8.32
N PHE A 334 29.46 -18.92 -8.63
CA PHE A 334 30.07 -18.22 -9.75
C PHE A 334 30.56 -19.26 -10.76
N PRO A 335 29.76 -19.51 -11.81
CA PRO A 335 30.09 -20.48 -12.86
C PRO A 335 31.52 -20.39 -13.38
N PRO A 336 32.31 -21.45 -13.23
CA PRO A 336 33.70 -21.49 -13.69
C PRO A 336 33.84 -21.25 -15.18
N ASP A 337 32.81 -21.61 -15.96
CA ASP A 337 32.86 -21.42 -17.40
C ASP A 337 32.62 -19.98 -17.83
N GLY A 338 32.33 -19.12 -16.86
CA GLY A 338 32.10 -17.70 -17.14
C GLY A 338 30.86 -17.38 -17.95
N SER A 339 29.94 -18.33 -18.07
CA SER A 339 28.70 -18.13 -18.83
C SER A 339 27.90 -16.92 -18.32
N VAL A 340 27.73 -16.85 -16.99
CA VAL A 340 27.02 -15.76 -16.36
C VAL A 340 27.81 -15.37 -15.12
N PRO A 341 27.68 -14.11 -14.66
CA PRO A 341 28.42 -13.64 -13.47
C PRO A 341 28.17 -14.50 -12.23
N ALA A 342 26.93 -14.91 -12.05
CA ALA A 342 26.58 -15.75 -10.90
C ALA A 342 25.19 -16.34 -11.05
N LEU A 343 24.94 -17.45 -10.36
CA LEU A 343 23.65 -18.11 -10.40
C LEU A 343 23.06 -18.13 -8.99
N HIS A 344 21.74 -17.95 -8.91
CA HIS A 344 21.03 -17.97 -7.64
C HIS A 344 20.03 -19.12 -7.66
N GLY A 345 20.13 -20.01 -6.67
CA GLY A 345 19.24 -21.14 -6.60
C GLY A 345 19.13 -21.68 -5.19
N GLY A 346 18.90 -22.97 -5.05
CA GLY A 346 18.77 -23.55 -3.72
C GLY A 346 19.54 -24.82 -3.45
N ASN A 347 20.78 -24.91 -3.93
CA ASN A 347 21.58 -26.11 -3.70
C ASN A 347 21.94 -26.33 -2.24
N PHE A 348 21.56 -25.40 -1.39
CA PHE A 348 21.83 -25.50 0.04
C PHE A 348 20.75 -26.31 0.75
N MET A 349 19.69 -26.66 0.02
CA MET A 349 18.58 -27.44 0.59
C MET A 349 19.07 -28.86 0.81
N GLY A 350 19.31 -29.23 2.07
CA GLY A 350 19.81 -30.55 2.37
C GLY A 350 18.83 -31.70 2.47
N GLN A 351 17.90 -31.79 1.52
CA GLN A 351 16.93 -32.86 1.54
C GLN A 351 17.55 -34.24 1.32
N HIS A 352 18.63 -34.32 0.54
CA HIS A 352 19.27 -35.61 0.30
C HIS A 352 19.87 -36.22 1.56
N VAL A 353 20.62 -35.42 2.32
CA VAL A 353 21.20 -35.94 3.56
C VAL A 353 20.09 -36.22 4.57
N ALA A 354 19.04 -35.40 4.55
CA ALA A 354 17.94 -35.58 5.48
C ALA A 354 17.25 -36.93 5.29
N LEU A 355 16.90 -37.25 4.04
CA LEU A 355 16.22 -38.50 3.75
C LEU A 355 17.10 -39.74 3.93
N THR A 356 18.37 -39.64 3.55
CA THR A 356 19.28 -40.78 3.69
C THR A 356 19.63 -41.00 5.16
N SER A 357 19.75 -39.92 5.93
CA SER A 357 20.06 -40.04 7.35
C SER A 357 18.89 -40.70 8.08
N ASP A 358 17.66 -40.33 7.72
CA ASP A 358 16.47 -40.93 8.34
C ASP A 358 16.37 -42.40 7.96
N ALA A 359 16.64 -42.73 6.70
CA ALA A 359 16.57 -44.11 6.24
C ALA A 359 17.64 -44.98 6.93
N LEU A 360 18.82 -44.40 7.15
CA LEU A 360 19.89 -45.14 7.80
C LEU A 360 19.58 -45.33 9.28
N ALA A 361 18.93 -44.34 9.88
CA ALA A 361 18.55 -44.39 11.29
C ALA A 361 17.58 -45.55 11.55
N THR A 362 16.65 -45.75 10.63
CA THR A 362 15.68 -46.83 10.75
C THR A 362 16.43 -48.16 10.66
N ALA A 363 17.36 -48.24 9.72
CA ALA A 363 18.15 -49.45 9.50
C ALA A 363 19.01 -49.78 10.73
N VAL A 364 19.55 -48.76 11.35
CA VAL A 364 20.39 -48.93 12.53
C VAL A 364 19.55 -49.46 13.69
N THR A 365 18.33 -48.94 13.81
CA THR A 365 17.42 -49.36 14.86
C THR A 365 17.01 -50.82 14.65
N VAL A 366 16.86 -51.22 13.39
CA VAL A 366 16.49 -52.59 13.07
C VAL A 366 17.64 -53.54 13.39
N LEU A 367 18.85 -53.18 12.98
CA LEU A 367 20.01 -54.03 13.24
C LEU A 367 20.34 -54.07 14.73
N ALA A 368 20.07 -52.98 15.43
CA ALA A 368 20.30 -52.93 16.88
C ALA A 368 19.31 -53.89 17.52
N GLY A 369 18.10 -53.96 16.97
CA GLY A 369 17.09 -54.86 17.51
C GLY A 369 17.55 -56.30 17.35
N LEU A 370 18.17 -56.60 16.22
CA LEU A 370 18.69 -57.94 15.95
C LEU A 370 19.69 -58.32 17.04
N ALA A 371 20.63 -57.42 17.30
CA ALA A 371 21.66 -57.64 18.31
C ALA A 371 21.01 -57.83 19.68
N GLU A 372 20.05 -56.96 20.00
CA GLU A 372 19.37 -57.04 21.29
C GLU A 372 18.65 -58.38 21.46
N ARG A 373 18.10 -58.92 20.38
CA ARG A 373 17.42 -60.21 20.47
C ARG A 373 18.45 -61.34 20.53
N GLN A 374 19.63 -61.12 19.96
CA GLN A 374 20.67 -62.14 20.02
C GLN A 374 21.15 -62.24 21.47
N ILE A 375 21.18 -61.10 22.16
CA ILE A 375 21.57 -61.08 23.57
C ILE A 375 20.49 -61.76 24.41
N ALA A 376 19.24 -61.45 24.11
CA ALA A 376 18.09 -62.00 24.82
C ALA A 376 18.01 -63.51 24.72
N ARG A 377 18.45 -64.06 23.60
CA ARG A 377 18.42 -65.50 23.39
C ARG A 377 19.60 -66.20 24.04
N LEU A 378 20.78 -65.60 23.90
CA LEU A 378 22.02 -66.14 24.45
C LEU A 378 22.03 -66.24 25.97
N THR A 379 21.36 -65.31 26.62
CA THR A 379 21.31 -65.27 28.07
C THR A 379 20.14 -66.01 28.70
N ASP A 380 19.22 -66.51 27.88
CA ASP A 380 18.04 -67.22 28.36
C ASP A 380 18.36 -68.71 28.49
N GLU A 381 18.35 -69.22 29.71
CA GLU A 381 18.68 -70.63 29.95
C GLU A 381 17.73 -71.62 29.27
N ARG A 382 16.54 -71.15 28.89
CA ARG A 382 15.58 -72.00 28.22
C ARG A 382 15.82 -72.01 26.71
N LEU A 383 16.63 -71.08 26.24
CA LEU A 383 16.89 -70.97 24.80
C LEU A 383 18.36 -71.09 24.40
N ASN A 384 19.28 -70.94 25.35
CA ASN A 384 20.70 -70.99 25.03
C ASN A 384 21.35 -72.38 25.01
N ARG A 385 20.52 -73.40 24.87
CA ARG A 385 20.99 -74.78 24.78
C ARG A 385 22.05 -75.26 25.77
N GLY A 386 21.75 -75.20 27.06
CA GLY A 386 22.70 -75.69 28.05
C GLY A 386 23.64 -74.71 28.73
N LEU A 387 23.62 -73.44 28.31
CA LEU A 387 24.49 -72.45 28.92
C LEU A 387 23.87 -71.95 30.23
N PRO A 388 24.71 -71.44 31.14
CA PRO A 388 24.19 -70.94 32.42
C PRO A 388 23.24 -69.77 32.19
N PRO A 389 22.27 -69.58 33.10
CA PRO A 389 21.33 -68.47 32.95
C PRO A 389 22.10 -67.15 33.04
N PHE A 390 21.96 -66.32 32.02
CA PHE A 390 22.64 -65.04 31.97
C PHE A 390 24.15 -65.17 31.98
N LEU A 391 24.61 -66.34 31.56
CA LEU A 391 26.03 -66.65 31.46
C LEU A 391 26.84 -66.35 32.73
N HIS A 392 26.25 -66.58 33.89
CA HIS A 392 26.94 -66.32 35.14
C HIS A 392 27.96 -67.42 35.45
N ARG A 393 28.90 -67.10 36.32
CA ARG A 393 29.90 -68.05 36.78
C ARG A 393 29.75 -67.97 38.30
N GLY A 394 30.28 -68.95 39.02
CA GLY A 394 30.11 -68.93 40.46
C GLY A 394 28.73 -69.52 40.73
N PRO A 395 28.33 -69.68 42.01
CA PRO A 395 27.01 -70.24 42.33
C PRO A 395 25.84 -69.45 41.75
N ALA A 396 24.89 -70.16 41.14
CA ALA A 396 23.72 -69.52 40.56
C ALA A 396 22.89 -68.85 41.66
N GLY A 397 22.21 -67.75 41.33
CA GLY A 397 21.42 -67.06 42.32
C GLY A 397 22.31 -66.09 43.07
N LEU A 398 23.38 -66.60 43.67
CA LEU A 398 24.32 -65.75 44.37
C LEU A 398 24.96 -64.85 43.31
N ASN A 399 24.98 -65.35 42.08
CA ASN A 399 25.53 -64.64 40.93
C ASN A 399 24.48 -64.59 39.82
N SER A 400 24.35 -63.43 39.17
CA SER A 400 23.37 -63.26 38.10
C SER A 400 24.03 -62.98 36.75
N GLY A 401 25.35 -62.89 36.76
CA GLY A 401 26.09 -62.63 35.53
C GLY A 401 25.68 -61.37 34.79
N PHE A 402 25.27 -61.53 33.53
CA PHE A 402 24.87 -60.40 32.70
C PHE A 402 23.37 -60.11 32.75
N MET A 403 22.69 -60.54 33.81
CA MET A 403 21.25 -60.32 33.89
C MET A 403 20.90 -58.83 33.86
N GLY A 404 21.77 -58.00 34.44
CA GLY A 404 21.52 -56.57 34.43
C GLY A 404 21.85 -55.96 33.08
N ALA A 405 22.99 -56.37 32.52
CA ALA A 405 23.43 -55.87 31.22
C ALA A 405 22.45 -56.20 30.10
N GLN A 406 21.76 -57.34 30.22
CA GLN A 406 20.80 -57.78 29.22
C GLN A 406 19.59 -56.84 29.20
N VAL A 407 19.14 -56.43 30.37
CA VAL A 407 18.02 -55.51 30.47
C VAL A 407 18.44 -54.13 29.99
N THR A 408 19.70 -53.76 30.26
CA THR A 408 20.21 -52.48 29.83
C THR A 408 20.18 -52.43 28.30
N ALA A 409 20.52 -53.55 27.65
CA ALA A 409 20.52 -53.61 26.19
C ALA A 409 19.10 -53.32 25.68
N THR A 410 18.11 -53.89 26.36
CA THR A 410 16.72 -53.70 26.00
C THR A 410 16.30 -52.25 26.18
N ALA A 411 16.75 -51.64 27.28
CA ALA A 411 16.41 -50.24 27.57
C ALA A 411 17.02 -49.29 26.53
N LEU A 412 18.22 -49.62 26.06
CA LEU A 412 18.88 -48.78 25.07
C LEU A 412 18.12 -48.86 23.74
N LEU A 413 17.68 -50.07 23.39
CA LEU A 413 16.93 -50.28 22.16
C LEU A 413 15.57 -49.59 22.20
N ALA A 414 14.88 -49.69 23.33
CA ALA A 414 13.56 -49.07 23.47
C ALA A 414 13.66 -47.57 23.27
N GLU A 415 14.72 -46.97 23.82
CA GLU A 415 14.93 -45.53 23.69
C GLU A 415 15.17 -45.14 22.23
N MET A 416 15.94 -45.96 21.52
CA MET A 416 16.22 -45.71 20.10
C MET A 416 14.92 -45.65 19.31
N ARG A 417 14.00 -46.55 19.63
CA ARG A 417 12.73 -46.64 18.94
C ARG A 417 11.81 -45.42 19.13
N ALA A 418 11.99 -44.71 20.25
CA ALA A 418 11.16 -43.56 20.56
C ALA A 418 11.34 -42.37 19.63
N THR A 419 12.47 -42.32 18.93
CA THR A 419 12.73 -41.21 18.02
C THR A 419 12.59 -41.66 16.57
N GLY A 420 11.80 -40.90 15.81
CA GLY A 420 11.58 -41.23 14.42
C GLY A 420 12.32 -40.33 13.45
N PRO A 421 11.96 -40.36 12.16
CA PRO A 421 12.60 -39.53 11.13
C PRO A 421 12.45 -38.05 11.46
N ALA A 422 13.47 -37.27 11.12
CA ALA A 422 13.45 -35.83 11.37
C ALA A 422 12.84 -35.06 10.20
N SER A 423 13.02 -35.59 8.99
CA SER A 423 12.56 -34.97 7.75
C SER A 423 11.10 -34.60 7.61
N ILE A 424 10.23 -35.35 8.27
CA ILE A 424 8.80 -35.10 8.16
C ILE A 424 8.27 -33.90 8.92
N HIS A 425 9.14 -33.23 9.68
CA HIS A 425 8.71 -32.10 10.50
C HIS A 425 9.02 -30.72 9.97
N SER A 426 9.03 -30.59 8.65
CA SER A 426 9.32 -29.29 8.05
C SER A 426 8.27 -28.29 8.51
N ILE A 427 8.71 -27.08 8.84
CA ILE A 427 7.83 -26.01 9.30
C ILE A 427 8.21 -24.73 8.58
N SER A 428 7.23 -24.02 8.04
CA SER A 428 7.49 -22.76 7.33
C SER A 428 8.11 -21.76 8.29
N THR A 429 9.25 -21.19 7.92
CA THR A 429 9.92 -20.24 8.80
C THR A 429 10.57 -19.10 8.02
N ASN A 430 11.32 -18.24 8.71
CA ASN A 430 11.98 -17.10 8.07
C ASN A 430 10.92 -16.26 7.34
N ALA A 431 9.88 -15.87 8.06
CA ALA A 431 8.79 -15.06 7.50
C ALA A 431 8.20 -15.73 6.27
N ALA A 432 8.09 -17.05 6.32
CA ALA A 432 7.55 -17.84 5.22
C ALA A 432 8.44 -17.92 3.97
N ASN A 433 9.61 -17.29 4.00
CA ASN A 433 10.52 -17.38 2.86
C ASN A 433 11.04 -18.81 2.77
N GLN A 434 11.40 -19.39 3.91
CA GLN A 434 11.86 -20.77 3.93
C GLN A 434 10.62 -21.60 4.27
N ASP A 435 9.66 -21.64 3.34
CA ASP A 435 8.42 -22.35 3.62
C ASP A 435 8.51 -23.88 3.70
N VAL A 436 9.66 -24.42 3.28
CA VAL A 436 9.95 -25.86 3.38
C VAL A 436 11.43 -25.92 3.74
N VAL A 437 11.78 -26.74 4.74
CA VAL A 437 13.18 -26.90 5.15
C VAL A 437 13.49 -28.40 5.25
N SER A 438 14.75 -28.77 5.11
CA SER A 438 15.13 -30.19 5.13
C SER A 438 15.31 -30.83 6.50
N LEU A 439 15.83 -30.07 7.45
CA LEU A 439 16.08 -30.59 8.79
C LEU A 439 17.13 -31.70 8.66
N GLY A 440 17.99 -31.59 7.65
CA GLY A 440 18.99 -32.60 7.41
C GLY A 440 20.04 -32.75 8.51
N THR A 441 20.36 -31.64 9.17
CA THR A 441 21.35 -31.67 10.23
C THR A 441 20.79 -32.41 11.43
N ILE A 442 19.55 -32.13 11.74
CA ILE A 442 18.88 -32.80 12.85
C ILE A 442 18.78 -34.29 12.54
N ALA A 443 18.44 -34.61 11.29
CA ALA A 443 18.31 -36.01 10.88
C ALA A 443 19.63 -36.76 11.05
N ALA A 444 20.73 -36.13 10.64
CA ALA A 444 22.04 -36.77 10.75
C ALA A 444 22.40 -36.97 12.22
N ARG A 445 22.04 -36.00 13.05
CA ARG A 445 22.31 -36.06 14.49
C ARG A 445 21.49 -37.12 15.20
N LEU A 446 20.24 -37.32 14.79
CA LEU A 446 19.41 -38.32 15.43
C LEU A 446 19.94 -39.70 15.05
N CYS A 447 20.45 -39.81 13.83
CA CYS A 447 21.01 -41.07 13.35
C CYS A 447 22.27 -41.39 14.14
N ARG A 448 23.06 -40.36 14.45
CA ARG A 448 24.29 -40.54 15.22
C ARG A 448 23.98 -41.08 16.61
N GLU A 449 22.97 -40.51 17.26
CA GLU A 449 22.62 -40.97 18.60
C GLU A 449 22.25 -42.45 18.53
N LYS A 450 21.52 -42.84 17.49
CA LYS A 450 21.13 -44.23 17.35
C LYS A 450 22.35 -45.11 17.14
N ILE A 451 23.31 -44.61 16.37
CA ILE A 451 24.55 -45.35 16.13
C ILE A 451 25.29 -45.56 17.45
N ASP A 452 25.23 -44.56 18.33
CA ASP A 452 25.90 -44.67 19.63
C ASP A 452 25.22 -45.74 20.49
N ARG A 453 23.89 -45.80 20.44
CA ARG A 453 23.14 -46.78 21.22
C ARG A 453 23.45 -48.18 20.68
N TRP A 454 23.53 -48.28 19.35
CA TRP A 454 23.81 -49.57 18.69
C TRP A 454 25.17 -50.10 19.13
N ALA A 455 26.15 -49.21 19.20
CA ALA A 455 27.50 -49.60 19.62
C ALA A 455 27.49 -50.15 21.05
N GLU A 456 26.66 -49.56 21.91
CA GLU A 456 26.58 -50.00 23.30
C GLU A 456 25.92 -51.36 23.39
N ILE A 457 24.90 -51.58 22.57
CA ILE A 457 24.20 -52.85 22.54
C ILE A 457 25.14 -53.94 22.02
N LEU A 458 25.90 -53.62 20.97
CA LEU A 458 26.84 -54.57 20.41
C LEU A 458 27.92 -54.90 21.44
N ALA A 459 28.31 -53.89 22.21
CA ALA A 459 29.33 -54.05 23.25
C ALA A 459 28.87 -55.06 24.28
N ILE A 460 27.61 -54.97 24.68
CA ILE A 460 27.05 -55.90 25.66
C ILE A 460 27.08 -57.30 25.05
N LEU A 461 26.62 -57.42 23.82
CA LEU A 461 26.62 -58.72 23.13
C LEU A 461 28.04 -59.29 23.04
N ALA A 462 29.01 -58.43 22.75
CA ALA A 462 30.40 -58.86 22.63
C ALA A 462 30.91 -59.43 23.96
N LEU A 463 30.60 -58.75 25.06
CA LEU A 463 31.03 -59.21 26.37
C LEU A 463 30.34 -60.54 26.70
N CYS A 464 29.06 -60.65 26.38
CA CYS A 464 28.33 -61.88 26.65
C CYS A 464 28.90 -63.05 25.87
N LEU A 465 29.21 -62.81 24.60
CA LEU A 465 29.75 -63.85 23.72
C LEU A 465 31.14 -64.33 24.14
N ALA A 466 31.94 -63.41 24.68
CA ALA A 466 33.28 -63.77 25.13
C ALA A 466 33.11 -64.77 26.28
N GLN A 467 32.20 -64.46 27.19
CA GLN A 467 31.92 -65.32 28.32
C GLN A 467 31.28 -66.64 27.87
N ALA A 468 30.30 -66.55 26.98
CA ALA A 468 29.61 -67.73 26.47
C ALA A 468 30.53 -68.70 25.74
N ALA A 469 31.50 -68.15 25.01
CA ALA A 469 32.44 -68.99 24.26
C ALA A 469 33.30 -69.79 25.21
N GLU A 470 33.79 -69.16 26.27
CA GLU A 470 34.63 -69.83 27.26
C GLU A 470 33.83 -70.85 28.06
N LEU A 471 32.56 -70.55 28.31
CA LEU A 471 31.70 -71.46 29.06
C LEU A 471 31.35 -72.70 28.24
N ARG A 472 31.18 -72.50 26.94
CA ARG A 472 30.83 -73.59 26.03
C ARG A 472 32.03 -74.41 25.60
N CYS A 473 33.11 -73.73 25.23
CA CYS A 473 34.31 -74.39 24.72
C CYS A 473 35.53 -74.37 25.62
N GLY A 474 35.36 -73.92 26.86
CA GLY A 474 36.48 -73.85 27.78
C GLY A 474 37.35 -72.64 27.52
N SER A 475 38.22 -72.31 28.45
CA SER A 475 39.10 -71.16 28.30
C SER A 475 39.97 -71.27 27.06
N GLY A 476 40.23 -72.51 26.63
CA GLY A 476 41.04 -72.73 25.45
C GLY A 476 40.30 -72.50 24.14
N LEU A 477 38.98 -72.30 24.24
CA LEU A 477 38.14 -72.07 23.06
C LEU A 477 38.29 -73.20 22.04
N ASP A 478 38.17 -74.43 22.51
CA ASP A 478 38.31 -75.59 21.64
C ASP A 478 37.20 -75.71 20.60
N GLY A 479 37.60 -75.80 19.34
CA GLY A 479 36.64 -75.94 18.26
C GLY A 479 36.20 -74.62 17.67
N VAL A 480 36.58 -73.52 18.33
CA VAL A 480 36.24 -72.18 17.86
C VAL A 480 37.08 -71.78 16.66
N SER A 481 36.43 -71.16 15.67
CA SER A 481 37.10 -70.72 14.45
C SER A 481 38.27 -69.79 14.78
N PRO A 482 39.23 -69.65 13.85
CA PRO A 482 40.39 -68.78 14.06
C PRO A 482 39.94 -67.34 14.30
N ALA A 483 38.97 -66.89 13.50
CA ALA A 483 38.43 -65.54 13.63
C ALA A 483 37.78 -65.37 14.99
N GLY A 484 37.01 -66.38 15.39
CA GLY A 484 36.34 -66.34 16.68
C GLY A 484 37.34 -66.24 17.83
N LYS A 485 38.38 -67.06 17.77
CA LYS A 485 39.41 -67.06 18.80
C LYS A 485 40.11 -65.71 18.89
N LYS A 486 40.48 -65.15 17.74
CA LYS A 486 41.16 -63.87 17.72
C LYS A 486 40.34 -62.78 18.40
N LEU A 487 39.05 -62.73 18.08
CA LEU A 487 38.16 -61.73 18.65
C LEU A 487 38.07 -61.84 20.17
N VAL A 488 37.78 -63.04 20.68
CA VAL A 488 37.67 -63.25 22.12
C VAL A 488 38.98 -62.93 22.83
N GLN A 489 40.09 -63.41 22.27
CA GLN A 489 41.40 -63.15 22.86
C GLN A 489 41.68 -61.65 22.88
N ALA A 490 41.34 -60.97 21.79
CA ALA A 490 41.55 -59.52 21.71
C ALA A 490 40.77 -58.81 22.81
N LEU A 491 39.52 -59.24 23.03
CA LEU A 491 38.68 -58.64 24.06
C LEU A 491 39.22 -58.90 25.45
N ARG A 492 39.66 -60.13 25.68
CA ARG A 492 40.18 -60.54 26.98
C ARG A 492 41.45 -59.79 27.37
N GLU A 493 42.07 -59.14 26.39
CA GLU A 493 43.28 -58.39 26.69
C GLU A 493 42.93 -57.16 27.53
N GLN A 494 41.70 -56.68 27.40
CA GLN A 494 41.26 -55.50 28.14
C GLN A 494 40.06 -55.75 29.06
N PHE A 495 39.29 -56.79 28.77
CA PHE A 495 38.10 -57.12 29.56
C PHE A 495 38.20 -58.53 30.11
N PRO A 496 38.42 -58.66 31.44
CA PRO A 496 38.54 -59.94 32.13
C PRO A 496 37.24 -60.73 32.14
N PRO A 497 37.32 -62.06 32.30
CA PRO A 497 36.12 -62.90 32.34
C PRO A 497 35.26 -62.47 33.53
N LEU A 498 33.98 -62.82 33.50
CA LEU A 498 33.11 -62.49 34.62
C LEU A 498 33.00 -63.75 35.46
N GLU A 499 33.95 -63.92 36.38
CA GLU A 499 33.99 -65.10 37.25
C GLU A 499 33.04 -64.90 38.42
N THR A 500 32.68 -63.65 38.66
CA THR A 500 31.75 -63.28 39.72
C THR A 500 31.18 -61.91 39.35
N ASP A 501 29.95 -61.65 39.75
CA ASP A 501 29.28 -60.38 39.44
C ASP A 501 30.06 -59.13 39.80
N ARG A 502 30.10 -58.18 38.86
CA ARG A 502 30.77 -56.91 39.07
C ARG A 502 30.08 -55.84 38.23
N PRO A 503 30.30 -54.56 38.56
CA PRO A 503 29.67 -53.48 37.78
C PRO A 503 30.26 -53.54 36.37
N LEU A 504 29.40 -53.51 35.36
CA LEU A 504 29.83 -53.59 33.97
C LEU A 504 29.64 -52.31 33.17
N GLY A 505 28.94 -51.34 33.76
CA GLY A 505 28.68 -50.08 33.09
C GLY A 505 29.87 -49.42 32.42
N GLN A 506 30.95 -49.23 33.17
CA GLN A 506 32.14 -48.60 32.60
C GLN A 506 32.79 -49.42 31.50
N GLU A 507 32.77 -50.75 31.65
CA GLU A 507 33.35 -51.61 30.62
C GLU A 507 32.53 -51.55 29.33
N ILE A 508 31.21 -51.57 29.46
CA ILE A 508 30.32 -51.49 28.31
C ILE A 508 30.62 -50.21 27.52
N ALA A 509 30.70 -49.10 28.26
CA ALA A 509 30.97 -47.80 27.65
C ALA A 509 32.32 -47.77 26.95
N ALA A 510 33.35 -48.31 27.62
CA ALA A 510 34.69 -48.34 27.07
C ALA A 510 34.74 -49.16 25.79
N LEU A 511 34.08 -50.32 25.79
CA LEU A 511 34.08 -51.17 24.61
C LEU A 511 33.30 -50.52 23.48
N ALA A 512 32.20 -49.84 23.82
CA ALA A 512 31.39 -49.17 22.81
C ALA A 512 32.24 -48.17 22.03
N THR A 513 33.08 -47.42 22.73
CA THR A 513 33.93 -46.43 22.09
C THR A 513 34.88 -47.09 21.09
N HIS A 514 35.36 -48.28 21.43
CA HIS A 514 36.28 -49.02 20.56
C HIS A 514 35.57 -49.53 19.30
N LEU A 515 34.38 -50.10 19.49
CA LEU A 515 33.60 -50.66 18.37
C LEU A 515 33.28 -49.64 17.28
N LEU A 516 33.14 -48.38 17.67
CA LEU A 516 32.82 -47.32 16.71
C LEU A 516 34.00 -46.94 15.83
N GLN A 517 35.22 -47.23 16.28
CA GLN A 517 36.42 -46.85 15.54
C GLN A 517 37.25 -47.98 14.94
N GLN A 518 37.03 -49.21 15.38
CA GLN A 518 37.79 -50.35 14.87
C GLN A 518 36.93 -51.57 14.66
N SER A 519 37.27 -52.37 13.65
CA SER A 519 36.54 -53.59 13.34
C SER A 519 37.30 -54.81 13.85
N PRO A 520 36.60 -55.93 14.06
CA PRO A 520 37.24 -57.15 14.56
C PRO A 520 38.07 -57.81 13.47
N VAL A 521 39.39 -57.59 13.54
CA VAL A 521 40.30 -58.16 12.56
C VAL A 521 41.62 -58.51 13.25
N PRO B 7 18.33 -18.53 57.79
CA PRO B 7 18.85 -19.92 57.80
C PRO B 7 18.37 -20.69 56.57
N LYS B 8 17.82 -21.88 56.81
CA LYS B 8 17.31 -22.72 55.74
C LYS B 8 16.03 -23.44 56.17
N PRO B 9 14.98 -23.37 55.33
CA PRO B 9 13.68 -24.01 55.61
C PRO B 9 13.85 -25.52 55.83
N ALA B 10 12.99 -26.11 56.64
CA ALA B 10 13.07 -27.54 56.92
C ALA B 10 11.78 -28.27 56.57
N VAL B 11 11.92 -29.42 55.92
CA VAL B 11 10.76 -30.22 55.55
C VAL B 11 10.73 -31.44 56.44
N GLU B 12 9.71 -31.53 57.30
CA GLU B 12 9.59 -32.66 58.21
C GLU B 12 8.76 -33.75 57.55
N LEU B 13 9.43 -34.83 57.16
CA LEU B 13 8.78 -35.95 56.51
C LEU B 13 8.13 -36.94 57.46
N ASP B 14 6.83 -37.16 57.28
CA ASP B 14 6.10 -38.13 58.09
C ASP B 14 5.52 -39.14 57.11
N ARG B 15 4.38 -38.78 56.52
CA ARG B 15 3.71 -39.64 55.56
C ARG B 15 3.64 -39.00 54.18
N HIS B 16 3.07 -37.80 54.13
CA HIS B 16 2.88 -37.07 52.87
C HIS B 16 3.77 -35.85 52.68
N ILE B 17 4.26 -35.70 51.45
CA ILE B 17 5.09 -34.58 51.06
C ILE B 17 4.55 -34.12 49.70
N ASP B 18 4.35 -32.82 49.51
CA ASP B 18 3.85 -32.36 48.22
C ASP B 18 5.00 -32.12 47.27
N LEU B 19 4.67 -31.85 46.00
CA LEU B 19 5.69 -31.63 44.98
C LEU B 19 6.62 -30.44 45.21
N ASP B 20 6.10 -29.34 45.75
CA ASP B 20 6.96 -28.19 46.01
C ASP B 20 7.98 -28.51 47.08
N GLN B 21 7.55 -29.15 48.16
CA GLN B 21 8.45 -29.55 49.25
C GLN B 21 9.51 -30.49 48.70
N ALA B 22 9.07 -31.46 47.91
CA ALA B 22 9.99 -32.43 47.32
C ALA B 22 11.04 -31.74 46.48
N HIS B 23 10.64 -30.76 45.68
CA HIS B 23 11.61 -30.05 44.86
C HIS B 23 12.50 -29.15 45.73
N ALA B 24 11.95 -28.65 46.82
CA ALA B 24 12.72 -27.79 47.72
C ALA B 24 13.91 -28.57 48.30
N VAL B 25 13.64 -29.81 48.69
CA VAL B 25 14.69 -30.66 49.25
C VAL B 25 15.65 -31.10 48.16
N ALA B 26 15.13 -31.58 47.05
CA ALA B 26 15.97 -32.02 45.94
C ALA B 26 16.89 -30.91 45.43
N SER B 27 16.40 -29.68 45.43
CA SER B 27 17.20 -28.57 44.94
C SER B 27 18.12 -27.96 46.00
N GLY B 28 18.00 -28.45 47.23
CA GLY B 28 18.85 -27.94 48.31
C GLY B 28 18.31 -26.68 48.97
N GLY B 29 17.10 -26.28 48.61
CA GLY B 29 16.52 -25.09 49.20
C GLY B 29 16.04 -25.33 50.61
N ALA B 30 15.71 -26.59 50.92
CA ALA B 30 15.25 -26.95 52.25
C ALA B 30 15.95 -28.20 52.77
N ARG B 31 16.14 -28.26 54.09
CA ARG B 31 16.77 -29.42 54.70
C ARG B 31 15.62 -30.38 55.00
N ILE B 32 15.94 -31.65 55.25
CA ILE B 32 14.90 -32.61 55.53
C ILE B 32 15.12 -33.33 56.85
N VAL B 33 14.02 -33.61 57.54
CA VAL B 33 14.05 -34.31 58.81
C VAL B 33 12.94 -35.35 58.85
N LEU B 34 13.21 -36.48 59.46
CA LEU B 34 12.21 -37.53 59.57
C LEU B 34 11.42 -37.27 60.84
N ALA B 35 10.10 -37.16 60.72
CA ALA B 35 9.25 -36.92 61.89
C ALA B 35 9.28 -38.13 62.81
N PRO B 36 9.17 -37.90 64.13
CA PRO B 36 9.18 -38.97 65.13
C PRO B 36 8.28 -40.16 64.79
N PRO B 37 7.02 -39.89 64.38
CA PRO B 37 6.10 -40.98 64.04
C PRO B 37 6.65 -41.86 62.91
N ALA B 38 7.32 -41.23 61.95
CA ALA B 38 7.90 -41.93 60.82
C ALA B 38 9.10 -42.75 61.28
N ARG B 39 9.91 -42.14 62.14
CA ARG B 39 11.08 -42.81 62.68
C ARG B 39 10.64 -44.09 63.37
N ASP B 40 9.54 -43.99 64.13
CA ASP B 40 9.02 -45.14 64.85
C ASP B 40 8.47 -46.22 63.92
N ARG B 41 7.73 -45.81 62.88
CA ARG B 41 7.19 -46.78 61.94
C ARG B 41 8.33 -47.53 61.28
N CYS B 42 9.42 -46.83 60.99
CA CYS B 42 10.55 -47.44 60.34
C CYS B 42 11.29 -48.41 61.27
N ARG B 43 11.43 -48.04 62.53
CA ARG B 43 12.10 -48.91 63.49
C ARG B 43 11.28 -50.19 63.61
N ALA B 44 9.95 -50.03 63.62
CA ALA B 44 9.05 -51.17 63.71
C ALA B 44 9.19 -52.07 62.49
N SER B 45 9.41 -51.47 61.32
CA SER B 45 9.57 -52.24 60.10
C SER B 45 10.94 -52.92 60.11
N GLU B 46 11.93 -52.23 60.66
CA GLU B 46 13.28 -52.77 60.75
C GLU B 46 13.25 -54.06 61.57
N ALA B 47 12.40 -54.09 62.59
CA ALA B 47 12.27 -55.25 63.44
C ALA B 47 11.58 -56.40 62.72
N ARG B 48 10.63 -56.07 61.86
CA ARG B 48 9.91 -57.09 61.11
C ARG B 48 10.85 -57.79 60.12
N LEU B 49 11.72 -57.02 59.48
CA LEU B 49 12.66 -57.59 58.54
C LEU B 49 13.54 -58.59 59.29
N GLY B 50 14.03 -58.17 60.46
CA GLY B 50 14.87 -59.02 61.26
C GLY B 50 14.21 -60.35 61.59
N ALA B 51 12.95 -60.30 61.99
CA ALA B 51 12.20 -61.50 62.33
C ALA B 51 12.01 -62.39 61.10
N VAL B 52 11.69 -61.77 59.97
CA VAL B 52 11.49 -62.50 58.72
C VAL B 52 12.76 -63.28 58.37
N ILE B 53 13.91 -62.65 58.57
CA ILE B 53 15.18 -63.28 58.27
C ILE B 53 15.51 -64.39 59.26
N ARG B 54 15.22 -64.14 60.53
CA ARG B 54 15.48 -65.14 61.57
C ARG B 54 14.63 -66.39 61.35
N GLU B 55 13.39 -66.19 60.93
CA GLU B 55 12.47 -67.30 60.70
C GLU B 55 12.71 -67.99 59.35
N ALA B 56 13.68 -67.49 58.59
CA ALA B 56 14.01 -68.08 57.29
C ALA B 56 12.80 -68.17 56.36
N ARG B 57 11.99 -67.12 56.33
CA ARG B 57 10.81 -67.07 55.48
C ARG B 57 11.23 -67.02 54.01
N HIS B 58 10.43 -67.63 53.14
CA HIS B 58 10.72 -67.62 51.72
C HIS B 58 10.42 -66.21 51.23
N VAL B 59 11.45 -65.38 51.08
CA VAL B 59 11.28 -64.01 50.63
C VAL B 59 12.30 -63.63 49.56
N TYR B 60 11.80 -63.03 48.48
CA TYR B 60 12.63 -62.60 47.37
C TYR B 60 13.77 -61.70 47.86
N GLY B 61 14.99 -61.99 47.42
CA GLY B 61 16.12 -61.16 47.81
C GLY B 61 16.74 -61.47 49.16
N LEU B 62 16.06 -62.27 49.97
CA LEU B 62 16.56 -62.64 51.27
C LEU B 62 16.97 -64.11 51.27
N THR B 63 16.17 -64.95 50.61
CA THR B 63 16.46 -66.37 50.53
C THR B 63 16.33 -66.90 49.10
N THR B 64 16.29 -66.01 48.12
CA THR B 64 16.16 -66.41 46.73
C THR B 64 17.05 -65.60 45.81
N GLY B 65 17.26 -66.12 44.60
CA GLY B 65 18.06 -65.40 43.63
C GLY B 65 17.19 -64.28 43.10
N PHE B 66 17.61 -63.61 42.03
CA PHE B 66 16.84 -62.51 41.48
C PHE B 66 16.25 -62.81 40.11
N GLY B 67 15.16 -62.12 39.79
CA GLY B 67 14.51 -62.34 38.50
C GLY B 67 14.11 -63.79 38.32
N PRO B 68 14.37 -64.38 37.15
CA PRO B 68 14.02 -65.78 36.89
C PRO B 68 14.87 -66.72 37.73
N LEU B 69 15.94 -66.19 38.33
CA LEU B 69 16.83 -66.98 39.17
C LEU B 69 16.27 -67.08 40.60
N ALA B 70 15.03 -66.63 40.78
CA ALA B 70 14.39 -66.67 42.09
C ALA B 70 14.05 -68.09 42.53
N ASN B 71 14.07 -69.04 41.59
CA ASN B 71 13.77 -70.43 41.91
C ASN B 71 14.99 -71.08 42.56
N ARG B 72 16.08 -70.31 42.65
CA ARG B 72 17.30 -70.78 43.29
C ARG B 72 17.25 -70.24 44.71
N LEU B 73 16.98 -71.10 45.68
CA LEU B 73 16.91 -70.67 47.07
C LEU B 73 18.32 -70.42 47.58
N ILE B 74 18.45 -69.54 48.56
CA ILE B 74 19.77 -69.19 49.11
C ILE B 74 19.82 -69.38 50.62
N SER B 75 20.89 -69.99 51.11
CA SER B 75 21.06 -70.22 52.54
C SER B 75 21.34 -68.91 53.26
N GLY B 76 20.79 -68.76 54.46
CA GLY B 76 20.98 -67.54 55.23
C GLY B 76 22.42 -67.07 55.36
N GLU B 77 23.34 -68.02 55.38
CA GLU B 77 24.77 -67.72 55.53
C GLU B 77 25.36 -66.95 54.34
N ASN B 78 24.66 -66.95 53.20
CA ASN B 78 25.16 -66.27 52.02
C ASN B 78 24.40 -65.03 51.59
N VAL B 79 23.52 -64.53 52.46
CA VAL B 79 22.72 -63.34 52.15
C VAL B 79 23.55 -62.08 51.91
N ARG B 80 24.64 -61.92 52.65
CA ARG B 80 25.49 -60.75 52.49
C ARG B 80 26.05 -60.74 51.07
N THR B 81 26.50 -61.90 50.62
CA THR B 81 27.06 -62.06 49.28
C THR B 81 25.97 -61.88 48.23
N LEU B 82 24.80 -62.46 48.50
CA LEU B 82 23.67 -62.38 47.60
C LEU B 82 23.30 -60.92 47.29
N GLN B 83 23.20 -60.11 48.34
CA GLN B 83 22.82 -58.71 48.17
C GLN B 83 23.95 -57.83 47.64
N ALA B 84 25.20 -58.24 47.86
CA ALA B 84 26.33 -57.48 47.36
C ALA B 84 26.43 -57.68 45.85
N ASN B 85 26.15 -58.89 45.38
CA ASN B 85 26.20 -59.19 43.96
C ASN B 85 25.00 -58.61 43.23
N LEU B 86 23.93 -58.33 43.97
CA LEU B 86 22.74 -57.73 43.39
C LEU B 86 23.15 -56.34 42.88
N VAL B 87 23.75 -55.55 43.77
CA VAL B 87 24.21 -54.21 43.44
C VAL B 87 25.24 -54.28 42.31
N HIS B 88 26.06 -55.32 42.33
CA HIS B 88 27.10 -55.50 41.31
C HIS B 88 26.55 -55.76 39.91
N HIS B 89 25.73 -56.78 39.76
CA HIS B 89 25.21 -57.11 38.44
C HIS B 89 24.30 -56.02 37.87
N LEU B 90 23.67 -55.23 38.74
CA LEU B 90 22.77 -54.17 38.30
C LEU B 90 23.48 -52.88 37.87
N ALA B 91 24.75 -52.73 38.25
CA ALA B 91 25.50 -51.54 37.90
C ALA B 91 26.04 -51.55 36.47
N SER B 92 25.12 -51.69 35.51
CA SER B 92 25.48 -51.74 34.10
C SER B 92 25.03 -50.47 33.36
N GLY B 93 24.68 -49.44 34.11
CA GLY B 93 24.21 -48.20 33.48
C GLY B 93 25.26 -47.52 32.62
N VAL B 94 24.78 -46.76 31.64
CA VAL B 94 25.65 -46.01 30.73
C VAL B 94 24.99 -44.67 30.41
N GLY B 95 25.71 -43.83 29.69
CA GLY B 95 25.19 -42.53 29.31
C GLY B 95 25.51 -41.42 30.29
N PRO B 96 25.12 -40.18 29.99
CA PRO B 96 25.39 -39.05 30.88
C PRO B 96 24.71 -39.22 32.24
N VAL B 97 25.35 -38.75 33.30
CA VAL B 97 24.78 -38.86 34.63
C VAL B 97 23.59 -37.94 34.80
N LEU B 98 22.67 -38.31 35.68
CA LEU B 98 21.50 -37.47 35.94
C LEU B 98 22.06 -36.18 36.57
N ASP B 99 21.41 -35.04 36.32
CA ASP B 99 21.88 -33.79 36.89
C ASP B 99 21.75 -33.81 38.42
N TRP B 100 22.50 -32.93 39.07
CA TRP B 100 22.53 -32.82 40.53
C TRP B 100 21.15 -32.88 41.19
N THR B 101 20.26 -31.96 40.79
CA THR B 101 18.92 -31.91 41.36
C THR B 101 18.15 -33.20 41.16
N THR B 102 18.18 -33.72 39.94
CA THR B 102 17.44 -34.94 39.61
C THR B 102 17.97 -36.18 40.35
N ALA B 103 19.28 -36.33 40.45
CA ALA B 103 19.84 -37.47 41.15
C ALA B 103 19.36 -37.43 42.61
N ARG B 104 19.34 -36.22 43.17
CA ARG B 104 18.90 -36.05 44.55
C ARG B 104 17.41 -36.30 44.68
N ALA B 105 16.64 -35.97 43.64
CA ALA B 105 15.20 -36.21 43.65
C ALA B 105 14.94 -37.72 43.69
N MET B 106 15.82 -38.48 43.06
CA MET B 106 15.70 -39.94 43.06
C MET B 106 15.91 -40.47 44.48
N VAL B 107 16.95 -39.96 45.14
CA VAL B 107 17.23 -40.38 46.51
C VAL B 107 16.03 -40.04 47.38
N LEU B 108 15.49 -38.84 47.21
CA LEU B 108 14.33 -38.42 47.99
C LEU B 108 13.14 -39.36 47.76
N ALA B 109 12.92 -39.74 46.51
CA ALA B 109 11.81 -40.62 46.18
C ALA B 109 11.93 -41.98 46.89
N ARG B 110 13.14 -42.52 46.94
CA ARG B 110 13.34 -43.80 47.61
C ARG B 110 13.06 -43.61 49.11
N LEU B 111 13.57 -42.52 49.67
CA LEU B 111 13.38 -42.22 51.09
C LEU B 111 11.89 -42.14 51.45
N VAL B 112 11.14 -41.34 50.69
CA VAL B 112 9.71 -41.20 50.98
C VAL B 112 9.01 -42.56 51.01
N SER B 113 9.35 -43.43 50.08
CA SER B 113 8.76 -44.76 50.05
C SER B 113 9.10 -45.52 51.34
N ILE B 114 10.36 -45.46 51.74
CA ILE B 114 10.82 -46.12 52.96
C ILE B 114 10.13 -45.55 54.19
N ALA B 115 10.00 -44.22 54.22
CA ALA B 115 9.37 -43.53 55.36
C ALA B 115 7.99 -44.05 55.70
N GLN B 116 7.34 -44.73 54.76
CA GLN B 116 5.99 -45.25 55.02
C GLN B 116 6.05 -46.43 56.01
N GLY B 117 7.25 -46.97 56.22
CA GLY B 117 7.41 -48.07 57.17
C GLY B 117 7.05 -49.48 56.71
N ALA B 118 7.38 -49.82 55.47
CA ALA B 118 7.09 -51.16 54.96
C ALA B 118 8.24 -51.74 54.18
N SER B 119 9.41 -51.10 54.26
CA SER B 119 10.58 -51.54 53.51
C SER B 119 11.62 -52.27 54.35
N GLY B 120 11.51 -52.16 55.67
CA GLY B 120 12.45 -52.82 56.56
C GLY B 120 13.82 -52.17 56.64
N ALA B 121 13.96 -50.99 56.03
CA ALA B 121 15.24 -50.28 56.06
C ALA B 121 15.68 -50.01 57.49
N SER B 122 17.00 -50.07 57.72
CA SER B 122 17.53 -49.84 59.05
C SER B 122 17.77 -48.35 59.28
N GLU B 123 17.90 -47.95 60.54
CA GLU B 123 18.13 -46.55 60.88
C GLU B 123 19.35 -45.97 60.18
N GLY B 124 20.41 -46.76 60.08
CA GLY B 124 21.61 -46.29 59.43
C GLY B 124 21.38 -46.04 57.95
N THR B 125 20.66 -46.93 57.30
CA THR B 125 20.35 -46.81 55.88
C THR B 125 19.55 -45.52 55.64
N ILE B 126 18.51 -45.33 56.44
CA ILE B 126 17.67 -44.14 56.32
C ILE B 126 18.48 -42.89 56.57
N ALA B 127 19.37 -42.93 57.55
CA ALA B 127 20.22 -41.79 57.88
C ALA B 127 21.16 -41.43 56.73
N ARG B 128 21.65 -42.44 56.02
CA ARG B 128 22.55 -42.20 54.91
C ARG B 128 21.84 -41.43 53.79
N LEU B 129 20.56 -41.71 53.57
CA LEU B 129 19.80 -41.01 52.54
C LEU B 129 19.52 -39.58 52.96
N ILE B 130 19.16 -39.43 54.24
CA ILE B 130 18.86 -38.11 54.79
C ILE B 130 20.11 -37.24 54.75
N ASP B 131 21.26 -37.82 55.07
CA ASP B 131 22.52 -37.08 55.07
C ASP B 131 22.86 -36.59 53.68
N LEU B 132 22.65 -37.45 52.67
CA LEU B 132 22.93 -37.05 51.30
C LEU B 132 22.05 -35.84 50.95
N LEU B 133 20.77 -35.94 51.24
CA LEU B 133 19.82 -34.87 50.95
C LEU B 133 20.10 -33.57 51.69
N ASN B 134 20.74 -33.66 52.86
CA ASN B 134 21.04 -32.45 53.60
C ASN B 134 22.39 -31.86 53.22
N SER B 135 23.20 -32.66 52.53
CA SER B 135 24.51 -32.21 52.10
C SER B 135 24.34 -31.43 50.80
N GLU B 136 25.45 -30.96 50.24
CA GLU B 136 25.46 -30.20 49.00
C GLU B 136 25.82 -31.13 47.85
N LEU B 137 25.77 -32.44 48.09
CA LEU B 137 26.15 -33.41 47.08
C LEU B 137 25.01 -34.24 46.50
N ALA B 138 25.32 -34.93 45.41
CA ALA B 138 24.37 -35.81 44.75
C ALA B 138 25.16 -36.98 44.17
N PRO B 139 24.58 -38.18 44.16
CA PRO B 139 25.34 -39.30 43.60
C PRO B 139 25.43 -39.13 42.08
N ALA B 140 26.54 -39.58 41.49
CA ALA B 140 26.74 -39.49 40.05
C ALA B 140 26.22 -40.80 39.47
N VAL B 141 25.01 -40.78 38.93
CA VAL B 141 24.42 -41.98 38.38
C VAL B 141 24.10 -41.90 36.88
N PRO B 142 24.47 -42.93 36.12
CA PRO B 142 24.22 -42.95 34.68
C PRO B 142 22.71 -42.88 34.43
N SER B 143 22.32 -42.19 33.37
CA SER B 143 20.90 -42.01 33.05
C SER B 143 20.20 -43.14 32.31
N ARG B 144 20.98 -44.02 31.66
CA ARG B 144 20.39 -45.11 30.89
C ARG B 144 20.68 -46.50 31.45
N GLY B 145 19.79 -47.45 31.14
CA GLY B 145 19.98 -48.82 31.61
C GLY B 145 18.76 -49.49 32.19
N THR B 146 17.83 -48.70 32.69
CA THR B 146 16.62 -49.27 33.30
C THR B 146 15.41 -49.26 32.38
N VAL B 147 14.55 -50.26 32.52
CA VAL B 147 13.34 -50.37 31.73
C VAL B 147 12.16 -49.94 32.58
N GLY B 148 12.46 -49.35 33.74
CA GLY B 148 11.43 -48.88 34.64
C GLY B 148 10.55 -49.98 35.24
N ASP B 150 13.38 -49.09 38.80
CA ASP B 150 14.63 -48.42 38.46
C ASP B 150 15.85 -49.01 39.18
N LEU B 151 16.03 -50.31 39.04
CA LEU B 151 17.13 -51.01 39.70
C LEU B 151 18.53 -50.53 39.35
N THR B 152 18.83 -50.37 38.07
CA THR B 152 20.16 -49.96 37.67
C THR B 152 20.63 -48.62 38.22
N PRO B 153 19.84 -47.56 38.01
CA PRO B 153 20.30 -46.28 38.56
C PRO B 153 20.40 -46.30 40.09
N LEU B 154 19.55 -47.08 40.73
CA LEU B 154 19.57 -47.16 42.19
C LEU B 154 20.77 -47.98 42.68
N ALA B 155 21.18 -48.96 41.89
CA ALA B 155 22.33 -49.79 42.25
C ALA B 155 23.56 -48.89 42.20
N HIS B 156 23.60 -48.00 41.20
CA HIS B 156 24.72 -47.07 41.07
C HIS B 156 24.73 -46.11 42.25
N MET B 157 23.54 -45.71 42.71
CA MET B 157 23.43 -44.82 43.85
C MET B 157 24.04 -45.51 45.07
N VAL B 158 23.65 -46.76 45.30
CA VAL B 158 24.18 -47.53 46.42
C VAL B 158 25.70 -47.50 46.42
N LEU B 159 26.31 -47.81 45.27
CA LEU B 159 27.75 -47.80 45.14
C LEU B 159 28.35 -46.44 45.51
N CYS B 160 27.67 -45.37 45.11
CA CYS B 160 28.14 -44.03 45.42
C CYS B 160 28.11 -43.77 46.92
N LEU B 161 27.01 -44.15 47.57
CA LEU B 161 26.85 -43.97 49.00
C LEU B 161 27.82 -44.83 49.80
N GLN B 162 28.44 -45.81 49.15
CA GLN B 162 29.41 -46.68 49.83
C GLN B 162 30.81 -46.14 49.55
N GLY B 163 30.87 -45.07 48.77
CA GLY B 163 32.16 -44.47 48.44
C GLY B 163 32.83 -45.20 47.28
N ARG B 164 32.06 -46.01 46.56
CA ARG B 164 32.57 -46.77 45.44
C ARG B 164 32.08 -46.18 44.11
N GLY B 165 31.54 -44.96 44.19
CA GLY B 165 31.05 -44.27 43.02
C GLY B 165 31.20 -42.77 43.19
N ASP B 166 31.25 -42.05 42.07
CA ASP B 166 31.41 -40.60 42.10
C ASP B 166 30.22 -39.83 42.65
N PHE B 167 30.48 -38.59 43.03
CA PHE B 167 29.48 -37.68 43.55
C PHE B 167 29.53 -36.43 42.67
N LEU B 168 28.47 -35.63 42.73
CA LEU B 168 28.42 -34.40 41.96
C LEU B 168 28.14 -33.24 42.90
N ASP B 169 28.77 -32.09 42.61
CA ASP B 169 28.53 -30.90 43.42
C ASP B 169 27.45 -30.16 42.65
N ARG B 170 26.99 -29.02 43.17
CA ARG B 170 25.94 -28.26 42.50
C ARG B 170 26.25 -27.89 41.04
N ASP B 171 27.52 -27.76 40.71
CA ASP B 171 27.94 -27.38 39.36
C ASP B 171 28.05 -28.53 38.38
N GLY B 172 27.98 -29.76 38.89
CA GLY B 172 28.09 -30.91 38.02
C GLY B 172 29.50 -31.49 37.99
N THR B 173 30.41 -30.87 38.73
CA THR B 173 31.79 -31.35 38.78
C THR B 173 31.85 -32.61 39.64
N ARG B 174 32.49 -33.64 39.13
CA ARG B 174 32.58 -34.91 39.84
C ARG B 174 33.67 -35.03 40.88
N LEU B 175 33.35 -35.74 41.96
CA LEU B 175 34.26 -35.99 43.06
C LEU B 175 34.29 -37.51 43.22
N ASP B 176 35.46 -38.08 43.51
CA ASP B 176 35.51 -39.52 43.67
C ASP B 176 34.77 -39.89 44.96
N GLY B 177 34.45 -41.17 45.12
CA GLY B 177 33.72 -41.63 46.28
C GLY B 177 34.25 -41.19 47.64
N ALA B 178 35.54 -41.40 47.88
CA ALA B 178 36.15 -41.05 49.14
C ALA B 178 36.00 -39.55 49.43
N GLU B 179 36.31 -38.74 48.42
CA GLU B 179 36.23 -37.28 48.53
C GLU B 179 34.80 -36.82 48.83
N GLY B 180 33.83 -37.51 48.25
CA GLY B 180 32.43 -37.16 48.47
C GLY B 180 32.00 -37.39 49.91
N LEU B 181 32.31 -38.57 50.43
CA LEU B 181 31.95 -38.91 51.81
C LEU B 181 32.62 -37.93 52.77
N ARG B 182 33.85 -37.58 52.44
CA ARG B 182 34.65 -36.65 53.24
C ARG B 182 34.04 -35.25 53.27
N ARG B 183 34.00 -34.63 52.10
CA ARG B 183 33.47 -33.27 51.95
C ARG B 183 32.06 -33.11 52.51
N GLY B 184 31.17 -34.04 52.17
CA GLY B 184 29.80 -33.93 52.65
C GLY B 184 29.56 -34.53 54.03
N ARG B 185 30.61 -35.01 54.67
CA ARG B 185 30.49 -35.63 55.98
C ARG B 185 29.43 -36.72 55.93
N LEU B 186 29.63 -37.68 55.03
CA LEU B 186 28.72 -38.78 54.85
C LEU B 186 29.41 -40.05 55.31
N GLN B 187 28.67 -40.92 56.00
CA GLN B 187 29.25 -42.17 56.45
C GLN B 187 29.01 -43.22 55.37
N PRO B 188 29.98 -44.11 55.14
CA PRO B 188 29.81 -45.13 54.11
C PRO B 188 28.59 -45.98 54.42
N LEU B 189 27.75 -46.20 53.40
CA LEU B 189 26.55 -47.01 53.55
C LEU B 189 26.92 -48.42 53.98
N ASP B 190 26.22 -48.93 54.98
CA ASP B 190 26.46 -50.27 55.51
C ASP B 190 25.19 -51.10 55.41
N LEU B 191 25.22 -52.14 54.58
CA LEU B 191 24.05 -53.00 54.39
C LEU B 191 24.11 -54.30 55.17
N SER B 192 24.77 -54.28 56.31
CA SER B 192 24.90 -55.48 57.14
C SER B 192 23.55 -56.00 57.63
N HIS B 193 22.54 -55.14 57.67
CA HIS B 193 21.23 -55.56 58.15
C HIS B 193 20.44 -56.31 57.08
N ARG B 194 21.03 -56.46 55.91
CA ARG B 194 20.39 -57.18 54.80
C ARG B 194 19.17 -56.42 54.29
N ASP B 195 19.26 -55.09 54.30
CA ASP B 195 18.17 -54.24 53.85
C ASP B 195 18.50 -53.59 52.49
N ALA B 196 19.30 -54.29 51.70
CA ALA B 196 19.70 -53.79 50.38
C ALA B 196 18.50 -53.61 49.44
N LEU B 197 17.45 -54.40 49.62
CA LEU B 197 16.28 -54.28 48.76
C LEU B 197 15.45 -53.04 49.07
N ALA B 198 15.80 -52.36 50.16
CA ALA B 198 15.09 -51.15 50.54
C ALA B 198 15.64 -49.97 49.72
N LEU B 199 16.85 -50.14 49.21
CA LEU B 199 17.50 -49.10 48.42
C LEU B 199 17.41 -49.35 46.92
N VAL B 200 17.45 -50.61 46.52
CA VAL B 200 17.38 -50.98 45.10
C VAL B 200 15.98 -51.52 44.86
N ASN B 201 15.03 -50.61 44.67
CA ASN B 201 13.65 -51.01 44.48
C ASN B 201 12.82 -49.83 43.97
N GLY B 202 11.60 -50.14 43.58
CA GLY B 202 10.67 -49.11 43.14
C GLY B 202 10.93 -48.29 41.89
N THR B 203 10.22 -47.17 41.82
CA THR B 203 10.28 -46.26 40.68
C THR B 203 10.93 -44.92 41.06
N SER B 204 11.97 -44.97 41.87
CA SER B 204 12.64 -43.76 42.34
C SER B 204 13.23 -42.83 41.28
N ALA B 205 13.89 -43.40 40.29
CA ALA B 205 14.51 -42.60 39.23
C ALA B 205 13.51 -41.83 38.38
N MET B 206 12.53 -42.53 37.83
CA MET B 206 11.54 -41.89 36.98
C MET B 206 10.73 -40.87 37.79
N THR B 207 10.44 -41.23 39.04
CA THR B 207 9.68 -40.34 39.90
C THR B 207 10.49 -39.08 40.18
N GLY B 208 11.78 -39.25 40.45
CA GLY B 208 12.64 -38.10 40.70
C GLY B 208 12.70 -37.19 39.48
N ILE B 209 12.95 -37.78 38.30
CA ILE B 209 13.02 -37.02 37.06
C ILE B 209 11.71 -36.25 36.83
N ALA B 210 10.59 -36.93 37.03
CA ALA B 210 9.27 -36.32 36.82
C ALA B 210 8.94 -35.18 37.79
N LEU B 211 9.39 -35.29 39.03
CA LEU B 211 9.08 -34.23 39.98
C LEU B 211 9.85 -32.98 39.58
N VAL B 212 11.05 -33.17 39.02
CA VAL B 212 11.83 -32.03 38.56
C VAL B 212 11.13 -31.47 37.31
N ASN B 213 10.59 -32.37 36.48
CA ASN B 213 9.88 -31.96 35.28
C ASN B 213 8.67 -31.10 35.67
N ALA B 214 7.95 -31.53 36.71
CA ALA B 214 6.77 -30.82 37.18
C ALA B 214 7.09 -29.39 37.60
N HIS B 215 8.18 -29.21 38.34
CA HIS B 215 8.57 -27.90 38.82
C HIS B 215 8.99 -27.00 37.65
N ALA B 216 9.73 -27.56 36.69
CA ALA B 216 10.19 -26.79 35.55
C ALA B 216 9.01 -26.32 34.69
N CYS B 217 8.02 -27.19 34.53
CA CYS B 217 6.85 -26.85 33.72
C CYS B 217 6.01 -25.75 34.34
N ARG B 218 5.94 -25.70 35.67
CA ARG B 218 5.17 -24.65 36.32
C ARG B 218 5.80 -23.31 35.95
N HIS B 219 7.11 -23.20 36.07
CA HIS B 219 7.80 -21.97 35.72
C HIS B 219 7.66 -21.65 34.22
N LEU B 220 7.83 -22.66 33.37
CA LEU B 220 7.73 -22.41 31.93
C LEU B 220 6.31 -22.00 31.55
N GLY B 221 5.32 -22.57 32.23
CA GLY B 221 3.94 -22.22 31.95
C GLY B 221 3.68 -20.77 32.30
N ASN B 222 4.31 -20.29 33.38
CA ASN B 222 4.14 -18.90 33.78
C ASN B 222 4.77 -17.99 32.74
N TRP B 223 5.90 -18.38 32.19
CA TRP B 223 6.55 -17.58 31.16
C TRP B 223 5.69 -17.59 29.89
N ALA B 224 5.11 -18.75 29.57
CA ALA B 224 4.27 -18.86 28.37
C ALA B 224 3.11 -17.87 28.44
N VAL B 225 2.54 -17.72 29.64
CA VAL B 225 1.42 -16.80 29.86
C VAL B 225 1.89 -15.35 29.79
N ALA B 226 2.96 -15.05 30.52
CA ALA B 226 3.50 -13.69 30.56
C ALA B 226 4.00 -13.23 29.20
N LEU B 227 4.53 -14.14 28.41
CA LEU B 227 5.03 -13.75 27.09
C LEU B 227 3.88 -13.61 26.10
N THR B 228 2.82 -14.38 26.30
CA THR B 228 1.66 -14.28 25.41
C THR B 228 1.01 -12.92 25.67
N ALA B 229 0.94 -12.53 26.95
CA ALA B 229 0.35 -11.25 27.33
C ALA B 229 1.17 -10.09 26.77
N LEU B 230 2.49 -10.21 26.81
CA LEU B 230 3.35 -9.15 26.29
C LEU B 230 3.27 -9.10 24.77
N LEU B 231 3.03 -10.25 24.15
CA LEU B 231 2.90 -10.32 22.69
C LEU B 231 1.68 -9.48 22.29
N ALA B 232 0.60 -9.61 23.07
CA ALA B 232 -0.62 -8.85 22.82
C ALA B 232 -0.36 -7.35 22.93
N GLU B 233 0.51 -6.97 23.86
CA GLU B 233 0.84 -5.56 24.03
C GLU B 233 1.72 -5.07 22.89
N CYS B 234 2.37 -6.00 22.20
CA CYS B 234 3.23 -5.61 21.08
C CYS B 234 2.50 -5.67 19.74
N LEU B 235 1.35 -6.33 19.71
CA LEU B 235 0.60 -6.47 18.46
C LEU B 235 -0.85 -5.99 18.56
N ARG B 236 -1.13 -5.06 19.45
CA ARG B 236 -2.49 -4.54 19.63
C ARG B 236 -3.52 -5.66 19.76
N GLY B 237 -3.15 -6.70 20.52
CA GLY B 237 -4.04 -7.83 20.72
C GLY B 237 -5.36 -7.50 21.38
N ARG B 238 -6.39 -8.27 21.04
CA ARG B 238 -7.74 -8.06 21.59
C ARG B 238 -7.98 -8.88 22.86
N THR B 239 -8.28 -8.19 23.96
CA THR B 239 -8.50 -8.87 25.22
C THR B 239 -9.85 -9.57 25.37
N GLU B 240 -10.82 -9.26 24.50
CA GLU B 240 -12.12 -9.89 24.65
C GLU B 240 -12.05 -11.40 24.49
N ALA B 241 -11.07 -11.89 23.75
CA ALA B 241 -10.91 -13.33 23.55
C ALA B 241 -10.51 -14.01 24.87
N TRP B 242 -10.05 -13.22 25.83
CA TRP B 242 -9.60 -13.75 27.11
C TRP B 242 -10.61 -13.49 28.24
N ALA B 243 -11.83 -13.10 27.86
CA ALA B 243 -12.87 -12.79 28.83
C ALA B 243 -13.27 -13.99 29.70
N ALA B 244 -13.58 -13.72 30.96
CA ALA B 244 -13.99 -14.77 31.87
C ALA B 244 -15.27 -15.45 31.41
N ALA B 245 -16.16 -14.68 30.79
CA ALA B 245 -17.42 -15.22 30.30
C ALA B 245 -17.20 -16.39 29.34
N LEU B 246 -16.14 -16.30 28.53
CA LEU B 246 -15.82 -17.37 27.57
C LEU B 246 -15.36 -18.63 28.30
N SER B 247 -14.59 -18.45 29.37
CA SER B 247 -14.13 -19.58 30.18
C SER B 247 -15.30 -20.32 30.80
N ASP B 248 -16.29 -19.56 31.27
CA ASP B 248 -17.46 -20.15 31.90
C ASP B 248 -18.29 -21.02 30.94
N LEU B 249 -18.26 -20.66 29.66
CA LEU B 249 -19.02 -21.41 28.66
C LEU B 249 -18.34 -22.76 28.32
N ARG B 250 -17.04 -22.83 28.54
CA ARG B 250 -16.27 -24.05 28.29
C ARG B 250 -15.37 -24.18 29.51
N PRO B 251 -15.96 -24.52 30.67
CA PRO B 251 -15.29 -24.66 31.96
C PRO B 251 -14.16 -25.65 32.23
N HIS B 252 -13.13 -25.66 31.39
CA HIS B 252 -11.98 -26.54 31.63
C HIS B 252 -11.19 -25.72 32.66
N PRO B 253 -10.86 -26.33 33.82
CA PRO B 253 -10.09 -25.59 34.83
C PRO B 253 -8.85 -24.90 34.30
N GLY B 254 -8.06 -25.64 33.52
CA GLY B 254 -6.83 -25.10 32.97
C GLY B 254 -7.04 -23.89 32.07
N GLN B 255 -8.13 -23.88 31.32
CA GLN B 255 -8.42 -22.77 30.43
C GLN B 255 -8.83 -21.54 31.25
N LYS B 256 -9.71 -21.76 32.21
CA LYS B 256 -10.19 -20.66 33.05
C LYS B 256 -8.99 -19.98 33.70
N ASP B 257 -8.06 -20.80 34.18
CA ASP B 257 -6.85 -20.32 34.83
C ASP B 257 -5.97 -19.56 33.85
N ALA B 258 -5.74 -20.13 32.67
CA ALA B 258 -4.91 -19.49 31.66
C ALA B 258 -5.47 -18.11 31.35
N ALA B 259 -6.75 -18.07 31.04
CA ALA B 259 -7.43 -16.81 30.72
C ALA B 259 -7.30 -15.78 31.83
N ALA B 260 -7.62 -16.19 33.06
CA ALA B 260 -7.53 -15.29 34.21
C ALA B 260 -6.11 -14.72 34.35
N ARG B 261 -5.12 -15.59 34.20
CA ARG B 261 -3.74 -15.18 34.32
C ARG B 261 -3.32 -14.23 33.20
N LEU B 262 -3.85 -14.46 32.00
CA LEU B 262 -3.52 -13.60 30.87
C LEU B 262 -4.13 -12.21 31.11
N ARG B 263 -5.36 -12.18 31.61
CA ARG B 263 -6.04 -10.91 31.89
C ARG B 263 -5.25 -10.11 32.91
N ALA B 264 -4.78 -10.78 33.97
CA ALA B 264 -4.02 -10.13 35.02
C ALA B 264 -2.72 -9.53 34.49
N ARG B 265 -2.05 -10.27 33.61
CA ARG B 265 -0.80 -9.80 33.03
C ARG B 265 -0.96 -8.48 32.28
N VAL B 266 -2.03 -8.32 31.52
CA VAL B 266 -2.22 -7.08 30.77
C VAL B 266 -3.03 -6.00 31.50
N ASP B 267 -3.42 -6.27 32.75
CA ASP B 267 -4.18 -5.28 33.49
C ASP B 267 -3.34 -3.99 33.56
N GLY B 268 -3.94 -2.87 33.19
CA GLY B 268 -3.24 -1.60 33.23
C GLY B 268 -2.59 -1.24 31.90
N SER B 269 -2.75 -2.10 30.90
CA SER B 269 -2.16 -1.82 29.59
C SER B 269 -3.03 -0.92 28.73
N ALA B 270 -2.38 -0.04 27.97
CA ALA B 270 -3.06 0.87 27.07
C ALA B 270 -2.65 0.49 25.66
N ARG B 271 -1.94 -0.64 25.54
CA ARG B 271 -1.47 -1.13 24.25
C ARG B 271 -2.37 -2.20 23.63
N VAL B 272 -3.22 -2.82 24.44
CA VAL B 272 -4.13 -3.86 23.93
C VAL B 272 -5.48 -3.23 23.56
N VAL B 273 -6.26 -3.96 22.76
CA VAL B 273 -7.58 -3.49 22.34
C VAL B 273 -8.58 -4.17 23.27
N ARG B 274 -9.30 -3.37 24.05
CA ARG B 274 -10.25 -3.92 25.02
C ARG B 274 -11.72 -3.85 24.60
N HIS B 275 -12.01 -3.23 23.47
CA HIS B 275 -13.39 -3.10 23.03
C HIS B 275 -13.99 -4.42 22.52
N VAL B 276 -15.24 -4.68 22.90
CA VAL B 276 -15.95 -5.87 22.45
C VAL B 276 -16.50 -5.44 21.08
N ILE B 277 -16.11 -6.13 20.02
CA ILE B 277 -16.56 -5.72 18.69
C ILE B 277 -18.06 -5.76 18.47
N ALA B 278 -18.76 -6.64 19.18
CA ALA B 278 -20.21 -6.76 19.02
C ALA B 278 -20.98 -5.58 19.59
N GLU B 279 -20.30 -4.66 20.26
CA GLU B 279 -20.99 -3.50 20.81
C GLU B 279 -21.21 -2.46 19.73
N ARG B 280 -20.41 -2.55 18.67
CA ARG B 280 -20.52 -1.61 17.56
C ARG B 280 -21.71 -1.92 16.66
N ARG B 281 -22.54 -0.90 16.43
CA ARG B 281 -23.70 -1.03 15.56
C ARG B 281 -23.26 -0.52 14.19
N LEU B 282 -23.45 -1.33 13.16
CA LEU B 282 -23.06 -0.94 11.81
C LEU B 282 -24.19 -0.26 11.04
N ASP B 283 -23.82 0.56 10.06
CA ASP B 283 -24.78 1.23 9.20
C ASP B 283 -24.27 1.05 7.77
N ALA B 284 -25.07 1.47 6.79
CA ALA B 284 -24.67 1.32 5.38
C ALA B 284 -23.27 1.83 5.05
N GLY B 285 -22.85 2.90 5.72
CA GLY B 285 -21.53 3.46 5.44
C GLY B 285 -20.36 2.61 5.92
N ASP B 286 -20.64 1.64 6.79
CA ASP B 286 -19.58 0.78 7.32
C ASP B 286 -19.29 -0.43 6.43
N ILE B 287 -20.24 -0.76 5.56
CA ILE B 287 -20.09 -1.91 4.67
C ILE B 287 -18.95 -1.72 3.66
N GLY B 288 -17.88 -2.49 3.84
CA GLY B 288 -16.73 -2.41 2.97
C GLY B 288 -15.62 -3.28 3.53
N THR B 289 -14.38 -3.02 3.14
CA THR B 289 -13.24 -3.80 3.62
C THR B 289 -12.45 -2.98 4.64
N GLU B 290 -12.31 -3.52 5.86
CA GLU B 290 -11.55 -2.84 6.90
C GLU B 290 -10.11 -3.30 6.87
N PRO B 291 -9.20 -2.49 7.44
CA PRO B 291 -7.77 -2.83 7.47
C PRO B 291 -7.47 -4.19 8.11
N GLU B 292 -8.06 -4.43 9.28
CA GLU B 292 -7.85 -5.67 10.01
C GLU B 292 -9.17 -6.38 10.32
N ALA B 293 -9.09 -7.70 10.55
CA ALA B 293 -10.28 -8.47 10.90
C ALA B 293 -10.57 -8.11 12.34
N GLY B 294 -11.78 -8.42 12.80
CA GLY B 294 -12.15 -8.10 14.17
C GLY B 294 -11.62 -9.05 15.23
N GLN B 295 -10.89 -10.09 14.81
CA GLN B 295 -10.35 -11.08 15.74
C GLN B 295 -8.89 -11.36 15.43
N ASP B 296 -8.11 -11.70 16.46
CA ASP B 296 -6.69 -12.00 16.27
C ASP B 296 -6.47 -13.39 15.74
N ALA B 297 -5.25 -13.64 15.26
CA ALA B 297 -4.86 -14.96 14.78
C ALA B 297 -4.87 -15.85 16.03
N TYR B 298 -4.95 -17.15 15.82
CA TYR B 298 -5.02 -18.10 16.93
C TYR B 298 -3.91 -18.06 17.98
N SER B 299 -2.70 -17.70 17.58
CA SER B 299 -1.60 -17.66 18.55
C SER B 299 -1.88 -16.68 19.68
N LEU B 300 -2.89 -15.82 19.51
CA LEU B 300 -3.29 -14.88 20.54
C LEU B 300 -4.71 -15.19 21.02
N ARG B 301 -5.62 -15.30 20.07
CA ARG B 301 -7.03 -15.55 20.37
C ARG B 301 -7.33 -16.88 21.05
N CYS B 302 -6.55 -17.91 20.73
CA CYS B 302 -6.77 -19.22 21.31
C CYS B 302 -5.72 -19.61 22.34
N ALA B 303 -5.01 -18.62 22.88
CA ALA B 303 -3.99 -18.88 23.88
C ALA B 303 -4.58 -19.56 25.11
N PRO B 304 -5.77 -19.12 25.55
CA PRO B 304 -6.37 -19.75 26.74
C PRO B 304 -6.68 -21.24 26.53
N GLN B 305 -7.15 -21.57 25.33
CA GLN B 305 -7.51 -22.94 25.00
C GLN B 305 -6.30 -23.86 24.84
N VAL B 306 -5.24 -23.35 24.21
CA VAL B 306 -4.03 -24.12 24.00
C VAL B 306 -3.26 -24.24 25.31
N LEU B 307 -3.04 -23.11 25.98
CA LEU B 307 -2.32 -23.12 27.25
C LEU B 307 -3.11 -23.92 28.28
N GLY B 308 -4.43 -23.73 28.30
CA GLY B 308 -5.28 -24.45 29.24
C GLY B 308 -5.23 -25.96 29.11
N ALA B 309 -5.21 -26.46 27.87
CA ALA B 309 -5.15 -27.90 27.64
C ALA B 309 -3.84 -28.44 28.23
N GLY B 310 -2.76 -27.69 28.03
CA GLY B 310 -1.49 -28.11 28.57
C GLY B 310 -1.52 -28.09 30.08
N PHE B 311 -2.12 -27.04 30.66
CA PHE B 311 -2.20 -26.93 32.11
C PHE B 311 -3.01 -28.09 32.73
N ASP B 312 -4.06 -28.53 32.04
CA ASP B 312 -4.85 -29.64 32.56
C ASP B 312 -4.05 -30.94 32.44
N THR B 313 -3.18 -31.02 31.43
CA THR B 313 -2.35 -32.21 31.26
C THR B 313 -1.32 -32.27 32.38
N LEU B 314 -0.75 -31.12 32.72
CA LEU B 314 0.25 -31.05 33.78
C LEU B 314 -0.43 -31.36 35.12
N ALA B 315 -1.66 -30.89 35.28
CA ALA B 315 -2.41 -31.13 36.51
C ALA B 315 -2.63 -32.61 36.74
N TRP B 316 -2.98 -33.33 35.66
CA TRP B 316 -3.19 -34.77 35.78
C TRP B 316 -1.85 -35.43 36.13
N HIS B 317 -0.80 -35.02 35.43
CA HIS B 317 0.54 -35.54 35.66
C HIS B 317 0.93 -35.38 37.14
N ASP B 318 0.67 -34.22 37.71
CA ASP B 318 1.01 -33.96 39.11
C ASP B 318 0.15 -34.76 40.10
N ARG B 319 -1.13 -34.92 39.81
CA ARG B 319 -2.00 -35.69 40.70
C ARG B 319 -1.47 -37.11 40.80
N VAL B 320 -1.19 -37.71 39.63
CA VAL B 320 -0.67 -39.06 39.57
C VAL B 320 0.70 -39.12 40.25
N LEU B 321 1.58 -38.18 39.90
CA LEU B 321 2.92 -38.13 40.46
C LEU B 321 2.92 -37.98 42.00
N THR B 322 2.03 -37.13 42.51
CA THR B 322 1.96 -36.93 43.95
C THR B 322 1.68 -38.26 44.64
N ILE B 323 0.78 -39.05 44.07
CA ILE B 323 0.45 -40.37 44.63
C ILE B 323 1.64 -41.31 44.56
N GLU B 324 2.33 -41.31 43.43
CA GLU B 324 3.48 -42.18 43.23
C GLU B 324 4.64 -41.84 44.18
N LEU B 325 4.90 -40.55 44.35
CA LEU B 325 5.97 -40.08 45.21
C LEU B 325 5.77 -40.52 46.67
N ASN B 326 4.52 -40.51 47.10
CA ASN B 326 4.18 -40.87 48.47
C ASN B 326 3.79 -42.33 48.66
N ALA B 327 3.98 -43.13 47.62
CA ALA B 327 3.63 -44.53 47.69
C ALA B 327 4.83 -45.42 47.98
N VAL B 328 4.55 -46.69 48.24
CA VAL B 328 5.59 -47.67 48.48
C VAL B 328 5.62 -48.52 47.23
N THR B 329 6.62 -48.31 46.38
CA THR B 329 6.73 -49.06 45.15
C THR B 329 7.71 -50.22 45.29
N ASP B 330 7.98 -50.62 46.53
CA ASP B 330 8.89 -51.72 46.87
C ASP B 330 8.32 -53.10 46.60
N ASN B 331 9.23 -54.07 46.44
CA ASN B 331 8.89 -55.48 46.30
C ASN B 331 10.14 -56.26 46.68
N PRO B 332 10.02 -57.14 47.68
CA PRO B 332 8.79 -57.39 48.45
C PRO B 332 8.54 -56.28 49.47
N VAL B 333 7.40 -56.36 50.15
CA VAL B 333 7.03 -55.38 51.18
C VAL B 333 6.65 -56.14 52.45
N PHE B 334 6.81 -55.46 53.58
CA PHE B 334 6.49 -56.06 54.87
C PHE B 334 5.36 -55.27 55.51
N PRO B 335 4.13 -55.80 55.42
CA PRO B 335 2.92 -55.16 55.97
C PRO B 335 3.06 -54.76 57.44
N PRO B 336 2.83 -53.46 57.74
CA PRO B 336 2.92 -52.93 59.10
C PRO B 336 1.98 -53.61 60.10
N ASP B 337 0.79 -53.99 59.64
CA ASP B 337 -0.17 -54.64 60.53
C ASP B 337 0.27 -56.04 60.95
N GLY B 338 1.24 -56.60 60.24
CA GLY B 338 1.72 -57.93 60.56
C GLY B 338 0.81 -59.07 60.14
N SER B 339 -0.10 -58.80 59.21
CA SER B 339 -1.02 -59.83 58.73
C SER B 339 -0.27 -61.01 58.14
N VAL B 340 0.78 -60.73 57.38
CA VAL B 340 1.61 -61.76 56.77
C VAL B 340 3.05 -61.30 56.91
N PRO B 341 4.02 -62.23 56.85
CA PRO B 341 5.42 -61.85 56.99
C PRO B 341 5.87 -60.88 55.91
N ALA B 342 5.36 -61.07 54.70
CA ALA B 342 5.71 -60.20 53.57
C ALA B 342 4.77 -60.45 52.41
N LEU B 343 4.74 -59.52 51.46
CA LEU B 343 3.91 -59.64 50.27
C LEU B 343 4.76 -59.47 49.02
N HIS B 344 4.47 -60.28 48.01
CA HIS B 344 5.20 -60.22 46.74
C HIS B 344 4.24 -59.80 45.64
N GLY B 345 4.57 -58.71 44.96
CA GLY B 345 3.74 -58.23 43.88
C GLY B 345 4.56 -57.47 42.85
N GLY B 346 3.95 -56.46 42.23
CA GLY B 346 4.68 -55.69 41.24
C GLY B 346 4.48 -54.19 41.34
N ASN B 347 4.51 -53.64 42.55
CA ASN B 347 4.33 -52.20 42.71
C ASN B 347 5.49 -51.37 42.16
N PHE B 348 6.49 -52.05 41.61
CA PHE B 348 7.66 -51.40 41.03
C PHE B 348 7.44 -51.07 39.55
N MET B 349 6.32 -51.53 39.00
CA MET B 349 5.99 -51.29 37.59
C MET B 349 5.59 -49.83 37.41
N GLY B 350 6.47 -49.04 36.81
CA GLY B 350 6.18 -47.62 36.64
C GLY B 350 5.32 -47.21 35.46
N GLN B 351 4.23 -47.92 35.22
CA GLN B 351 3.37 -47.57 34.09
C GLN B 351 2.70 -46.20 34.29
N HIS B 352 2.40 -45.83 35.53
CA HIS B 352 1.77 -44.54 35.79
C HIS B 352 2.65 -43.35 35.41
N VAL B 353 3.90 -43.34 35.84
CA VAL B 353 4.79 -42.23 35.49
C VAL B 353 5.14 -42.28 34.00
N ALA B 354 5.12 -43.48 33.43
CA ALA B 354 5.43 -43.62 32.02
C ALA B 354 4.35 -42.94 31.16
N LEU B 355 3.10 -43.25 31.46
CA LEU B 355 1.99 -42.68 30.70
C LEU B 355 1.78 -41.19 30.92
N THR B 356 2.00 -40.71 32.15
CA THR B 356 1.82 -39.28 32.42
C THR B 356 2.98 -38.48 31.84
N SER B 357 4.18 -39.05 31.84
CA SER B 357 5.33 -38.35 31.28
C SER B 357 5.18 -38.23 29.76
N ASP B 358 4.67 -39.28 29.12
CA ASP B 358 4.48 -39.24 27.67
C ASP B 358 3.40 -38.20 27.33
N ALA B 359 2.34 -38.16 28.14
CA ALA B 359 1.25 -37.21 27.93
C ALA B 359 1.72 -35.78 28.11
N LEU B 360 2.53 -35.56 29.14
CA LEU B 360 3.06 -34.21 29.40
C LEU B 360 4.02 -33.81 28.28
N ALA B 361 4.79 -34.78 27.79
CA ALA B 361 5.75 -34.54 26.71
C ALA B 361 5.04 -33.99 25.48
N THR B 362 3.89 -34.58 25.16
CA THR B 362 3.10 -34.12 24.02
C THR B 362 2.60 -32.70 24.25
N ALA B 363 2.13 -32.44 25.47
CA ALA B 363 1.61 -31.12 25.82
C ALA B 363 2.70 -30.05 25.76
N VAL B 364 3.92 -30.42 26.16
CA VAL B 364 5.04 -29.48 26.12
C VAL B 364 5.37 -29.15 24.67
N THR B 365 5.32 -30.17 23.82
CA THR B 365 5.61 -29.98 22.40
C THR B 365 4.56 -29.04 21.79
N VAL B 366 3.29 -29.23 22.17
CA VAL B 366 2.22 -28.38 21.67
C VAL B 366 2.42 -26.92 22.12
N LEU B 367 2.72 -26.71 23.40
CA LEU B 367 2.94 -25.36 23.91
C LEU B 367 4.19 -24.71 23.31
N ALA B 368 5.24 -25.52 23.09
CA ALA B 368 6.45 -24.97 22.50
C ALA B 368 6.14 -24.54 21.07
N GLY B 369 5.22 -25.26 20.44
CA GLY B 369 4.85 -24.93 19.08
C GLY B 369 4.12 -23.60 19.05
N LEU B 370 3.35 -23.32 20.09
CA LEU B 370 2.62 -22.06 20.20
C LEU B 370 3.63 -20.92 20.33
N ALA B 371 4.62 -21.11 21.19
CA ALA B 371 5.64 -20.07 21.40
C ALA B 371 6.40 -19.84 20.09
N GLU B 372 6.70 -20.93 19.39
CA GLU B 372 7.43 -20.86 18.13
C GLU B 372 6.65 -20.07 17.08
N ARG B 373 5.33 -20.28 17.01
CA ARG B 373 4.51 -19.54 16.05
C ARG B 373 4.36 -18.07 16.49
N GLN B 374 4.40 -17.84 17.80
CA GLN B 374 4.29 -16.47 18.32
C GLN B 374 5.55 -15.69 17.89
N ILE B 375 6.69 -16.38 17.84
CA ILE B 375 7.93 -15.76 17.41
C ILE B 375 7.85 -15.54 15.90
N ALA B 376 7.37 -16.55 15.18
CA ALA B 376 7.25 -16.47 13.73
C ALA B 376 6.37 -15.30 13.29
N ARG B 377 5.33 -15.02 14.06
CA ARG B 377 4.41 -13.93 13.75
C ARG B 377 4.99 -12.55 14.10
N LEU B 378 5.51 -12.44 15.31
CA LEU B 378 6.09 -11.20 15.81
C LEU B 378 7.22 -10.65 14.94
N THR B 379 8.04 -11.56 14.40
CA THR B 379 9.18 -11.18 13.58
C THR B 379 8.90 -11.02 12.08
N ASP B 380 7.68 -11.33 11.64
CA ASP B 380 7.33 -11.23 10.23
C ASP B 380 6.75 -9.83 9.91
N GLU B 381 7.48 -9.05 9.12
CA GLU B 381 7.05 -7.70 8.79
C GLU B 381 5.67 -7.62 8.13
N ARG B 382 5.22 -8.72 7.54
CA ARG B 382 3.89 -8.74 6.91
C ARG B 382 2.80 -9.07 7.92
N LEU B 383 3.19 -9.55 9.09
CA LEU B 383 2.22 -9.93 10.11
C LEU B 383 2.36 -9.20 11.45
N ASN B 384 3.48 -8.50 11.66
CA ASN B 384 3.69 -7.84 12.95
C ASN B 384 3.17 -6.42 13.06
N ARG B 385 2.28 -6.06 12.14
CA ARG B 385 1.65 -4.74 12.15
C ARG B 385 2.54 -3.50 12.33
N GLY B 386 3.49 -3.32 11.42
CA GLY B 386 4.34 -2.14 11.51
C GLY B 386 5.70 -2.24 12.16
N LEU B 387 6.03 -3.39 12.75
CA LEU B 387 7.33 -3.53 13.38
C LEU B 387 8.38 -3.86 12.32
N PRO B 388 9.65 -3.54 12.59
CA PRO B 388 10.73 -3.81 11.64
C PRO B 388 10.88 -5.30 11.38
N PRO B 389 11.32 -5.68 10.17
CA PRO B 389 11.48 -7.11 9.89
C PRO B 389 12.48 -7.73 10.86
N PHE B 390 12.03 -8.80 11.52
CA PHE B 390 12.85 -9.53 12.49
C PHE B 390 13.28 -8.66 13.65
N LEU B 391 12.56 -7.56 13.83
CA LEU B 391 12.79 -6.62 14.92
C LEU B 391 14.22 -6.07 14.98
N HIS B 392 14.81 -5.80 13.82
CA HIS B 392 16.17 -5.29 13.79
C HIS B 392 16.21 -3.80 14.11
N ARG B 393 17.40 -3.32 14.42
CA ARG B 393 17.65 -1.92 14.67
C ARG B 393 18.84 -1.62 13.75
N GLY B 394 19.06 -0.35 13.44
CA GLY B 394 20.15 -0.03 12.53
C GLY B 394 19.58 -0.13 11.13
N PRO B 395 20.37 0.12 10.07
CA PRO B 395 19.84 0.03 8.71
C PRO B 395 19.39 -1.39 8.33
N ALA B 396 18.21 -1.50 7.71
CA ALA B 396 17.70 -2.80 7.28
C ALA B 396 18.62 -3.36 6.19
N GLY B 397 18.78 -4.68 6.17
CA GLY B 397 19.66 -5.28 5.18
C GLY B 397 21.02 -5.44 5.82
N LEU B 398 21.63 -4.32 6.21
CA LEU B 398 22.92 -4.37 6.88
C LEU B 398 22.71 -5.06 8.23
N ASN B 399 21.46 -5.02 8.71
CA ASN B 399 21.11 -5.64 9.98
C ASN B 399 19.88 -6.53 9.79
N SER B 400 19.95 -7.73 10.37
CA SER B 400 18.88 -8.72 10.25
C SER B 400 18.18 -9.00 11.58
N GLY B 401 18.68 -8.40 12.65
CA GLY B 401 18.08 -8.60 13.96
C GLY B 401 17.99 -10.04 14.46
N PHE B 402 16.76 -10.49 14.72
CA PHE B 402 16.54 -11.84 15.23
C PHE B 402 16.25 -12.87 14.13
N MET B 403 16.62 -12.56 12.90
CA MET B 403 16.36 -13.47 11.79
C MET B 403 16.97 -14.86 11.98
N GLY B 404 18.13 -14.92 12.61
CA GLY B 404 18.78 -16.19 12.86
C GLY B 404 18.12 -16.87 14.05
N ALA B 405 17.84 -16.09 15.10
CA ALA B 405 17.21 -16.62 16.30
C ALA B 405 15.82 -17.18 16.02
N GLN B 406 15.10 -16.58 15.07
CA GLN B 406 13.76 -17.05 14.73
C GLN B 406 13.83 -18.46 14.14
N VAL B 407 14.79 -18.66 13.23
CA VAL B 407 14.97 -19.96 12.59
C VAL B 407 15.44 -21.01 13.60
N THR B 408 16.27 -20.57 14.55
CA THR B 408 16.75 -21.47 15.59
C THR B 408 15.58 -22.00 16.43
N ALA B 409 14.59 -21.14 16.67
CA ALA B 409 13.43 -21.57 17.45
C ALA B 409 12.70 -22.68 16.67
N THR B 410 12.56 -22.48 15.37
CA THR B 410 11.88 -23.47 14.53
C THR B 410 12.65 -24.79 14.55
N ALA B 411 13.98 -24.69 14.47
CA ALA B 411 14.85 -25.86 14.48
C ALA B 411 14.68 -26.65 15.78
N LEU B 412 14.60 -25.94 16.90
CA LEU B 412 14.44 -26.59 18.20
C LEU B 412 13.11 -27.31 18.27
N LEU B 413 12.05 -26.65 17.80
CA LEU B 413 10.72 -27.25 17.82
C LEU B 413 10.70 -28.50 16.95
N ALA B 414 11.25 -28.40 15.73
CA ALA B 414 11.28 -29.53 14.82
C ALA B 414 11.92 -30.76 15.46
N GLU B 415 13.03 -30.54 16.17
CA GLU B 415 13.73 -31.66 16.84
C GLU B 415 12.85 -32.27 17.93
N MET B 416 12.12 -31.43 18.65
CA MET B 416 11.21 -31.90 19.70
C MET B 416 10.19 -32.89 19.14
N ARG B 417 9.64 -32.55 17.97
CA ARG B 417 8.64 -33.37 17.34
C ARG B 417 9.11 -34.73 16.86
N ALA B 418 10.41 -34.87 16.61
CA ALA B 418 10.96 -36.12 16.11
C ALA B 418 10.91 -37.27 17.11
N THR B 419 10.74 -36.93 18.39
CA THR B 419 10.68 -37.95 19.44
C THR B 419 9.26 -38.11 19.96
N GLY B 420 8.80 -39.36 20.04
CA GLY B 420 7.44 -39.61 20.52
C GLY B 420 7.39 -40.29 21.87
N PRO B 421 6.23 -40.85 22.25
CA PRO B 421 6.05 -41.53 23.53
C PRO B 421 7.02 -42.70 23.69
N ALA B 422 7.48 -42.93 24.92
CA ALA B 422 8.40 -44.04 25.19
C ALA B 422 7.65 -45.30 25.57
N SER B 423 6.48 -45.12 26.19
CA SER B 423 5.63 -46.21 26.67
C SER B 423 5.23 -47.31 25.71
N ILE B 424 5.08 -46.97 24.43
CA ILE B 424 4.64 -47.96 23.45
C ILE B 424 5.72 -48.94 23.01
N HIS B 425 6.94 -48.76 23.50
CA HIS B 425 8.03 -49.61 23.09
C HIS B 425 8.40 -50.74 24.04
N SER B 426 7.43 -51.29 24.74
CA SER B 426 7.73 -52.36 25.67
C SER B 426 8.24 -53.56 24.90
N ILE B 427 9.28 -54.19 25.43
CA ILE B 427 9.89 -55.35 24.81
C ILE B 427 10.12 -56.38 25.91
N SER B 428 9.72 -57.62 25.66
CA SER B 428 9.88 -58.70 26.63
C SER B 428 11.36 -58.92 26.84
N THR B 429 11.79 -58.91 28.10
CA THR B 429 13.20 -59.10 28.40
C THR B 429 13.39 -59.90 29.70
N ASN B 430 14.64 -60.00 30.15
CA ASN B 430 14.93 -60.76 31.37
C ASN B 430 14.48 -62.22 31.23
N ALA B 431 14.82 -62.82 30.09
CA ALA B 431 14.46 -64.21 29.82
C ALA B 431 12.94 -64.38 29.81
N ALA B 432 12.25 -63.34 29.30
CA ALA B 432 10.79 -63.32 29.21
C ALA B 432 10.07 -63.15 30.56
N ASN B 433 10.82 -63.03 31.65
CA ASN B 433 10.18 -62.84 32.96
C ASN B 433 9.56 -61.44 33.02
N GLN B 434 10.27 -60.45 32.50
CA GLN B 434 9.74 -59.09 32.47
C GLN B 434 9.18 -58.98 31.05
N ASP B 435 8.10 -59.70 30.78
CA ASP B 435 7.54 -59.68 29.43
C ASP B 435 6.85 -58.37 29.04
N VAL B 436 6.63 -57.51 30.03
CA VAL B 436 6.07 -56.17 29.80
C VAL B 436 6.82 -55.23 30.74
N VAL B 437 7.31 -54.12 30.20
CA VAL B 437 8.04 -53.14 31.01
C VAL B 437 7.41 -51.77 30.78
N SER B 438 7.59 -50.85 31.72
CA SER B 438 6.97 -49.53 31.60
C SER B 438 7.77 -48.49 30.81
N LEU B 439 9.09 -48.56 30.90
CA LEU B 439 9.97 -47.62 30.23
C LEU B 439 9.63 -46.22 30.75
N GLY B 440 9.21 -46.14 32.02
CA GLY B 440 8.84 -44.87 32.60
C GLY B 440 9.99 -43.90 32.82
N THR B 441 11.18 -44.43 33.09
CA THR B 441 12.35 -43.59 33.31
C THR B 441 12.74 -42.92 32.00
N ILE B 442 12.65 -43.68 30.91
CA ILE B 442 12.97 -43.17 29.58
C ILE B 442 11.91 -42.12 29.23
N ALA B 443 10.66 -42.42 29.55
CA ALA B 443 9.54 -41.51 29.30
C ALA B 443 9.76 -40.17 29.98
N ALA B 444 10.17 -40.20 31.25
CA ALA B 444 10.40 -38.97 32.00
C ALA B 444 11.58 -38.20 31.44
N ARG B 445 12.64 -38.92 31.06
CA ARG B 445 13.83 -38.30 30.49
C ARG B 445 13.54 -37.66 29.13
N LEU B 446 12.70 -38.29 28.31
CA LEU B 446 12.38 -37.71 27.00
C LEU B 446 11.54 -36.46 27.19
N CYS B 447 10.72 -36.45 28.24
CA CYS B 447 9.88 -35.30 28.54
C CYS B 447 10.77 -34.15 29.02
N ARG B 448 11.81 -34.49 29.78
CA ARG B 448 12.74 -33.48 30.28
C ARG B 448 13.44 -32.78 29.13
N GLU B 449 13.87 -33.56 28.13
CA GLU B 449 14.54 -32.96 26.98
C GLU B 449 13.63 -31.96 26.28
N LYS B 450 12.36 -32.32 26.12
CA LYS B 450 11.42 -31.41 25.47
C LYS B 450 11.23 -30.17 26.33
N ILE B 451 11.18 -30.34 27.64
CA ILE B 451 11.02 -29.19 28.53
C ILE B 451 12.20 -28.26 28.32
N ASP B 452 13.39 -28.81 28.16
CA ASP B 452 14.58 -27.96 27.94
C ASP B 452 14.52 -27.21 26.62
N ARG B 453 13.97 -27.85 25.59
CA ARG B 453 13.87 -27.19 24.30
C ARG B 453 12.83 -26.08 24.39
N TRP B 454 11.75 -26.33 25.14
CA TRP B 454 10.68 -25.35 25.32
C TRP B 454 11.24 -24.10 26.01
N ALA B 455 12.13 -24.30 26.97
CA ALA B 455 12.74 -23.19 27.68
C ALA B 455 13.56 -22.31 26.74
N GLU B 456 14.26 -22.94 25.80
CA GLU B 456 15.07 -22.20 24.84
C GLU B 456 14.17 -21.43 23.87
N ILE B 457 13.08 -22.07 23.44
CA ILE B 457 12.17 -21.39 22.53
C ILE B 457 11.55 -20.19 23.24
N LEU B 458 11.15 -20.37 24.50
CA LEU B 458 10.56 -19.28 25.27
C LEU B 458 11.60 -18.17 25.48
N ALA B 459 12.86 -18.56 25.61
CA ALA B 459 13.94 -17.58 25.79
C ALA B 459 14.07 -16.68 24.57
N ILE B 460 14.00 -17.28 23.38
CA ILE B 460 14.08 -16.52 22.14
C ILE B 460 12.89 -15.56 22.06
N LEU B 461 11.71 -16.06 22.44
CA LEU B 461 10.50 -15.25 22.42
C LEU B 461 10.60 -14.06 23.37
N ALA B 462 11.12 -14.30 24.58
CA ALA B 462 11.27 -13.25 25.58
C ALA B 462 12.20 -12.16 25.08
N LEU B 463 13.32 -12.56 24.47
CA LEU B 463 14.27 -11.59 23.95
C LEU B 463 13.62 -10.80 22.81
N CYS B 464 12.89 -11.50 21.95
CA CYS B 464 12.22 -10.82 20.84
C CYS B 464 11.21 -9.82 21.39
N LEU B 465 10.44 -10.22 22.39
CA LEU B 465 9.42 -9.34 22.98
C LEU B 465 10.01 -8.12 23.69
N ALA B 466 11.16 -8.29 24.32
CA ALA B 466 11.79 -7.15 25.01
C ALA B 466 12.08 -6.10 23.95
N GLN B 467 12.65 -6.55 22.83
CA GLN B 467 12.98 -5.64 21.74
C GLN B 467 11.73 -5.05 21.10
N ALA B 468 10.73 -5.90 20.83
CA ALA B 468 9.49 -5.45 20.21
C ALA B 468 8.80 -4.39 21.04
N ALA B 469 8.78 -4.58 22.36
CA ALA B 469 8.14 -3.64 23.26
C ALA B 469 8.77 -2.25 23.15
N GLU B 470 10.08 -2.22 23.03
CA GLU B 470 10.81 -0.95 22.91
C GLU B 470 10.63 -0.32 21.54
N LEU B 471 10.59 -1.15 20.50
CA LEU B 471 10.40 -0.63 19.15
C LEU B 471 9.01 -0.05 18.99
N ARG B 472 8.02 -0.68 19.63
CA ARG B 472 6.64 -0.24 19.54
C ARG B 472 6.28 0.93 20.46
N CYS B 473 6.75 0.86 21.72
CA CYS B 473 6.42 1.86 22.71
C CYS B 473 7.55 2.79 23.18
N GLY B 474 8.72 2.67 22.57
CA GLY B 474 9.84 3.50 22.97
C GLY B 474 10.54 2.89 24.18
N SER B 475 11.78 3.30 24.42
CA SER B 475 12.55 2.77 25.54
C SER B 475 11.80 2.92 26.87
N GLY B 476 10.93 3.92 26.94
CA GLY B 476 10.17 4.14 28.16
C GLY B 476 8.97 3.22 28.29
N LEU B 477 8.73 2.39 27.27
CA LEU B 477 7.62 1.45 27.30
C LEU B 477 6.29 2.13 27.62
N ASP B 478 6.02 3.24 26.94
CA ASP B 478 4.79 3.98 27.17
C ASP B 478 3.55 3.17 26.82
N GLY B 479 2.62 3.08 27.77
CA GLY B 479 1.38 2.33 27.55
C GLY B 479 1.44 0.89 27.99
N VAL B 480 2.65 0.37 28.14
CA VAL B 480 2.84 -1.03 28.55
C VAL B 480 2.38 -1.23 30.00
N SER B 481 1.75 -2.38 30.25
CA SER B 481 1.24 -2.72 31.57
C SER B 481 2.34 -2.77 32.63
N PRO B 482 1.97 -2.66 33.91
CA PRO B 482 2.94 -2.70 35.00
C PRO B 482 3.72 -4.02 34.99
N ALA B 483 3.00 -5.12 34.79
CA ALA B 483 3.62 -6.44 34.74
C ALA B 483 4.54 -6.53 33.54
N GLY B 484 4.09 -6.00 32.40
CA GLY B 484 4.90 -6.02 31.21
C GLY B 484 6.17 -5.21 31.39
N LYS B 485 6.03 -4.02 31.95
CA LYS B 485 7.19 -3.14 32.20
C LYS B 485 8.21 -3.81 33.12
N LYS B 486 7.73 -4.48 34.16
CA LYS B 486 8.61 -5.13 35.12
C LYS B 486 9.38 -6.29 34.49
N LEU B 487 8.71 -7.03 33.60
CA LEU B 487 9.33 -8.16 32.93
C LEU B 487 10.44 -7.70 31.98
N VAL B 488 10.15 -6.68 31.18
CA VAL B 488 11.15 -6.17 30.24
C VAL B 488 12.32 -5.55 30.99
N GLN B 489 12.02 -4.80 32.04
CA GLN B 489 13.06 -4.15 32.83
C GLN B 489 13.98 -5.18 33.44
N ALA B 490 13.41 -6.27 33.95
CA ALA B 490 14.19 -7.33 34.56
C ALA B 490 15.11 -7.98 33.53
N LEU B 491 14.56 -8.26 32.35
CA LEU B 491 15.37 -8.86 31.28
C LEU B 491 16.52 -7.94 30.89
N ARG B 492 16.21 -6.66 30.74
CA ARG B 492 17.21 -5.67 30.35
C ARG B 492 18.33 -5.49 31.37
N GLU B 493 18.13 -6.00 32.59
CA GLU B 493 19.17 -5.90 33.61
C GLU B 493 20.36 -6.78 33.22
N GLN B 494 20.08 -7.86 32.50
CA GLN B 494 21.13 -8.79 32.09
C GLN B 494 21.32 -8.92 30.58
N PHE B 495 20.27 -8.62 29.82
CA PHE B 495 20.30 -8.72 28.37
C PHE B 495 20.02 -7.37 27.71
N PRO B 496 21.06 -6.77 27.09
CA PRO B 496 20.96 -5.47 26.41
C PRO B 496 20.11 -5.49 25.15
N PRO B 497 19.61 -4.32 24.73
CA PRO B 497 18.79 -4.21 23.52
C PRO B 497 19.66 -4.60 22.34
N LEU B 498 19.04 -5.03 21.25
CA LEU B 498 19.79 -5.41 20.06
C LEU B 498 19.83 -4.18 19.15
N GLU B 499 20.84 -3.33 19.36
CA GLU B 499 20.99 -2.10 18.59
C GLU B 499 21.63 -2.37 17.23
N THR B 500 22.42 -3.43 17.18
CA THR B 500 23.10 -3.86 15.97
C THR B 500 23.24 -5.36 16.15
N ASP B 501 23.31 -6.11 15.03
CA ASP B 501 23.39 -7.56 15.11
C ASP B 501 24.58 -8.09 15.92
N ARG B 502 24.31 -9.10 16.74
CA ARG B 502 25.36 -9.74 17.55
C ARG B 502 24.99 -11.18 17.84
N PRO B 503 25.99 -12.04 18.14
CA PRO B 503 25.72 -13.45 18.44
C PRO B 503 24.76 -13.54 19.63
N LEU B 504 23.69 -14.29 19.48
CA LEU B 504 22.70 -14.41 20.55
C LEU B 504 22.68 -15.76 21.24
N GLY B 505 23.35 -16.74 20.63
CA GLY B 505 23.39 -18.09 21.18
C GLY B 505 23.63 -18.24 22.67
N GLN B 506 24.67 -17.58 23.18
CA GLN B 506 24.97 -17.67 24.61
C GLN B 506 23.91 -17.03 25.47
N GLU B 507 23.37 -15.90 25.03
CA GLU B 507 22.32 -15.23 25.77
C GLU B 507 21.05 -16.09 25.81
N ILE B 508 20.74 -16.70 24.67
CA ILE B 508 19.57 -17.58 24.61
C ILE B 508 19.71 -18.71 25.62
N ALA B 509 20.89 -19.33 25.67
CA ALA B 509 21.12 -20.45 26.59
C ALA B 509 21.11 -20.00 28.04
N ALA B 510 21.64 -18.80 28.31
CA ALA B 510 21.68 -18.28 29.67
C ALA B 510 20.27 -17.95 30.16
N LEU B 511 19.47 -17.34 29.29
CA LEU B 511 18.11 -16.99 29.67
C LEU B 511 17.27 -18.24 29.89
N ALA B 512 17.44 -19.24 29.01
CA ALA B 512 16.68 -20.48 29.15
C ALA B 512 16.89 -21.13 30.51
N THR B 513 18.12 -21.09 31.00
CA THR B 513 18.43 -21.68 32.30
C THR B 513 17.63 -20.96 33.39
N HIS B 514 17.52 -19.65 33.25
CA HIS B 514 16.78 -18.82 34.21
C HIS B 514 15.29 -19.14 34.20
N LEU B 515 14.72 -19.25 33.00
CA LEU B 515 13.29 -19.53 32.85
C LEU B 515 12.86 -20.80 33.54
N LEU B 516 13.73 -21.81 33.51
CA LEU B 516 13.43 -23.11 34.12
C LEU B 516 13.37 -23.07 35.64
N GLN B 517 13.98 -22.05 36.24
CA GLN B 517 14.04 -21.96 37.71
C GLN B 517 13.27 -20.82 38.36
N GLN B 518 12.83 -19.83 37.58
CA GLN B 518 12.12 -18.70 38.14
C GLN B 518 11.04 -18.19 37.22
N SER B 519 9.96 -17.68 37.81
CA SER B 519 8.84 -17.15 37.07
C SER B 519 8.85 -15.63 37.03
N PRO B 520 8.21 -15.03 36.02
CA PRO B 520 8.17 -13.58 35.94
C PRO B 520 7.18 -12.99 36.93
N VAL B 521 7.70 -12.31 37.95
CA VAL B 521 6.85 -11.69 38.97
C VAL B 521 7.47 -10.37 39.41
N LYS C 8 -38.44 -48.10 24.37
CA LYS C 8 -37.09 -47.47 24.27
C LYS C 8 -36.93 -46.35 25.29
N PRO C 9 -35.89 -46.42 26.13
CA PRO C 9 -35.61 -45.41 27.15
C PRO C 9 -35.46 -44.02 26.55
N ALA C 10 -35.65 -42.99 27.36
CA ALA C 10 -35.51 -41.62 26.88
C ALA C 10 -34.51 -40.85 27.73
N VAL C 11 -33.67 -40.05 27.07
CA VAL C 11 -32.69 -39.23 27.77
C VAL C 11 -33.20 -37.80 27.67
N GLU C 12 -33.50 -37.20 28.82
CA GLU C 12 -33.99 -35.82 28.83
C GLU C 12 -32.81 -34.88 28.97
N LEU C 13 -32.56 -34.10 27.92
CA LEU C 13 -31.46 -33.16 27.91
C LEU C 13 -31.84 -31.77 28.41
N ASP C 14 -31.21 -31.34 29.48
CA ASP C 14 -31.45 -30.01 30.04
C ASP C 14 -30.12 -29.28 29.89
N ARG C 15 -29.23 -29.47 30.87
CA ARG C 15 -27.92 -28.84 30.85
C ARG C 15 -26.77 -29.84 30.75
N HIS C 16 -26.85 -30.91 31.54
CA HIS C 16 -25.79 -31.91 31.57
C HIS C 16 -26.22 -33.31 31.17
N ILE C 17 -25.34 -34.01 30.46
CA ILE C 17 -25.58 -35.38 30.05
C ILE C 17 -24.26 -36.11 30.26
N ASP C 18 -24.31 -37.33 30.80
CA ASP C 18 -23.07 -38.06 31.02
C ASP C 18 -22.68 -38.90 29.81
N LEU C 19 -21.45 -39.40 29.80
CA LEU C 19 -20.96 -40.18 28.67
C LEU C 19 -21.83 -41.38 28.30
N ASP C 20 -22.39 -42.05 29.29
CA ASP C 20 -23.24 -43.21 29.01
C ASP C 20 -24.53 -42.80 28.32
N GLN C 21 -25.17 -41.75 28.83
CA GLN C 21 -26.39 -41.25 28.23
C GLN C 21 -26.12 -40.82 26.79
N ALA C 22 -24.98 -40.16 26.57
CA ALA C 22 -24.62 -39.69 25.23
C ALA C 22 -24.49 -40.85 24.27
N HIS C 23 -23.77 -41.89 24.68
CA HIS C 23 -23.61 -43.05 23.81
C HIS C 23 -24.94 -43.77 23.56
N ALA C 24 -25.79 -43.83 24.57
CA ALA C 24 -27.09 -44.47 24.44
C ALA C 24 -27.88 -43.81 23.31
N VAL C 25 -27.89 -42.48 23.30
CA VAL C 25 -28.60 -41.75 22.26
C VAL C 25 -27.89 -41.92 20.91
N ALA C 26 -26.57 -41.75 20.90
CA ALA C 26 -25.80 -41.89 19.67
C ALA C 26 -25.95 -43.27 19.04
N SER C 27 -26.02 -44.31 19.87
CA SER C 27 -26.14 -45.68 19.39
C SER C 27 -27.58 -46.12 19.11
N GLY C 28 -28.53 -45.23 19.31
CA GLY C 28 -29.92 -45.55 19.06
C GLY C 28 -30.61 -46.33 20.17
N GLY C 29 -29.91 -46.53 21.29
CA GLY C 29 -30.50 -47.27 22.40
C GLY C 29 -31.48 -46.46 23.20
N ALA C 30 -31.47 -45.14 23.02
CA ALA C 30 -32.38 -44.26 23.74
C ALA C 30 -32.83 -43.11 22.87
N ARG C 31 -34.05 -42.63 23.11
CA ARG C 31 -34.58 -41.50 22.37
C ARG C 31 -34.03 -40.29 23.08
N ILE C 32 -34.17 -39.11 22.47
CA ILE C 32 -33.71 -37.90 23.12
C ILE C 32 -34.81 -36.86 23.12
N VAL C 33 -34.94 -36.18 24.24
CA VAL C 33 -35.94 -35.15 24.41
C VAL C 33 -35.28 -33.94 25.04
N LEU C 34 -35.65 -32.75 24.59
CA LEU C 34 -35.09 -31.53 25.14
C LEU C 34 -36.01 -31.09 26.28
N ALA C 35 -35.46 -30.98 27.49
CA ALA C 35 -36.25 -30.59 28.64
C ALA C 35 -36.79 -29.16 28.47
N PRO C 36 -37.93 -28.86 29.11
CA PRO C 36 -38.55 -27.54 29.02
C PRO C 36 -37.60 -26.39 29.33
N PRO C 37 -36.80 -26.51 30.41
CA PRO C 37 -35.86 -25.44 30.75
C PRO C 37 -34.89 -25.16 29.61
N ALA C 38 -34.46 -26.21 28.91
CA ALA C 38 -33.54 -26.05 27.79
C ALA C 38 -34.25 -25.40 26.61
N ARG C 39 -35.48 -25.81 26.34
CA ARG C 39 -36.24 -25.22 25.25
C ARG C 39 -36.41 -23.73 25.52
N ASP C 40 -36.65 -23.38 26.79
CA ASP C 40 -36.84 -21.99 27.17
C ASP C 40 -35.55 -21.18 27.00
N ARG C 41 -34.43 -21.74 27.44
CA ARG C 41 -33.16 -21.03 27.30
C ARG C 41 -32.81 -20.83 25.84
N CYS C 42 -33.14 -21.82 25.02
CA CYS C 42 -32.83 -21.72 23.59
C CYS C 42 -33.73 -20.69 22.92
N ARG C 43 -35.00 -20.65 23.32
CA ARG C 43 -35.90 -19.65 22.73
C ARG C 43 -35.36 -18.26 23.10
N ALA C 44 -34.87 -18.11 24.32
CA ALA C 44 -34.32 -16.83 24.75
C ALA C 44 -33.10 -16.45 23.91
N SER C 45 -32.28 -17.45 23.58
CA SER C 45 -31.08 -17.21 22.79
C SER C 45 -31.45 -16.87 21.35
N GLU C 46 -32.52 -17.50 20.85
CA GLU C 46 -32.99 -17.25 19.49
C GLU C 46 -33.41 -15.78 19.39
N ALA C 47 -34.06 -15.29 20.45
CA ALA C 47 -34.51 -13.91 20.50
C ALA C 47 -33.32 -12.95 20.53
N ARG C 48 -32.28 -13.33 21.26
CA ARG C 48 -31.08 -12.50 21.35
C ARG C 48 -30.39 -12.38 19.99
N LEU C 49 -30.35 -13.47 19.23
CA LEU C 49 -29.73 -13.44 17.92
C LEU C 49 -30.55 -12.51 17.02
N GLY C 50 -31.88 -12.59 17.17
CA GLY C 50 -32.77 -11.75 16.40
C GLY C 50 -32.48 -10.28 16.67
N ALA C 51 -32.28 -9.95 17.94
CA ALA C 51 -31.99 -8.57 18.32
C ALA C 51 -30.61 -8.13 17.82
N VAL C 52 -29.65 -9.05 17.85
CA VAL C 52 -28.31 -8.73 17.38
C VAL C 52 -28.34 -8.38 15.89
N ILE C 53 -29.16 -9.12 15.15
CA ILE C 53 -29.30 -8.89 13.72
C ILE C 53 -30.02 -7.56 13.48
N ARG C 54 -31.12 -7.33 14.19
CA ARG C 54 -31.87 -6.10 14.04
C ARG C 54 -31.02 -4.86 14.35
N GLU C 55 -30.16 -4.97 15.36
CA GLU C 55 -29.31 -3.87 15.78
C GLU C 55 -28.06 -3.71 14.92
N ALA C 56 -27.87 -4.62 13.98
CA ALA C 56 -26.73 -4.57 13.07
C ALA C 56 -25.40 -4.59 13.82
N ARG C 57 -25.35 -5.33 14.92
CA ARG C 57 -24.13 -5.46 15.70
C ARG C 57 -23.05 -6.11 14.85
N HIS C 58 -21.81 -5.70 15.06
CA HIS C 58 -20.68 -6.26 14.33
C HIS C 58 -20.42 -7.67 14.87
N VAL C 59 -20.87 -8.68 14.15
CA VAL C 59 -20.69 -10.05 14.59
C VAL C 59 -20.25 -10.98 13.46
N TYR C 60 -19.20 -11.75 13.74
CA TYR C 60 -18.63 -12.71 12.80
C TYR C 60 -19.71 -13.64 12.24
N GLY C 61 -19.80 -13.73 10.91
CA GLY C 61 -20.79 -14.61 10.32
C GLY C 61 -22.16 -14.01 10.09
N LEU C 62 -22.43 -12.89 10.75
CA LEU C 62 -23.72 -12.20 10.61
C LEU C 62 -23.49 -10.91 9.83
N THR C 63 -22.32 -10.30 10.00
CA THR C 63 -22.00 -9.07 9.28
C THR C 63 -20.56 -9.06 8.77
N THR C 64 -19.96 -10.24 8.66
CA THR C 64 -18.58 -10.34 8.20
C THR C 64 -18.34 -11.61 7.40
N GLY C 65 -17.24 -11.63 6.65
CA GLY C 65 -16.87 -12.80 5.89
C GLY C 65 -16.28 -13.78 6.90
N PHE C 66 -15.59 -14.81 6.42
CA PHE C 66 -15.03 -15.82 7.32
C PHE C 66 -13.51 -15.89 7.31
N GLY C 67 -12.94 -16.37 8.42
CA GLY C 67 -11.50 -16.46 8.52
C GLY C 67 -10.89 -15.09 8.32
N PRO C 68 -9.76 -14.99 7.60
CA PRO C 68 -9.10 -13.70 7.34
C PRO C 68 -9.99 -12.78 6.52
N LEU C 69 -11.05 -13.34 5.95
CA LEU C 69 -11.96 -12.54 5.12
C LEU C 69 -13.00 -11.83 5.99
N ALA C 70 -12.86 -11.96 7.31
CA ALA C 70 -13.78 -11.32 8.23
C ALA C 70 -13.64 -9.80 8.18
N ASN C 71 -12.60 -9.31 7.52
CA ASN C 71 -12.40 -7.86 7.42
C ASN C 71 -13.34 -7.26 6.36
N ARG C 72 -14.02 -8.14 5.62
CA ARG C 72 -14.98 -7.71 4.61
C ARG C 72 -16.35 -7.69 5.29
N LEU C 73 -16.88 -6.51 5.57
CA LEU C 73 -18.18 -6.41 6.23
C LEU C 73 -19.31 -6.69 5.23
N ILE C 74 -20.36 -7.34 5.71
CA ILE C 74 -21.48 -7.74 4.88
C ILE C 74 -22.82 -7.09 5.22
N SER C 75 -23.53 -6.65 4.18
CA SER C 75 -24.82 -6.01 4.37
C SER C 75 -25.87 -7.07 4.67
N GLY C 76 -26.81 -6.73 5.55
CA GLY C 76 -27.85 -7.65 5.94
C GLY C 76 -28.59 -8.38 4.83
N GLU C 77 -28.82 -7.72 3.71
CA GLU C 77 -29.53 -8.36 2.60
C GLU C 77 -28.79 -9.56 2.00
N ASN C 78 -27.48 -9.64 2.24
CA ASN C 78 -26.68 -10.71 1.67
C ASN C 78 -26.30 -11.84 2.63
N VAL C 79 -26.81 -11.80 3.85
CA VAL C 79 -26.46 -12.81 4.84
C VAL C 79 -26.89 -14.24 4.47
N ARG C 80 -28.03 -14.39 3.82
CA ARG C 80 -28.47 -15.73 3.42
C ARG C 80 -27.43 -16.35 2.50
N THR C 81 -27.01 -15.58 1.49
CA THR C 81 -26.01 -16.05 0.56
C THR C 81 -24.71 -16.31 1.33
N LEU C 82 -24.37 -15.39 2.21
CA LEU C 82 -23.15 -15.50 3.01
C LEU C 82 -23.09 -16.86 3.71
N GLN C 83 -24.11 -17.17 4.50
CA GLN C 83 -24.13 -18.43 5.23
C GLN C 83 -24.29 -19.65 4.34
N ALA C 84 -24.95 -19.50 3.19
CA ALA C 84 -25.11 -20.62 2.27
C ALA C 84 -23.73 -20.99 1.73
N ASN C 85 -22.95 -19.98 1.37
CA ASN C 85 -21.61 -20.23 0.83
C ASN C 85 -20.64 -20.70 1.90
N LEU C 86 -20.90 -20.36 3.16
CA LEU C 86 -20.04 -20.83 4.24
C LEU C 86 -20.08 -22.36 4.17
N VAL C 87 -21.30 -22.89 4.19
CA VAL C 87 -21.50 -24.34 4.12
C VAL C 87 -20.86 -24.90 2.85
N HIS C 88 -21.04 -24.20 1.74
CA HIS C 88 -20.46 -24.62 0.47
C HIS C 88 -18.94 -24.77 0.47
N HIS C 89 -18.22 -23.70 0.80
CA HIS C 89 -16.77 -23.78 0.76
C HIS C 89 -16.16 -24.74 1.76
N LEU C 90 -16.88 -24.98 2.86
CA LEU C 90 -16.39 -25.89 3.90
C LEU C 90 -16.55 -27.37 3.55
N ALA C 91 -17.44 -27.68 2.62
CA ALA C 91 -17.69 -29.07 2.25
C ALA C 91 -16.63 -29.66 1.33
N SER C 92 -15.39 -29.64 1.79
CA SER C 92 -14.26 -30.16 1.02
C SER C 92 -13.71 -31.44 1.67
N GLY C 93 -14.50 -32.05 2.55
CA GLY C 93 -14.03 -33.25 3.22
C GLY C 93 -13.88 -34.45 2.31
N VAL C 94 -12.96 -35.34 2.68
CA VAL C 94 -12.70 -36.55 1.90
C VAL C 94 -12.47 -37.73 2.85
N GLY C 95 -12.31 -38.92 2.28
CA GLY C 95 -12.05 -40.10 3.09
C GLY C 95 -13.31 -40.88 3.46
N PRO C 96 -13.15 -42.05 4.09
CA PRO C 96 -14.30 -42.87 4.49
C PRO C 96 -15.21 -42.06 5.41
N VAL C 97 -16.51 -42.29 5.32
CA VAL C 97 -17.46 -41.57 6.16
C VAL C 97 -17.35 -42.06 7.61
N LEU C 98 -17.71 -41.21 8.56
CA LEU C 98 -17.68 -41.61 9.95
C LEU C 98 -18.73 -42.70 10.06
N ASP C 99 -18.55 -43.64 10.98
CA ASP C 99 -19.55 -44.71 11.11
C ASP C 99 -20.84 -44.13 11.68
N TRP C 100 -21.93 -44.90 11.53
CA TRP C 100 -23.26 -44.50 11.97
C TRP C 100 -23.33 -43.93 13.39
N THR C 101 -22.79 -44.66 14.36
CA THR C 101 -22.82 -44.22 15.75
C THR C 101 -22.05 -42.93 15.99
N THR C 102 -20.84 -42.86 15.44
CA THR C 102 -20.00 -41.70 15.61
C THR C 102 -20.58 -40.45 14.97
N ALA C 103 -21.09 -40.56 13.75
CA ALA C 103 -21.68 -39.42 13.06
C ALA C 103 -22.85 -38.86 13.87
N ARG C 104 -23.65 -39.75 14.46
CA ARG C 104 -24.77 -39.32 15.27
C ARG C 104 -24.23 -38.71 16.55
N ALA C 105 -23.12 -39.26 17.06
CA ALA C 105 -22.51 -38.71 18.27
C ALA C 105 -22.09 -37.26 18.01
N MET C 106 -21.67 -36.97 16.78
CA MET C 106 -21.27 -35.62 16.41
C MET C 106 -22.49 -34.70 16.41
N VAL C 107 -23.60 -35.18 15.85
CA VAL C 107 -24.84 -34.41 15.82
C VAL C 107 -25.25 -34.10 17.25
N LEU C 108 -25.17 -35.10 18.11
CA LEU C 108 -25.52 -34.94 19.53
C LEU C 108 -24.63 -33.90 20.23
N ALA C 109 -23.32 -33.94 19.96
CA ALA C 109 -22.39 -33.01 20.57
C ALA C 109 -22.76 -31.55 20.26
N ARG C 110 -23.14 -31.29 19.02
CA ARG C 110 -23.51 -29.94 18.61
C ARG C 110 -24.80 -29.54 19.33
N LEU C 111 -25.73 -30.48 19.46
CA LEU C 111 -26.99 -30.20 20.12
C LEU C 111 -26.79 -29.88 21.61
N VAL C 112 -25.96 -30.66 22.29
CA VAL C 112 -25.72 -30.42 23.70
C VAL C 112 -25.14 -29.02 23.91
N SER C 113 -24.27 -28.60 23.00
CA SER C 113 -23.67 -27.29 23.08
C SER C 113 -24.77 -26.24 22.91
N ILE C 114 -25.61 -26.43 21.90
CA ILE C 114 -26.71 -25.50 21.62
C ILE C 114 -27.70 -25.41 22.79
N ALA C 115 -27.93 -26.56 23.43
CA ALA C 115 -28.86 -26.64 24.55
C ALA C 115 -28.51 -25.74 25.73
N GLN C 116 -27.25 -25.29 25.79
CA GLN C 116 -26.83 -24.43 26.88
C GLN C 116 -27.45 -23.04 26.75
N GLY C 117 -27.94 -22.72 25.56
CA GLY C 117 -28.61 -21.44 25.35
C GLY C 117 -27.76 -20.23 25.04
N ALA C 118 -26.68 -20.42 24.29
CA ALA C 118 -25.80 -19.31 23.93
C ALA C 118 -25.44 -19.31 22.44
N SER C 119 -26.11 -20.14 21.65
CA SER C 119 -25.82 -20.24 20.21
C SER C 119 -26.79 -19.53 19.28
N GLY C 120 -27.99 -19.20 19.77
CA GLY C 120 -28.97 -18.51 18.94
C GLY C 120 -29.77 -19.41 18.00
N ALA C 121 -29.55 -20.72 18.07
CA ALA C 121 -30.25 -21.67 17.21
C ALA C 121 -31.77 -21.55 17.30
N SER C 122 -32.44 -21.60 16.16
CA SER C 122 -33.90 -21.50 16.11
C SER C 122 -34.52 -22.84 16.52
N GLU C 123 -35.80 -22.80 16.90
CA GLU C 123 -36.49 -24.02 17.31
C GLU C 123 -36.46 -25.06 16.20
N GLY C 124 -36.63 -24.61 14.96
CA GLY C 124 -36.59 -25.53 13.82
C GLY C 124 -35.25 -26.22 13.65
N THR C 125 -34.16 -25.47 13.84
CA THR C 125 -32.82 -26.04 13.70
C THR C 125 -32.60 -27.10 14.76
N ILE C 126 -33.04 -26.81 15.98
CA ILE C 126 -32.90 -27.74 17.08
C ILE C 126 -33.70 -29.01 16.80
N ALA C 127 -34.92 -28.83 16.29
CA ALA C 127 -35.80 -29.97 15.99
C ALA C 127 -35.17 -30.89 14.94
N ARG C 128 -34.46 -30.31 13.99
CA ARG C 128 -33.82 -31.10 12.95
C ARG C 128 -32.76 -32.01 13.56
N LEU C 129 -32.05 -31.50 14.57
CA LEU C 129 -31.02 -32.32 15.21
C LEU C 129 -31.67 -33.41 16.05
N ILE C 130 -32.72 -33.06 16.77
CA ILE C 130 -33.44 -34.02 17.61
C ILE C 130 -34.08 -35.11 16.76
N ASP C 131 -34.67 -34.72 15.63
CA ASP C 131 -35.31 -35.69 14.73
C ASP C 131 -34.29 -36.69 14.21
N LEU C 132 -33.13 -36.19 13.77
CA LEU C 132 -32.09 -37.07 13.28
C LEU C 132 -31.75 -38.12 14.35
N LEU C 133 -31.45 -37.66 15.56
CA LEU C 133 -31.09 -38.56 16.66
C LEU C 133 -32.19 -39.56 17.03
N ASN C 134 -33.45 -39.19 16.84
CA ASN C 134 -34.53 -40.11 17.16
C ASN C 134 -34.86 -41.05 16.01
N SER C 135 -34.28 -40.78 14.84
CA SER C 135 -34.50 -41.62 13.67
C SER C 135 -33.46 -42.72 13.74
N GLU C 136 -33.47 -43.61 12.74
CA GLU C 136 -32.50 -44.70 12.68
C GLU C 136 -31.43 -44.34 11.67
N LEU C 137 -31.32 -43.06 11.35
CA LEU C 137 -30.32 -42.63 10.38
C LEU C 137 -29.20 -41.77 10.97
N ALA C 138 -28.16 -41.61 10.17
CA ALA C 138 -27.01 -40.79 10.54
C ALA C 138 -26.57 -40.10 9.27
N PRO C 139 -26.05 -38.87 9.38
CA PRO C 139 -25.61 -38.21 8.14
C PRO C 139 -24.32 -38.89 7.66
N ALA C 140 -24.11 -38.93 6.36
CA ALA C 140 -22.90 -39.52 5.79
C ALA C 140 -21.90 -38.37 5.69
N VAL C 141 -20.90 -38.39 6.57
CA VAL C 141 -19.90 -37.33 6.59
C VAL C 141 -18.49 -37.86 6.45
N PRO C 142 -17.70 -37.28 5.52
CA PRO C 142 -16.32 -37.72 5.31
C PRO C 142 -15.52 -37.53 6.59
N SER C 143 -14.63 -38.46 6.88
CA SER C 143 -13.85 -38.40 8.12
C SER C 143 -12.65 -37.44 8.11
N ARG C 144 -12.16 -37.08 6.93
CA ARG C 144 -11.00 -36.18 6.86
C ARG C 144 -11.28 -34.79 6.32
N GLY C 145 -10.44 -33.83 6.70
CA GLY C 145 -10.60 -32.48 6.22
C GLY C 145 -10.51 -31.36 7.23
N THR C 146 -10.69 -31.69 8.51
CA THR C 146 -10.63 -30.69 9.56
C THR C 146 -9.33 -30.70 10.36
N VAL C 147 -8.90 -29.52 10.81
CA VAL C 147 -7.69 -29.42 11.63
C VAL C 147 -8.10 -29.21 13.10
N GLY C 148 -9.38 -29.43 13.38
CA GLY C 148 -9.90 -29.30 14.74
C GLY C 148 -9.87 -27.91 15.33
N ASP C 150 -14.38 -28.19 14.09
CA ASP C 150 -14.77 -29.20 13.10
C ASP C 150 -15.74 -28.70 12.04
N LEU C 151 -15.39 -27.58 11.40
CA LEU C 151 -16.24 -26.98 10.39
C LEU C 151 -16.54 -27.85 9.16
N THR C 152 -15.54 -28.53 8.62
CA THR C 152 -15.78 -29.36 7.44
C THR C 152 -16.78 -30.49 7.67
N PRO C 153 -16.57 -31.34 8.70
CA PRO C 153 -17.57 -32.40 8.87
C PRO C 153 -18.97 -31.86 9.18
N LEU C 154 -19.04 -30.78 9.94
CA LEU C 154 -20.33 -30.19 10.30
C LEU C 154 -21.02 -29.60 9.06
N ALA C 155 -20.24 -29.04 8.14
CA ALA C 155 -20.80 -28.46 6.92
C ALA C 155 -21.45 -29.59 6.13
N HIS C 156 -20.76 -30.73 6.07
CA HIS C 156 -21.26 -31.90 5.36
C HIS C 156 -22.56 -32.35 6.02
N MET C 157 -22.59 -32.27 7.35
CA MET C 157 -23.79 -32.66 8.10
C MET C 157 -24.94 -31.76 7.68
N VAL C 158 -24.68 -30.46 7.63
CA VAL C 158 -25.71 -29.50 7.24
C VAL C 158 -26.29 -29.86 5.88
N LEU C 159 -25.41 -30.11 4.90
CA LEU C 159 -25.86 -30.47 3.56
C LEU C 159 -26.74 -31.73 3.61
N CYS C 160 -26.34 -32.70 4.42
CA CYS C 160 -27.12 -33.94 4.54
C CYS C 160 -28.51 -33.61 5.07
N LEU C 161 -28.57 -32.82 6.15
CA LEU C 161 -29.83 -32.44 6.77
C LEU C 161 -30.74 -31.59 5.86
N GLN C 162 -30.17 -31.07 4.78
CA GLN C 162 -30.95 -30.27 3.84
C GLN C 162 -31.36 -31.18 2.68
N GLY C 163 -30.94 -32.44 2.76
CA GLY C 163 -31.26 -33.39 1.71
C GLY C 163 -30.31 -33.28 0.53
N ARG C 164 -29.17 -32.64 0.75
CA ARG C 164 -28.17 -32.45 -0.30
C ARG C 164 -26.92 -33.32 -0.07
N GLY C 165 -27.06 -34.33 0.79
CA GLY C 165 -25.97 -35.24 1.09
C GLY C 165 -26.53 -36.58 1.51
N ASP C 166 -25.73 -37.63 1.45
CA ASP C 166 -26.20 -38.96 1.81
C ASP C 166 -26.42 -39.19 3.30
N PHE C 167 -27.13 -40.28 3.61
CA PHE C 167 -27.41 -40.68 4.97
C PHE C 167 -26.95 -42.13 5.08
N LEU C 168 -26.81 -42.62 6.31
CA LEU C 168 -26.42 -44.01 6.53
C LEU C 168 -27.49 -44.65 7.38
N ASP C 169 -27.80 -45.91 7.10
CA ASP C 169 -28.78 -46.63 7.92
C ASP C 169 -27.88 -47.33 8.93
N ARG C 170 -28.47 -47.94 9.96
CA ARG C 170 -27.66 -48.62 10.98
C ARG C 170 -26.56 -49.54 10.44
N ASP C 171 -26.84 -50.20 9.32
CA ASP C 171 -25.89 -51.12 8.70
C ASP C 171 -24.78 -50.45 7.92
N GLY C 172 -24.90 -49.14 7.72
CA GLY C 172 -23.89 -48.41 6.97
C GLY C 172 -24.25 -48.26 5.51
N THR C 173 -25.37 -48.86 5.10
CA THR C 173 -25.83 -48.75 3.72
C THR C 173 -26.20 -47.30 3.47
N ARG C 174 -25.74 -46.74 2.37
CA ARG C 174 -26.00 -45.35 2.06
C ARG C 174 -27.29 -45.08 1.31
N LEU C 175 -27.93 -43.97 1.67
CA LEU C 175 -29.17 -43.53 1.06
C LEU C 175 -28.92 -42.11 0.55
N ASP C 176 -29.51 -41.74 -0.59
CA ASP C 176 -29.30 -40.39 -1.07
C ASP C 176 -30.06 -39.42 -0.18
N GLY C 177 -29.78 -38.13 -0.34
CA GLY C 177 -30.44 -37.11 0.49
C GLY C 177 -31.95 -37.19 0.54
N ALA C 178 -32.58 -37.22 -0.63
CA ALA C 178 -34.04 -37.28 -0.70
C ALA C 178 -34.63 -38.50 0.00
N GLU C 179 -34.02 -39.66 -0.22
CA GLU C 179 -34.46 -40.91 0.39
C GLU C 179 -34.28 -40.85 1.91
N GLY C 180 -33.17 -40.24 2.34
CA GLY C 180 -32.91 -40.12 3.76
C GLY C 180 -33.98 -39.33 4.47
N LEU C 181 -34.37 -38.19 3.89
CA LEU C 181 -35.40 -37.36 4.50
C LEU C 181 -36.74 -38.12 4.56
N ARG C 182 -37.05 -38.83 3.48
CA ARG C 182 -38.29 -39.61 3.42
C ARG C 182 -38.30 -40.78 4.40
N ARG C 183 -37.27 -41.62 4.33
CA ARG C 183 -37.21 -42.78 5.20
C ARG C 183 -37.12 -42.42 6.67
N GLY C 184 -36.35 -41.39 7.00
CA GLY C 184 -36.20 -40.99 8.38
C GLY C 184 -37.31 -40.08 8.88
N ARG C 185 -38.17 -39.63 7.96
CA ARG C 185 -39.25 -38.72 8.30
C ARG C 185 -38.63 -37.46 8.90
N LEU C 186 -37.72 -36.86 8.12
CA LEU C 186 -37.01 -35.67 8.52
C LEU C 186 -37.37 -34.51 7.61
N GLN C 187 -37.54 -33.33 8.19
CA GLN C 187 -37.85 -32.15 7.40
C GLN C 187 -36.54 -31.50 6.97
N PRO C 188 -36.49 -30.92 5.77
CA PRO C 188 -35.25 -30.28 5.32
C PRO C 188 -34.85 -29.10 6.21
N LEU C 189 -33.58 -29.07 6.60
CA LEU C 189 -33.07 -28.00 7.45
C LEU C 189 -33.23 -26.64 6.77
N ASP C 190 -33.86 -25.69 7.46
CA ASP C 190 -34.09 -24.35 6.94
C ASP C 190 -33.31 -23.33 7.78
N LEU C 191 -32.35 -22.65 7.16
CA LEU C 191 -31.52 -21.70 7.89
C LEU C 191 -31.89 -20.24 7.67
N SER C 192 -33.16 -19.98 7.40
CA SER C 192 -33.64 -18.63 7.16
C SER C 192 -33.45 -17.69 8.36
N HIS C 193 -33.32 -18.23 9.57
CA HIS C 193 -33.12 -17.40 10.75
C HIS C 193 -31.67 -16.90 10.91
N ARG C 194 -30.82 -17.28 9.94
CA ARG C 194 -29.41 -16.90 9.94
C ARG C 194 -28.63 -17.52 11.11
N ASP C 195 -29.05 -18.72 11.51
CA ASP C 195 -28.42 -19.43 12.62
C ASP C 195 -27.50 -20.56 12.12
N ALA C 196 -26.92 -20.38 10.95
CA ALA C 196 -26.03 -21.38 10.39
C ALA C 196 -24.80 -21.62 11.27
N LEU C 197 -24.32 -20.58 11.92
CA LEU C 197 -23.13 -20.75 12.77
C LEU C 197 -23.40 -21.60 14.00
N ALA C 198 -24.66 -21.85 14.30
CA ALA C 198 -24.98 -22.69 15.45
C ALA C 198 -24.73 -24.16 15.09
N LEU C 199 -24.72 -24.46 13.79
CA LEU C 199 -24.50 -25.83 13.33
C LEU C 199 -23.08 -26.11 12.84
N VAL C 200 -22.43 -25.09 12.29
CA VAL C 200 -21.07 -25.19 11.77
C VAL C 200 -20.19 -24.48 12.79
N ASN C 201 -19.85 -25.19 13.85
CA ASN C 201 -19.05 -24.59 14.92
C ASN C 201 -18.60 -25.63 15.93
N GLY C 202 -17.70 -25.22 16.80
CA GLY C 202 -17.24 -26.10 17.86
C GLY C 202 -16.42 -27.32 17.54
N THR C 203 -16.35 -28.20 18.53
CA THR C 203 -15.58 -29.43 18.48
C THR C 203 -16.45 -30.68 18.41
N SER C 204 -17.63 -30.55 17.83
CA SER C 204 -18.60 -31.64 17.73
C SER C 204 -18.09 -32.98 17.19
N ALA C 205 -17.32 -32.94 16.12
CA ALA C 205 -16.82 -34.18 15.52
C ALA C 205 -15.82 -34.91 16.41
N MET C 206 -14.77 -34.23 16.86
CA MET C 206 -13.80 -34.91 17.70
C MET C 206 -14.44 -35.36 19.01
N THR C 207 -15.40 -34.59 19.50
CA THR C 207 -16.09 -34.93 20.74
C THR C 207 -16.94 -36.18 20.54
N GLY C 208 -17.64 -36.26 19.41
CA GLY C 208 -18.47 -37.43 19.13
C GLY C 208 -17.62 -38.68 18.95
N ILE C 209 -16.48 -38.55 18.26
CA ILE C 209 -15.58 -39.68 18.05
C ILE C 209 -15.04 -40.12 19.41
N ALA C 210 -14.67 -39.14 20.23
CA ALA C 210 -14.11 -39.41 21.55
C ALA C 210 -15.08 -40.09 22.52
N LEU C 211 -16.36 -39.71 22.50
CA LEU C 211 -17.29 -40.35 23.43
C LEU C 211 -17.54 -41.80 23.01
N VAL C 212 -17.39 -42.09 21.72
CA VAL C 212 -17.56 -43.46 21.26
C VAL C 212 -16.31 -44.22 21.67
N ASN C 213 -15.15 -43.57 21.63
CA ASN C 213 -13.90 -44.22 22.06
C ASN C 213 -14.01 -44.54 23.55
N ALA C 214 -14.55 -43.60 24.32
CA ALA C 214 -14.70 -43.78 25.76
C ALA C 214 -15.55 -45.00 26.13
N HIS C 215 -16.66 -45.18 25.43
CA HIS C 215 -17.55 -46.31 25.67
C HIS C 215 -16.88 -47.62 25.29
N ALA C 216 -16.19 -47.63 24.16
CA ALA C 216 -15.51 -48.84 23.69
C ALA C 216 -14.41 -49.24 24.66
N CYS C 217 -13.67 -48.26 25.18
CA CYS C 217 -12.60 -48.55 26.11
C CYS C 217 -13.08 -49.13 27.44
N ARG C 218 -14.27 -48.75 27.87
CA ARG C 218 -14.81 -49.28 29.12
C ARG C 218 -15.04 -50.78 28.93
N HIS C 219 -15.63 -51.16 27.80
CA HIS C 219 -15.90 -52.56 27.52
C HIS C 219 -14.61 -53.37 27.34
N LEU C 220 -13.70 -52.85 26.53
CA LEU C 220 -12.45 -53.56 26.31
C LEU C 220 -11.66 -53.70 27.61
N GLY C 221 -11.74 -52.67 28.45
CA GLY C 221 -11.05 -52.72 29.73
C GLY C 221 -11.63 -53.83 30.59
N ASN C 222 -12.94 -54.06 30.46
CA ASN C 222 -13.58 -55.13 31.24
C ASN C 222 -13.10 -56.48 30.73
N TRP C 223 -12.88 -56.58 29.42
CA TRP C 223 -12.41 -57.83 28.84
C TRP C 223 -10.95 -58.05 29.22
N ALA C 224 -10.16 -56.98 29.19
CA ALA C 224 -8.75 -57.06 29.55
C ALA C 224 -8.59 -57.66 30.94
N VAL C 225 -9.45 -57.23 31.86
CA VAL C 225 -9.45 -57.72 33.23
C VAL C 225 -9.91 -59.18 33.28
N ALA C 226 -11.07 -59.46 32.70
CA ALA C 226 -11.61 -60.80 32.67
C ALA C 226 -10.69 -61.84 32.05
N LEU C 227 -9.98 -61.45 31.00
CA LEU C 227 -9.06 -62.38 30.32
C LEU C 227 -7.78 -62.56 31.12
N THR C 228 -7.34 -61.51 31.81
CA THR C 228 -6.15 -61.60 32.63
C THR C 228 -6.46 -62.58 33.76
N ALA C 229 -7.70 -62.53 34.24
CA ALA C 229 -8.15 -63.41 35.31
C ALA C 229 -8.18 -64.86 34.83
N LEU C 230 -8.80 -65.08 33.68
CA LEU C 230 -8.89 -66.42 33.12
C LEU C 230 -7.50 -66.95 32.78
N LEU C 231 -6.59 -66.05 32.42
CA LEU C 231 -5.22 -66.46 32.11
C LEU C 231 -4.61 -67.06 33.38
N ALA C 232 -4.84 -66.39 34.50
CA ALA C 232 -4.33 -66.88 35.79
C ALA C 232 -4.89 -68.27 36.08
N GLU C 233 -6.14 -68.50 35.71
CA GLU C 233 -6.76 -69.80 35.94
C GLU C 233 -6.19 -70.88 35.03
N CYS C 234 -5.65 -70.47 33.89
CA CYS C 234 -5.08 -71.43 32.95
C CYS C 234 -3.59 -71.68 33.21
N LEU C 235 -2.95 -70.75 33.91
CA LEU C 235 -1.52 -70.87 34.20
C LEU C 235 -1.15 -70.92 35.67
N ARG C 236 -2.09 -71.35 36.52
CA ARG C 236 -1.84 -71.41 37.95
C ARG C 236 -1.23 -70.11 38.48
N GLY C 237 -1.84 -68.99 38.09
CA GLY C 237 -1.34 -67.70 38.53
C GLY C 237 -1.48 -67.48 40.02
N ARG C 238 -0.58 -66.68 40.59
CA ARG C 238 -0.58 -66.40 42.03
C ARG C 238 -1.42 -65.16 42.33
N THR C 239 -2.45 -65.31 43.16
CA THR C 239 -3.31 -64.18 43.49
C THR C 239 -2.76 -63.20 44.52
N GLU C 240 -1.70 -63.57 45.23
CA GLU C 240 -1.18 -62.63 46.22
C GLU C 240 -0.70 -61.33 45.60
N ALA C 241 -0.32 -61.38 44.32
CA ALA C 241 0.13 -60.18 43.62
C ALA C 241 -1.03 -59.19 43.44
N TRP C 242 -2.25 -59.71 43.51
CA TRP C 242 -3.44 -58.88 43.34
C TRP C 242 -4.10 -58.50 44.66
N ALA C 243 -3.38 -58.69 45.75
CA ALA C 243 -3.89 -58.40 47.08
C ALA C 243 -4.22 -56.91 47.29
N ALA C 244 -5.29 -56.64 48.02
CA ALA C 244 -5.71 -55.27 48.28
C ALA C 244 -4.64 -54.50 49.05
N ALA C 245 -3.91 -55.19 49.92
CA ALA C 245 -2.87 -54.56 50.71
C ALA C 245 -1.82 -53.87 49.83
N LEU C 246 -1.51 -54.47 48.70
CA LEU C 246 -0.54 -53.89 47.78
C LEU C 246 -1.10 -52.62 47.18
N SER C 247 -2.38 -52.64 46.86
CA SER C 247 -3.05 -51.47 46.28
C SER C 247 -2.97 -50.30 47.24
N ASP C 248 -3.21 -50.58 48.52
CA ASP C 248 -3.17 -49.53 49.54
C ASP C 248 -1.79 -48.91 49.69
N LEU C 249 -0.75 -49.69 49.43
CA LEU C 249 0.62 -49.20 49.54
C LEU C 249 1.01 -48.27 48.39
N ARG C 250 0.28 -48.38 47.28
CA ARG C 250 0.52 -47.56 46.09
C ARG C 250 -0.89 -47.25 45.59
N PRO C 251 -1.61 -46.40 46.33
CA PRO C 251 -2.99 -45.96 46.09
C PRO C 251 -3.47 -45.28 44.80
N HIS C 252 -3.05 -45.77 43.64
CA HIS C 252 -3.55 -45.19 42.40
C HIS C 252 -4.96 -45.77 42.22
N PRO C 253 -5.97 -44.90 42.07
CA PRO C 253 -7.37 -45.34 41.92
C PRO C 253 -7.56 -46.44 40.86
N GLY C 254 -6.95 -46.26 39.70
CA GLY C 254 -7.07 -47.23 38.64
C GLY C 254 -6.47 -48.58 39.00
N GLN C 255 -5.39 -48.56 39.76
CA GLN C 255 -4.73 -49.80 40.16
C GLN C 255 -5.55 -50.55 41.22
N LYS C 256 -6.06 -49.82 42.19
CA LYS C 256 -6.86 -50.42 43.25
C LYS C 256 -8.07 -51.09 42.61
N ASP C 257 -8.70 -50.37 41.68
CA ASP C 257 -9.87 -50.87 40.98
C ASP C 257 -9.54 -52.13 40.16
N ALA C 258 -8.46 -52.09 39.39
CA ALA C 258 -8.06 -53.23 38.59
C ALA C 258 -7.81 -54.45 39.47
N ALA C 259 -7.04 -54.26 40.54
CA ALA C 259 -6.75 -55.36 41.46
C ALA C 259 -8.03 -55.94 42.06
N ALA C 260 -8.96 -55.07 42.44
CA ALA C 260 -10.22 -55.51 43.03
C ALA C 260 -11.07 -56.30 42.04
N ARG C 261 -11.10 -55.83 40.80
CA ARG C 261 -11.87 -56.50 39.76
C ARG C 261 -11.23 -57.84 39.39
N LEU C 262 -9.91 -57.91 39.46
CA LEU C 262 -9.19 -59.13 39.16
C LEU C 262 -9.52 -60.17 40.24
N ARG C 263 -9.43 -59.77 41.50
CA ARG C 263 -9.75 -60.68 42.61
C ARG C 263 -11.16 -61.23 42.45
N ALA C 264 -12.10 -60.34 42.16
CA ALA C 264 -13.50 -60.74 41.99
C ALA C 264 -13.68 -61.76 40.86
N ARG C 265 -12.97 -61.58 39.75
CA ARG C 265 -13.09 -62.51 38.62
C ARG C 265 -12.69 -63.93 39.00
N VAL C 266 -11.62 -64.08 39.79
CA VAL C 266 -11.16 -65.40 40.17
C VAL C 266 -11.74 -65.91 41.50
N ASP C 267 -12.72 -65.21 42.03
CA ASP C 267 -13.34 -65.65 43.28
C ASP C 267 -14.01 -67.00 43.05
N GLY C 268 -13.72 -67.97 43.92
CA GLY C 268 -14.31 -69.29 43.78
C GLY C 268 -13.47 -70.23 42.93
N SER C 269 -12.35 -69.73 42.42
CA SER C 269 -11.48 -70.55 41.58
C SER C 269 -10.54 -71.45 42.38
N ALA C 270 -10.41 -72.70 41.92
CA ALA C 270 -9.51 -73.66 42.56
C ALA C 270 -8.30 -73.88 41.67
N ARG C 271 -8.21 -73.09 40.60
CA ARG C 271 -7.11 -73.20 39.65
C ARG C 271 -5.98 -72.21 39.85
N VAL C 272 -6.18 -71.24 40.73
CA VAL C 272 -5.15 -70.24 41.03
C VAL C 272 -4.41 -70.61 42.31
N VAL C 273 -3.23 -70.02 42.50
CA VAL C 273 -2.43 -70.28 43.70
C VAL C 273 -2.68 -69.10 44.65
N ARG C 274 -3.30 -69.39 45.79
CA ARG C 274 -3.61 -68.35 46.77
C ARG C 274 -2.65 -68.22 47.94
N HIS C 275 -1.75 -69.17 48.07
CA HIS C 275 -0.78 -69.14 49.19
C HIS C 275 0.15 -67.93 49.12
N VAL C 276 0.45 -67.37 50.29
CA VAL C 276 1.37 -66.24 50.39
C VAL C 276 2.74 -66.89 50.61
N ILE C 277 3.64 -66.76 49.64
CA ILE C 277 4.95 -67.43 49.75
C ILE C 277 5.77 -67.13 51.01
N ALA C 278 5.66 -65.92 51.55
CA ALA C 278 6.42 -65.55 52.73
C ALA C 278 6.02 -66.33 53.99
N GLU C 279 4.93 -67.09 53.90
CA GLU C 279 4.45 -67.88 55.04
C GLU C 279 5.34 -69.11 55.23
N ARG C 280 5.94 -69.56 54.14
CA ARG C 280 6.82 -70.73 54.15
C ARG C 280 8.15 -70.49 54.85
N ARG C 281 8.49 -71.37 55.79
CA ARG C 281 9.76 -71.29 56.52
C ARG C 281 10.69 -72.31 55.86
N LEU C 282 11.85 -71.86 55.41
CA LEU C 282 12.80 -72.74 54.73
C LEU C 282 13.77 -73.48 55.65
N ASP C 283 14.16 -74.68 55.21
CA ASP C 283 15.11 -75.53 55.94
C ASP C 283 16.35 -75.68 55.07
N ALA C 284 17.45 -76.11 55.69
CA ALA C 284 18.70 -76.29 54.95
C ALA C 284 18.53 -77.26 53.78
N GLY C 285 17.65 -78.24 53.98
CA GLY C 285 17.41 -79.24 52.95
C GLY C 285 16.70 -78.71 51.73
N ASP C 286 16.00 -77.59 51.86
CA ASP C 286 15.26 -77.01 50.74
C ASP C 286 16.15 -76.20 49.80
N ILE C 287 17.32 -75.82 50.27
CA ILE C 287 18.26 -75.03 49.48
C ILE C 287 18.70 -75.72 48.19
N GLY C 288 18.42 -75.07 47.06
CA GLY C 288 18.77 -75.62 45.77
C GLY C 288 17.90 -74.95 44.73
N THR C 289 17.69 -75.62 43.60
CA THR C 289 16.86 -75.07 42.53
C THR C 289 15.49 -75.74 42.52
N GLU C 290 14.43 -74.95 42.68
CA GLU C 290 13.08 -75.49 42.67
C GLU C 290 12.50 -75.44 41.26
N PRO C 291 11.44 -76.22 41.00
CA PRO C 291 10.83 -76.24 39.67
C PRO C 291 10.40 -74.87 39.14
N GLU C 292 9.72 -74.09 39.99
CA GLU C 292 9.24 -72.77 39.56
C GLU C 292 9.58 -71.67 40.56
N ALA C 293 9.67 -70.44 40.05
CA ALA C 293 9.97 -69.28 40.90
C ALA C 293 8.74 -68.98 41.74
N GLY C 294 8.92 -68.24 42.83
CA GLY C 294 7.81 -67.90 43.69
C GLY C 294 6.90 -66.79 43.23
N GLN C 295 7.21 -66.17 42.09
CA GLN C 295 6.40 -65.08 41.55
C GLN C 295 6.16 -65.32 40.05
N ASP C 296 5.07 -64.76 39.52
CA ASP C 296 4.73 -64.90 38.10
C ASP C 296 5.45 -63.87 37.25
N ALA C 297 5.43 -64.08 35.94
CA ALA C 297 6.03 -63.12 35.01
C ALA C 297 5.13 -61.88 35.11
N TYR C 298 5.62 -60.74 34.63
CA TYR C 298 4.88 -59.49 34.71
C TYR C 298 3.48 -59.44 34.08
N SER C 299 3.27 -60.17 32.99
CA SER C 299 1.97 -60.18 32.31
C SER C 299 0.84 -60.64 33.23
N LEU C 300 1.21 -61.15 34.41
CA LEU C 300 0.22 -61.58 35.39
C LEU C 300 0.46 -60.82 36.68
N ARG C 301 1.69 -60.87 37.18
CA ARG C 301 2.05 -60.20 38.43
C ARG C 301 1.84 -58.69 38.45
N CYS C 302 2.08 -58.05 37.31
CA CYS C 302 1.95 -56.60 37.23
C CYS C 302 0.70 -56.12 36.49
N ALA C 303 -0.30 -57.00 36.34
CA ALA C 303 -1.53 -56.63 35.66
C ALA C 303 -2.25 -55.47 36.36
N PRO C 304 -2.30 -55.46 37.70
CA PRO C 304 -2.99 -54.34 38.36
C PRO C 304 -2.35 -53.00 38.02
N GLN C 305 -1.02 -52.98 38.00
CA GLN C 305 -0.25 -51.77 37.72
C GLN C 305 -0.34 -51.29 36.27
N VAL C 306 -0.29 -52.23 35.33
CA VAL C 306 -0.37 -51.85 33.92
C VAL C 306 -1.81 -51.49 33.56
N LEU C 307 -2.75 -52.37 33.89
CA LEU C 307 -4.15 -52.09 33.62
C LEU C 307 -4.56 -50.81 34.35
N GLY C 308 -4.10 -50.67 35.60
CA GLY C 308 -4.45 -49.51 36.40
C GLY C 308 -4.04 -48.17 35.80
N ALA C 309 -2.83 -48.10 35.27
CA ALA C 309 -2.35 -46.87 34.65
C ALA C 309 -3.24 -46.55 33.45
N GLY C 310 -3.60 -47.60 32.72
CA GLY C 310 -4.47 -47.43 31.57
C GLY C 310 -5.83 -46.93 32.00
N PHE C 311 -6.32 -47.42 33.14
CA PHE C 311 -7.62 -47.00 33.63
C PHE C 311 -7.61 -45.54 34.13
N ASP C 312 -6.51 -45.12 34.74
CA ASP C 312 -6.42 -43.74 35.22
C ASP C 312 -6.31 -42.78 34.04
N THR C 313 -5.70 -43.24 32.95
CA THR C 313 -5.58 -42.42 31.76
C THR C 313 -6.98 -42.23 31.21
N LEU C 314 -7.74 -43.32 31.11
CA LEU C 314 -9.12 -43.25 30.62
C LEU C 314 -9.99 -42.36 31.52
N ALA C 315 -9.76 -42.43 32.83
CA ALA C 315 -10.52 -41.61 33.77
C ALA C 315 -10.28 -40.12 33.50
N TRP C 316 -9.04 -39.75 33.24
CA TRP C 316 -8.70 -38.35 32.96
C TRP C 316 -9.38 -37.95 31.64
N HIS C 317 -9.23 -38.81 30.64
CA HIS C 317 -9.81 -38.59 29.32
C HIS C 317 -11.32 -38.34 29.45
N ASP C 318 -11.98 -39.19 30.23
CA ASP C 318 -13.42 -39.05 30.42
C ASP C 318 -13.81 -37.79 31.21
N ARG C 319 -12.99 -37.37 32.16
CA ARG C 319 -13.30 -36.16 32.93
C ARG C 319 -13.26 -34.97 31.98
N VAL C 320 -12.19 -34.87 31.22
CA VAL C 320 -12.03 -33.77 30.27
C VAL C 320 -13.14 -33.81 29.21
N LEU C 321 -13.43 -35.00 28.68
CA LEU C 321 -14.46 -35.15 27.66
C LEU C 321 -15.85 -34.76 28.15
N THR C 322 -16.17 -35.10 29.40
CA THR C 322 -17.47 -34.77 29.96
C THR C 322 -17.65 -33.25 29.96
N ILE C 323 -16.59 -32.52 30.29
CA ILE C 323 -16.65 -31.07 30.32
C ILE C 323 -16.83 -30.53 28.89
N GLU C 324 -16.05 -31.07 27.96
CA GLU C 324 -16.11 -30.64 26.57
C GLU C 324 -17.49 -30.90 25.98
N LEU C 325 -18.03 -32.10 26.20
CA LEU C 325 -19.35 -32.47 25.68
C LEU C 325 -20.44 -31.51 26.13
N ASN C 326 -20.41 -31.15 27.41
CA ASN C 326 -21.40 -30.26 28.00
C ASN C 326 -21.10 -28.78 27.91
N ALA C 327 -20.04 -28.42 27.19
CA ALA C 327 -19.68 -27.02 27.06
C ALA C 327 -20.18 -26.41 25.76
N VAL C 328 -19.97 -25.10 25.63
CA VAL C 328 -20.35 -24.37 24.41
C VAL C 328 -19.02 -24.06 23.74
N THR C 329 -18.74 -24.76 22.64
CA THR C 329 -17.49 -24.55 21.92
C THR C 329 -17.68 -23.61 20.73
N ASP C 330 -18.81 -22.90 20.74
CA ASP C 330 -19.17 -21.96 19.69
C ASP C 330 -18.40 -20.65 19.65
N ASN C 331 -18.36 -20.07 18.44
CA ASN C 331 -17.80 -18.75 18.20
C ASN C 331 -18.47 -18.23 16.93
N PRO C 332 -19.14 -17.06 17.03
CA PRO C 332 -19.22 -16.28 18.27
C PRO C 332 -20.27 -16.92 19.20
N VAL C 333 -20.45 -16.33 20.37
CA VAL C 333 -21.40 -16.84 21.35
C VAL C 333 -22.22 -15.65 21.85
N PHE C 334 -23.46 -15.91 22.26
CA PHE C 334 -24.33 -14.83 22.75
C PHE C 334 -24.66 -15.01 24.22
N PRO C 335 -24.01 -14.23 25.09
CA PRO C 335 -24.20 -14.27 26.55
C PRO C 335 -25.65 -14.22 27.00
N PRO C 336 -26.11 -15.27 27.70
CA PRO C 336 -27.49 -15.32 28.18
C PRO C 336 -27.84 -14.14 29.10
N ASP C 337 -26.86 -13.67 29.88
CA ASP C 337 -27.09 -12.56 30.81
C ASP C 337 -27.27 -11.20 30.11
N GLY C 338 -26.97 -11.16 28.82
CA GLY C 338 -27.12 -9.92 28.08
C GLY C 338 -26.08 -8.86 28.37
N SER C 339 -24.99 -9.25 29.04
CA SER C 339 -23.91 -8.31 29.38
C SER C 339 -23.41 -7.58 28.13
N VAL C 340 -23.10 -8.34 27.08
CA VAL C 340 -22.64 -7.79 25.81
C VAL C 340 -23.44 -8.53 24.74
N PRO C 341 -23.59 -7.93 23.54
CA PRO C 341 -24.35 -8.59 22.48
C PRO C 341 -23.80 -9.95 22.04
N ALA C 342 -22.47 -10.03 21.96
CA ALA C 342 -21.82 -11.28 21.56
C ALA C 342 -20.37 -11.24 22.00
N LEU C 343 -19.77 -12.42 22.10
CA LEU C 343 -18.37 -12.55 22.48
C LEU C 343 -17.65 -13.27 21.36
N HIS C 344 -16.44 -12.79 21.05
CA HIS C 344 -15.63 -13.41 20.03
C HIS C 344 -14.34 -13.95 20.66
N GLY C 345 -14.12 -15.25 20.51
CA GLY C 345 -12.94 -15.86 21.08
C GLY C 345 -12.58 -17.14 20.34
N GLY C 346 -11.99 -18.11 21.05
CA GLY C 346 -11.60 -19.34 20.39
C GLY C 346 -11.97 -20.64 21.09
N ASN C 347 -13.18 -20.74 21.63
CA ASN C 347 -13.58 -21.97 22.29
C ASN C 347 -13.73 -23.17 21.35
N PHE C 348 -13.50 -22.95 20.06
CA PHE C 348 -13.59 -24.02 19.06
C PHE C 348 -12.26 -24.77 18.94
N MET C 349 -11.22 -24.25 19.58
CA MET C 349 -9.88 -24.86 19.56
C MET C 349 -9.91 -26.16 20.36
N GLY C 350 -9.95 -27.28 19.67
CA GLY C 350 -10.03 -28.57 20.34
C GLY C 350 -8.77 -29.18 20.92
N GLN C 351 -7.95 -28.37 21.60
CA GLN C 351 -6.72 -28.89 22.19
C GLN C 351 -6.97 -29.89 23.33
N HIS C 352 -8.06 -29.71 24.06
CA HIS C 352 -8.35 -30.65 25.16
C HIS C 352 -8.61 -32.08 24.64
N VAL C 353 -9.47 -32.23 23.64
CA VAL C 353 -9.74 -33.57 23.11
C VAL C 353 -8.51 -34.10 22.40
N ALA C 354 -7.71 -33.20 21.82
CA ALA C 354 -6.50 -33.60 21.12
C ALA C 354 -5.53 -34.27 22.09
N LEU C 355 -5.19 -33.57 23.17
CA LEU C 355 -4.25 -34.10 24.15
C LEU C 355 -4.74 -35.36 24.87
N THR C 356 -6.02 -35.40 25.25
CA THR C 356 -6.54 -36.57 25.94
C THR C 356 -6.64 -37.76 24.99
N SER C 357 -7.06 -37.51 23.74
CA SER C 357 -7.16 -38.60 22.76
C SER C 357 -5.79 -39.21 22.52
N ASP C 358 -4.78 -38.36 22.40
CA ASP C 358 -3.41 -38.84 22.20
C ASP C 358 -2.93 -39.62 23.41
N ALA C 359 -3.26 -39.14 24.60
CA ALA C 359 -2.85 -39.82 25.84
C ALA C 359 -3.53 -41.18 25.97
N LEU C 360 -4.79 -41.24 25.59
CA LEU C 360 -5.54 -42.48 25.66
C LEU C 360 -5.03 -43.47 24.62
N ALA C 361 -4.68 -42.95 23.44
CA ALA C 361 -4.17 -43.80 22.37
C ALA C 361 -2.91 -44.52 22.85
N THR C 362 -2.05 -43.82 23.59
CA THR C 362 -0.83 -44.43 24.09
C THR C 362 -1.20 -45.52 25.10
N ALA C 363 -2.14 -45.22 25.99
CA ALA C 363 -2.58 -46.19 26.99
C ALA C 363 -3.15 -47.43 26.32
N VAL C 364 -3.96 -47.22 25.28
CA VAL C 364 -4.55 -48.34 24.56
C VAL C 364 -3.43 -49.22 23.97
N THR C 365 -2.41 -48.60 23.38
CA THR C 365 -1.31 -49.36 22.80
C THR C 365 -0.56 -50.14 23.89
N VAL C 366 -0.40 -49.55 25.06
CA VAL C 366 0.26 -50.23 26.17
C VAL C 366 -0.56 -51.44 26.62
N LEU C 367 -1.86 -51.25 26.79
CA LEU C 367 -2.71 -52.37 27.22
C LEU C 367 -2.86 -53.45 26.16
N ALA C 368 -2.79 -53.06 24.89
CA ALA C 368 -2.87 -54.05 23.81
C ALA C 368 -1.59 -54.87 23.87
N GLY C 369 -0.49 -54.19 24.19
CA GLY C 369 0.80 -54.88 24.30
C GLY C 369 0.77 -55.95 25.38
N LEU C 370 0.08 -55.65 26.48
CA LEU C 370 -0.05 -56.61 27.57
C LEU C 370 -0.82 -57.83 27.07
N ALA C 371 -1.97 -57.58 26.44
CA ALA C 371 -2.78 -58.67 25.92
C ALA C 371 -1.99 -59.52 24.92
N GLU C 372 -1.21 -58.85 24.07
CA GLU C 372 -0.41 -59.53 23.07
C GLU C 372 0.64 -60.44 23.73
N ARG C 373 1.28 -59.94 24.78
CA ARG C 373 2.28 -60.72 25.50
C ARG C 373 1.63 -61.88 26.27
N GLN C 374 0.39 -61.68 26.69
CA GLN C 374 -0.31 -62.74 27.42
C GLN C 374 -0.59 -63.90 26.46
N ILE C 375 -0.89 -63.57 25.20
CA ILE C 375 -1.12 -64.58 24.17
C ILE C 375 0.19 -65.32 23.90
N ALA C 376 1.26 -64.54 23.76
CA ALA C 376 2.60 -65.07 23.47
C ALA C 376 3.08 -66.06 24.53
N ARG C 377 2.73 -65.80 25.78
CA ARG C 377 3.12 -66.69 26.88
C ARG C 377 2.22 -67.93 26.92
N LEU C 378 0.93 -67.71 26.84
CA LEU C 378 -0.04 -68.81 26.88
C LEU C 378 0.15 -69.87 25.78
N THR C 379 0.57 -69.42 24.59
CA THR C 379 0.73 -70.34 23.47
C THR C 379 2.13 -70.94 23.31
N ASP C 380 3.06 -70.52 24.19
CA ASP C 380 4.44 -71.01 24.17
C ASP C 380 4.55 -72.23 25.07
N GLU C 381 4.82 -73.40 24.48
CA GLU C 381 4.92 -74.63 25.26
C GLU C 381 6.02 -74.59 26.32
N ARG C 382 7.01 -73.73 26.14
CA ARG C 382 8.10 -73.60 27.11
C ARG C 382 7.67 -72.73 28.29
N LEU C 383 6.63 -71.93 28.09
CA LEU C 383 6.17 -71.01 29.13
C LEU C 383 4.75 -71.23 29.66
N ASN C 384 3.96 -72.08 29.01
CA ASN C 384 2.59 -72.28 29.45
C ASN C 384 2.34 -73.41 30.44
N ARG C 385 3.40 -73.83 31.11
CA ARG C 385 3.33 -74.89 32.12
C ARG C 385 2.56 -76.16 31.77
N GLY C 386 2.97 -76.84 30.71
CA GLY C 386 2.32 -78.08 30.36
C GLY C 386 1.26 -78.10 29.28
N LEU C 387 0.82 -76.93 28.82
CA LEU C 387 -0.21 -76.89 27.79
C LEU C 387 0.40 -77.18 26.43
N PRO C 388 -0.41 -77.70 25.49
CA PRO C 388 0.07 -78.03 24.15
C PRO C 388 0.61 -76.79 23.43
N PRO C 389 1.62 -76.97 22.55
CA PRO C 389 2.16 -75.82 21.83
C PRO C 389 1.07 -75.16 20.99
N PHE C 390 0.87 -73.86 21.20
CA PHE C 390 -0.13 -73.10 20.48
C PHE C 390 -1.55 -73.62 20.70
N LEU C 391 -1.72 -74.30 21.84
CA LEU C 391 -3.02 -74.84 22.24
C LEU C 391 -3.72 -75.67 21.18
N HIS C 392 -2.95 -76.41 20.40
CA HIS C 392 -3.55 -77.23 19.35
C HIS C 392 -4.20 -78.47 19.93
N ARG C 393 -5.08 -79.07 19.14
CA ARG C 393 -5.74 -80.32 19.49
C ARG C 393 -5.45 -81.21 18.28
N GLY C 394 -5.66 -82.51 18.41
CA GLY C 394 -5.37 -83.40 17.31
C GLY C 394 -3.87 -83.67 17.31
N PRO C 395 -3.35 -84.44 16.34
CA PRO C 395 -1.91 -84.75 16.28
C PRO C 395 -1.03 -83.50 16.14
N ALA C 396 0.02 -83.41 16.96
CA ALA C 396 0.94 -82.28 16.90
C ALA C 396 1.69 -82.31 15.58
N GLY C 397 2.03 -81.13 15.06
CA GLY C 397 2.73 -81.09 13.79
C GLY C 397 1.67 -81.04 12.70
N LEU C 398 0.82 -82.06 12.66
CA LEU C 398 -0.25 -82.09 11.68
C LEU C 398 -1.19 -80.92 11.96
N ASN C 399 -1.19 -80.46 13.21
CA ASN C 399 -2.02 -79.34 13.65
C ASN C 399 -1.14 -78.31 14.34
N SER C 400 -1.43 -77.03 14.13
CA SER C 400 -0.64 -75.96 14.73
C SER C 400 -1.48 -75.07 15.65
N GLY C 401 -2.77 -75.37 15.73
CA GLY C 401 -3.67 -74.61 16.58
C GLY C 401 -3.75 -73.11 16.32
N PHE C 402 -3.41 -72.34 17.34
CA PHE C 402 -3.45 -70.87 17.28
C PHE C 402 -2.10 -70.26 16.89
N MET C 403 -1.23 -71.04 16.25
CA MET C 403 0.08 -70.55 15.87
C MET C 403 -0.01 -69.36 14.90
N GLY C 404 -0.99 -69.40 14.01
CA GLY C 404 -1.16 -68.31 13.06
C GLY C 404 -1.79 -67.10 13.72
N ALA C 405 -2.81 -67.34 14.54
CA ALA C 405 -3.49 -66.26 15.24
C ALA C 405 -2.57 -65.53 16.20
N GLN C 406 -1.62 -66.26 16.78
CA GLN C 406 -0.69 -65.64 17.71
C GLN C 406 0.19 -64.64 16.97
N VAL C 407 0.64 -65.00 15.78
CA VAL C 407 1.46 -64.09 14.99
C VAL C 407 0.61 -62.90 14.54
N THR C 408 -0.65 -63.16 14.20
CA THR C 408 -1.55 -62.11 13.78
C THR C 408 -1.71 -61.04 14.86
N ALA C 409 -1.79 -61.46 16.11
CA ALA C 409 -1.92 -60.52 17.22
C ALA C 409 -0.69 -59.62 17.31
N THR C 410 0.49 -60.19 17.09
CA THR C 410 1.73 -59.43 17.13
C THR C 410 1.75 -58.42 15.99
N ALA C 411 1.29 -58.83 14.82
CA ALA C 411 1.26 -57.93 13.66
C ALA C 411 0.29 -56.77 13.93
N LEU C 412 -0.82 -57.06 14.60
CA LEU C 412 -1.82 -56.03 14.90
C LEU C 412 -1.22 -55.00 15.87
N LEU C 413 -0.45 -55.48 16.85
CA LEU C 413 0.18 -54.60 17.81
C LEU C 413 1.27 -53.76 17.14
N ALA C 414 2.13 -54.42 16.38
CA ALA C 414 3.22 -53.72 15.69
C ALA C 414 2.64 -52.58 14.85
N GLU C 415 1.50 -52.82 14.21
CA GLU C 415 0.90 -51.77 13.40
C GLU C 415 0.47 -50.60 14.27
N MET C 416 -0.16 -50.88 15.40
CA MET C 416 -0.61 -49.83 16.32
C MET C 416 0.53 -48.90 16.70
N ARG C 417 1.67 -49.50 17.02
CA ARG C 417 2.85 -48.75 17.45
C ARG C 417 3.41 -47.77 16.42
N ALA C 418 3.18 -48.06 15.14
CA ALA C 418 3.69 -47.21 14.06
C ALA C 418 3.09 -45.81 14.05
N THR C 419 1.90 -45.66 14.63
CA THR C 419 1.24 -44.35 14.66
C THR C 419 1.36 -43.68 16.02
N GLY C 420 1.84 -42.44 16.03
CA GLY C 420 2.00 -41.72 17.27
C GLY C 420 0.97 -40.62 17.49
N PRO C 421 1.20 -39.72 18.47
CA PRO C 421 0.26 -38.63 18.77
C PRO C 421 0.01 -37.74 17.55
N ALA C 422 -1.22 -37.25 17.41
CA ALA C 422 -1.57 -36.38 16.30
C ALA C 422 -1.31 -34.91 16.64
N SER C 423 -1.50 -34.56 17.91
CA SER C 423 -1.36 -33.19 18.41
C SER C 423 -0.08 -32.42 18.12
N ILE C 424 1.04 -33.12 18.03
CA ILE C 424 2.32 -32.47 17.79
C ILE C 424 2.57 -32.00 16.37
N HIS C 425 1.61 -32.23 15.48
CA HIS C 425 1.81 -31.85 14.08
C HIS C 425 1.08 -30.60 13.61
N SER C 426 0.92 -29.64 14.50
CA SER C 426 0.25 -28.39 14.15
C SER C 426 1.04 -27.70 13.04
N ILE C 427 0.32 -27.18 12.05
CA ILE C 427 0.90 -26.48 10.93
C ILE C 427 0.08 -25.20 10.67
N SER C 428 0.76 -24.05 10.61
CA SER C 428 0.09 -22.78 10.36
C SER C 428 -0.67 -22.86 9.03
N THR C 429 -1.94 -22.49 9.05
CA THR C 429 -2.74 -22.59 7.85
C THR C 429 -3.80 -21.48 7.76
N ASN C 430 -4.62 -21.50 6.72
CA ASN C 430 -5.65 -20.46 6.53
C ASN C 430 -4.97 -19.09 6.45
N ALA C 431 -3.98 -18.99 5.56
CA ALA C 431 -3.25 -17.73 5.36
C ALA C 431 -2.63 -17.25 6.69
N ALA C 432 -2.11 -18.20 7.45
CA ALA C 432 -1.49 -17.93 8.76
C ALA C 432 -2.45 -17.45 9.86
N ASN C 433 -3.74 -17.36 9.56
CA ASN C 433 -4.71 -16.93 10.58
C ASN C 433 -4.82 -18.04 11.63
N GLN C 434 -4.87 -19.29 11.16
CA GLN C 434 -4.93 -20.43 12.07
C GLN C 434 -3.48 -20.88 12.18
N ASP C 435 -2.65 -20.07 12.86
CA ASP C 435 -1.24 -20.40 12.96
C ASP C 435 -0.89 -21.56 13.89
N VAL C 436 -1.89 -21.99 14.67
CA VAL C 436 -1.77 -23.15 15.55
C VAL C 436 -3.14 -23.84 15.45
N VAL C 437 -3.14 -25.16 15.34
CA VAL C 437 -4.37 -25.93 15.23
C VAL C 437 -4.25 -27.16 16.12
N SER C 438 -5.38 -27.63 16.67
CA SER C 438 -5.36 -28.77 17.58
C SER C 438 -5.23 -30.16 16.97
N LEU C 439 -5.84 -30.37 15.80
CA LEU C 439 -5.81 -31.68 15.15
C LEU C 439 -6.50 -32.71 16.06
N GLY C 440 -7.42 -32.23 16.89
CA GLY C 440 -8.13 -33.11 17.82
C GLY C 440 -8.97 -34.19 17.16
N THR C 441 -9.54 -33.87 16.01
CA THR C 441 -10.38 -34.82 15.30
C THR C 441 -9.51 -35.99 14.83
N ILE C 442 -8.35 -35.66 14.30
CA ILE C 442 -7.40 -36.66 13.82
C ILE C 442 -6.92 -37.49 15.00
N ALA C 443 -6.60 -36.82 16.11
CA ALA C 443 -6.15 -37.52 17.32
C ALA C 443 -7.19 -38.53 17.79
N ALA C 444 -8.46 -38.11 17.79
CA ALA C 444 -9.53 -39.01 18.23
C ALA C 444 -9.72 -40.17 17.27
N ARG C 445 -9.56 -39.93 15.97
CA ARG C 445 -9.72 -40.98 14.97
C ARG C 445 -8.57 -41.99 15.07
N LEU C 446 -7.36 -41.50 15.32
CA LEU C 446 -6.19 -42.36 15.44
C LEU C 446 -6.34 -43.26 16.67
N CYS C 447 -6.91 -42.71 17.73
CA CYS C 447 -7.14 -43.47 18.94
C CYS C 447 -8.21 -44.54 18.68
N ARG C 448 -9.22 -44.19 17.88
CA ARG C 448 -10.27 -45.15 17.55
C ARG C 448 -9.67 -46.35 16.81
N GLU C 449 -8.74 -46.11 15.89
CA GLU C 449 -8.11 -47.21 15.16
C GLU C 449 -7.36 -48.15 16.09
N LYS C 450 -6.67 -47.59 17.07
CA LYS C 450 -5.92 -48.41 18.02
C LYS C 450 -6.89 -49.20 18.90
N ILE C 451 -8.05 -48.61 19.17
CA ILE C 451 -9.06 -49.27 19.97
C ILE C 451 -9.60 -50.49 19.18
N ASP C 452 -9.74 -50.34 17.87
CA ASP C 452 -10.24 -51.44 17.05
C ASP C 452 -9.21 -52.57 17.01
N ARG C 453 -7.93 -52.21 16.95
CA ARG C 453 -6.86 -53.20 16.93
C ARG C 453 -6.83 -53.94 18.28
N TRP C 454 -6.98 -53.19 19.37
CA TRP C 454 -6.97 -53.76 20.72
C TRP C 454 -8.10 -54.79 20.83
N ALA C 455 -9.26 -54.47 20.25
CA ALA C 455 -10.41 -55.37 20.28
C ALA C 455 -10.08 -56.70 19.61
N GLU C 456 -9.36 -56.62 18.49
CA GLU C 456 -8.99 -57.82 17.75
C GLU C 456 -7.95 -58.65 18.51
N ILE C 457 -7.01 -57.98 19.18
CA ILE C 457 -5.99 -58.68 19.96
C ILE C 457 -6.67 -59.37 21.14
N LEU C 458 -7.61 -58.68 21.77
CA LEU C 458 -8.34 -59.25 22.92
C LEU C 458 -9.19 -60.44 22.47
N ALA C 459 -9.71 -60.37 21.24
CA ALA C 459 -10.55 -61.45 20.70
C ALA C 459 -9.71 -62.70 20.51
N ILE C 460 -8.49 -62.53 20.02
CA ILE C 460 -7.59 -63.67 19.82
C ILE C 460 -7.26 -64.27 21.19
N LEU C 461 -6.99 -63.43 22.17
CA LEU C 461 -6.66 -63.90 23.51
C LEU C 461 -7.84 -64.65 24.13
N ALA C 462 -9.06 -64.17 23.90
CA ALA C 462 -10.24 -64.83 24.43
C ALA C 462 -10.43 -66.22 23.81
N LEU C 463 -10.24 -66.32 22.51
CA LEU C 463 -10.38 -67.61 21.83
C LEU C 463 -9.30 -68.59 22.29
N CYS C 464 -8.11 -68.07 22.58
CA CYS C 464 -7.02 -68.92 23.05
C CYS C 464 -7.32 -69.43 24.47
N LEU C 465 -7.83 -68.54 25.32
CA LEU C 465 -8.16 -68.87 26.70
C LEU C 465 -9.31 -69.85 26.84
N ALA C 466 -10.28 -69.77 25.95
CA ALA C 466 -11.41 -70.69 26.01
C ALA C 466 -10.87 -72.09 25.74
N GLN C 467 -9.97 -72.19 24.77
CA GLN C 467 -9.35 -73.46 24.41
C GLN C 467 -8.41 -73.94 25.50
N ALA C 468 -7.62 -73.03 26.05
CA ALA C 468 -6.67 -73.35 27.10
C ALA C 468 -7.35 -73.83 28.37
N ALA C 469 -8.49 -73.22 28.70
CA ALA C 469 -9.22 -73.61 29.91
C ALA C 469 -9.70 -75.06 29.79
N GLU C 470 -10.19 -75.41 28.61
CA GLU C 470 -10.70 -76.76 28.35
C GLU C 470 -9.57 -77.78 28.33
N LEU C 471 -8.41 -77.38 27.84
CA LEU C 471 -7.26 -78.28 27.78
C LEU C 471 -6.68 -78.50 29.18
N ARG C 472 -6.75 -77.46 30.01
CA ARG C 472 -6.22 -77.55 31.37
C ARG C 472 -7.21 -78.18 32.34
N CYS C 473 -8.48 -77.80 32.23
CA CYS C 473 -9.51 -78.27 33.16
C CYS C 473 -10.56 -79.21 32.60
N GLY C 474 -10.42 -79.60 31.34
CA GLY C 474 -11.41 -80.50 30.75
C GLY C 474 -12.61 -79.69 30.30
N SER C 475 -13.44 -80.27 29.43
CA SER C 475 -14.62 -79.57 28.93
C SER C 475 -15.56 -79.12 30.03
N GLY C 476 -15.49 -79.77 31.18
CA GLY C 476 -16.34 -79.40 32.31
C GLY C 476 -15.78 -78.21 33.08
N LEU C 477 -14.57 -77.79 32.71
CA LEU C 477 -13.92 -76.65 33.34
C LEU C 477 -13.85 -76.82 34.87
N ASP C 478 -13.38 -77.99 35.30
CA ASP C 478 -13.28 -78.28 36.73
C ASP C 478 -12.30 -77.36 37.46
N GLY C 479 -12.76 -76.77 38.56
CA GLY C 479 -11.92 -75.88 39.34
C GLY C 479 -11.95 -74.43 38.86
N VAL C 480 -12.57 -74.20 37.72
CA VAL C 480 -12.67 -72.85 37.16
C VAL C 480 -13.72 -72.03 37.93
N SER C 481 -13.39 -70.78 38.20
CA SER C 481 -14.30 -69.88 38.90
C SER C 481 -15.62 -69.75 38.17
N PRO C 482 -16.68 -69.31 38.88
CA PRO C 482 -18.00 -69.13 38.27
C PRO C 482 -17.96 -68.12 37.14
N ALA C 483 -17.21 -67.04 37.33
CA ALA C 483 -17.10 -66.00 36.34
C ALA C 483 -16.36 -66.52 35.11
N GLY C 484 -15.29 -67.28 35.35
CA GLY C 484 -14.53 -67.86 34.25
C GLY C 484 -15.37 -68.84 33.47
N LYS C 485 -16.14 -69.66 34.19
CA LYS C 485 -17.00 -70.65 33.54
C LYS C 485 -18.06 -69.98 32.69
N LYS C 486 -18.68 -68.93 33.22
CA LYS C 486 -19.71 -68.20 32.51
C LYS C 486 -19.14 -67.60 31.22
N LEU C 487 -17.95 -67.03 31.31
CA LEU C 487 -17.31 -66.40 30.15
C LEU C 487 -17.03 -67.41 29.03
N VAL C 488 -16.43 -68.55 29.39
CA VAL C 488 -16.11 -69.58 28.40
C VAL C 488 -17.39 -70.16 27.78
N GLN C 489 -18.38 -70.44 28.62
CA GLN C 489 -19.65 -71.00 28.13
C GLN C 489 -20.32 -70.03 27.17
N ALA C 490 -20.23 -68.73 27.46
CA ALA C 490 -20.84 -67.72 26.60
C ALA C 490 -20.11 -67.71 25.26
N LEU C 491 -18.79 -67.76 25.29
CA LEU C 491 -18.01 -67.78 24.06
C LEU C 491 -18.34 -69.01 23.24
N ARG C 492 -18.37 -70.16 23.90
CA ARG C 492 -18.66 -71.43 23.24
C ARG C 492 -20.04 -71.53 22.60
N GLU C 493 -20.93 -70.59 22.92
CA GLU C 493 -22.26 -70.60 22.31
C GLU C 493 -22.17 -70.23 20.84
N GLN C 494 -21.16 -69.45 20.49
CA GLN C 494 -20.99 -68.99 19.11
C GLN C 494 -19.65 -69.42 18.51
N PHE C 495 -18.68 -69.73 19.36
CA PHE C 495 -17.36 -70.13 18.89
C PHE C 495 -16.96 -71.51 19.38
N PRO C 496 -17.01 -72.51 18.48
CA PRO C 496 -16.67 -73.91 18.76
C PRO C 496 -15.20 -74.13 19.15
N PRO C 497 -14.94 -75.18 19.93
CA PRO C 497 -13.55 -75.43 20.32
C PRO C 497 -12.73 -75.70 19.06
N LEU C 498 -11.41 -75.62 19.17
CA LEU C 498 -10.55 -75.87 18.02
C LEU C 498 -10.02 -77.30 18.15
N GLU C 499 -10.77 -78.26 17.60
CA GLU C 499 -10.40 -79.66 17.68
C GLU C 499 -9.45 -80.05 16.55
N THR C 500 -9.45 -79.25 15.49
CA THR C 500 -8.58 -79.45 14.33
C THR C 500 -8.45 -78.09 13.67
N ASP C 501 -7.25 -77.78 13.16
CA ASP C 501 -7.01 -76.49 12.53
C ASP C 501 -8.09 -76.03 11.56
N ARG C 502 -8.40 -74.74 11.61
CA ARG C 502 -9.42 -74.14 10.73
C ARG C 502 -9.18 -72.63 10.66
N PRO C 503 -9.71 -71.98 9.60
CA PRO C 503 -9.53 -70.53 9.45
C PRO C 503 -10.20 -69.81 10.62
N LEU C 504 -9.45 -68.93 11.29
CA LEU C 504 -9.96 -68.19 12.44
C LEU C 504 -10.20 -66.71 12.16
N GLY C 505 -9.76 -66.24 11.00
CA GLY C 505 -9.93 -64.84 10.66
C GLY C 505 -11.29 -64.23 10.87
N GLN C 506 -12.32 -64.87 10.30
CA GLN C 506 -13.68 -64.37 10.43
C GLN C 506 -14.22 -64.42 11.85
N GLU C 507 -13.82 -65.44 12.60
CA GLU C 507 -14.27 -65.56 13.99
C GLU C 507 -13.62 -64.45 14.83
N ILE C 508 -12.35 -64.19 14.59
CA ILE C 508 -11.64 -63.14 15.32
C ILE C 508 -12.35 -61.81 15.07
N ALA C 509 -12.64 -61.53 13.81
CA ALA C 509 -13.32 -60.29 13.43
C ALA C 509 -14.69 -60.21 14.10
N ALA C 510 -15.44 -61.30 14.03
CA ALA C 510 -16.78 -61.33 14.61
C ALA C 510 -16.74 -61.10 16.12
N LEU C 511 -15.82 -61.77 16.82
CA LEU C 511 -15.74 -61.61 18.26
C LEU C 511 -15.30 -60.19 18.65
N ALA C 512 -14.34 -59.63 17.91
CA ALA C 512 -13.85 -58.29 18.19
C ALA C 512 -14.99 -57.28 18.19
N THR C 513 -15.92 -57.44 17.24
CA THR C 513 -17.06 -56.54 17.13
C THR C 513 -17.92 -56.63 18.40
N HIS C 514 -18.02 -57.84 18.95
CA HIS C 514 -18.80 -58.08 20.16
C HIS C 514 -18.14 -57.43 21.40
N LEU C 515 -16.82 -57.61 21.53
CA LEU C 515 -16.08 -57.07 22.67
C LEU C 515 -16.22 -55.56 22.82
N LEU C 516 -16.29 -54.86 21.68
CA LEU C 516 -16.41 -53.41 21.68
C LEU C 516 -17.75 -52.87 22.20
N GLN C 517 -18.77 -53.70 22.18
CA GLN C 517 -20.11 -53.27 22.59
C GLN C 517 -20.67 -53.94 23.84
N GLN C 518 -19.99 -54.97 24.34
CA GLN C 518 -20.47 -55.68 25.51
C GLN C 518 -19.35 -56.23 26.39
N SER C 519 -19.59 -56.22 27.70
CA SER C 519 -18.63 -56.70 28.68
C SER C 519 -18.98 -58.10 29.17
N PRO C 520 -18.00 -58.80 29.78
CA PRO C 520 -18.23 -60.15 30.30
C PRO C 520 -18.95 -60.09 31.64
N VAL C 521 -20.26 -60.21 31.64
CA VAL C 521 -21.02 -60.16 32.88
C VAL C 521 -21.98 -61.34 32.96
N LYS D 8 -5.56 -58.40 -25.75
CA LYS D 8 -4.77 -57.29 -25.14
C LYS D 8 -3.28 -57.64 -25.15
N PRO D 9 -2.41 -56.65 -24.84
CA PRO D 9 -0.97 -56.91 -24.82
C PRO D 9 -0.65 -58.11 -23.94
N ALA D 10 0.48 -58.77 -24.21
CA ALA D 10 0.86 -59.92 -23.43
C ALA D 10 2.28 -59.84 -22.92
N VAL D 11 2.46 -60.12 -21.64
CA VAL D 11 3.78 -60.12 -21.02
C VAL D 11 4.23 -61.56 -20.92
N GLU D 12 5.29 -61.90 -21.63
CA GLU D 12 5.82 -63.25 -21.60
C GLU D 12 6.86 -63.34 -20.50
N LEU D 13 6.58 -64.17 -19.50
CA LEU D 13 7.46 -64.33 -18.37
C LEU D 13 8.49 -65.44 -18.55
N ASP D 14 9.76 -65.09 -18.47
CA ASP D 14 10.83 -66.06 -18.58
C ASP D 14 11.57 -66.03 -17.26
N ARG D 15 12.46 -65.05 -17.09
CA ARG D 15 13.23 -64.93 -15.86
C ARG D 15 13.06 -63.57 -15.20
N HIS D 16 13.07 -62.51 -16.00
CA HIS D 16 12.96 -61.15 -15.47
C HIS D 16 11.76 -60.36 -15.96
N ILE D 17 11.14 -59.63 -15.04
CA ILE D 17 10.00 -58.78 -15.37
C ILE D 17 10.24 -57.43 -14.70
N ASP D 18 10.02 -56.33 -15.42
CA ASP D 18 10.24 -55.02 -14.82
C ASP D 18 8.97 -54.50 -14.14
N LEU D 19 9.13 -53.45 -13.33
CA LEU D 19 8.00 -52.88 -12.59
C LEU D 19 6.80 -52.47 -13.44
N ASP D 20 7.05 -51.91 -14.62
CA ASP D 20 5.94 -51.50 -15.48
C ASP D 20 5.16 -52.71 -16.00
N GLN D 21 5.89 -53.76 -16.38
CA GLN D 21 5.27 -54.98 -16.88
C GLN D 21 4.45 -55.60 -15.76
N ALA D 22 5.02 -55.64 -14.57
CA ALA D 22 4.34 -56.20 -13.41
C ALA D 22 3.02 -55.48 -13.13
N HIS D 23 3.04 -54.15 -13.17
CA HIS D 23 1.82 -53.40 -12.92
C HIS D 23 0.81 -53.56 -14.05
N ALA D 24 1.29 -53.70 -15.28
CA ALA D 24 0.40 -53.88 -16.43
C ALA D 24 -0.43 -55.14 -16.23
N VAL D 25 0.22 -56.20 -15.80
CA VAL D 25 -0.45 -57.48 -15.57
C VAL D 25 -1.39 -57.37 -14.37
N ALA D 26 -0.87 -56.86 -13.27
CA ALA D 26 -1.65 -56.73 -12.03
C ALA D 26 -2.88 -55.86 -12.24
N SER D 27 -2.76 -54.83 -13.06
CA SER D 27 -3.87 -53.92 -13.32
C SER D 27 -4.76 -54.42 -14.45
N GLY D 28 -4.46 -55.60 -14.98
CA GLY D 28 -5.27 -56.16 -16.05
C GLY D 28 -5.08 -55.52 -17.41
N GLY D 29 -4.06 -54.68 -17.54
CA GLY D 29 -3.82 -54.03 -18.82
C GLY D 29 -3.12 -54.97 -19.79
N ALA D 30 -2.51 -56.02 -19.24
CA ALA D 30 -1.82 -57.00 -20.06
C ALA D 30 -2.06 -58.41 -19.56
N ARG D 31 -2.00 -59.38 -20.47
CA ARG D 31 -2.18 -60.78 -20.12
C ARG D 31 -0.79 -61.26 -19.74
N ILE D 32 -0.72 -62.46 -19.18
CA ILE D 32 0.59 -63.01 -18.82
C ILE D 32 0.70 -64.44 -19.35
N VAL D 33 1.86 -64.73 -19.93
CA VAL D 33 2.12 -66.05 -20.48
C VAL D 33 3.48 -66.52 -20.00
N LEU D 34 3.59 -67.81 -19.70
CA LEU D 34 4.84 -68.38 -19.24
C LEU D 34 5.64 -68.78 -20.48
N ALA D 35 6.83 -68.22 -20.64
CA ALA D 35 7.67 -68.55 -21.80
C ALA D 35 8.12 -70.01 -21.70
N PRO D 36 8.36 -70.65 -22.85
CA PRO D 36 8.79 -72.05 -22.88
C PRO D 36 9.92 -72.38 -21.90
N PRO D 37 10.94 -71.50 -21.78
CA PRO D 37 12.06 -71.75 -20.86
C PRO D 37 11.64 -71.78 -19.39
N ALA D 38 10.61 -71.00 -19.05
CA ALA D 38 10.12 -70.95 -17.67
C ALA D 38 9.29 -72.21 -17.40
N ARG D 39 8.50 -72.61 -18.38
CA ARG D 39 7.67 -73.80 -18.23
C ARG D 39 8.59 -75.00 -17.99
N ASP D 40 9.67 -75.09 -18.76
CA ASP D 40 10.59 -76.20 -18.64
C ASP D 40 11.41 -76.22 -17.35
N ARG D 41 11.84 -75.06 -16.86
CA ARG D 41 12.60 -75.06 -15.63
C ARG D 41 11.67 -75.32 -14.45
N CYS D 42 10.39 -75.00 -14.61
CA CYS D 42 9.42 -75.26 -13.54
C CYS D 42 9.06 -76.75 -13.54
N ARG D 43 8.95 -77.34 -14.72
CA ARG D 43 8.63 -78.77 -14.80
C ARG D 43 9.76 -79.54 -14.14
N ALA D 44 10.99 -79.06 -14.36
CA ALA D 44 12.18 -79.69 -13.78
C ALA D 44 12.15 -79.60 -12.27
N SER D 45 11.69 -78.46 -11.75
CA SER D 45 11.61 -78.25 -10.31
C SER D 45 10.54 -79.19 -9.75
N GLU D 46 9.43 -79.31 -10.48
CA GLU D 46 8.34 -80.18 -10.06
C GLU D 46 8.91 -81.59 -9.89
N ALA D 47 9.75 -81.99 -10.82
CA ALA D 47 10.37 -83.31 -10.80
C ALA D 47 11.25 -83.48 -9.56
N ARG D 48 12.02 -82.44 -9.22
CA ARG D 48 12.89 -82.53 -8.05
C ARG D 48 12.09 -82.69 -6.77
N LEU D 49 10.94 -82.03 -6.70
CA LEU D 49 10.09 -82.13 -5.51
C LEU D 49 9.62 -83.58 -5.38
N GLY D 50 9.21 -84.16 -6.50
CA GLY D 50 8.76 -85.54 -6.50
C GLY D 50 9.85 -86.46 -6.01
N ALA D 51 11.08 -86.18 -6.43
CA ALA D 51 12.24 -86.98 -6.04
C ALA D 51 12.55 -86.83 -4.55
N VAL D 52 12.45 -85.61 -4.04
CA VAL D 52 12.69 -85.36 -2.63
C VAL D 52 11.71 -86.17 -1.79
N ILE D 53 10.44 -86.16 -2.22
CA ILE D 53 9.40 -86.89 -1.51
C ILE D 53 9.61 -88.40 -1.60
N ARG D 54 9.98 -88.89 -2.78
CA ARG D 54 10.20 -90.31 -2.96
C ARG D 54 11.36 -90.82 -2.10
N GLU D 55 12.36 -89.98 -1.92
CA GLU D 55 13.53 -90.35 -1.13
C GLU D 55 13.38 -90.06 0.36
N ALA D 56 12.20 -89.56 0.74
CA ALA D 56 11.92 -89.26 2.14
C ALA D 56 12.95 -88.30 2.75
N ARG D 57 13.42 -87.35 1.95
CA ARG D 57 14.40 -86.38 2.43
C ARG D 57 13.78 -85.57 3.56
N HIS D 58 14.61 -85.18 4.53
CA HIS D 58 14.15 -84.37 5.65
C HIS D 58 13.92 -82.96 5.13
N VAL D 59 12.65 -82.60 4.91
CA VAL D 59 12.33 -81.27 4.41
C VAL D 59 11.12 -80.63 5.11
N TYR D 60 11.30 -79.37 5.50
CA TYR D 60 10.27 -78.58 6.16
C TYR D 60 8.99 -78.57 5.35
N GLY D 61 7.87 -78.93 5.97
CA GLY D 61 6.60 -78.92 5.29
C GLY D 61 6.25 -80.17 4.50
N LEU D 62 7.22 -81.06 4.33
CA LEU D 62 7.01 -82.29 3.59
C LEU D 62 7.12 -83.48 4.54
N THR D 63 7.93 -83.31 5.59
CA THR D 63 8.13 -84.36 6.58
C THR D 63 8.35 -83.78 7.98
N THR D 64 7.92 -82.54 8.18
CA THR D 64 8.07 -81.87 9.48
C THR D 64 6.87 -80.96 9.77
N GLY D 65 6.77 -80.52 11.02
CA GLY D 65 5.68 -79.62 11.39
C GLY D 65 6.08 -78.23 10.95
N PHE D 66 5.30 -77.23 11.34
CA PHE D 66 5.60 -75.85 10.96
C PHE D 66 6.05 -75.02 12.16
N GLY D 67 6.85 -74.00 11.89
CA GLY D 67 7.34 -73.15 12.97
C GLY D 67 8.14 -73.96 13.96
N PRO D 68 8.02 -73.67 15.26
CA PRO D 68 8.75 -74.40 16.30
C PRO D 68 8.30 -75.85 16.41
N LEU D 69 7.23 -76.19 15.70
CA LEU D 69 6.70 -77.55 15.72
C LEU D 69 7.41 -78.41 14.67
N ALA D 70 8.39 -77.81 13.99
CA ALA D 70 9.16 -78.50 12.96
C ALA D 70 9.95 -79.68 13.55
N ASN D 71 10.15 -79.67 14.86
CA ASN D 71 10.89 -80.75 15.51
C ASN D 71 10.04 -82.02 15.54
N ARG D 72 8.80 -81.90 15.08
CA ARG D 72 7.89 -83.04 14.99
C ARG D 72 7.91 -83.60 13.58
N LEU D 73 8.64 -84.69 13.37
CA LEU D 73 8.72 -85.29 12.04
C LEU D 73 7.37 -85.90 11.66
N ILE D 74 7.06 -85.90 10.37
CA ILE D 74 5.78 -86.41 9.88
C ILE D 74 5.92 -87.53 8.85
N SER D 75 5.00 -88.50 8.89
CA SER D 75 5.02 -89.62 7.95
C SER D 75 4.42 -89.17 6.63
N GLY D 76 4.92 -89.73 5.53
CA GLY D 76 4.41 -89.36 4.22
C GLY D 76 2.94 -89.65 4.01
N GLU D 77 2.36 -90.46 4.89
CA GLU D 77 0.95 -90.82 4.79
C GLU D 77 0.03 -89.72 5.32
N ASN D 78 0.63 -88.64 5.84
CA ASN D 78 -0.15 -87.54 6.40
C ASN D 78 0.27 -86.16 5.89
N VAL D 79 1.06 -86.12 4.83
CA VAL D 79 1.53 -84.85 4.29
C VAL D 79 0.39 -83.97 3.78
N ARG D 80 -0.58 -84.57 3.09
CA ARG D 80 -1.70 -83.80 2.57
C ARG D 80 -2.50 -83.13 3.69
N THR D 81 -2.68 -83.85 4.80
CA THR D 81 -3.40 -83.31 5.94
C THR D 81 -2.55 -82.19 6.51
N LEU D 82 -1.25 -82.43 6.57
CA LEU D 82 -0.29 -81.45 7.09
C LEU D 82 -0.42 -80.13 6.32
N GLN D 83 -0.36 -80.20 4.99
CA GLN D 83 -0.44 -79.00 4.18
C GLN D 83 -1.83 -78.39 4.13
N ALA D 84 -2.86 -79.19 4.37
CA ALA D 84 -4.22 -78.67 4.38
C ALA D 84 -4.43 -77.89 5.66
N ASN D 85 -3.82 -78.34 6.76
CA ASN D 85 -3.96 -77.66 8.03
C ASN D 85 -3.06 -76.43 8.10
N LEU D 86 -2.00 -76.42 7.28
CA LEU D 86 -1.09 -75.29 7.22
C LEU D 86 -1.90 -74.09 6.74
N VAL D 87 -2.59 -74.27 5.62
CA VAL D 87 -3.42 -73.21 5.05
C VAL D 87 -4.52 -72.79 6.03
N HIS D 88 -5.03 -73.77 6.77
CA HIS D 88 -6.09 -73.51 7.75
C HIS D 88 -5.66 -72.64 8.92
N HIS D 89 -4.60 -73.03 9.63
CA HIS D 89 -4.16 -72.26 10.78
C HIS D 89 -3.60 -70.87 10.43
N LEU D 90 -3.13 -70.73 9.20
CA LEU D 90 -2.57 -69.46 8.74
C LEU D 90 -3.64 -68.46 8.31
N ALA D 91 -4.84 -68.95 8.04
CA ALA D 91 -5.94 -68.09 7.60
C ALA D 91 -6.60 -67.31 8.73
N SER D 92 -5.78 -66.57 9.49
CA SER D 92 -6.26 -65.80 10.62
C SER D 92 -6.24 -64.30 10.33
N GLY D 93 -6.22 -63.94 9.05
CA GLY D 93 -6.18 -62.53 8.68
C GLY D 93 -7.44 -61.73 8.95
N VAL D 94 -7.26 -60.44 9.19
CA VAL D 94 -8.37 -59.53 9.47
C VAL D 94 -8.17 -58.18 8.78
N GLY D 95 -9.20 -57.34 8.81
CA GLY D 95 -9.10 -56.02 8.20
C GLY D 95 -9.60 -55.93 6.78
N PRO D 96 -9.69 -54.70 6.23
CA PRO D 96 -10.15 -54.49 4.85
C PRO D 96 -9.32 -55.32 3.88
N VAL D 97 -9.96 -55.85 2.85
CA VAL D 97 -9.24 -56.66 1.87
C VAL D 97 -8.32 -55.79 1.03
N LEU D 98 -7.28 -56.39 0.48
CA LEU D 98 -6.36 -55.65 -0.38
C LEU D 98 -7.17 -55.30 -1.62
N ASP D 99 -6.91 -54.14 -2.21
CA ASP D 99 -7.63 -53.75 -3.41
C ASP D 99 -7.34 -54.71 -4.56
N TRP D 100 -8.25 -54.74 -5.52
CA TRP D 100 -8.18 -55.59 -6.70
C TRP D 100 -6.79 -55.69 -7.34
N THR D 101 -6.21 -54.55 -7.68
CA THR D 101 -4.89 -54.53 -8.32
C THR D 101 -3.77 -55.05 -7.42
N THR D 102 -3.80 -54.68 -6.15
CA THR D 102 -2.79 -55.11 -5.19
C THR D 102 -2.84 -56.61 -4.93
N ALA D 103 -4.05 -57.13 -4.76
CA ALA D 103 -4.21 -58.56 -4.52
C ALA D 103 -3.62 -59.33 -5.71
N ARG D 104 -3.92 -58.87 -6.92
CA ARG D 104 -3.40 -59.51 -8.12
C ARG D 104 -1.88 -59.36 -8.20
N ALA D 105 -1.37 -58.22 -7.72
CA ALA D 105 0.07 -57.99 -7.73
C ALA D 105 0.73 -59.02 -6.82
N MET D 106 0.05 -59.37 -5.73
CA MET D 106 0.57 -60.37 -4.80
C MET D 106 0.63 -61.73 -5.49
N VAL D 107 -0.44 -62.07 -6.21
CA VAL D 107 -0.50 -63.35 -6.92
C VAL D 107 0.64 -63.40 -7.94
N LEU D 108 0.87 -62.28 -8.61
CA LEU D 108 1.92 -62.19 -9.62
C LEU D 108 3.32 -62.32 -9.02
N ALA D 109 3.53 -61.75 -7.83
CA ALA D 109 4.83 -61.82 -7.18
C ALA D 109 5.18 -63.26 -6.81
N ARG D 110 4.17 -64.03 -6.42
CA ARG D 110 4.39 -65.43 -6.05
C ARG D 110 4.75 -66.19 -7.31
N LEU D 111 4.03 -65.92 -8.40
CA LEU D 111 4.25 -66.56 -9.68
C LEU D 111 5.66 -66.30 -10.22
N VAL D 112 6.09 -65.04 -10.18
CA VAL D 112 7.43 -64.72 -10.67
C VAL D 112 8.49 -65.47 -9.88
N SER D 113 8.28 -65.60 -8.58
CA SER D 113 9.23 -66.33 -7.73
C SER D 113 9.28 -67.78 -8.21
N ILE D 114 8.11 -68.36 -8.42
CA ILE D 114 7.97 -69.75 -8.88
C ILE D 114 8.60 -69.97 -10.25
N ALA D 115 8.46 -68.97 -11.12
CA ALA D 115 9.00 -69.06 -12.47
C ALA D 115 10.52 -69.23 -12.49
N GLN D 116 11.16 -69.01 -11.34
CA GLN D 116 12.60 -69.15 -11.26
C GLN D 116 13.00 -70.63 -11.19
N GLY D 117 12.02 -71.50 -10.98
CA GLY D 117 12.28 -72.93 -10.95
C GLY D 117 12.95 -73.53 -9.72
N ALA D 118 12.61 -73.02 -8.53
CA ALA D 118 13.20 -73.55 -7.31
C ALA D 118 12.15 -73.82 -6.23
N SER D 119 10.87 -73.79 -6.63
CA SER D 119 9.76 -73.99 -5.70
C SER D 119 9.06 -75.35 -5.74
N GLY D 120 9.22 -76.07 -6.85
CA GLY D 120 8.60 -77.38 -6.98
C GLY D 120 7.13 -77.36 -7.35
N ALA D 121 6.61 -76.17 -7.65
CA ALA D 121 5.20 -76.02 -8.01
C ALA D 121 4.83 -76.85 -9.23
N SER D 122 3.67 -77.51 -9.18
CA SER D 122 3.22 -78.33 -10.28
C SER D 122 2.65 -77.45 -11.40
N GLU D 123 2.52 -78.01 -12.60
CA GLU D 123 1.99 -77.28 -13.73
C GLU D 123 0.59 -76.77 -13.44
N GLY D 124 -0.19 -77.58 -12.73
CA GLY D 124 -1.54 -77.21 -12.40
C GLY D 124 -1.60 -75.99 -11.50
N THR D 125 -0.74 -75.98 -10.48
CA THR D 125 -0.68 -74.87 -9.54
C THR D 125 -0.30 -73.57 -10.26
N ILE D 126 0.69 -73.66 -11.14
CA ILE D 126 1.14 -72.50 -11.90
C ILE D 126 -0.01 -72.01 -12.77
N ALA D 127 -0.73 -72.95 -13.39
CA ALA D 127 -1.85 -72.62 -14.25
C ALA D 127 -2.96 -71.86 -13.51
N ARG D 128 -3.18 -72.21 -12.24
CA ARG D 128 -4.22 -71.54 -11.45
C ARG D 128 -3.85 -70.07 -11.23
N LEU D 129 -2.57 -69.80 -11.03
CA LEU D 129 -2.12 -68.42 -10.81
C LEU D 129 -2.24 -67.63 -12.11
N ILE D 130 -1.79 -68.23 -13.21
CA ILE D 130 -1.86 -67.58 -14.51
C ILE D 130 -3.31 -67.30 -14.91
N ASP D 131 -4.19 -68.28 -14.72
CA ASP D 131 -5.59 -68.09 -15.07
C ASP D 131 -6.18 -66.92 -14.30
N LEU D 132 -5.86 -66.84 -13.01
CA LEU D 132 -6.36 -65.76 -12.17
C LEU D 132 -5.93 -64.43 -12.77
N LEU D 133 -4.64 -64.29 -13.03
CA LEU D 133 -4.12 -63.05 -13.59
C LEU D 133 -4.72 -62.69 -14.93
N ASN D 134 -5.07 -63.70 -15.74
CA ASN D 134 -5.67 -63.43 -17.03
C ASN D 134 -7.18 -63.22 -16.94
N SER D 135 -7.73 -63.40 -15.75
CA SER D 135 -9.16 -63.19 -15.54
C SER D 135 -9.35 -61.73 -15.14
N GLU D 136 -10.60 -61.36 -14.87
CA GLU D 136 -10.93 -59.99 -14.45
C GLU D 136 -11.16 -59.98 -12.94
N LEU D 137 -10.73 -61.06 -12.28
CA LEU D 137 -10.92 -61.17 -10.84
C LEU D 137 -9.64 -61.12 -10.03
N ALA D 138 -9.81 -61.03 -8.72
CA ALA D 138 -8.70 -61.00 -7.79
C ALA D 138 -9.19 -61.70 -6.53
N PRO D 139 -8.28 -62.34 -5.76
CA PRO D 139 -8.74 -63.01 -4.55
C PRO D 139 -9.03 -61.95 -3.50
N ALA D 140 -9.99 -62.22 -2.60
CA ALA D 140 -10.32 -61.29 -1.53
C ALA D 140 -9.47 -61.70 -0.34
N VAL D 141 -8.45 -60.93 -0.04
CA VAL D 141 -7.54 -61.25 1.05
C VAL D 141 -7.43 -60.16 2.10
N PRO D 142 -7.56 -60.53 3.39
CA PRO D 142 -7.45 -59.54 4.48
C PRO D 142 -6.08 -58.88 4.40
N SER D 143 -6.04 -57.58 4.71
CA SER D 143 -4.78 -56.84 4.65
C SER D 143 -3.88 -56.99 5.86
N ARG D 144 -4.45 -57.34 7.01
CA ARG D 144 -3.68 -57.49 8.25
C ARG D 144 -3.52 -58.93 8.73
N GLY D 145 -2.44 -59.16 9.48
CA GLY D 145 -2.20 -60.49 10.01
C GLY D 145 -0.78 -61.00 9.92
N THR D 146 -0.02 -60.50 8.94
CA THR D 146 1.35 -60.93 8.75
C THR D 146 2.42 -60.02 9.34
N VAL D 147 3.52 -60.61 9.80
CA VAL D 147 4.64 -59.85 10.34
C VAL D 147 5.75 -59.79 9.28
N GLY D 148 5.41 -60.20 8.07
CA GLY D 148 6.36 -60.17 6.97
C GLY D 148 7.56 -61.08 7.12
N ASP D 150 4.93 -63.49 4.12
CA ASP D 150 3.50 -63.16 4.07
C ASP D 150 2.60 -64.39 4.00
N LEU D 151 2.74 -65.24 5.00
CA LEU D 151 1.98 -66.48 5.05
C LEU D 151 0.47 -66.33 5.17
N THR D 152 0.02 -65.46 6.06
CA THR D 152 -1.41 -65.27 6.25
C THR D 152 -2.16 -64.83 4.98
N PRO D 153 -1.74 -63.73 4.34
CA PRO D 153 -2.48 -63.35 3.14
C PRO D 153 -2.43 -64.39 2.02
N LEU D 154 -1.30 -65.08 1.88
CA LEU D 154 -1.17 -66.10 0.84
C LEU D 154 -2.06 -67.30 1.15
N ALA D 155 -2.22 -67.61 2.44
CA ALA D 155 -3.07 -68.72 2.83
C ALA D 155 -4.51 -68.40 2.43
N HIS D 156 -4.91 -67.15 2.64
CA HIS D 156 -6.26 -66.72 2.27
C HIS D 156 -6.40 -66.80 0.76
N MET D 157 -5.32 -66.49 0.03
CA MET D 157 -5.33 -66.56 -1.43
C MET D 157 -5.59 -68.00 -1.87
N VAL D 158 -4.89 -68.94 -1.24
CA VAL D 158 -5.04 -70.36 -1.56
C VAL D 158 -6.49 -70.78 -1.39
N LEU D 159 -7.09 -70.42 -0.25
CA LEU D 159 -8.49 -70.76 0.02
C LEU D 159 -9.40 -70.18 -1.07
N CYS D 160 -9.13 -68.94 -1.48
CA CYS D 160 -9.94 -68.32 -2.52
C CYS D 160 -9.82 -69.12 -3.81
N LEU D 161 -8.58 -69.47 -4.16
CA LEU D 161 -8.32 -70.23 -5.38
C LEU D 161 -8.93 -71.64 -5.37
N GLN D 162 -9.25 -72.16 -4.19
CA GLN D 162 -9.86 -73.47 -4.07
C GLN D 162 -11.37 -73.31 -4.07
N GLY D 163 -11.82 -72.06 -4.20
CA GLY D 163 -13.24 -71.77 -4.19
C GLY D 163 -13.81 -71.71 -2.79
N ARG D 164 -12.93 -71.62 -1.80
CA ARG D 164 -13.33 -71.54 -0.40
C ARG D 164 -13.09 -70.15 0.18
N GLY D 165 -13.03 -69.17 -0.72
CA GLY D 165 -12.80 -67.80 -0.30
C GLY D 165 -13.39 -66.86 -1.33
N ASP D 166 -13.69 -65.63 -0.93
CA ASP D 166 -14.27 -64.65 -1.84
C ASP D 166 -13.29 -64.12 -2.89
N PHE D 167 -13.86 -63.56 -3.95
CA PHE D 167 -13.12 -62.96 -5.05
C PHE D 167 -13.63 -61.54 -5.18
N LEU D 168 -12.89 -60.71 -5.90
CA LEU D 168 -13.27 -59.33 -6.11
C LEU D 168 -13.28 -59.05 -7.61
N ASP D 169 -14.18 -58.18 -8.05
CA ASP D 169 -14.24 -57.79 -9.46
C ASP D 169 -13.49 -56.46 -9.50
N ARG D 170 -13.27 -55.91 -10.68
CA ARG D 170 -12.54 -54.63 -10.79
C ARG D 170 -13.08 -53.52 -9.90
N ASP D 171 -14.36 -53.56 -9.60
CA ASP D 171 -15.00 -52.53 -8.76
C ASP D 171 -14.83 -52.76 -7.26
N GLY D 172 -14.33 -53.93 -6.89
CA GLY D 172 -14.15 -54.23 -5.49
C GLY D 172 -15.33 -54.95 -4.88
N THR D 173 -16.37 -55.19 -5.68
CA THR D 173 -17.55 -55.89 -5.18
C THR D 173 -17.20 -57.37 -5.01
N ARG D 174 -17.58 -57.94 -3.89
CA ARG D 174 -17.27 -59.33 -3.58
C ARG D 174 -18.17 -60.39 -4.22
N LEU D 175 -17.55 -61.52 -4.55
CA LEU D 175 -18.24 -62.66 -5.12
C LEU D 175 -17.83 -63.84 -4.25
N ASP D 176 -18.73 -64.78 -4.02
CA ASP D 176 -18.37 -65.93 -3.19
C ASP D 176 -17.41 -66.81 -3.98
N GLY D 177 -16.79 -67.76 -3.30
CA GLY D 177 -15.84 -68.66 -3.95
C GLY D 177 -16.36 -69.38 -5.17
N ALA D 178 -17.55 -69.96 -5.05
CA ALA D 178 -18.15 -70.69 -6.16
C ALA D 178 -18.40 -69.78 -7.35
N GLU D 179 -18.95 -68.60 -7.09
CA GLU D 179 -19.23 -67.65 -8.16
C GLU D 179 -17.97 -67.13 -8.83
N GLY D 180 -16.90 -66.99 -8.05
CA GLY D 180 -15.65 -66.50 -8.61
C GLY D 180 -15.07 -67.49 -9.61
N LEU D 181 -15.08 -68.76 -9.24
CA LEU D 181 -14.56 -69.80 -10.12
C LEU D 181 -15.42 -69.90 -11.39
N ARG D 182 -16.73 -69.72 -11.22
CA ARG D 182 -17.66 -69.78 -12.34
C ARG D 182 -17.51 -68.58 -13.29
N ARG D 183 -17.65 -67.38 -12.73
CA ARG D 183 -17.55 -66.15 -13.53
C ARG D 183 -16.18 -66.01 -14.19
N GLY D 184 -15.13 -66.38 -13.46
CA GLY D 184 -13.79 -66.28 -13.99
C GLY D 184 -13.39 -67.47 -14.84
N ARG D 185 -14.26 -68.47 -14.94
CA ARG D 185 -13.97 -69.67 -15.71
C ARG D 185 -12.65 -70.26 -15.22
N LEU D 186 -12.52 -70.33 -13.90
CA LEU D 186 -11.30 -70.86 -13.27
C LEU D 186 -11.52 -72.28 -12.76
N GLN D 187 -10.43 -73.02 -12.64
CA GLN D 187 -10.50 -74.38 -12.11
C GLN D 187 -10.08 -74.31 -10.65
N PRO D 188 -10.69 -75.11 -9.78
CA PRO D 188 -10.32 -75.09 -8.36
C PRO D 188 -8.90 -75.59 -8.14
N LEU D 189 -8.13 -74.87 -7.32
CA LEU D 189 -6.76 -75.24 -7.02
C LEU D 189 -6.68 -76.58 -6.30
N ASP D 190 -5.86 -77.48 -6.85
CA ASP D 190 -5.67 -78.81 -6.27
C ASP D 190 -4.21 -78.96 -5.81
N LEU D 191 -4.03 -79.21 -4.51
CA LEU D 191 -2.69 -79.34 -3.95
C LEU D 191 -2.26 -80.79 -3.74
N SER D 192 -2.76 -81.69 -4.56
CA SER D 192 -2.43 -83.11 -4.45
C SER D 192 -0.95 -83.42 -4.64
N HIS D 193 -0.23 -82.56 -5.37
CA HIS D 193 1.20 -82.77 -5.59
C HIS D 193 2.05 -82.35 -4.40
N ARG D 194 1.39 -81.98 -3.31
CA ARG D 194 2.07 -81.55 -2.08
C ARG D 194 2.96 -80.33 -2.30
N ASP D 195 2.52 -79.41 -3.16
CA ASP D 195 3.28 -78.21 -3.45
C ASP D 195 2.68 -76.96 -2.79
N ALA D 196 2.00 -77.15 -1.66
CA ALA D 196 1.38 -76.04 -0.93
C ALA D 196 2.40 -74.97 -0.54
N LEU D 197 3.60 -75.41 -0.19
CA LEU D 197 4.65 -74.48 0.22
C LEU D 197 5.07 -73.54 -0.90
N ALA D 198 4.75 -73.89 -2.14
CA ALA D 198 5.10 -73.03 -3.26
C ALA D 198 4.15 -71.83 -3.30
N LEU D 199 2.99 -71.97 -2.67
CA LEU D 199 2.00 -70.90 -2.65
C LEU D 199 2.01 -70.07 -1.37
N VAL D 200 2.22 -70.73 -0.24
CA VAL D 200 2.27 -70.06 1.05
C VAL D 200 3.75 -69.91 1.37
N ASN D 201 4.34 -68.81 0.91
CA ASN D 201 5.76 -68.59 1.09
C ASN D 201 6.19 -67.24 0.54
N GLY D 202 7.36 -66.79 0.97
CA GLY D 202 7.92 -65.56 0.46
C GLY D 202 7.32 -64.23 0.89
N THR D 203 7.71 -63.19 0.18
CA THR D 203 7.29 -61.81 0.44
C THR D 203 6.33 -61.27 -0.63
N SER D 204 5.48 -62.16 -1.15
CA SER D 204 4.54 -61.79 -2.21
C SER D 204 3.58 -60.64 -1.90
N ALA D 205 3.07 -60.58 -0.68
CA ALA D 205 2.12 -59.53 -0.32
C ALA D 205 2.77 -58.15 -0.27
N MET D 206 3.86 -58.00 0.47
CA MET D 206 4.52 -56.70 0.57
C MET D 206 5.08 -56.27 -0.79
N THR D 207 5.50 -57.26 -1.58
CA THR D 207 6.06 -56.98 -2.90
C THR D 207 4.95 -56.47 -3.84
N GLY D 208 3.77 -57.09 -3.76
CA GLY D 208 2.67 -56.65 -4.60
C GLY D 208 2.24 -55.24 -4.21
N ILE D 209 2.11 -55.01 -2.90
CA ILE D 209 1.71 -53.70 -2.40
C ILE D 209 2.75 -52.66 -2.86
N ALA D 210 4.03 -52.97 -2.70
CA ALA D 210 5.10 -52.06 -3.07
C ALA D 210 5.20 -51.76 -4.57
N LEU D 211 4.93 -52.74 -5.42
CA LEU D 211 5.02 -52.46 -6.85
C LEU D 211 3.87 -51.57 -7.27
N VAL D 212 2.76 -51.63 -6.54
CA VAL D 212 1.64 -50.74 -6.86
C VAL D 212 2.01 -49.35 -6.33
N ASN D 213 2.72 -49.30 -5.21
CA ASN D 213 3.15 -48.00 -4.68
C ASN D 213 4.09 -47.34 -5.69
N ALA D 214 5.06 -48.10 -6.18
CA ALA D 214 6.03 -47.60 -7.14
C ALA D 214 5.40 -46.95 -8.36
N HIS D 215 4.36 -47.58 -8.90
CA HIS D 215 3.67 -47.08 -10.08
C HIS D 215 2.95 -45.77 -9.77
N ALA D 216 2.24 -45.74 -8.63
CA ALA D 216 1.51 -44.55 -8.22
C ALA D 216 2.44 -43.37 -7.98
N CYS D 217 3.59 -43.62 -7.36
CA CYS D 217 4.53 -42.54 -7.08
C CYS D 217 5.07 -41.93 -8.38
N ARG D 218 5.29 -42.75 -9.39
CA ARG D 218 5.80 -42.23 -10.65
C ARG D 218 4.83 -41.18 -11.18
N HIS D 219 3.54 -41.50 -11.15
CA HIS D 219 2.53 -40.57 -11.63
C HIS D 219 2.42 -39.33 -10.73
N LEU D 220 2.35 -39.53 -9.42
CA LEU D 220 2.26 -38.38 -8.52
C LEU D 220 3.50 -37.51 -8.66
N GLY D 221 4.65 -38.14 -8.91
CA GLY D 221 5.88 -37.38 -9.08
C GLY D 221 5.75 -36.48 -10.30
N ASN D 222 5.17 -37.01 -11.37
CA ASN D 222 4.98 -36.22 -12.58
C ASN D 222 4.03 -35.06 -12.30
N TRP D 223 3.02 -35.31 -11.47
CA TRP D 223 2.08 -34.23 -11.12
C TRP D 223 2.77 -33.20 -10.23
N ALA D 224 3.65 -33.67 -9.34
CA ALA D 224 4.37 -32.78 -8.44
C ALA D 224 5.18 -31.78 -9.26
N VAL D 225 5.83 -32.29 -10.30
CA VAL D 225 6.64 -31.47 -11.20
C VAL D 225 5.75 -30.52 -12.01
N ALA D 226 4.73 -31.06 -12.66
CA ALA D 226 3.82 -30.26 -13.48
C ALA D 226 3.17 -29.12 -12.71
N LEU D 227 2.72 -29.41 -11.49
CA LEU D 227 2.06 -28.40 -10.68
C LEU D 227 3.04 -27.35 -10.15
N THR D 228 4.25 -27.77 -9.82
CA THR D 228 5.26 -26.82 -9.35
C THR D 228 5.53 -25.84 -10.51
N ALA D 229 5.59 -26.36 -11.73
CA ALA D 229 5.85 -25.54 -12.90
C ALA D 229 4.70 -24.55 -13.12
N LEU D 230 3.47 -25.04 -13.04
CA LEU D 230 2.32 -24.18 -13.23
C LEU D 230 2.27 -23.11 -12.13
N LEU D 231 2.70 -23.48 -10.93
CA LEU D 231 2.72 -22.52 -9.81
C LEU D 231 3.65 -21.38 -10.21
N ALA D 232 4.79 -21.71 -10.78
CA ALA D 232 5.74 -20.68 -11.22
C ALA D 232 5.07 -19.73 -12.21
N GLU D 233 4.23 -20.28 -13.10
CA GLU D 233 3.55 -19.46 -14.08
C GLU D 233 2.46 -18.60 -13.47
N CYS D 234 1.97 -18.98 -12.30
CA CYS D 234 0.94 -18.21 -11.62
C CYS D 234 1.53 -17.15 -10.68
N LEU D 235 2.78 -17.36 -10.28
CA LEU D 235 3.43 -16.43 -9.36
C LEU D 235 4.69 -15.76 -9.91
N ARG D 236 4.80 -15.63 -11.23
CA ARG D 236 5.99 -15.03 -11.85
C ARG D 236 7.27 -15.65 -11.29
N GLY D 237 7.29 -16.98 -11.22
CA GLY D 237 8.47 -17.66 -10.71
C GLY D 237 9.73 -17.45 -11.53
N ARG D 238 10.88 -17.51 -10.87
CA ARG D 238 12.16 -17.33 -11.54
C ARG D 238 12.74 -18.67 -11.97
N THR D 239 12.94 -18.83 -13.27
CA THR D 239 13.48 -20.07 -13.81
C THR D 239 14.97 -20.29 -13.60
N GLU D 240 15.72 -19.23 -13.31
CA GLU D 240 17.16 -19.42 -13.15
C GLU D 240 17.50 -20.39 -12.02
N ALA D 241 16.59 -20.55 -11.06
CA ALA D 241 16.84 -21.48 -9.96
C ALA D 241 16.80 -22.92 -10.48
N TRP D 242 16.13 -23.12 -11.61
CA TRP D 242 16.02 -24.45 -12.20
C TRP D 242 17.03 -24.69 -13.31
N ALA D 243 18.04 -23.83 -13.40
CA ALA D 243 19.06 -23.94 -14.43
C ALA D 243 19.82 -25.26 -14.36
N ALA D 244 20.25 -25.76 -15.52
CA ALA D 244 20.98 -27.02 -15.56
C ALA D 244 22.36 -26.86 -14.92
N ALA D 245 22.92 -25.66 -14.97
CA ALA D 245 24.24 -25.41 -14.40
C ALA D 245 24.26 -25.68 -12.90
N LEU D 246 23.15 -25.42 -12.22
CA LEU D 246 23.07 -25.66 -10.78
C LEU D 246 23.04 -27.15 -10.51
N SER D 247 22.30 -27.89 -11.34
CA SER D 247 22.21 -29.34 -11.22
C SER D 247 23.60 -29.95 -11.31
N ASP D 248 24.37 -29.48 -12.28
CA ASP D 248 25.73 -29.98 -12.52
C ASP D 248 26.66 -29.75 -11.34
N LEU D 249 26.45 -28.65 -10.61
CA LEU D 249 27.29 -28.33 -9.45
C LEU D 249 26.97 -29.23 -8.26
N ARG D 250 25.77 -29.83 -8.26
CA ARG D 250 25.35 -30.73 -7.19
C ARG D 250 24.64 -31.86 -7.93
N PRO D 251 25.42 -32.72 -8.62
CA PRO D 251 24.96 -33.84 -9.43
C PRO D 251 24.13 -35.00 -8.91
N HIS D 252 23.15 -34.76 -8.02
CA HIS D 252 22.31 -35.87 -7.59
C HIS D 252 21.43 -36.13 -8.81
N PRO D 253 21.37 -37.40 -9.27
CA PRO D 253 20.55 -37.73 -10.44
C PRO D 253 19.10 -37.26 -10.35
N GLY D 254 18.45 -37.53 -9.21
CA GLY D 254 17.06 -37.13 -9.05
C GLY D 254 16.86 -35.63 -9.17
N GLN D 255 17.81 -34.85 -8.66
CA GLN D 255 17.71 -33.40 -8.74
C GLN D 255 17.87 -32.91 -10.18
N LYS D 256 18.85 -33.47 -10.88
CA LYS D 256 19.11 -33.09 -12.27
C LYS D 256 17.84 -33.36 -13.09
N ASP D 257 17.23 -34.51 -12.86
CA ASP D 257 16.02 -34.91 -13.56
C ASP D 257 14.86 -33.97 -13.23
N ALA D 258 14.67 -33.68 -11.94
CA ALA D 258 13.61 -32.79 -11.52
C ALA D 258 13.74 -31.40 -12.18
N ALA D 259 14.93 -30.83 -12.13
CA ALA D 259 15.14 -29.52 -12.73
C ALA D 259 14.91 -29.52 -14.24
N ALA D 260 15.37 -30.56 -14.93
CA ALA D 260 15.17 -30.63 -16.37
C ALA D 260 13.69 -30.76 -16.74
N ARG D 261 12.95 -31.53 -15.94
CA ARG D 261 11.53 -31.72 -16.19
C ARG D 261 10.77 -30.42 -15.89
N LEU D 262 11.22 -29.69 -14.88
CA LEU D 262 10.60 -28.40 -14.53
C LEU D 262 10.83 -27.39 -15.67
N ARG D 263 12.04 -27.36 -16.22
CA ARG D 263 12.34 -26.44 -17.32
C ARG D 263 11.46 -26.79 -18.52
N ALA D 264 11.34 -28.09 -18.81
CA ALA D 264 10.52 -28.54 -19.93
C ALA D 264 9.07 -28.11 -19.77
N ARG D 265 8.51 -28.26 -18.56
CA ARG D 265 7.11 -27.88 -18.33
C ARG D 265 6.82 -26.40 -18.63
N VAL D 266 7.77 -25.51 -18.32
CA VAL D 266 7.55 -24.08 -18.56
C VAL D 266 8.12 -23.55 -19.86
N ASP D 267 8.61 -24.44 -20.71
CA ASP D 267 9.15 -24.00 -21.99
C ASP D 267 8.03 -23.29 -22.75
N GLY D 268 8.35 -22.12 -23.32
CA GLY D 268 7.35 -21.38 -24.06
C GLY D 268 6.47 -20.46 -23.24
N SER D 269 6.66 -20.45 -21.93
CA SER D 269 5.89 -19.59 -21.05
C SER D 269 6.37 -18.15 -21.11
N ALA D 270 5.43 -17.22 -21.02
CA ALA D 270 5.76 -15.79 -21.01
C ALA D 270 5.37 -15.25 -19.63
N ARG D 271 5.01 -16.17 -18.73
CA ARG D 271 4.58 -15.81 -17.38
C ARG D 271 5.65 -15.96 -16.29
N VAL D 272 6.74 -16.64 -16.62
CA VAL D 272 7.83 -16.80 -15.65
C VAL D 272 8.92 -15.77 -15.94
N VAL D 273 9.77 -15.52 -14.95
CA VAL D 273 10.87 -14.58 -15.10
C VAL D 273 12.10 -15.39 -15.44
N ARG D 274 12.68 -15.14 -16.61
CA ARG D 274 13.85 -15.91 -17.04
C ARG D 274 15.20 -15.20 -16.91
N HIS D 275 15.18 -13.93 -16.55
CA HIS D 275 16.43 -13.20 -16.42
C HIS D 275 17.28 -13.63 -15.24
N VAL D 276 18.59 -13.79 -15.48
CA VAL D 276 19.53 -14.15 -14.43
C VAL D 276 19.79 -12.81 -13.75
N ILE D 277 19.52 -12.71 -12.46
CA ILE D 277 19.69 -11.42 -11.79
C ILE D 277 21.10 -10.85 -11.76
N ALA D 278 22.12 -11.72 -11.69
CA ALA D 278 23.49 -11.25 -11.63
C ALA D 278 23.96 -10.59 -12.92
N GLU D 279 23.16 -10.67 -13.98
CA GLU D 279 23.54 -10.05 -15.25
C GLU D 279 23.41 -8.53 -15.10
N ARG D 280 22.51 -8.12 -14.20
CA ARG D 280 22.24 -6.71 -13.95
C ARG D 280 23.39 -6.00 -13.22
N ARG D 281 23.83 -4.88 -13.78
CA ARG D 281 24.88 -4.09 -13.17
C ARG D 281 24.18 -2.93 -12.48
N LEU D 282 24.45 -2.77 -11.19
CA LEU D 282 23.81 -1.74 -10.39
C LEU D 282 24.63 -0.45 -10.36
N ASP D 283 23.95 0.66 -10.11
CA ASP D 283 24.62 1.95 -9.99
C ASP D 283 23.97 2.65 -8.80
N ALA D 284 24.48 3.83 -8.45
CA ALA D 284 23.96 4.56 -7.31
C ALA D 284 22.45 4.71 -7.30
N GLY D 285 21.86 4.86 -8.48
CA GLY D 285 20.41 5.03 -8.57
C GLY D 285 19.57 3.81 -8.20
N ASP D 286 20.18 2.63 -8.18
CA ASP D 286 19.45 1.40 -7.88
C ASP D 286 19.41 1.04 -6.40
N ILE D 287 20.32 1.57 -5.61
CA ILE D 287 20.36 1.28 -4.19
C ILE D 287 19.06 1.74 -3.52
N GLY D 288 18.39 0.79 -2.86
CA GLY D 288 17.14 1.08 -2.18
C GLY D 288 16.37 -0.21 -1.97
N THR D 289 15.09 -0.08 -1.64
CA THR D 289 14.26 -1.26 -1.40
C THR D 289 13.43 -1.57 -2.65
N GLU D 290 13.60 -2.77 -3.19
CA GLU D 290 12.86 -3.16 -4.37
C GLU D 290 11.57 -3.85 -3.93
N PRO D 291 10.57 -3.87 -4.82
CA PRO D 291 9.28 -4.49 -4.53
C PRO D 291 9.40 -5.95 -4.08
N GLU D 292 10.23 -6.70 -4.79
CA GLU D 292 10.40 -8.11 -4.49
C GLU D 292 11.88 -8.49 -4.40
N ALA D 293 12.17 -9.59 -3.70
CA ALA D 293 13.53 -10.06 -3.57
C ALA D 293 13.91 -10.67 -4.92
N GLY D 294 15.20 -10.85 -5.15
CA GLY D 294 15.65 -11.42 -6.41
C GLY D 294 15.51 -12.92 -6.50
N GLN D 295 15.01 -13.56 -5.44
CA GLN D 295 14.85 -15.02 -5.42
C GLN D 295 13.49 -15.42 -4.85
N ASP D 296 12.96 -16.55 -5.31
CA ASP D 296 11.67 -17.04 -4.83
C ASP D 296 11.77 -17.74 -3.48
N ALA D 297 10.61 -17.93 -2.84
CA ALA D 297 10.54 -18.66 -1.58
C ALA D 297 10.94 -20.09 -1.96
N TYR D 298 11.32 -20.88 -0.96
CA TYR D 298 11.76 -22.25 -1.19
C TYR D 298 10.81 -23.20 -1.95
N SER D 299 9.51 -23.06 -1.75
CA SER D 299 8.56 -23.93 -2.43
C SER D 299 8.67 -23.86 -3.95
N LEU D 300 9.41 -22.87 -4.45
CA LEU D 300 9.65 -22.75 -5.89
C LEU D 300 11.15 -22.89 -6.18
N ARG D 301 11.96 -22.07 -5.50
CA ARG D 301 13.40 -22.09 -5.70
C ARG D 301 14.11 -23.39 -5.35
N CYS D 302 13.62 -24.11 -4.34
CA CYS D 302 14.26 -25.37 -3.94
C CYS D 302 13.48 -26.60 -4.39
N ALA D 303 12.57 -26.43 -5.33
CA ALA D 303 11.79 -27.57 -5.82
C ALA D 303 12.68 -28.67 -6.40
N PRO D 304 13.70 -28.30 -7.22
CA PRO D 304 14.55 -29.36 -7.77
C PRO D 304 15.19 -30.23 -6.67
N GLN D 305 15.65 -29.56 -5.62
CA GLN D 305 16.30 -30.22 -4.49
C GLN D 305 15.36 -31.09 -3.65
N VAL D 306 14.14 -30.61 -3.43
CA VAL D 306 13.19 -31.39 -2.63
C VAL D 306 12.67 -32.56 -3.46
N LEU D 307 12.13 -32.26 -4.63
CA LEU D 307 11.60 -33.30 -5.51
C LEU D 307 12.71 -34.30 -5.84
N GLY D 308 13.90 -33.77 -6.15
CA GLY D 308 15.04 -34.62 -6.49
C GLY D 308 15.40 -35.63 -5.42
N ALA D 309 15.40 -35.20 -4.16
CA ALA D 309 15.72 -36.12 -3.07
C ALA D 309 14.63 -37.19 -3.02
N GLY D 310 13.39 -36.77 -3.26
CA GLY D 310 12.29 -37.71 -3.28
C GLY D 310 12.46 -38.69 -4.42
N PHE D 311 12.84 -38.20 -5.59
CA PHE D 311 13.03 -39.05 -6.76
C PHE D 311 14.16 -40.06 -6.56
N ASP D 312 15.24 -39.64 -5.88
CA ASP D 312 16.34 -40.56 -5.63
C ASP D 312 15.93 -41.64 -4.63
N THR D 313 15.03 -41.31 -3.72
CA THR D 313 14.55 -42.30 -2.75
C THR D 313 13.73 -43.33 -3.51
N LEU D 314 12.84 -42.85 -4.38
CA LEU D 314 12.02 -43.75 -5.18
C LEU D 314 12.90 -44.64 -6.06
N ALA D 315 13.95 -44.06 -6.62
CA ALA D 315 14.86 -44.82 -7.49
C ALA D 315 15.47 -45.97 -6.69
N TRP D 316 15.89 -45.70 -5.46
CA TRP D 316 16.47 -46.76 -4.63
C TRP D 316 15.41 -47.80 -4.32
N HIS D 317 14.23 -47.34 -3.95
CA HIS D 317 13.10 -48.22 -3.64
C HIS D 317 12.85 -49.16 -4.81
N ASP D 318 12.80 -48.61 -6.02
CA ASP D 318 12.56 -49.42 -7.21
C ASP D 318 13.70 -50.38 -7.56
N ARG D 319 14.94 -49.98 -7.29
CA ARG D 319 16.06 -50.88 -7.57
C ARG D 319 15.96 -52.12 -6.69
N VAL D 320 15.75 -51.90 -5.40
CA VAL D 320 15.62 -52.98 -4.44
C VAL D 320 14.38 -53.84 -4.73
N LEU D 321 13.24 -53.19 -5.02
CA LEU D 321 12.01 -53.92 -5.31
C LEU D 321 12.11 -54.77 -6.59
N THR D 322 12.84 -54.28 -7.59
CA THR D 322 13.00 -55.03 -8.83
C THR D 322 13.70 -56.35 -8.54
N ILE D 323 14.70 -56.30 -7.67
CA ILE D 323 15.43 -57.52 -7.31
C ILE D 323 14.50 -58.44 -6.51
N GLU D 324 13.77 -57.86 -5.56
CA GLU D 324 12.87 -58.66 -4.72
C GLU D 324 11.81 -59.36 -5.55
N LEU D 325 11.22 -58.63 -6.49
CA LEU D 325 10.17 -59.17 -7.34
C LEU D 325 10.63 -60.37 -8.17
N ASN D 326 11.84 -60.28 -8.70
CA ASN D 326 12.39 -61.34 -9.54
C ASN D 326 13.19 -62.39 -8.78
N ALA D 327 13.16 -62.32 -7.46
CA ALA D 327 13.90 -63.27 -6.65
C ALA D 327 13.02 -64.40 -6.14
N VAL D 328 13.67 -65.40 -5.54
CA VAL D 328 12.96 -66.52 -4.95
C VAL D 328 13.01 -66.26 -3.45
N THR D 329 11.87 -65.98 -2.86
CA THR D 329 11.83 -65.71 -1.43
C THR D 329 11.22 -66.88 -0.67
N ASP D 330 11.25 -68.05 -1.31
CA ASP D 330 10.71 -69.28 -0.77
C ASP D 330 11.61 -69.95 0.27
N ASN D 331 11.00 -70.83 1.06
CA ASN D 331 11.69 -71.65 2.03
C ASN D 331 10.78 -72.82 2.38
N PRO D 332 11.27 -74.05 2.18
CA PRO D 332 12.62 -74.35 1.67
C PRO D 332 12.69 -74.09 0.16
N VAL D 333 13.88 -74.26 -0.40
CA VAL D 333 14.07 -74.10 -1.84
C VAL D 333 14.75 -75.34 -2.40
N PHE D 334 14.52 -75.60 -3.67
CA PHE D 334 15.13 -76.76 -4.34
C PHE D 334 16.04 -76.25 -5.43
N PRO D 335 17.36 -76.22 -5.17
CA PRO D 335 18.39 -75.75 -6.10
C PRO D 335 18.27 -76.36 -7.49
N PRO D 336 18.14 -75.52 -8.52
CA PRO D 336 18.03 -75.96 -9.91
C PRO D 336 19.23 -76.77 -10.41
N ASP D 337 20.39 -76.56 -9.78
CA ASP D 337 21.61 -77.27 -10.19
C ASP D 337 21.68 -78.68 -9.60
N GLY D 338 20.89 -78.94 -8.57
CA GLY D 338 20.88 -80.25 -7.95
C GLY D 338 22.02 -80.49 -6.98
N SER D 339 22.72 -79.42 -6.59
CA SER D 339 23.84 -79.53 -5.65
C SER D 339 23.40 -80.25 -4.37
N VAL D 340 22.21 -79.92 -3.89
CA VAL D 340 21.65 -80.55 -2.69
C VAL D 340 20.15 -80.71 -2.94
N PRO D 341 19.50 -81.66 -2.24
CA PRO D 341 18.07 -81.90 -2.42
C PRO D 341 17.21 -80.66 -2.13
N ALA D 342 17.57 -79.93 -1.08
CA ALA D 342 16.84 -78.73 -0.69
C ALA D 342 17.68 -77.92 0.28
N LEU D 343 17.36 -76.64 0.38
CA LEU D 343 18.07 -75.74 1.29
C LEU D 343 17.07 -75.10 2.24
N HIS D 344 17.48 -74.92 3.49
CA HIS D 344 16.63 -74.29 4.50
C HIS D 344 17.30 -73.02 5.01
N GLY D 345 16.65 -71.89 4.78
CA GLY D 345 17.19 -70.62 5.21
C GLY D 345 16.09 -69.62 5.51
N GLY D 346 16.38 -68.33 5.33
CA GLY D 346 15.39 -67.31 5.63
C GLY D 346 15.16 -66.26 4.56
N ASN D 347 15.08 -66.66 3.29
CA ASN D 347 14.85 -65.69 2.22
C ASN D 347 13.46 -65.07 2.25
N PHE D 348 12.63 -65.53 3.19
CA PHE D 348 11.27 -65.00 3.34
C PHE D 348 11.25 -63.73 4.21
N MET D 349 12.37 -63.42 4.84
CA MET D 349 12.51 -62.24 5.70
C MET D 349 12.45 -60.97 4.85
N GLY D 350 11.31 -60.28 4.89
CA GLY D 350 11.14 -59.09 4.08
C GLY D 350 11.74 -57.79 4.55
N GLN D 351 12.96 -57.82 5.07
CA GLN D 351 13.60 -56.61 5.57
C GLN D 351 13.87 -55.59 4.45
N HIS D 352 14.17 -56.07 3.25
CA HIS D 352 14.45 -55.15 2.15
C HIS D 352 13.25 -54.29 1.77
N VAL D 353 12.08 -54.91 1.58
CA VAL D 353 10.90 -54.14 1.24
C VAL D 353 10.49 -53.30 2.45
N ALA D 354 10.74 -53.83 3.64
CA ALA D 354 10.38 -53.11 4.86
C ALA D 354 11.12 -51.77 4.94
N LEU D 355 12.44 -51.81 4.78
CA LEU D 355 13.24 -50.59 4.87
C LEU D 355 13.02 -49.61 3.73
N THR D 356 12.87 -50.11 2.51
CA THR D 356 12.65 -49.22 1.37
C THR D 356 11.27 -48.59 1.45
N SER D 357 10.28 -49.36 1.89
CA SER D 357 8.92 -48.83 2.03
C SER D 357 8.91 -47.68 3.05
N ASP D 358 9.56 -47.89 4.20
CA ASP D 358 9.62 -46.85 5.21
C ASP D 358 10.34 -45.61 4.68
N ALA D 359 11.41 -45.81 3.93
CA ALA D 359 12.16 -44.69 3.37
C ALA D 359 11.32 -43.91 2.38
N LEU D 360 10.58 -44.64 1.54
CA LEU D 360 9.73 -44.01 0.54
C LEU D 360 8.60 -43.25 1.22
N ALA D 361 8.04 -43.84 2.28
CA ALA D 361 6.94 -43.21 3.01
C ALA D 361 7.40 -41.83 3.51
N THR D 362 8.63 -41.76 4.00
CA THR D 362 9.17 -40.51 4.49
C THR D 362 9.29 -39.50 3.35
N ALA D 363 9.83 -39.95 2.21
CA ALA D 363 9.98 -39.08 1.05
C ALA D 363 8.60 -38.56 0.61
N VAL D 364 7.63 -39.45 0.54
CA VAL D 364 6.28 -39.07 0.15
C VAL D 364 5.73 -37.99 1.09
N THR D 365 5.95 -38.15 2.39
CA THR D 365 5.46 -37.17 3.36
C THR D 365 6.14 -35.82 3.13
N VAL D 366 7.42 -35.85 2.80
CA VAL D 366 8.17 -34.64 2.53
C VAL D 366 7.63 -33.93 1.29
N LEU D 367 7.48 -34.67 0.19
CA LEU D 367 6.97 -34.06 -1.06
C LEU D 367 5.53 -33.59 -0.89
N ALA D 368 4.76 -34.31 -0.07
CA ALA D 368 3.38 -33.91 0.17
C ALA D 368 3.40 -32.58 0.94
N GLY D 369 4.40 -32.42 1.80
CA GLY D 369 4.54 -31.19 2.56
C GLY D 369 4.82 -30.03 1.62
N LEU D 370 5.65 -30.26 0.61
CA LEU D 370 5.96 -29.25 -0.39
C LEU D 370 4.67 -28.79 -1.08
N ALA D 371 3.89 -29.76 -1.55
CA ALA D 371 2.63 -29.44 -2.23
C ALA D 371 1.71 -28.67 -1.30
N GLU D 372 1.62 -29.11 -0.04
CA GLU D 372 0.76 -28.43 0.90
C GLU D 372 1.19 -26.98 1.09
N ARG D 373 2.50 -26.74 1.19
CA ARG D 373 2.99 -25.36 1.35
C ARG D 373 2.79 -24.56 0.08
N GLN D 374 2.85 -25.22 -1.07
CA GLN D 374 2.63 -24.54 -2.33
C GLN D 374 1.18 -24.04 -2.34
N ILE D 375 0.25 -24.85 -1.84
CA ILE D 375 -1.15 -24.42 -1.78
C ILE D 375 -1.28 -23.24 -0.82
N ALA D 376 -0.65 -23.36 0.34
CA ALA D 376 -0.70 -22.32 1.37
C ALA D 376 -0.20 -20.97 0.84
N ARG D 377 0.81 -21.02 -0.01
CA ARG D 377 1.36 -19.80 -0.58
C ARG D 377 0.44 -19.22 -1.66
N LEU D 378 0.00 -20.09 -2.57
CA LEU D 378 -0.87 -19.67 -3.66
C LEU D 378 -2.19 -19.04 -3.22
N THR D 379 -2.77 -19.55 -2.14
CA THR D 379 -4.06 -19.04 -1.66
C THR D 379 -4.00 -17.87 -0.67
N ASP D 380 -2.81 -17.46 -0.28
CA ASP D 380 -2.62 -16.35 0.68
C ASP D 380 -2.52 -15.01 -0.07
N GLU D 381 -3.50 -14.13 0.11
CA GLU D 381 -3.45 -12.85 -0.59
C GLU D 381 -2.19 -12.04 -0.30
N ARG D 382 -1.59 -12.25 0.86
CA ARG D 382 -0.37 -11.54 1.20
C ARG D 382 0.87 -12.11 0.51
N LEU D 383 0.77 -13.35 0.05
CA LEU D 383 1.91 -13.99 -0.59
C LEU D 383 1.76 -14.36 -2.07
N ASN D 384 0.53 -14.32 -2.58
CA ASN D 384 0.29 -14.73 -3.96
C ASN D 384 0.40 -13.65 -5.04
N ARG D 385 1.01 -12.53 -4.67
CA ARG D 385 1.23 -11.44 -5.62
C ARG D 385 0.03 -10.94 -6.42
N GLY D 386 -0.99 -10.47 -5.72
CA GLY D 386 -2.15 -9.91 -6.43
C GLY D 386 -3.35 -10.78 -6.70
N LEU D 387 -3.24 -12.08 -6.48
CA LEU D 387 -4.37 -12.97 -6.71
C LEU D 387 -5.38 -12.85 -5.58
N PRO D 388 -6.66 -13.09 -5.87
CA PRO D 388 -7.72 -13.01 -4.87
C PRO D 388 -7.46 -13.93 -3.68
N PRO D 389 -7.90 -13.55 -2.48
CA PRO D 389 -7.71 -14.37 -1.29
C PRO D 389 -8.39 -15.73 -1.48
N PHE D 390 -7.61 -16.80 -1.36
CA PHE D 390 -8.10 -18.16 -1.55
C PHE D 390 -8.68 -18.39 -2.93
N LEU D 391 -8.20 -17.59 -3.89
CA LEU D 391 -8.59 -17.70 -5.29
C LEU D 391 -10.10 -17.72 -5.54
N HIS D 392 -10.86 -16.99 -4.74
CA HIS D 392 -12.30 -16.95 -4.90
C HIS D 392 -12.70 -16.11 -6.11
N ARG D 393 -13.93 -16.29 -6.55
CA ARG D 393 -14.50 -15.48 -7.62
C ARG D 393 -15.80 -15.01 -6.98
N GLY D 394 -16.47 -14.04 -7.59
CA GLY D 394 -17.68 -13.52 -7.00
C GLY D 394 -17.26 -12.53 -5.92
N PRO D 395 -18.18 -11.84 -5.25
CA PRO D 395 -17.76 -10.88 -4.23
C PRO D 395 -16.97 -11.54 -3.09
N ALA D 396 -15.94 -10.86 -2.60
CA ALA D 396 -15.13 -11.40 -1.51
C ALA D 396 -15.95 -11.33 -0.22
N GLY D 397 -15.78 -12.32 0.64
CA GLY D 397 -16.54 -12.35 1.87
C GLY D 397 -17.74 -13.24 1.64
N LEU D 398 -18.57 -12.85 0.68
CA LEU D 398 -19.74 -13.65 0.33
C LEU D 398 -19.22 -14.97 -0.23
N ASN D 399 -18.00 -14.92 -0.78
CA ASN D 399 -17.35 -16.11 -1.35
C ASN D 399 -15.97 -16.28 -0.73
N SER D 400 -15.63 -17.53 -0.39
CA SER D 400 -14.35 -17.84 0.23
C SER D 400 -13.49 -18.72 -0.66
N GLY D 401 -14.01 -19.09 -1.83
CA GLY D 401 -13.27 -19.91 -2.76
C GLY D 401 -12.74 -21.23 -2.21
N PHE D 402 -11.42 -21.40 -2.26
CA PHE D 402 -10.74 -22.61 -1.79
C PHE D 402 -10.28 -22.55 -0.34
N MET D 403 -10.79 -21.59 0.43
CA MET D 403 -10.38 -21.46 1.83
C MET D 403 -10.58 -22.74 2.64
N GLY D 404 -11.60 -23.52 2.30
CA GLY D 404 -11.84 -24.76 3.02
C GLY D 404 -10.92 -25.87 2.53
N ALA D 405 -10.75 -25.95 1.22
CA ALA D 405 -9.89 -26.98 0.63
C ALA D 405 -8.43 -26.81 1.07
N GLN D 406 -8.01 -25.57 1.29
CA GLN D 406 -6.63 -25.29 1.71
C GLN D 406 -6.40 -25.87 3.10
N VAL D 407 -7.38 -25.72 3.97
CA VAL D 407 -7.27 -26.26 5.32
C VAL D 407 -7.30 -27.78 5.25
N THR D 408 -8.15 -28.31 4.36
CA THR D 408 -8.24 -29.75 4.19
C THR D 408 -6.89 -30.33 3.79
N ALA D 409 -6.14 -29.65 2.92
CA ALA D 409 -4.83 -30.15 2.51
C ALA D 409 -3.91 -30.23 3.73
N THR D 410 -3.96 -29.21 4.57
CA THR D 410 -3.14 -29.16 5.77
C THR D 410 -3.51 -30.33 6.68
N ALA D 411 -4.81 -30.56 6.84
CA ALA D 411 -5.31 -31.65 7.66
C ALA D 411 -4.78 -33.00 7.18
N LEU D 412 -4.80 -33.20 5.86
CA LEU D 412 -4.33 -34.47 5.29
C LEU D 412 -2.86 -34.68 5.57
N LEU D 413 -2.07 -33.62 5.42
CA LEU D 413 -0.63 -33.69 5.66
C LEU D 413 -0.35 -33.99 7.12
N ALA D 414 -1.02 -33.28 8.01
CA ALA D 414 -0.81 -33.50 9.44
C ALA D 414 -1.05 -34.97 9.80
N GLU D 415 -2.08 -35.56 9.20
CA GLU D 415 -2.38 -36.96 9.48
C GLU D 415 -1.28 -37.90 8.98
N MET D 416 -0.73 -37.60 7.80
CA MET D 416 0.35 -38.43 7.25
C MET D 416 1.52 -38.45 8.23
N ARG D 417 1.82 -37.28 8.78
CA ARG D 417 2.95 -37.13 9.71
C ARG D 417 2.82 -37.92 11.00
N ALA D 418 1.60 -38.26 11.40
CA ALA D 418 1.38 -39.00 12.64
C ALA D 418 1.91 -40.44 12.58
N THR D 419 1.99 -41.00 11.38
CA THR D 419 2.46 -42.36 11.22
C THR D 419 3.91 -42.42 10.76
N GLY D 420 4.71 -43.19 11.49
CA GLY D 420 6.12 -43.32 11.16
C GLY D 420 6.49 -44.69 10.59
N PRO D 421 7.79 -44.99 10.51
CA PRO D 421 8.29 -46.27 9.97
C PRO D 421 7.69 -47.49 10.68
N ALA D 422 7.43 -48.54 9.92
CA ALA D 422 6.87 -49.75 10.49
C ALA D 422 7.98 -50.71 10.95
N SER D 423 9.14 -50.63 10.29
CA SER D 423 10.28 -51.52 10.56
C SER D 423 10.89 -51.55 11.96
N ILE D 424 10.83 -50.43 12.68
CA ILE D 424 11.42 -50.37 14.01
C ILE D 424 10.62 -51.08 15.11
N HIS D 425 9.48 -51.66 14.76
CA HIS D 425 8.64 -52.30 15.77
C HIS D 425 8.70 -53.82 15.82
N SER D 426 9.82 -54.41 15.46
CA SER D 426 9.92 -55.86 15.49
C SER D 426 9.64 -56.33 16.92
N ILE D 427 8.90 -57.43 17.03
CA ILE D 427 8.56 -58.01 18.33
C ILE D 427 8.76 -59.53 18.22
N SER D 428 9.51 -60.12 19.15
CA SER D 428 9.75 -61.56 19.12
C SER D 428 8.41 -62.29 19.24
N THR D 429 8.10 -63.14 18.27
CA THR D 429 6.84 -63.86 18.29
C THR D 429 7.00 -65.33 17.89
N ASN D 430 5.89 -66.05 17.74
CA ASN D 430 5.93 -67.48 17.38
C ASN D 430 6.78 -68.25 18.38
N ALA D 431 6.47 -68.10 19.67
CA ALA D 431 7.19 -68.79 20.75
C ALA D 431 8.69 -68.48 20.65
N ALA D 432 9.01 -67.22 20.32
CA ALA D 432 10.38 -66.75 20.20
C ALA D 432 11.16 -67.33 19.02
N ASN D 433 10.52 -68.16 18.21
CA ASN D 433 11.22 -68.73 17.05
C ASN D 433 11.46 -67.60 16.04
N GLN D 434 10.46 -66.74 15.87
CA GLN D 434 10.58 -65.60 14.98
C GLN D 434 10.92 -64.43 15.90
N ASP D 435 12.13 -64.43 16.47
CA ASP D 435 12.52 -63.38 17.41
C ASP D 435 12.77 -62.00 16.80
N VAL D 436 12.87 -61.95 15.46
CA VAL D 436 13.00 -60.68 14.74
C VAL D 436 12.10 -60.87 13.51
N VAL D 437 11.29 -59.87 13.20
CA VAL D 437 10.40 -59.94 12.04
C VAL D 437 10.53 -58.62 11.28
N SER D 438 10.26 -58.64 9.98
CA SER D 438 10.43 -57.44 9.17
C SER D 438 9.31 -56.41 9.20
N LEU D 439 8.06 -56.87 9.28
CA LEU D 439 6.91 -55.98 9.26
C LEU D 439 6.87 -55.26 7.91
N GLY D 440 7.42 -55.92 6.89
CA GLY D 440 7.47 -55.32 5.56
C GLY D 440 6.11 -55.06 4.92
N THR D 441 5.15 -55.95 5.18
CA THR D 441 3.82 -55.80 4.63
C THR D 441 3.18 -54.54 5.22
N ILE D 442 3.31 -54.38 6.53
CA ILE D 442 2.75 -53.22 7.21
C ILE D 442 3.44 -51.95 6.67
N ALA D 443 4.76 -52.02 6.53
CA ALA D 443 5.52 -50.90 6.01
C ALA D 443 5.00 -50.46 4.64
N ALA D 444 4.78 -51.43 3.75
CA ALA D 444 4.27 -51.12 2.42
C ALA D 444 2.85 -50.57 2.45
N ARG D 445 2.05 -51.05 3.38
CA ARG D 445 0.66 -50.57 3.50
C ARG D 445 0.61 -49.15 4.06
N LEU D 446 1.48 -48.83 5.01
CA LEU D 446 1.50 -47.47 5.58
C LEU D 446 1.99 -46.51 4.50
N CYS D 447 2.90 -46.99 3.66
CA CYS D 447 3.41 -46.14 2.59
C CYS D 447 2.28 -45.87 1.61
N ARG D 448 1.48 -46.89 1.31
CA ARG D 448 0.36 -46.74 0.39
C ARG D 448 -0.59 -45.66 0.88
N GLU D 449 -0.93 -45.71 2.17
CA GLU D 449 -1.83 -44.72 2.75
C GLU D 449 -1.29 -43.31 2.56
N LYS D 450 0.00 -43.12 2.78
CA LYS D 450 0.59 -41.79 2.60
C LYS D 450 0.52 -41.36 1.13
N ILE D 451 0.68 -42.32 0.23
CA ILE D 451 0.61 -42.04 -1.20
C ILE D 451 -0.79 -41.56 -1.56
N ASP D 452 -1.82 -42.15 -0.93
CA ASP D 452 -3.20 -41.75 -1.21
C ASP D 452 -3.45 -40.32 -0.72
N ARG D 453 -2.87 -39.97 0.42
CA ARG D 453 -3.05 -38.61 0.96
C ARG D 453 -2.33 -37.61 0.04
N TRP D 454 -1.15 -37.99 -0.42
CA TRP D 454 -0.36 -37.13 -1.30
C TRP D 454 -1.17 -36.82 -2.56
N ALA D 455 -1.84 -37.83 -3.10
CA ALA D 455 -2.65 -37.65 -4.30
C ALA D 455 -3.77 -36.65 -4.04
N GLU D 456 -4.34 -36.70 -2.84
CA GLU D 456 -5.42 -35.80 -2.47
C GLU D 456 -4.94 -34.38 -2.32
N ILE D 457 -3.75 -34.21 -1.74
CA ILE D 457 -3.18 -32.88 -1.56
C ILE D 457 -2.83 -32.32 -2.95
N LEU D 458 -2.27 -33.17 -3.81
CA LEU D 458 -1.92 -32.76 -5.17
C LEU D 458 -3.17 -32.38 -5.96
N ALA D 459 -4.29 -33.04 -5.69
CA ALA D 459 -5.53 -32.75 -6.39
C ALA D 459 -6.02 -31.35 -6.01
N ILE D 460 -5.95 -31.03 -4.72
CA ILE D 460 -6.36 -29.71 -4.25
C ILE D 460 -5.48 -28.65 -4.92
N LEU D 461 -4.18 -28.90 -4.98
CA LEU D 461 -3.26 -27.96 -5.60
C LEU D 461 -3.58 -27.79 -7.09
N ALA D 462 -3.95 -28.86 -7.77
CA ALA D 462 -4.26 -28.78 -9.20
C ALA D 462 -5.51 -27.94 -9.44
N LEU D 463 -6.51 -28.11 -8.58
CA LEU D 463 -7.74 -27.35 -8.72
C LEU D 463 -7.47 -25.87 -8.44
N CYS D 464 -6.61 -25.59 -7.46
CA CYS D 464 -6.29 -24.19 -7.13
C CYS D 464 -5.53 -23.55 -8.30
N LEU D 465 -4.59 -24.29 -8.86
CA LEU D 465 -3.79 -23.81 -9.98
C LEU D 465 -4.60 -23.56 -11.24
N ALA D 466 -5.58 -24.42 -11.50
CA ALA D 466 -6.41 -24.24 -12.69
C ALA D 466 -7.15 -22.90 -12.54
N GLN D 467 -7.63 -22.64 -11.33
CA GLN D 467 -8.33 -21.39 -11.05
C GLN D 467 -7.39 -20.18 -11.06
N ALA D 468 -6.22 -20.34 -10.46
CA ALA D 468 -5.24 -19.25 -10.39
C ALA D 468 -4.75 -18.87 -11.78
N ALA D 469 -4.53 -19.87 -12.63
CA ALA D 469 -4.05 -19.62 -13.99
C ALA D 469 -5.06 -18.77 -14.77
N GLU D 470 -6.34 -19.05 -14.59
CA GLU D 470 -7.37 -18.30 -15.29
C GLU D 470 -7.51 -16.90 -14.70
N LEU D 471 -7.40 -16.80 -13.38
CA LEU D 471 -7.50 -15.50 -12.71
C LEU D 471 -6.33 -14.59 -13.09
N ARG D 472 -5.15 -15.18 -13.23
CA ARG D 472 -3.95 -14.41 -13.58
C ARG D 472 -3.85 -14.11 -15.07
N CYS D 473 -4.18 -15.09 -15.90
CA CYS D 473 -4.03 -14.95 -17.33
C CYS D 473 -5.31 -14.87 -18.16
N GLY D 474 -6.45 -14.89 -17.49
CA GLY D 474 -7.72 -14.83 -18.21
C GLY D 474 -8.13 -16.22 -18.67
N SER D 475 -9.38 -16.38 -19.10
CA SER D 475 -9.88 -17.68 -19.55
C SER D 475 -9.08 -18.24 -20.72
N GLY D 476 -8.37 -17.38 -21.45
CA GLY D 476 -7.58 -17.83 -22.58
C GLY D 476 -6.18 -18.28 -22.18
N LEU D 477 -5.84 -18.13 -20.91
CA LEU D 477 -4.52 -18.52 -20.42
C LEU D 477 -3.42 -17.88 -21.28
N ASP D 478 -3.53 -16.57 -21.49
CA ASP D 478 -2.55 -15.84 -22.29
C ASP D 478 -1.18 -15.84 -21.64
N GLY D 479 -0.16 -16.27 -22.40
CA GLY D 479 1.19 -16.30 -21.88
C GLY D 479 1.57 -17.60 -21.21
N VAL D 480 0.59 -18.45 -20.92
CA VAL D 480 0.87 -19.73 -20.27
C VAL D 480 1.53 -20.69 -21.25
N SER D 481 2.48 -21.46 -20.76
CA SER D 481 3.20 -22.43 -21.58
C SER D 481 2.25 -23.44 -22.21
N PRO D 482 2.67 -24.07 -23.32
CA PRO D 482 1.82 -25.07 -23.99
C PRO D 482 1.45 -26.22 -23.04
N ALA D 483 2.42 -26.68 -22.26
CA ALA D 483 2.19 -27.79 -21.33
C ALA D 483 1.19 -27.35 -20.26
N GLY D 484 1.36 -26.15 -19.73
CA GLY D 484 0.45 -25.64 -18.73
C GLY D 484 -0.96 -25.50 -19.27
N LYS D 485 -1.09 -25.00 -20.49
CA LYS D 485 -2.40 -24.85 -21.12
C LYS D 485 -3.08 -26.20 -21.27
N LYS D 486 -2.33 -27.16 -21.79
CA LYS D 486 -2.84 -28.51 -22.00
C LYS D 486 -3.34 -29.15 -20.70
N LEU D 487 -2.60 -28.93 -19.61
CA LEU D 487 -2.97 -29.47 -18.31
C LEU D 487 -4.26 -28.83 -17.80
N VAL D 488 -4.34 -27.52 -17.87
CA VAL D 488 -5.53 -26.82 -17.42
C VAL D 488 -6.74 -27.22 -18.28
N GLN D 489 -6.55 -27.23 -19.59
CA GLN D 489 -7.64 -27.60 -20.49
C GLN D 489 -8.15 -29.01 -20.17
N ALA D 490 -7.23 -29.94 -19.93
CA ALA D 490 -7.60 -31.31 -19.61
C ALA D 490 -8.41 -31.36 -18.31
N LEU D 491 -7.99 -30.59 -17.32
CA LEU D 491 -8.70 -30.54 -16.03
C LEU D 491 -10.10 -29.96 -16.19
N ARG D 492 -10.20 -28.90 -16.98
CA ARG D 492 -11.48 -28.23 -17.20
C ARG D 492 -12.51 -29.08 -17.95
N GLU D 493 -12.07 -30.20 -18.52
CA GLU D 493 -12.98 -31.10 -19.23
C GLU D 493 -13.93 -31.74 -18.22
N GLN D 494 -13.44 -31.97 -17.00
CA GLN D 494 -14.25 -32.60 -15.96
C GLN D 494 -14.48 -31.73 -14.73
N PHE D 495 -13.60 -30.76 -14.50
CA PHE D 495 -13.71 -29.90 -13.34
C PHE D 495 -13.88 -28.43 -13.71
N PRO D 496 -15.11 -27.92 -13.58
CA PRO D 496 -15.47 -26.54 -13.90
C PRO D 496 -14.79 -25.51 -13.01
N PRO D 497 -14.59 -24.29 -13.52
CA PRO D 497 -13.96 -23.25 -12.70
C PRO D 497 -14.85 -22.99 -11.50
N LEU D 498 -14.29 -22.37 -10.46
CA LEU D 498 -15.06 -22.07 -9.27
C LEU D 498 -15.53 -20.62 -9.38
N GLU D 499 -16.71 -20.44 -9.97
CA GLU D 499 -17.27 -19.10 -10.16
C GLU D 499 -17.93 -18.57 -8.90
N THR D 500 -18.41 -19.50 -8.08
CA THR D 500 -19.05 -19.19 -6.82
C THR D 500 -18.80 -20.41 -5.94
N ASP D 501 -18.76 -20.24 -4.62
CA ASP D 501 -18.48 -21.35 -3.73
C ASP D 501 -19.38 -22.57 -3.91
N ARG D 502 -18.78 -23.75 -3.80
CA ARG D 502 -19.52 -25.01 -3.93
C ARG D 502 -18.73 -26.13 -3.25
N PRO D 503 -19.42 -27.22 -2.88
CA PRO D 503 -18.73 -28.34 -2.22
C PRO D 503 -17.70 -28.90 -3.18
N LEU D 504 -16.46 -29.07 -2.69
CA LEU D 504 -15.37 -29.57 -3.53
C LEU D 504 -14.89 -30.96 -3.13
N GLY D 505 -15.41 -31.47 -2.02
CA GLY D 505 -14.99 -32.79 -1.55
C GLY D 505 -15.03 -33.91 -2.56
N GLN D 506 -16.15 -34.05 -3.27
CA GLN D 506 -16.27 -35.11 -4.26
C GLN D 506 -15.33 -34.92 -5.45
N GLU D 507 -15.11 -33.66 -5.85
CA GLU D 507 -14.21 -33.37 -6.96
C GLU D 507 -12.76 -33.66 -6.58
N ILE D 508 -12.38 -33.33 -5.35
CA ILE D 508 -11.02 -33.60 -4.89
C ILE D 508 -10.75 -35.10 -4.95
N ALA D 509 -11.68 -35.89 -4.41
CA ALA D 509 -11.54 -37.34 -4.39
C ALA D 509 -11.48 -37.91 -5.80
N ALA D 510 -12.34 -37.42 -6.68
CA ALA D 510 -12.39 -37.90 -8.05
C ALA D 510 -11.06 -37.61 -8.75
N LEU D 511 -10.57 -36.39 -8.63
CA LEU D 511 -9.32 -36.02 -9.25
C LEU D 511 -8.17 -36.82 -8.67
N ALA D 512 -8.19 -37.05 -7.35
CA ALA D 512 -7.13 -37.81 -6.70
C ALA D 512 -7.02 -39.20 -7.31
N THR D 513 -8.16 -39.83 -7.58
CA THR D 513 -8.19 -41.15 -8.18
C THR D 513 -7.51 -41.12 -9.56
N HIS D 514 -7.69 -40.01 -10.26
CA HIS D 514 -7.09 -39.85 -11.58
C HIS D 514 -5.56 -39.66 -11.52
N LEU D 515 -5.10 -38.78 -10.62
CA LEU D 515 -3.67 -38.51 -10.50
C LEU D 515 -2.83 -39.75 -10.24
N LEU D 516 -3.35 -40.66 -9.43
CA LEU D 516 -2.66 -41.90 -9.09
C LEU D 516 -2.47 -42.86 -10.27
N GLN D 517 -3.24 -42.66 -11.34
CA GLN D 517 -3.19 -43.56 -12.49
C GLN D 517 -2.68 -43.02 -13.82
N GLN D 518 -2.66 -41.70 -13.96
CA GLN D 518 -2.21 -41.09 -15.20
C GLN D 518 -1.39 -39.83 -14.90
N SER D 519 -0.49 -39.48 -15.81
CA SER D 519 0.35 -38.31 -15.64
C SER D 519 -0.09 -37.21 -16.60
N PRO D 520 0.30 -35.97 -16.32
CA PRO D 520 -0.06 -34.84 -17.19
C PRO D 520 0.87 -34.78 -18.40
N VAL D 521 0.58 -35.56 -19.43
CA VAL D 521 1.41 -35.58 -20.63
C VAL D 521 0.66 -35.01 -21.83
N LYS E 8 -10.07 25.80 -60.07
CA LYS E 8 -9.65 26.34 -58.74
C LYS E 8 -8.17 26.06 -58.50
N PRO E 9 -7.40 27.09 -58.09
CA PRO E 9 -5.97 26.94 -57.83
C PRO E 9 -5.70 25.86 -56.78
N ALA E 10 -4.52 25.26 -56.84
CA ALA E 10 -4.18 24.22 -55.88
C ALA E 10 -2.87 24.49 -55.14
N VAL E 11 -2.87 24.18 -53.86
CA VAL E 11 -1.70 24.34 -53.01
C VAL E 11 -1.09 22.95 -52.87
N GLU E 12 0.18 22.81 -53.26
CA GLU E 12 0.85 21.52 -53.17
C GLU E 12 1.62 21.42 -51.87
N LEU E 13 1.21 20.48 -51.03
CA LEU E 13 1.85 20.28 -49.75
C LEU E 13 2.89 19.16 -49.75
N ASP E 14 4.13 19.53 -49.50
CA ASP E 14 5.21 18.55 -49.41
C ASP E 14 5.65 18.60 -47.96
N ARG E 15 6.50 19.56 -47.64
CA ARG E 15 6.97 19.71 -46.26
C ARG E 15 6.57 21.03 -45.64
N HIS E 16 6.61 22.11 -46.44
CA HIS E 16 6.30 23.44 -45.95
C HIS E 16 5.19 24.20 -46.67
N ILE E 17 4.36 24.87 -45.89
CA ILE E 17 3.27 25.68 -46.42
C ILE E 17 3.31 27.00 -45.64
N ASP E 18 3.20 28.13 -46.34
CA ASP E 18 3.21 29.41 -45.63
C ASP E 18 1.81 29.76 -45.15
N LEU E 19 1.70 30.80 -44.34
CA LEU E 19 0.41 31.21 -43.80
C LEU E 19 -0.64 31.56 -44.86
N ASP E 20 -0.25 32.26 -45.91
CA ASP E 20 -1.22 32.61 -46.95
C ASP E 20 -1.79 31.37 -47.62
N GLN E 21 -0.92 30.42 -47.97
CA GLN E 21 -1.37 29.18 -48.59
C GLN E 21 -2.33 28.44 -47.65
N ALA E 22 -1.95 28.40 -46.37
CA ALA E 22 -2.76 27.74 -45.37
C ALA E 22 -4.16 28.32 -45.32
N HIS E 23 -4.27 29.65 -45.33
CA HIS E 23 -5.58 30.28 -45.28
C HIS E 23 -6.35 30.09 -46.58
N ALA E 24 -5.63 30.00 -47.70
CA ALA E 24 -6.27 29.81 -49.00
C ALA E 24 -7.03 28.50 -49.00
N VAL E 25 -6.38 27.45 -48.50
CA VAL E 25 -6.97 26.13 -48.41
C VAL E 25 -8.10 26.13 -47.38
N ALA E 26 -7.81 26.65 -46.19
CA ALA E 26 -8.79 26.71 -45.11
C ALA E 26 -10.07 27.46 -45.50
N SER E 27 -9.91 28.55 -46.25
CA SER E 27 -11.06 29.35 -46.68
C SER E 27 -11.73 28.83 -47.95
N GLY E 28 -11.23 27.71 -48.47
CA GLY E 28 -11.81 27.13 -49.67
C GLY E 28 -11.41 27.82 -50.97
N GLY E 29 -10.46 28.76 -50.87
CA GLY E 29 -10.02 29.47 -52.07
C GLY E 29 -9.09 28.63 -52.94
N ALA E 30 -8.49 27.60 -52.35
CA ALA E 30 -7.58 26.75 -53.09
C ALA E 30 -7.77 25.29 -52.68
N ARG E 31 -7.52 24.38 -53.61
CA ARG E 31 -7.63 22.96 -53.34
C ARG E 31 -6.29 22.59 -52.74
N ILE E 32 -6.21 21.41 -52.12
CA ILE E 32 -4.94 20.99 -51.56
C ILE E 32 -4.55 19.65 -52.14
N VAL E 33 -3.28 19.51 -52.48
CA VAL E 33 -2.78 18.27 -53.03
C VAL E 33 -1.56 17.85 -52.22
N LEU E 34 -1.45 16.55 -51.93
CA LEU E 34 -0.31 16.05 -51.20
C LEU E 34 0.72 15.59 -52.21
N ALA E 35 1.86 16.26 -52.23
CA ALA E 35 2.93 15.95 -53.17
C ALA E 35 3.45 14.52 -52.99
N PRO E 36 3.94 13.91 -54.08
CA PRO E 36 4.46 12.55 -54.01
C PRO E 36 5.48 12.31 -52.90
N PRO E 37 6.42 13.26 -52.67
CA PRO E 37 7.40 13.06 -51.61
C PRO E 37 6.75 12.91 -50.24
N ALA E 38 5.68 13.68 -50.00
CA ALA E 38 4.96 13.61 -48.72
C ALA E 38 4.22 12.29 -48.60
N ARG E 39 3.56 11.86 -49.68
CA ARG E 39 2.83 10.60 -49.66
C ARG E 39 3.82 9.45 -49.42
N ASP E 40 5.01 9.54 -50.01
CA ASP E 40 6.00 8.50 -49.82
C ASP E 40 6.48 8.44 -48.38
N ARG E 41 6.76 9.61 -47.78
CA ARG E 41 7.21 9.66 -46.39
C ARG E 41 6.13 9.11 -45.46
N CYS E 42 4.88 9.40 -45.77
CA CYS E 42 3.78 8.92 -44.94
C CYS E 42 3.59 7.41 -45.07
N ARG E 43 3.73 6.89 -46.28
CA ARG E 43 3.60 5.44 -46.46
C ARG E 43 4.69 4.74 -45.65
N ALA E 44 5.87 5.35 -45.60
CA ALA E 44 7.00 4.80 -44.85
C ALA E 44 6.69 4.84 -43.35
N SER E 45 6.08 5.93 -42.89
CA SER E 45 5.74 6.06 -41.48
C SER E 45 4.66 5.04 -41.15
N GLU E 46 3.71 4.86 -42.07
CA GLU E 46 2.63 3.89 -41.90
C GLU E 46 3.24 2.50 -41.70
N ALA E 47 4.30 2.20 -42.44
CA ALA E 47 4.97 0.91 -42.32
C ALA E 47 5.64 0.79 -40.97
N ARG E 48 6.22 1.88 -40.49
CA ARG E 48 6.88 1.88 -39.19
C ARG E 48 5.89 1.64 -38.05
N LEU E 49 4.71 2.24 -38.16
CA LEU E 49 3.69 2.05 -37.13
C LEU E 49 3.30 0.58 -37.10
N GLY E 50 3.12 0.00 -38.29
CA GLY E 50 2.76 -1.40 -38.37
C GLY E 50 3.80 -2.30 -37.72
N ALA E 51 5.07 -1.98 -37.91
CA ALA E 51 6.14 -2.78 -37.32
C ALA E 51 6.14 -2.61 -35.79
N VAL E 52 5.91 -1.39 -35.33
CA VAL E 52 5.87 -1.11 -33.90
C VAL E 52 4.78 -1.93 -33.22
N ILE E 53 3.62 -2.02 -33.87
CA ILE E 53 2.50 -2.78 -33.32
C ILE E 53 2.82 -4.28 -33.34
N ARG E 54 3.34 -4.72 -34.49
CA ARG E 54 3.72 -6.11 -34.69
C ARG E 54 4.75 -6.60 -33.67
N GLU E 55 5.67 -5.72 -33.31
CA GLU E 55 6.73 -6.07 -32.36
C GLU E 55 6.32 -5.84 -30.91
N ALA E 56 5.07 -5.43 -30.71
CA ALA E 56 4.52 -5.19 -29.39
C ALA E 56 5.34 -4.23 -28.54
N ARG E 57 5.88 -3.19 -29.17
CA ARG E 57 6.69 -2.20 -28.45
C ARG E 57 5.81 -1.44 -27.46
N HIS E 58 6.41 -1.05 -26.34
CA HIS E 58 5.70 -0.30 -25.32
C HIS E 58 5.51 1.12 -25.88
N VAL E 59 4.29 1.43 -26.31
CA VAL E 59 4.00 2.74 -26.89
C VAL E 59 2.66 3.29 -26.44
N TYR E 60 2.66 4.55 -26.02
CA TYR E 60 1.45 5.23 -25.55
C TYR E 60 0.33 5.15 -26.61
N GLY E 61 -0.84 4.69 -26.19
CA GLY E 61 -1.97 4.61 -27.12
C GLY E 61 -2.04 3.35 -28.00
N LEU E 62 -0.98 2.55 -27.95
CA LEU E 62 -0.94 1.31 -28.73
C LEU E 62 -0.94 0.14 -27.76
N THR E 63 -0.22 0.29 -26.64
CA THR E 63 -0.16 -0.75 -25.63
C THR E 63 -0.35 -0.20 -24.23
N THR E 64 -0.95 0.99 -24.12
CA THR E 64 -1.18 1.60 -22.81
C THR E 64 -2.46 2.40 -22.80
N GLY E 65 -2.93 2.70 -21.58
CA GLY E 65 -4.12 3.52 -21.43
C GLY E 65 -3.67 4.96 -21.66
N PHE E 66 -4.53 5.93 -21.37
CA PHE E 66 -4.18 7.33 -21.59
C PHE E 66 -3.99 8.13 -20.32
N GLY E 67 -3.30 9.27 -20.44
CA GLY E 67 -3.06 10.12 -19.30
C GLY E 67 -2.41 9.33 -18.18
N PRO E 68 -2.87 9.50 -16.92
CA PRO E 68 -2.32 8.79 -15.76
C PRO E 68 -2.62 7.30 -15.84
N LEU E 69 -3.54 6.92 -16.72
CA LEU E 69 -3.92 5.52 -16.89
C LEU E 69 -2.95 4.76 -17.79
N ALA E 70 -1.93 5.45 -18.27
CA ALA E 70 -0.94 4.84 -19.15
C ALA E 70 -0.16 3.73 -18.43
N ASN E 71 -0.31 3.64 -17.11
CA ASN E 71 0.39 2.60 -16.36
C ASN E 71 -0.31 1.26 -16.55
N ARG E 72 -1.51 1.31 -17.13
CA ARG E 72 -2.29 0.10 -17.42
C ARG E 72 -1.89 -0.35 -18.83
N LEU E 73 -1.12 -1.43 -18.94
CA LEU E 73 -0.71 -1.91 -20.24
C LEU E 73 -1.86 -2.67 -20.90
N ILE E 74 -2.00 -2.50 -22.21
CA ILE E 74 -3.10 -3.12 -22.95
C ILE E 74 -2.63 -4.17 -23.96
N SER E 75 -3.38 -5.26 -24.05
CA SER E 75 -3.06 -6.34 -24.97
C SER E 75 -3.46 -5.95 -26.40
N GLY E 76 -2.73 -6.46 -27.37
CA GLY E 76 -3.00 -6.16 -28.77
C GLY E 76 -4.43 -6.30 -29.26
N GLU E 77 -5.11 -7.36 -28.85
CA GLU E 77 -6.49 -7.57 -29.32
C GLU E 77 -7.49 -6.50 -28.87
N ASN E 78 -7.13 -5.69 -27.88
CA ASN E 78 -8.04 -4.66 -27.40
C ASN E 78 -7.72 -3.25 -27.87
N VAL E 79 -6.79 -3.12 -28.81
CA VAL E 79 -6.41 -1.79 -29.29
C VAL E 79 -7.54 -1.05 -30.00
N ARG E 80 -8.39 -1.76 -30.73
CA ARG E 80 -9.50 -1.12 -31.42
C ARG E 80 -10.42 -0.44 -30.42
N THR E 81 -10.75 -1.16 -29.36
CA THR E 81 -11.60 -0.64 -28.30
C THR E 81 -10.89 0.49 -27.58
N LEU E 82 -9.60 0.31 -27.35
CA LEU E 82 -8.79 1.31 -26.67
C LEU E 82 -8.92 2.66 -27.38
N GLN E 83 -8.60 2.66 -28.67
CA GLN E 83 -8.65 3.89 -29.45
C GLN E 83 -10.06 4.41 -29.69
N ALA E 84 -11.03 3.51 -29.73
CA ALA E 84 -12.41 3.92 -29.94
C ALA E 84 -12.86 4.70 -28.70
N ASN E 85 -12.53 4.19 -27.52
CA ASN E 85 -12.91 4.86 -26.28
C ASN E 85 -12.13 6.16 -26.07
N LEU E 86 -10.95 6.24 -26.68
CA LEU E 86 -10.14 7.46 -26.60
C LEU E 86 -10.98 8.60 -27.18
N VAL E 87 -11.49 8.39 -28.39
CA VAL E 87 -12.32 9.39 -29.04
C VAL E 87 -13.58 9.70 -28.23
N HIS E 88 -14.18 8.65 -27.67
CA HIS E 88 -15.41 8.80 -26.88
C HIS E 88 -15.25 9.66 -25.63
N HIS E 89 -14.27 9.32 -24.79
CA HIS E 89 -14.09 10.08 -23.55
C HIS E 89 -13.64 11.52 -23.78
N LEU E 90 -12.97 11.75 -24.90
CA LEU E 90 -12.48 13.09 -25.23
C LEU E 90 -13.54 14.03 -25.80
N ALA E 91 -14.64 13.48 -26.32
CA ALA E 91 -15.69 14.30 -26.91
C ALA E 91 -16.61 14.95 -25.88
N SER E 92 -16.01 15.74 -24.98
CA SER E 92 -16.75 16.42 -23.93
C SER E 92 -16.78 17.92 -24.17
N GLY E 93 -16.45 18.34 -25.39
CA GLY E 93 -16.44 19.76 -25.69
C GLY E 93 -17.81 20.42 -25.68
N VAL E 94 -17.82 21.72 -25.37
CA VAL E 94 -19.06 22.48 -25.34
C VAL E 94 -18.83 23.87 -25.91
N GLY E 95 -19.89 24.66 -26.02
CA GLY E 95 -19.77 26.00 -26.55
C GLY E 95 -20.04 26.09 -28.05
N PRO E 96 -20.15 27.32 -28.60
CA PRO E 96 -20.41 27.46 -30.03
C PRO E 96 -19.33 26.79 -30.88
N VAL E 97 -19.74 26.25 -32.03
CA VAL E 97 -18.79 25.58 -32.92
C VAL E 97 -17.82 26.57 -33.54
N LEU E 98 -16.63 26.09 -33.87
CA LEU E 98 -15.64 26.94 -34.52
C LEU E 98 -16.26 27.28 -35.86
N ASP E 99 -15.99 28.47 -36.38
CA ASP E 99 -16.55 28.83 -37.68
C ASP E 99 -15.94 27.95 -38.77
N TRP E 100 -16.64 27.87 -39.90
CA TRP E 100 -16.26 27.06 -41.06
C TRP E 100 -14.77 27.11 -41.42
N THR E 101 -14.26 28.31 -41.64
CA THR E 101 -12.85 28.49 -42.02
C THR E 101 -11.89 27.99 -40.94
N THR E 102 -12.16 28.35 -39.69
CA THR E 102 -11.31 27.94 -38.58
C THR E 102 -11.30 26.43 -38.37
N ALA E 103 -12.46 25.80 -38.46
CA ALA E 103 -12.55 24.35 -38.31
C ALA E 103 -11.69 23.66 -39.36
N ARG E 104 -11.78 24.13 -40.61
CA ARG E 104 -11.00 23.54 -41.69
C ARG E 104 -9.52 23.83 -41.46
N ALA E 105 -9.22 25.00 -40.90
CA ALA E 105 -7.84 25.37 -40.62
C ALA E 105 -7.27 24.34 -39.64
N MET E 106 -8.10 23.92 -38.69
CA MET E 106 -7.67 22.91 -37.71
C MET E 106 -7.37 21.59 -38.44
N VAL E 107 -8.26 21.18 -39.33
CA VAL E 107 -8.06 19.96 -40.08
C VAL E 107 -6.73 20.05 -40.83
N LEU E 108 -6.51 21.19 -41.48
CA LEU E 108 -5.27 21.40 -42.23
C LEU E 108 -4.02 21.32 -41.36
N ALA E 109 -4.07 21.91 -40.17
CA ALA E 109 -2.91 21.88 -39.27
C ALA E 109 -2.53 20.43 -38.93
N ARG E 110 -3.53 19.59 -38.67
CA ARG E 110 -3.26 18.19 -38.34
C ARG E 110 -2.64 17.51 -39.55
N LEU E 111 -3.17 17.80 -40.74
CA LEU E 111 -2.65 17.21 -41.98
C LEU E 111 -1.20 17.61 -42.23
N VAL E 112 -0.87 18.89 -42.03
CA VAL E 112 0.50 19.34 -42.25
C VAL E 112 1.44 18.61 -41.31
N SER E 113 1.02 18.42 -40.08
CA SER E 113 1.84 17.71 -39.11
C SER E 113 2.08 16.28 -39.61
N ILE E 114 1.01 15.63 -40.06
CA ILE E 114 1.11 14.25 -40.55
C ILE E 114 2.00 14.16 -41.79
N ALA E 115 1.92 15.18 -42.64
CA ALA E 115 2.69 15.22 -43.88
C ALA E 115 4.19 15.14 -43.68
N GLN E 116 4.67 15.40 -42.46
CA GLN E 116 6.10 15.34 -42.20
C GLN E 116 6.57 13.89 -42.13
N GLY E 117 5.64 12.97 -42.00
CA GLY E 117 5.98 11.54 -41.98
C GLY E 117 6.51 10.92 -40.71
N ALA E 118 5.94 11.30 -39.56
CA ALA E 118 6.36 10.74 -38.28
C ALA E 118 5.15 10.39 -37.43
N SER E 119 3.97 10.40 -38.03
CA SER E 119 2.74 10.11 -37.31
C SER E 119 2.14 8.73 -37.51
N GLY E 120 2.56 8.03 -38.58
CA GLY E 120 2.04 6.70 -38.83
C GLY E 120 0.64 6.65 -39.44
N ALA E 121 0.10 7.81 -39.82
CA ALA E 121 -1.22 7.87 -40.40
C ALA E 121 -1.33 7.05 -41.69
N SER E 122 -2.39 6.27 -41.82
CA SER E 122 -2.60 5.44 -43.00
C SER E 122 -3.00 6.32 -44.19
N GLU E 123 -2.89 5.78 -45.40
CA GLU E 123 -3.24 6.51 -46.61
C GLU E 123 -4.71 6.94 -46.58
N GLY E 124 -5.57 6.05 -46.08
CA GLY E 124 -6.99 6.37 -46.00
C GLY E 124 -7.29 7.50 -45.04
N THR E 125 -6.61 7.50 -43.90
CA THR E 125 -6.80 8.54 -42.90
C THR E 125 -6.41 9.89 -43.51
N ILE E 126 -5.30 9.90 -44.23
CA ILE E 126 -4.83 11.12 -44.90
C ILE E 126 -5.84 11.55 -45.95
N ALA E 127 -6.36 10.58 -46.70
CA ALA E 127 -7.34 10.87 -47.75
C ALA E 127 -8.59 11.54 -47.19
N ARG E 128 -9.01 11.14 -45.99
CA ARG E 128 -10.20 11.71 -45.37
C ARG E 128 -9.99 13.21 -45.06
N LEU E 129 -8.80 13.56 -44.60
CA LEU E 129 -8.50 14.95 -44.28
C LEU E 129 -8.47 15.78 -45.56
N ILE E 130 -7.80 15.25 -46.57
CA ILE E 130 -7.68 15.94 -47.86
C ILE E 130 -9.05 16.13 -48.50
N ASP E 131 -9.88 15.07 -48.47
CA ASP E 131 -11.22 15.16 -49.06
C ASP E 131 -12.03 16.27 -48.39
N LEU E 132 -12.01 16.30 -47.07
CA LEU E 132 -12.73 17.32 -46.33
C LEU E 132 -12.31 18.71 -46.79
N LEU E 133 -11.01 18.94 -46.84
CA LEU E 133 -10.47 20.24 -47.25
C LEU E 133 -10.83 20.61 -48.69
N ASN E 134 -10.98 19.61 -49.55
CA ASN E 134 -11.34 19.90 -50.93
C ASN E 134 -12.86 19.99 -51.13
N SER E 135 -13.62 19.73 -50.07
CA SER E 135 -15.07 19.81 -50.13
C SER E 135 -15.46 21.22 -49.70
N GLU E 136 -16.77 21.49 -49.71
CA GLU E 136 -17.28 22.80 -49.30
C GLU E 136 -17.73 22.73 -47.85
N LEU E 137 -17.35 21.67 -47.15
CA LEU E 137 -17.78 21.46 -45.77
C LEU E 137 -16.66 21.57 -44.72
N ALA E 138 -17.09 21.63 -43.45
CA ALA E 138 -16.18 21.68 -42.32
C ALA E 138 -16.83 20.90 -41.19
N PRO E 139 -16.03 20.28 -40.32
CA PRO E 139 -16.61 19.53 -39.20
C PRO E 139 -17.15 20.53 -38.18
N ALA E 140 -18.23 20.18 -37.51
CA ALA E 140 -18.83 21.04 -36.50
C ALA E 140 -18.21 20.63 -35.18
N VAL E 141 -17.32 21.44 -34.66
CA VAL E 141 -16.67 21.09 -33.41
C VAL E 141 -16.80 22.21 -32.38
N PRO E 142 -17.15 21.86 -31.14
CA PRO E 142 -17.31 22.85 -30.07
C PRO E 142 -16.00 23.59 -29.83
N SER E 143 -16.09 24.88 -29.54
CA SER E 143 -14.90 25.69 -29.32
C SER E 143 -14.21 25.55 -27.96
N ARG E 144 -14.93 25.08 -26.95
CA ARG E 144 -14.36 24.95 -25.61
C ARG E 144 -14.19 23.52 -25.10
N GLY E 145 -13.26 23.33 -24.18
CA GLY E 145 -13.03 22.02 -23.61
C GLY E 145 -11.58 21.58 -23.52
N THR E 146 -10.71 22.23 -24.29
CA THR E 146 -9.29 21.86 -24.29
C THR E 146 -8.43 22.84 -23.49
N VAL E 147 -7.37 22.32 -22.87
CA VAL E 147 -6.45 23.17 -22.11
C VAL E 147 -5.19 23.39 -22.93
N GLY E 148 -5.25 22.99 -24.20
CA GLY E 148 -4.14 23.17 -25.11
C GLY E 148 -2.89 22.37 -24.78
N ASP E 150 -4.69 19.83 -28.30
CA ASP E 150 -6.12 20.02 -28.60
C ASP E 150 -6.91 18.74 -28.83
N LEU E 151 -6.84 17.82 -27.85
CA LEU E 151 -7.50 16.53 -27.96
C LEU E 151 -9.02 16.55 -28.08
N THR E 152 -9.70 17.39 -27.30
CA THR E 152 -11.16 17.44 -27.34
C THR E 152 -11.73 17.88 -28.69
N PRO E 153 -11.28 19.04 -29.23
CA PRO E 153 -11.85 19.41 -30.53
C PRO E 153 -11.51 18.43 -31.64
N LEU E 154 -10.32 17.82 -31.59
CA LEU E 154 -9.93 16.86 -32.62
C LEU E 154 -10.73 15.57 -32.52
N ALA E 155 -11.13 15.20 -31.29
CA ALA E 155 -11.94 14.00 -31.10
C ALA E 155 -13.29 14.26 -31.75
N HIS E 156 -13.83 15.46 -31.56
CA HIS E 156 -15.12 15.79 -32.17
C HIS E 156 -14.96 15.76 -33.68
N MET E 157 -13.82 16.22 -34.17
CA MET E 157 -13.52 16.21 -35.60
C MET E 157 -13.60 14.77 -36.10
N VAL E 158 -12.97 13.85 -35.37
CA VAL E 158 -12.97 12.45 -35.74
C VAL E 158 -14.39 11.90 -35.83
N LEU E 159 -15.22 12.21 -34.83
CA LEU E 159 -16.60 11.75 -34.85
C LEU E 159 -17.32 12.27 -36.09
N CYS E 160 -17.10 13.55 -36.40
CA CYS E 160 -17.72 14.14 -37.58
C CYS E 160 -17.32 13.37 -38.84
N LEU E 161 -16.01 13.18 -39.01
CA LEU E 161 -15.48 12.47 -40.17
C LEU E 161 -15.95 11.02 -40.30
N GLN E 162 -16.43 10.43 -39.20
CA GLN E 162 -16.94 9.07 -39.23
C GLN E 162 -18.44 9.10 -39.53
N GLY E 163 -18.99 10.30 -39.60
CA GLY E 163 -20.42 10.45 -39.87
C GLY E 163 -21.23 10.43 -38.59
N ARG E 164 -20.55 10.57 -37.46
CA ARG E 164 -21.19 10.55 -36.14
C ARG E 164 -21.21 11.95 -35.53
N GLY E 165 -21.03 12.96 -36.37
CA GLY E 165 -21.04 14.34 -35.90
C GLY E 165 -21.52 15.24 -37.01
N ASP E 166 -21.94 16.46 -36.65
CA ASP E 166 -22.42 17.43 -37.63
C ASP E 166 -21.32 18.04 -38.48
N PHE E 167 -21.74 18.63 -39.60
CA PHE E 167 -20.86 19.30 -40.53
C PHE E 167 -21.44 20.71 -40.69
N LEU E 168 -20.65 21.61 -41.25
CA LEU E 168 -21.10 22.99 -41.48
C LEU E 168 -20.86 23.31 -42.95
N ASP E 169 -21.77 24.06 -43.56
CA ASP E 169 -21.55 24.48 -44.94
C ASP E 169 -20.93 25.86 -44.80
N ARG E 170 -20.46 26.45 -45.90
CA ARG E 170 -19.82 27.77 -45.84
C ARG E 170 -20.61 28.83 -45.07
N ASP E 171 -21.93 28.68 -45.00
CA ASP E 171 -22.78 29.65 -44.31
C ASP E 171 -22.97 29.42 -42.82
N GLY E 172 -22.45 28.30 -42.32
CA GLY E 172 -22.60 28.00 -40.90
C GLY E 172 -23.80 27.11 -40.65
N THR E 173 -24.51 26.75 -41.71
CA THR E 173 -25.68 25.88 -41.60
C THR E 173 -25.22 24.48 -41.23
N ARG E 174 -25.86 23.88 -40.22
CA ARG E 174 -25.49 22.55 -39.78
C ARG E 174 -26.18 21.41 -40.50
N LEU E 175 -25.41 20.36 -40.78
CA LEU E 175 -25.89 19.17 -41.47
C LEU E 175 -25.51 17.98 -40.59
N ASP E 176 -26.37 16.96 -40.52
CA ASP E 176 -26.00 15.82 -39.68
C ASP E 176 -24.90 15.02 -40.38
N GLY E 177 -24.26 14.14 -39.62
CA GLY E 177 -23.18 13.34 -40.16
C GLY E 177 -23.42 12.66 -41.48
N ALA E 178 -24.55 11.96 -41.61
CA ALA E 178 -24.89 11.26 -42.84
C ALA E 178 -25.01 12.24 -44.01
N GLU E 179 -25.75 13.32 -43.80
CA GLU E 179 -25.96 14.33 -44.83
C GLU E 179 -24.64 14.95 -45.26
N GLY E 180 -23.75 15.16 -44.30
CA GLY E 180 -22.46 15.73 -44.60
C GLY E 180 -21.62 14.85 -45.49
N LEU E 181 -21.49 13.58 -45.13
CA LEU E 181 -20.71 12.64 -45.92
C LEU E 181 -21.29 12.56 -47.33
N ARG E 182 -22.62 12.64 -47.40
CA ARG E 182 -23.32 12.58 -48.68
C ARG E 182 -23.02 13.82 -49.52
N ARG E 183 -23.42 14.99 -49.02
CA ARG E 183 -23.22 16.23 -49.73
C ARG E 183 -21.77 16.50 -50.13
N GLY E 184 -20.83 16.20 -49.24
CA GLY E 184 -19.43 16.45 -49.55
C GLY E 184 -18.80 15.31 -50.32
N ARG E 185 -19.58 14.26 -50.58
CA ARG E 185 -19.08 13.10 -51.29
C ARG E 185 -17.84 12.60 -50.55
N LEU E 186 -18.02 12.35 -49.26
CA LEU E 186 -16.92 11.89 -48.40
C LEU E 186 -17.14 10.45 -47.99
N GLN E 187 -16.04 9.77 -47.68
CA GLN E 187 -16.09 8.38 -47.22
C GLN E 187 -15.93 8.44 -45.71
N PRO E 188 -16.65 7.57 -44.98
CA PRO E 188 -16.52 7.61 -43.52
C PRO E 188 -15.11 7.20 -43.08
N LEU E 189 -14.58 7.91 -42.08
CA LEU E 189 -13.24 7.64 -41.56
C LEU E 189 -13.16 6.24 -40.95
N ASP E 190 -12.13 5.50 -41.34
CA ASP E 190 -11.92 4.14 -40.84
C ASP E 190 -10.59 4.12 -40.07
N LEU E 191 -10.64 3.80 -38.78
CA LEU E 191 -9.43 3.77 -37.97
C LEU E 191 -8.90 2.37 -37.66
N SER E 192 -9.20 1.42 -38.54
CA SER E 192 -8.76 0.03 -38.36
C SER E 192 -7.25 -0.16 -38.28
N HIS E 193 -6.48 0.75 -38.87
CA HIS E 193 -5.02 0.64 -38.83
C HIS E 193 -4.43 1.06 -37.49
N ARG E 194 -5.29 1.43 -36.55
CA ARG E 194 -4.85 1.84 -35.22
C ARG E 194 -4.01 3.12 -35.26
N ASP E 195 -4.39 4.03 -36.15
CA ASP E 195 -3.70 5.29 -36.31
C ASP E 195 -4.53 6.46 -35.76
N ALA E 196 -5.34 6.19 -34.74
CA ALA E 196 -6.19 7.22 -34.15
C ALA E 196 -5.37 8.35 -33.52
N LEU E 197 -4.20 8.07 -32.99
CA LEU E 197 -3.40 9.13 -32.38
C LEU E 197 -2.81 10.08 -33.42
N ALA E 198 -2.94 9.72 -34.69
CA ALA E 198 -2.45 10.58 -35.76
C ALA E 198 -3.45 11.71 -35.98
N LEU E 199 -4.68 11.50 -35.51
CA LEU E 199 -5.75 12.48 -35.66
C LEU E 199 -6.08 13.23 -34.38
N VAL E 200 -5.92 12.55 -33.24
CA VAL E 200 -6.21 13.15 -31.95
C VAL E 200 -4.86 13.41 -31.31
N ASN E 201 -4.28 14.57 -31.61
CA ASN E 201 -2.96 14.89 -31.13
C ASN E 201 -2.56 16.30 -31.53
N GLY E 202 -1.48 16.80 -30.93
CA GLY E 202 -0.97 18.10 -31.30
C GLY E 202 -1.74 19.35 -30.95
N THR E 203 -1.33 20.44 -31.59
CA THR E 203 -1.89 21.77 -31.38
C THR E 203 -2.67 22.28 -32.58
N SER E 204 -3.37 21.38 -33.27
CA SER E 204 -4.11 21.72 -34.47
C SER E 204 -5.20 22.78 -34.33
N ALA E 205 -5.96 22.74 -33.24
CA ALA E 205 -7.03 23.70 -33.05
C ALA E 205 -6.54 25.13 -32.83
N MET E 206 -5.60 25.31 -31.89
CA MET E 206 -5.08 26.66 -31.62
C MET E 206 -4.28 27.17 -32.82
N THR E 207 -3.65 26.27 -33.54
CA THR E 207 -2.85 26.65 -34.72
C THR E 207 -3.76 27.11 -35.87
N GLY E 208 -4.89 26.42 -36.05
CA GLY E 208 -5.83 26.81 -37.09
C GLY E 208 -6.48 28.14 -36.76
N ILE E 209 -6.85 28.31 -35.49
CA ILE E 209 -7.46 29.55 -35.05
C ILE E 209 -6.46 30.69 -35.27
N ALA E 210 -5.21 30.44 -34.86
CA ALA E 210 -4.15 31.45 -34.98
C ALA E 210 -3.82 31.83 -36.41
N LEU E 211 -3.90 30.87 -37.34
CA LEU E 211 -3.57 31.20 -38.73
C LEU E 211 -4.70 32.03 -39.35
N VAL E 212 -5.92 31.86 -38.86
CA VAL E 212 -7.04 32.65 -39.35
C VAL E 212 -6.87 34.05 -38.77
N ASN E 213 -6.39 34.11 -37.52
CA ASN E 213 -6.15 35.40 -36.86
C ASN E 213 -5.08 36.18 -37.62
N ALA E 214 -4.01 35.48 -37.99
CA ALA E 214 -2.91 36.11 -38.72
C ALA E 214 -3.40 36.74 -40.03
N HIS E 215 -4.22 36.01 -40.77
CA HIS E 215 -4.73 36.52 -42.04
C HIS E 215 -5.61 37.75 -41.82
N ALA E 216 -6.48 37.69 -40.82
CA ALA E 216 -7.37 38.82 -40.52
C ALA E 216 -6.60 40.06 -40.11
N CYS E 217 -5.56 39.89 -39.30
CA CYS E 217 -4.77 41.04 -38.86
C CYS E 217 -4.03 41.72 -40.00
N ARG E 218 -3.64 40.97 -41.03
CA ARG E 218 -2.95 41.58 -42.15
C ARG E 218 -3.90 42.55 -42.85
N HIS E 219 -5.15 42.13 -43.07
CA HIS E 219 -6.12 43.00 -43.71
C HIS E 219 -6.48 44.20 -42.84
N LEU E 220 -6.78 43.96 -41.56
CA LEU E 220 -7.12 45.06 -40.67
C LEU E 220 -5.97 46.04 -40.55
N GLY E 221 -4.74 45.52 -40.58
CA GLY E 221 -3.58 46.38 -40.50
C GLY E 221 -3.51 47.31 -41.70
N ASN E 222 -3.90 46.79 -42.87
CA ASN E 222 -3.90 47.59 -44.08
C ASN E 222 -4.96 48.68 -43.96
N TRP E 223 -6.07 48.34 -43.33
CA TRP E 223 -7.14 49.30 -43.14
C TRP E 223 -6.73 50.35 -42.11
N ALA E 224 -6.01 49.92 -41.08
CA ALA E 224 -5.56 50.83 -40.04
C ALA E 224 -4.70 51.92 -40.68
N VAL E 225 -3.82 51.50 -41.58
CA VAL E 225 -2.92 52.41 -42.29
C VAL E 225 -3.71 53.31 -43.24
N ALA E 226 -4.54 52.70 -44.08
CA ALA E 226 -5.33 53.43 -45.05
C ALA E 226 -6.25 54.48 -44.44
N LEU E 227 -6.84 54.17 -43.28
CA LEU E 227 -7.74 55.11 -42.63
C LEU E 227 -6.96 56.19 -41.90
N THR E 228 -5.78 55.84 -41.39
CA THR E 228 -4.94 56.84 -40.71
C THR E 228 -4.54 57.89 -41.76
N ALA E 229 -4.26 57.42 -42.97
CA ALA E 229 -3.86 58.31 -44.06
C ALA E 229 -5.02 59.21 -44.45
N LEU E 230 -6.19 58.62 -44.63
CA LEU E 230 -7.37 59.39 -45.00
C LEU E 230 -7.72 60.41 -43.91
N LEU E 231 -7.46 60.05 -42.65
CA LEU E 231 -7.73 60.96 -41.54
C LEU E 231 -6.87 62.22 -41.74
N ALA E 232 -5.61 62.01 -42.11
CA ALA E 232 -4.68 63.10 -42.37
C ALA E 232 -5.26 64.03 -43.44
N GLU E 233 -5.82 63.44 -44.49
CA GLU E 233 -6.39 64.23 -45.56
C GLU E 233 -7.63 64.99 -45.11
N CYS E 234 -8.30 64.51 -44.07
CA CYS E 234 -9.50 65.16 -43.55
C CYS E 234 -9.21 66.22 -42.49
N LEU E 235 -8.03 66.15 -41.87
CA LEU E 235 -7.67 67.09 -40.82
C LEU E 235 -6.39 67.88 -41.14
N ARG E 236 -6.05 68.00 -42.42
CA ARG E 236 -4.84 68.71 -42.81
C ARG E 236 -3.63 68.24 -41.99
N GLY E 237 -3.44 66.93 -41.92
CA GLY E 237 -2.32 66.39 -41.16
C GLY E 237 -0.97 66.66 -41.79
N ARG E 238 0.07 66.66 -40.97
CA ARG E 238 1.44 66.92 -41.44
C ARG E 238 2.18 65.63 -41.78
N THR E 239 2.63 65.52 -43.03
CA THR E 239 3.35 64.33 -43.47
C THR E 239 4.79 64.24 -42.97
N GLU E 240 5.36 65.34 -42.50
CA GLU E 240 6.75 65.26 -42.06
C GLU E 240 6.95 64.27 -40.91
N ALA E 241 5.89 64.03 -40.13
CA ALA E 241 6.01 63.08 -39.02
C ALA E 241 6.19 61.66 -39.57
N TRP E 242 5.83 61.47 -40.83
CA TRP E 242 5.94 60.15 -41.46
C TRP E 242 7.17 60.02 -42.37
N ALA E 243 8.09 60.96 -42.28
CA ALA E 243 9.30 60.96 -43.10
C ALA E 243 10.16 59.72 -42.89
N ALA E 244 10.75 59.24 -43.97
CA ALA E 244 11.62 58.06 -43.93
C ALA E 244 12.83 58.28 -43.03
N ALA E 245 13.28 59.53 -42.92
CA ALA E 245 14.44 59.85 -42.10
C ALA E 245 14.22 59.49 -40.63
N LEU E 246 13.00 59.71 -40.14
CA LEU E 246 12.68 59.38 -38.75
C LEU E 246 12.73 57.88 -38.54
N SER E 247 12.30 57.12 -39.54
CA SER E 247 12.31 55.66 -39.47
C SER E 247 13.74 55.16 -39.36
N ASP E 248 14.64 55.74 -40.16
CA ASP E 248 16.03 55.32 -40.15
C ASP E 248 16.70 55.61 -38.81
N LEU E 249 16.24 56.64 -38.12
CA LEU E 249 16.79 56.99 -36.81
C LEU E 249 16.33 56.03 -35.71
N ARG E 250 15.19 55.37 -35.94
CA ARG E 250 14.65 54.39 -34.99
C ARG E 250 14.18 53.24 -35.89
N PRO E 251 15.14 52.50 -36.46
CA PRO E 251 15.00 51.35 -37.37
C PRO E 251 14.17 50.12 -37.03
N HIS E 252 13.03 50.27 -36.36
CA HIS E 252 12.19 49.11 -36.10
C HIS E 252 11.56 48.79 -37.45
N PRO E 253 11.67 47.53 -37.91
CA PRO E 253 11.09 47.12 -39.20
C PRO E 253 9.63 47.50 -39.38
N GLY E 254 8.83 47.21 -38.35
CA GLY E 254 7.41 47.52 -38.42
C GLY E 254 7.10 49.00 -38.56
N GLN E 255 7.87 49.84 -37.88
CA GLN E 255 7.66 51.28 -37.95
C GLN E 255 8.07 51.83 -39.31
N LYS E 256 9.19 51.33 -39.84
CA LYS E 256 9.68 51.77 -41.14
C LYS E 256 8.62 51.45 -42.19
N ASP E 257 8.08 50.24 -42.11
CA ASP E 257 7.04 49.77 -43.02
C ASP E 257 5.76 50.61 -42.89
N ALA E 258 5.33 50.84 -41.65
CA ALA E 258 4.14 51.63 -41.40
C ALA E 258 4.26 53.03 -42.00
N ALA E 259 5.38 53.69 -41.72
CA ALA E 259 5.61 55.04 -42.23
C ALA E 259 5.67 55.05 -43.76
N ALA E 260 6.30 54.04 -44.34
CA ALA E 260 6.40 53.96 -45.80
C ALA E 260 5.02 53.80 -46.42
N ARG E 261 4.21 52.91 -45.83
CA ARG E 261 2.87 52.66 -46.34
C ARG E 261 1.98 53.90 -46.17
N LEU E 262 2.16 54.61 -45.06
CA LEU E 262 1.39 55.82 -44.80
C LEU E 262 1.74 56.87 -45.87
N ARG E 263 3.03 57.01 -46.17
CA ARG E 263 3.46 57.99 -47.18
C ARG E 263 2.88 57.62 -48.53
N ALA E 264 2.84 56.32 -48.85
CA ALA E 264 2.30 55.87 -50.13
C ALA E 264 0.81 56.20 -50.26
N ARG E 265 0.07 56.02 -49.17
CA ARG E 265 -1.37 56.28 -49.17
C ARG E 265 -1.73 57.74 -49.48
N VAL E 266 -0.95 58.68 -48.97
CA VAL E 266 -1.26 60.09 -49.20
C VAL E 266 -0.53 60.70 -50.40
N ASP E 267 0.19 59.87 -51.15
CA ASP E 267 0.90 60.36 -52.33
C ASP E 267 -0.12 60.94 -53.31
N GLY E 268 0.15 62.16 -53.78
CA GLY E 268 -0.77 62.79 -54.72
C GLY E 268 -1.81 63.65 -54.03
N SER E 269 -1.84 63.61 -52.71
CA SER E 269 -2.81 64.41 -51.95
C SER E 269 -2.42 65.86 -51.85
N ALA E 270 -3.41 66.74 -51.94
CA ALA E 270 -3.20 68.18 -51.84
C ALA E 270 -3.85 68.66 -50.53
N ARG E 271 -4.40 67.71 -49.78
CA ARG E 271 -5.07 68.04 -48.52
C ARG E 271 -4.16 67.96 -47.30
N VAL E 272 -3.04 67.25 -47.42
CA VAL E 272 -2.11 67.14 -46.30
C VAL E 272 -1.08 68.27 -46.35
N VAL E 273 -0.46 68.56 -45.22
CA VAL E 273 0.57 69.60 -45.14
C VAL E 273 1.92 68.92 -45.24
N ARG E 274 2.67 69.25 -46.28
CA ARG E 274 3.99 68.64 -46.50
C ARG E 274 5.17 69.49 -46.07
N HIS E 275 4.92 70.75 -45.73
CA HIS E 275 6.01 71.63 -45.32
C HIS E 275 6.67 71.24 -44.00
N VAL E 276 8.00 71.16 -44.01
CA VAL E 276 8.77 70.83 -42.82
C VAL E 276 8.86 72.14 -42.04
N ILE E 277 8.29 72.17 -40.85
CA ILE E 277 8.27 73.40 -40.04
C ILE E 277 9.62 74.05 -39.74
N ALA E 278 10.67 73.25 -39.59
CA ALA E 278 11.99 73.77 -39.28
C ALA E 278 12.62 74.56 -40.44
N GLU E 279 12.04 74.45 -41.63
CA GLU E 279 12.55 75.16 -42.80
C GLU E 279 12.30 76.65 -42.65
N ARG E 280 11.20 76.98 -41.98
CA ARG E 280 10.79 78.36 -41.76
C ARG E 280 11.71 79.14 -40.81
N ARG E 281 12.13 80.33 -41.26
CA ARG E 281 12.99 81.19 -40.45
C ARG E 281 12.10 82.27 -39.84
N LEU E 282 12.00 82.28 -38.52
CA LEU E 282 11.16 83.24 -37.82
C LEU E 282 11.80 84.60 -37.60
N ASP E 283 10.95 85.63 -37.53
CA ASP E 283 11.41 87.00 -37.30
C ASP E 283 10.63 87.58 -36.12
N ALA E 284 10.91 88.83 -35.78
CA ALA E 284 10.25 89.50 -34.66
C ALA E 284 8.72 89.42 -34.72
N GLY E 285 8.15 89.78 -35.87
CA GLY E 285 6.71 89.78 -36.01
C GLY E 285 6.01 88.42 -35.92
N ASP E 286 6.76 87.36 -35.68
CA ASP E 286 6.16 86.03 -35.58
C ASP E 286 5.87 85.60 -34.15
N ILE E 287 6.51 86.25 -33.18
CA ILE E 287 6.29 85.92 -31.77
C ILE E 287 4.85 86.18 -31.35
N GLY E 288 4.23 85.18 -30.76
CA GLY E 288 2.85 85.30 -30.31
C GLY E 288 2.17 83.95 -30.26
N THR E 289 0.85 83.95 -30.48
CA THR E 289 0.08 82.71 -30.47
C THR E 289 -0.45 82.36 -31.86
N GLU E 290 -0.07 81.20 -32.36
CA GLU E 290 -0.52 80.73 -33.67
C GLU E 290 -1.83 79.97 -33.51
N PRO E 291 -2.64 79.93 -34.59
CA PRO E 291 -3.92 79.22 -34.55
C PRO E 291 -3.78 77.74 -34.21
N GLU E 292 -2.73 77.10 -34.73
CA GLU E 292 -2.49 75.70 -34.48
C GLU E 292 -1.00 75.43 -34.21
N ALA E 293 -0.72 74.35 -33.49
CA ALA E 293 0.66 73.99 -33.17
C ALA E 293 1.34 73.47 -34.43
N GLY E 294 2.67 73.37 -34.39
CA GLY E 294 3.40 72.89 -35.54
C GLY E 294 3.44 71.37 -35.67
N GLN E 295 2.75 70.67 -34.76
CA GLN E 295 2.72 69.20 -34.80
C GLN E 295 1.31 68.69 -34.49
N ASP E 296 0.95 67.53 -35.07
CA ASP E 296 -0.36 66.94 -34.85
C ASP E 296 -0.42 66.16 -33.54
N ALA E 297 -1.66 65.86 -33.12
CA ALA E 297 -1.87 65.08 -31.91
C ALA E 297 -1.26 63.71 -32.22
N TYR E 298 -1.04 62.90 -31.19
CA TYR E 298 -0.41 61.60 -31.38
C TYR E 298 -1.15 60.61 -32.29
N SER E 299 -2.48 60.67 -32.34
CA SER E 299 -3.23 59.74 -33.18
C SER E 299 -2.84 59.88 -34.66
N LEU E 300 -2.08 60.92 -34.97
CA LEU E 300 -1.60 61.14 -36.34
C LEU E 300 -0.08 61.13 -36.37
N ARG E 301 0.53 61.97 -35.54
CA ARG E 301 1.97 62.08 -35.50
C ARG E 301 2.71 60.82 -35.07
N CYS E 302 2.09 60.04 -34.18
CA CYS E 302 2.73 58.82 -33.69
C CYS E 302 2.17 57.53 -34.32
N ALA E 303 1.41 57.67 -35.39
CA ALA E 303 0.84 56.50 -36.05
C ALA E 303 1.90 55.48 -36.45
N PRO E 304 3.02 55.93 -37.06
CA PRO E 304 4.08 55.00 -37.46
C PRO E 304 4.62 54.17 -36.30
N GLN E 305 4.76 54.81 -35.15
CA GLN E 305 5.28 54.15 -33.96
C GLN E 305 4.28 53.16 -33.36
N VAL E 306 3.02 53.57 -33.24
CA VAL E 306 2.00 52.70 -32.67
C VAL E 306 1.70 51.54 -33.62
N LEU E 307 1.40 51.85 -34.87
CA LEU E 307 1.10 50.81 -35.86
C LEU E 307 2.32 49.89 -36.04
N GLY E 308 3.51 50.49 -36.04
CA GLY E 308 4.73 49.73 -36.21
C GLY E 308 4.99 48.68 -35.15
N ALA E 309 4.75 49.04 -33.90
CA ALA E 309 4.94 48.11 -32.79
C ALA E 309 3.93 46.97 -32.94
N GLY E 310 2.75 47.32 -33.41
CA GLY E 310 1.72 46.31 -33.63
C GLY E 310 2.15 45.37 -34.75
N PHE E 311 2.71 45.93 -35.82
CA PHE E 311 3.17 45.12 -36.93
C PHE E 311 4.31 44.21 -36.54
N ASP E 312 5.22 44.72 -35.70
CA ASP E 312 6.35 43.90 -35.27
C ASP E 312 5.86 42.77 -34.36
N THR E 313 4.77 43.00 -33.64
CA THR E 313 4.23 41.96 -32.79
C THR E 313 3.61 40.87 -33.68
N LEU E 314 2.89 41.30 -34.71
CA LEU E 314 2.27 40.37 -35.64
C LEU E 314 3.35 39.56 -36.36
N ALA E 315 4.45 40.23 -36.71
CA ALA E 315 5.57 39.56 -37.40
C ALA E 315 6.14 38.43 -36.55
N TRP E 316 6.28 38.66 -35.25
CA TRP E 316 6.81 37.64 -34.34
C TRP E 316 5.80 36.50 -34.24
N HIS E 317 4.54 36.87 -34.06
CA HIS E 317 3.46 35.89 -33.98
C HIS E 317 3.50 34.99 -35.20
N ASP E 318 3.62 35.60 -36.38
CA ASP E 318 3.65 34.84 -37.62
C ASP E 318 4.89 33.96 -37.79
N ARG E 319 6.04 34.40 -37.30
CA ARG E 319 7.26 33.59 -37.40
C ARG E 319 7.09 32.32 -36.59
N VAL E 320 6.67 32.48 -35.34
CA VAL E 320 6.46 31.37 -34.44
C VAL E 320 5.36 30.46 -34.97
N LEU E 321 4.28 31.05 -35.47
CA LEU E 321 3.16 30.27 -35.97
C LEU E 321 3.54 29.45 -37.21
N THR E 322 4.36 30.04 -38.07
CA THR E 322 4.79 29.34 -39.27
C THR E 322 5.55 28.07 -38.89
N ILE E 323 6.37 28.16 -37.85
CA ILE E 323 7.14 27.01 -37.38
C ILE E 323 6.18 25.95 -36.82
N GLU E 324 5.22 26.40 -36.02
CA GLU E 324 4.24 25.51 -35.39
C GLU E 324 3.40 24.76 -36.41
N LEU E 325 2.86 25.49 -37.38
CA LEU E 325 2.04 24.91 -38.43
C LEU E 325 2.77 23.79 -39.16
N ASN E 326 4.03 24.04 -39.51
CA ASN E 326 4.83 23.07 -40.25
C ASN E 326 5.60 22.06 -39.41
N ALA E 327 5.33 22.03 -38.11
CA ALA E 327 6.00 21.10 -37.23
C ALA E 327 5.13 19.89 -36.92
N VAL E 328 5.71 18.91 -36.23
CA VAL E 328 5.00 17.72 -35.81
C VAL E 328 4.78 17.90 -34.30
N THR E 329 3.54 18.15 -33.89
CA THR E 329 3.25 18.33 -32.47
C THR E 329 2.66 17.09 -31.82
N ASP E 330 2.82 15.95 -32.48
CA ASP E 330 2.33 14.65 -32.01
C ASP E 330 3.12 14.02 -30.87
N ASN E 331 2.45 13.09 -30.18
CA ASN E 331 3.05 12.28 -29.13
C ASN E 331 2.19 11.03 -29.03
N PRO E 332 2.79 9.84 -29.19
CA PRO E 332 4.22 9.65 -29.46
C PRO E 332 4.51 9.93 -30.93
N VAL E 333 5.78 9.89 -31.31
CA VAL E 333 6.17 10.11 -32.71
C VAL E 333 7.05 8.94 -33.15
N PHE E 334 7.09 8.70 -34.46
CA PHE E 334 7.88 7.60 -34.99
C PHE E 334 8.99 8.15 -35.88
N PRO E 335 10.22 8.21 -35.35
CA PRO E 335 11.41 8.71 -36.04
C PRO E 335 11.63 8.10 -37.43
N PRO E 336 11.58 8.93 -38.49
CA PRO E 336 11.78 8.46 -39.87
C PRO E 336 13.12 7.76 -40.08
N ASP E 337 14.12 8.12 -39.27
CA ASP E 337 15.44 7.51 -39.40
C ASP E 337 15.55 6.11 -38.80
N GLY E 338 14.54 5.70 -38.03
CA GLY E 338 14.55 4.37 -37.44
C GLY E 338 15.52 4.17 -36.27
N SER E 339 16.03 5.27 -35.72
CA SER E 339 16.96 5.20 -34.60
C SER E 339 16.31 4.45 -33.42
N VAL E 340 15.10 4.85 -33.08
CA VAL E 340 14.33 4.21 -31.99
C VAL E 340 12.95 3.94 -32.57
N PRO E 341 12.23 2.96 -32.01
CA PRO E 341 10.90 2.63 -32.51
C PRO E 341 9.93 3.80 -32.41
N ALA E 342 10.02 4.56 -31.33
CA ALA E 342 9.15 5.72 -31.10
C ALA E 342 9.73 6.59 -29.99
N LEU E 343 9.28 7.83 -29.94
CA LEU E 343 9.73 8.78 -28.94
C LEU E 343 8.53 9.32 -28.16
N HIS E 344 8.69 9.46 -26.85
CA HIS E 344 7.61 10.00 -26.01
C HIS E 344 8.08 11.30 -25.36
N GLY E 345 7.32 12.36 -25.59
CA GLY E 345 7.67 13.66 -25.04
C GLY E 345 6.46 14.57 -24.91
N GLY E 346 6.66 15.88 -25.03
CA GLY E 346 5.54 16.80 -24.89
C GLY E 346 5.39 17.87 -25.98
N ASN E 347 5.64 17.51 -27.24
CA ASN E 347 5.50 18.48 -28.32
C ASN E 347 4.08 18.98 -28.56
N PHE E 348 3.14 18.46 -27.79
CA PHE E 348 1.74 18.86 -27.89
C PHE E 348 1.46 20.07 -26.99
N MET E 349 2.43 20.42 -26.13
CA MET E 349 2.28 21.55 -25.22
C MET E 349 2.26 22.83 -26.03
N GLY E 350 1.10 23.45 -26.16
CA GLY E 350 0.99 24.64 -26.98
C GLY E 350 1.37 25.97 -26.35
N GLN E 351 2.53 26.03 -25.68
CA GLN E 351 2.93 27.27 -25.06
C GLN E 351 3.32 28.34 -26.09
N HIS E 352 3.89 27.92 -27.21
CA HIS E 352 4.27 28.91 -28.23
C HIS E 352 3.09 29.68 -28.81
N VAL E 353 2.02 28.99 -29.18
CA VAL E 353 0.86 29.68 -29.72
C VAL E 353 0.17 30.47 -28.61
N ALA E 354 0.21 29.95 -27.38
CA ALA E 354 -0.41 30.65 -26.26
C ALA E 354 0.21 32.03 -26.03
N LEU E 355 1.54 32.07 -25.93
CA LEU E 355 2.24 33.33 -25.69
C LEU E 355 2.15 34.31 -26.85
N THR E 356 2.31 33.82 -28.09
CA THR E 356 2.23 34.72 -29.22
C THR E 356 0.80 35.23 -29.38
N SER E 357 -0.18 34.37 -29.14
CA SER E 357 -1.58 34.78 -29.24
C SER E 357 -1.89 35.89 -28.22
N ASP E 358 -1.42 35.71 -26.99
CA ASP E 358 -1.65 36.71 -25.95
C ASP E 358 -0.97 38.03 -26.31
N ALA E 359 0.25 37.96 -26.85
CA ALA E 359 0.98 39.17 -27.23
C ALA E 359 0.25 39.90 -28.37
N LEU E 360 -0.24 39.14 -29.35
CA LEU E 360 -0.95 39.73 -30.47
C LEU E 360 -2.24 40.37 -29.98
N ALA E 361 -2.94 39.70 -29.08
CA ALA E 361 -4.19 40.22 -28.53
C ALA E 361 -3.95 41.60 -27.91
N THR E 362 -2.83 41.76 -27.20
CA THR E 362 -2.51 43.04 -26.60
C THR E 362 -2.29 44.09 -27.71
N ALA E 363 -1.51 43.72 -28.71
CA ALA E 363 -1.24 44.64 -29.82
C ALA E 363 -2.54 45.04 -30.51
N VAL E 364 -3.43 44.08 -30.69
CA VAL E 364 -4.72 44.36 -31.33
C VAL E 364 -5.50 45.38 -30.49
N THR E 365 -5.52 45.20 -29.18
CA THR E 365 -6.23 46.13 -28.32
C THR E 365 -5.61 47.52 -28.41
N VAL E 366 -4.29 47.59 -28.45
CA VAL E 366 -3.58 48.87 -28.56
C VAL E 366 -3.95 49.57 -29.87
N LEU E 367 -3.88 48.84 -30.98
CA LEU E 367 -4.20 49.43 -32.28
C LEU E 367 -5.69 49.80 -32.41
N ALA E 368 -6.57 49.01 -31.80
CA ALA E 368 -7.99 49.33 -31.84
C ALA E 368 -8.19 50.62 -31.04
N GLY E 369 -7.36 50.81 -30.02
CA GLY E 369 -7.45 52.01 -29.21
C GLY E 369 -7.07 53.22 -30.04
N LEU E 370 -6.07 53.06 -30.90
CA LEU E 370 -5.65 54.14 -31.78
C LEU E 370 -6.83 54.53 -32.68
N ALA E 371 -7.44 53.53 -33.30
CA ALA E 371 -8.58 53.79 -34.19
C ALA E 371 -9.72 54.47 -33.46
N GLU E 372 -10.01 54.00 -32.24
CA GLU E 372 -11.08 54.57 -31.45
C GLU E 372 -10.81 56.06 -31.15
N ARG E 373 -9.57 56.40 -30.86
CA ARG E 373 -9.23 57.80 -30.57
C ARG E 373 -9.26 58.64 -31.85
N GLN E 374 -9.00 58.01 -32.99
CA GLN E 374 -9.03 58.73 -34.26
C GLN E 374 -10.48 59.10 -34.54
N ILE E 375 -11.40 58.18 -34.20
CA ILE E 375 -12.82 58.45 -34.38
C ILE E 375 -13.22 59.57 -33.44
N ALA E 376 -12.77 59.45 -32.19
CA ALA E 376 -13.11 60.45 -31.17
C ALA E 376 -12.63 61.85 -31.53
N ARG E 377 -11.50 61.93 -32.23
CA ARG E 377 -10.96 63.23 -32.64
C ARG E 377 -11.72 63.78 -33.86
N LEU E 378 -11.96 62.92 -34.85
CA LEU E 378 -12.65 63.33 -36.07
C LEU E 378 -14.09 63.79 -35.87
N THR E 379 -14.78 63.24 -34.87
CA THR E 379 -16.18 63.60 -34.62
C THR E 379 -16.38 64.74 -33.63
N ASP E 380 -15.30 65.20 -33.02
CA ASP E 380 -15.34 66.29 -32.03
C ASP E 380 -15.20 67.64 -32.73
N GLU E 381 -16.25 68.47 -32.67
CA GLU E 381 -16.23 69.76 -33.34
C GLU E 381 -15.18 70.72 -32.80
N ARG E 382 -14.62 70.39 -31.63
CA ARG E 382 -13.60 71.25 -31.05
C ARG E 382 -12.21 70.81 -31.50
N LEU E 383 -12.11 69.58 -31.99
CA LEU E 383 -10.83 69.04 -32.41
C LEU E 383 -10.74 68.69 -33.90
N ASN E 384 -11.85 68.72 -34.63
CA ASN E 384 -11.81 68.35 -36.04
C ASN E 384 -11.64 69.48 -37.05
N ARG E 385 -11.08 70.59 -36.58
CA ARG E 385 -10.80 71.75 -37.43
C ARG E 385 -11.89 72.19 -38.40
N GLY E 386 -13.06 72.53 -37.89
CA GLY E 386 -14.12 73.02 -38.75
C GLY E 386 -15.18 72.07 -39.27
N LEU E 387 -15.00 70.77 -39.05
CA LEU E 387 -15.99 69.80 -39.52
C LEU E 387 -17.22 69.81 -38.61
N PRO E 388 -18.40 69.46 -39.16
CA PRO E 388 -19.63 69.44 -38.36
C PRO E 388 -19.47 68.50 -37.17
N PRO E 389 -20.15 68.80 -36.05
CA PRO E 389 -20.05 67.94 -34.88
C PRO E 389 -20.60 66.55 -35.22
N PHE E 390 -19.78 65.52 -35.02
CA PHE E 390 -20.15 64.14 -35.30
C PHE E 390 -20.44 63.91 -36.79
N LEU E 391 -19.88 64.78 -37.62
CA LEU E 391 -20.01 64.70 -39.07
C LEU E 391 -21.44 64.60 -39.61
N HIS E 392 -22.39 65.21 -38.90
CA HIS E 392 -23.77 65.17 -39.35
C HIS E 392 -23.97 66.01 -40.60
N ARG E 393 -25.13 65.82 -41.22
CA ARG E 393 -25.55 66.59 -42.38
C ARG E 393 -26.99 66.95 -42.02
N GLY E 394 -27.54 68.00 -42.63
CA GLY E 394 -28.88 68.41 -42.28
C GLY E 394 -28.75 69.34 -41.10
N PRO E 395 -29.84 69.95 -40.59
CA PRO E 395 -29.74 70.87 -39.45
C PRO E 395 -29.10 70.23 -38.21
N ALA E 396 -28.19 70.98 -37.56
CA ALA E 396 -27.50 70.49 -36.37
C ALA E 396 -28.49 70.38 -35.22
N GLY E 397 -28.42 69.31 -34.45
CA GLY E 397 -29.34 69.14 -33.35
C GLY E 397 -30.47 68.23 -33.77
N LEU E 398 -31.11 68.57 -34.89
CA LEU E 398 -32.19 67.73 -35.41
C LEU E 398 -31.50 66.45 -35.88
N ASN E 399 -30.23 66.60 -36.23
CA ASN E 399 -29.38 65.49 -36.68
C ASN E 399 -28.16 65.38 -35.77
N SER E 400 -27.75 64.16 -35.46
CA SER E 400 -26.59 63.94 -34.60
C SER E 400 -25.51 63.16 -35.33
N GLY E 401 -25.80 62.81 -36.58
CA GLY E 401 -24.86 62.08 -37.41
C GLY E 401 -24.32 60.80 -36.80
N PHE E 402 -23.01 60.74 -36.63
CA PHE E 402 -22.34 59.57 -36.09
C PHE E 402 -22.17 59.61 -34.58
N MET E 403 -22.90 60.49 -33.89
CA MET E 403 -22.77 60.60 -32.45
C MET E 403 -22.98 59.26 -31.74
N GLY E 404 -23.92 58.46 -32.22
CA GLY E 404 -24.16 57.17 -31.61
C GLY E 404 -23.05 56.18 -31.95
N ALA E 405 -22.68 56.12 -33.23
CA ALA E 405 -21.63 55.22 -33.67
C ALA E 405 -20.31 55.48 -32.95
N GLN E 406 -20.03 56.74 -32.63
CA GLN E 406 -18.77 57.09 -31.95
C GLN E 406 -18.73 56.45 -30.56
N VAL E 407 -19.85 56.52 -29.85
CA VAL E 407 -19.94 55.93 -28.51
C VAL E 407 -19.82 54.41 -28.62
N THR E 408 -20.48 53.85 -29.62
CA THR E 408 -20.41 52.40 -29.83
C THR E 408 -18.96 51.96 -29.99
N ALA E 409 -18.17 52.72 -30.75
CA ALA E 409 -16.77 52.38 -30.93
C ALA E 409 -16.06 52.34 -29.58
N THR E 410 -16.39 53.31 -28.72
CA THR E 410 -15.79 53.38 -27.39
C THR E 410 -16.20 52.16 -26.56
N ALA E 411 -17.45 51.74 -26.68
CA ALA E 411 -17.95 50.59 -25.92
C ALA E 411 -17.26 49.29 -26.35
N LEU E 412 -17.04 49.15 -27.66
CA LEU E 412 -16.40 47.96 -28.19
C LEU E 412 -14.95 47.87 -27.69
N LEU E 413 -14.28 49.01 -27.59
CA LEU E 413 -12.90 49.06 -27.12
C LEU E 413 -12.85 48.72 -25.63
N ALA E 414 -13.74 49.33 -24.86
CA ALA E 414 -13.81 49.08 -23.42
C ALA E 414 -13.95 47.57 -23.16
N GLU E 415 -14.82 46.93 -23.94
CA GLU E 415 -15.04 45.49 -23.77
C GLU E 415 -13.78 44.68 -24.08
N MET E 416 -13.06 45.06 -25.14
CA MET E 416 -11.82 44.37 -25.50
C MET E 416 -10.86 44.40 -24.32
N ARG E 417 -10.74 45.58 -23.71
CA ARG E 417 -9.84 45.78 -22.59
C ARG E 417 -10.12 44.93 -21.37
N ALA E 418 -11.36 44.50 -21.22
CA ALA E 418 -11.73 43.70 -20.05
C ALA E 418 -11.11 42.30 -20.01
N THR E 419 -10.75 41.76 -21.17
CA THR E 419 -10.17 40.43 -21.24
C THR E 419 -8.66 40.49 -21.44
N GLY E 420 -7.92 39.83 -20.57
CA GLY E 420 -6.47 39.83 -20.66
C GLY E 420 -5.91 38.54 -21.19
N PRO E 421 -4.60 38.29 -20.99
CA PRO E 421 -3.91 37.07 -21.44
C PRO E 421 -4.51 35.80 -20.86
N ALA E 422 -4.56 34.75 -21.68
CA ALA E 422 -5.10 33.46 -21.24
C ALA E 422 -4.03 32.57 -20.62
N SER E 423 -2.80 32.71 -21.09
CA SER E 423 -1.66 31.88 -20.65
C SER E 423 -1.29 31.88 -19.17
N ILE E 424 -1.58 32.96 -18.46
CA ILE E 424 -1.22 33.05 -17.06
C ILE E 424 -2.14 32.25 -16.14
N HIS E 425 -3.16 31.63 -16.70
CA HIS E 425 -4.13 30.90 -15.89
C HIS E 425 -4.00 29.38 -15.84
N SER E 426 -2.78 28.88 -16.02
CA SER E 426 -2.59 27.44 -15.96
C SER E 426 -3.05 26.88 -14.61
N ILE E 427 -3.71 25.74 -14.65
CA ILE E 427 -4.21 25.07 -13.46
C ILE E 427 -3.88 23.57 -13.56
N SER E 428 -3.31 23.01 -12.52
CA SER E 428 -2.94 21.60 -12.50
C SER E 428 -4.21 20.76 -12.68
N THR E 429 -4.21 19.87 -13.66
CA THR E 429 -5.41 19.07 -13.91
C THR E 429 -5.06 17.63 -14.34
N ASN E 430 -6.07 16.82 -14.68
CA ASN E 430 -5.85 15.42 -15.09
C ASN E 430 -5.10 14.68 -13.95
N ALA E 431 -5.69 14.70 -12.75
CA ALA E 431 -5.09 14.07 -11.57
C ALA E 431 -3.64 14.49 -11.41
N ALA E 432 -3.39 15.78 -11.60
CA ALA E 432 -2.07 16.38 -11.47
C ALA E 432 -1.03 15.93 -12.51
N ASN E 433 -1.43 15.08 -13.45
CA ASN E 433 -0.50 14.64 -14.50
C ASN E 433 -0.19 15.84 -15.39
N GLN E 434 -1.21 16.59 -15.77
CA GLN E 434 -1.02 17.77 -16.59
C GLN E 434 -0.93 18.92 -15.59
N ASP E 435 0.15 18.95 -14.80
CA ASP E 435 0.27 19.98 -13.79
C ASP E 435 0.52 21.42 -14.28
N VAL E 436 0.83 21.55 -15.57
CA VAL E 436 0.98 22.86 -16.23
C VAL E 436 0.36 22.68 -17.61
N VAL E 437 -0.45 23.65 -18.06
CA VAL E 437 -1.10 23.57 -19.37
C VAL E 437 -0.98 24.92 -20.08
N SER E 438 -0.91 24.90 -21.41
CA SER E 438 -0.73 26.11 -22.18
C SER E 438 -1.92 27.03 -22.34
N LEU E 439 -3.12 26.45 -22.41
CA LEU E 439 -4.34 27.23 -22.62
C LEU E 439 -4.20 27.97 -23.96
N GLY E 440 -3.38 27.42 -24.84
CA GLY E 440 -3.15 28.05 -26.14
C GLY E 440 -4.38 28.25 -27.00
N THR E 441 -5.32 27.31 -26.94
CA THR E 441 -6.54 27.40 -27.72
C THR E 441 -7.41 28.55 -27.25
N ILE E 442 -7.50 28.72 -25.93
CA ILE E 442 -8.27 29.81 -25.35
C ILE E 442 -7.61 31.13 -25.74
N ALA E 443 -6.30 31.17 -25.65
CA ALA E 443 -5.53 32.37 -26.01
C ALA E 443 -5.84 32.82 -27.44
N ALA E 444 -5.80 31.88 -28.38
CA ALA E 444 -6.07 32.21 -29.77
C ALA E 444 -7.51 32.66 -29.99
N ARG E 445 -8.45 32.03 -29.27
CA ARG E 445 -9.86 32.41 -29.41
C ARG E 445 -10.10 33.81 -28.85
N LEU E 446 -9.50 34.12 -27.69
CA LEU E 446 -9.65 35.43 -27.09
C LEU E 446 -9.08 36.49 -28.03
N CYS E 447 -7.98 36.17 -28.68
CA CYS E 447 -7.37 37.09 -29.64
C CYS E 447 -8.31 37.29 -30.83
N ARG E 448 -8.99 36.21 -31.25
CA ARG E 448 -9.92 36.32 -32.37
C ARG E 448 -11.06 37.30 -32.04
N GLU E 449 -11.61 37.19 -30.83
CA GLU E 449 -12.70 38.08 -30.43
C GLU E 449 -12.25 39.53 -30.50
N LYS E 450 -11.02 39.79 -30.08
CA LYS E 450 -10.50 41.14 -30.11
C LYS E 450 -10.32 41.62 -31.55
N ILE E 451 -9.96 40.70 -32.44
CA ILE E 451 -9.79 41.02 -33.85
C ILE E 451 -11.15 41.40 -34.46
N ASP E 452 -12.22 40.74 -34.01
CA ASP E 452 -13.55 41.06 -34.51
C ASP E 452 -14.03 42.42 -34.04
N ARG E 453 -13.67 42.80 -32.82
CA ARG E 453 -14.05 44.11 -32.29
C ARG E 453 -13.25 45.19 -33.04
N TRP E 454 -11.97 44.93 -33.27
CA TRP E 454 -11.11 45.87 -33.97
C TRP E 454 -11.69 46.13 -35.36
N ALA E 455 -12.21 45.09 -36.00
CA ALA E 455 -12.80 45.23 -37.34
C ALA E 455 -14.02 46.16 -37.29
N GLU E 456 -14.80 46.04 -36.23
CA GLU E 456 -16.00 46.86 -36.06
C GLU E 456 -15.65 48.32 -35.78
N ILE E 457 -14.60 48.54 -35.01
CA ILE E 457 -14.15 49.89 -34.68
C ILE E 457 -13.59 50.52 -35.97
N LEU E 458 -12.84 49.74 -36.74
CA LEU E 458 -12.28 50.22 -38.00
C LEU E 458 -13.39 50.52 -39.00
N ALA E 459 -14.48 49.77 -38.94
CA ALA E 459 -15.59 49.98 -39.86
C ALA E 459 -16.27 51.31 -39.54
N ILE E 460 -16.42 51.60 -38.24
CA ILE E 460 -17.04 52.86 -37.85
C ILE E 460 -16.16 54.03 -38.31
N LEU E 461 -14.84 53.88 -38.16
CA LEU E 461 -13.91 54.93 -38.58
C LEU E 461 -13.97 55.12 -40.09
N ALA E 462 -14.07 54.02 -40.84
CA ALA E 462 -14.15 54.09 -42.29
C ALA E 462 -15.41 54.83 -42.74
N LEU E 463 -16.54 54.54 -42.08
CA LEU E 463 -17.80 55.20 -42.43
C LEU E 463 -17.72 56.67 -42.05
N CYS E 464 -17.05 56.98 -40.95
CA CYS E 464 -16.89 58.38 -40.55
C CYS E 464 -16.01 59.13 -41.53
N LEU E 465 -14.90 58.52 -41.94
CA LEU E 465 -13.96 59.17 -42.87
C LEU E 465 -14.53 59.42 -44.26
N ALA E 466 -15.40 58.52 -44.73
CA ALA E 466 -16.00 58.70 -46.04
C ALA E 466 -16.85 59.96 -46.01
N GLN E 467 -17.58 60.13 -44.90
CA GLN E 467 -18.44 61.28 -44.71
C GLN E 467 -17.61 62.55 -44.49
N ALA E 468 -16.53 62.42 -43.74
CA ALA E 468 -15.66 63.56 -43.45
C ALA E 468 -14.96 64.07 -44.71
N ALA E 469 -14.54 63.13 -45.55
CA ALA E 469 -13.86 63.51 -46.79
C ALA E 469 -14.79 64.34 -47.67
N GLU E 470 -16.03 63.88 -47.83
CA GLU E 470 -17.00 64.58 -48.66
C GLU E 470 -17.37 65.94 -48.06
N LEU E 471 -17.42 66.01 -46.74
CA LEU E 471 -17.76 67.25 -46.05
C LEU E 471 -16.64 68.27 -46.19
N ARG E 472 -15.40 67.78 -46.14
CA ARG E 472 -14.22 68.61 -46.24
C ARG E 472 -13.85 68.99 -47.68
N CYS E 473 -13.95 68.03 -48.59
CA CYS E 473 -13.56 68.23 -49.97
C CYS E 473 -14.66 68.19 -51.02
N GLY E 474 -15.91 68.05 -50.59
CA GLY E 474 -17.01 68.00 -51.53
C GLY E 474 -17.20 66.59 -52.06
N SER E 475 -18.33 66.34 -52.72
CA SER E 475 -18.61 65.01 -53.24
C SER E 475 -17.54 64.55 -54.24
N GLY E 476 -16.94 65.50 -54.94
CA GLY E 476 -15.91 65.17 -55.91
C GLY E 476 -14.56 64.85 -55.30
N LEU E 477 -14.47 65.00 -53.97
CA LEU E 477 -13.23 64.72 -53.24
C LEU E 477 -12.03 65.49 -53.81
N ASP E 478 -12.20 66.79 -54.01
CA ASP E 478 -11.14 67.64 -54.53
C ASP E 478 -9.90 67.67 -53.64
N GLY E 479 -8.75 67.38 -54.22
CA GLY E 479 -7.51 67.40 -53.46
C GLY E 479 -7.17 66.09 -52.78
N VAL E 480 -8.11 65.16 -52.74
CA VAL E 480 -7.86 63.87 -52.10
C VAL E 480 -6.96 63.02 -52.98
N SER E 481 -6.08 62.26 -52.33
CA SER E 481 -5.13 61.40 -53.03
C SER E 481 -5.86 60.36 -53.87
N PRO E 482 -5.17 59.78 -54.85
CA PRO E 482 -5.78 58.76 -55.72
C PRO E 482 -6.23 57.56 -54.89
N ALA E 483 -5.41 57.18 -53.91
CA ALA E 483 -5.72 56.04 -53.04
C ALA E 483 -6.91 56.37 -52.16
N GLY E 484 -6.95 57.59 -51.64
CA GLY E 484 -8.05 58.01 -50.80
C GLY E 484 -9.36 58.01 -51.56
N LYS E 485 -9.32 58.53 -52.78
CA LYS E 485 -10.51 58.59 -53.64
C LYS E 485 -11.02 57.19 -53.93
N LYS E 486 -10.12 56.30 -54.30
CA LYS E 486 -10.49 54.93 -54.62
C LYS E 486 -11.17 54.25 -53.44
N LEU E 487 -10.65 54.47 -52.24
CA LEU E 487 -11.23 53.87 -51.04
C LEU E 487 -12.64 54.39 -50.77
N VAL E 488 -12.82 55.70 -50.79
CA VAL E 488 -14.13 56.29 -50.54
C VAL E 488 -15.15 55.88 -51.60
N GLN E 489 -14.73 55.87 -52.87
CA GLN E 489 -15.63 55.48 -53.96
C GLN E 489 -16.09 54.03 -53.77
N ALA E 490 -15.16 53.15 -53.45
CA ALA E 490 -15.47 51.75 -53.23
C ALA E 490 -16.47 51.60 -52.10
N LEU E 491 -16.26 52.36 -51.01
CA LEU E 491 -17.17 52.32 -49.88
C LEU E 491 -18.55 52.82 -50.28
N ARG E 492 -18.59 53.91 -51.04
CA ARG E 492 -19.85 54.50 -51.47
C ARG E 492 -20.63 53.60 -52.43
N GLU E 493 -19.98 52.55 -52.93
CA GLU E 493 -20.65 51.62 -53.81
C GLU E 493 -21.70 50.83 -53.01
N GLN E 494 -21.43 50.63 -51.73
CA GLN E 494 -22.34 49.87 -50.88
C GLN E 494 -22.90 50.63 -49.69
N PHE E 495 -22.21 51.70 -49.28
CA PHE E 495 -22.64 52.49 -48.14
C PHE E 495 -22.86 53.95 -48.51
N PRO E 496 -24.14 54.37 -48.61
CA PRO E 496 -24.55 55.72 -48.97
C PRO E 496 -24.14 56.78 -47.96
N PRO E 497 -24.04 58.04 -48.40
CA PRO E 497 -23.67 59.14 -47.50
C PRO E 497 -24.72 59.23 -46.40
N LEU E 498 -24.38 59.86 -45.28
CA LEU E 498 -25.33 60.03 -44.20
C LEU E 498 -25.85 61.46 -44.32
N GLU E 499 -26.88 61.64 -45.15
CA GLU E 499 -27.48 62.95 -45.38
C GLU E 499 -28.39 63.33 -44.23
N THR E 500 -28.91 62.32 -43.55
CA THR E 500 -29.78 62.50 -42.40
C THR E 500 -29.62 61.25 -41.53
N ASP E 501 -29.80 61.42 -40.23
CA ASP E 501 -29.65 60.30 -39.30
C ASP E 501 -30.40 59.04 -39.69
N ARG E 502 -29.74 57.89 -39.55
CA ARG E 502 -30.34 56.60 -39.84
C ARG E 502 -29.63 55.51 -39.03
N PRO E 503 -30.26 54.34 -38.89
CA PRO E 503 -29.61 53.25 -38.12
C PRO E 503 -28.36 52.80 -38.87
N LEU E 504 -27.23 52.69 -38.16
CA LEU E 504 -25.97 52.30 -38.78
C LEU E 504 -25.45 50.93 -38.34
N GLY E 505 -26.09 50.33 -37.35
CA GLY E 505 -25.64 49.03 -36.84
C GLY E 505 -25.48 47.92 -37.87
N GLN E 506 -26.44 47.78 -38.78
CA GLN E 506 -26.34 46.73 -39.78
C GLN E 506 -25.20 47.02 -40.76
N GLU E 507 -25.03 48.29 -41.12
CA GLU E 507 -23.97 48.68 -42.04
C GLU E 507 -22.60 48.47 -41.37
N ILE E 508 -22.49 48.82 -40.10
CA ILE E 508 -21.22 48.63 -39.38
C ILE E 508 -20.83 47.15 -39.40
N ALA E 509 -21.79 46.29 -39.08
CA ALA E 509 -21.52 44.85 -39.08
C ALA E 509 -21.16 44.33 -40.46
N ALA E 510 -21.90 44.78 -41.48
CA ALA E 510 -21.63 44.35 -42.84
C ALA E 510 -20.23 44.77 -43.27
N LEU E 511 -19.86 46.01 -43.00
CA LEU E 511 -18.54 46.49 -43.39
C LEU E 511 -17.42 45.75 -42.66
N ALA E 512 -17.61 45.53 -41.36
CA ALA E 512 -16.60 44.82 -40.57
C ALA E 512 -16.28 43.46 -41.18
N THR E 513 -17.32 42.76 -41.65
CA THR E 513 -17.14 41.46 -42.27
C THR E 513 -16.22 41.59 -43.48
N HIS E 514 -16.37 42.71 -44.20
CA HIS E 514 -15.55 42.97 -45.37
C HIS E 514 -14.10 43.30 -45.04
N LEU E 515 -13.88 44.13 -44.01
CA LEU E 515 -12.52 44.52 -43.63
C LEU E 515 -11.64 43.33 -43.25
N LEU E 516 -12.25 42.32 -42.63
CA LEU E 516 -11.51 41.14 -42.19
C LEU E 516 -11.06 40.25 -43.34
N GLN E 517 -11.67 40.41 -44.50
CA GLN E 517 -11.35 39.56 -45.65
C GLN E 517 -10.71 40.22 -46.86
N GLN E 518 -10.69 41.56 -46.89
CA GLN E 518 -10.11 42.28 -48.02
C GLN E 518 -9.47 43.58 -47.57
N SER E 519 -8.40 43.98 -48.27
CA SER E 519 -7.69 45.21 -47.97
C SER E 519 -8.07 46.28 -48.99
N PRO E 520 -7.88 47.56 -48.64
CA PRO E 520 -8.21 48.66 -49.55
C PRO E 520 -7.11 48.83 -50.61
N VAL E 521 -7.37 48.34 -51.81
CA VAL E 521 -6.41 48.44 -52.89
C VAL E 521 -7.08 48.88 -54.20
N LYS F 8 -52.44 32.65 -16.67
CA LYS F 8 -51.23 32.40 -15.84
C LYS F 8 -51.17 33.38 -14.66
N PRO F 9 -50.29 33.11 -13.68
CA PRO F 9 -50.16 33.98 -12.50
C PRO F 9 -49.91 35.43 -12.93
N ALA F 10 -50.44 36.38 -12.16
CA ALA F 10 -50.27 37.78 -12.48
C ALA F 10 -49.48 38.57 -11.46
N VAL F 11 -48.62 39.45 -11.97
CA VAL F 11 -47.82 40.33 -11.15
C VAL F 11 -48.42 41.72 -11.33
N GLU F 12 -48.92 42.31 -10.26
CA GLU F 12 -49.52 43.64 -10.36
C GLU F 12 -48.45 44.69 -10.06
N LEU F 13 -48.19 45.53 -11.04
CA LEU F 13 -47.19 46.58 -10.90
C LEU F 13 -47.78 47.89 -10.42
N ASP F 14 -47.45 48.27 -9.19
CA ASP F 14 -47.93 49.54 -8.66
C ASP F 14 -46.68 50.40 -8.54
N ARG F 15 -45.91 50.19 -7.47
CA ARG F 15 -44.69 50.95 -7.25
C ARG F 15 -43.45 50.06 -7.12
N HIS F 16 -43.58 48.95 -6.40
CA HIS F 16 -42.45 48.06 -6.16
C HIS F 16 -42.64 46.63 -6.64
N ILE F 17 -41.59 46.06 -7.19
CA ILE F 17 -41.61 44.69 -7.65
C ILE F 17 -40.29 44.08 -7.18
N ASP F 18 -40.31 42.84 -6.72
CA ASP F 18 -39.07 42.22 -6.26
C ASP F 18 -38.41 41.45 -7.40
N LEU F 19 -37.19 41.00 -7.18
CA LEU F 19 -36.45 40.29 -8.23
C LEU F 19 -37.12 39.01 -8.73
N ASP F 20 -37.79 38.26 -7.85
CA ASP F 20 -38.47 37.04 -8.27
C ASP F 20 -39.65 37.35 -9.19
N GLN F 21 -40.43 38.37 -8.83
CA GLN F 21 -41.57 38.79 -9.63
C GLN F 21 -41.10 39.26 -11.00
N ALA F 22 -40.02 40.03 -11.00
CA ALA F 22 -39.47 40.57 -12.24
C ALA F 22 -39.03 39.46 -13.19
N HIS F 23 -38.40 38.43 -12.66
CA HIS F 23 -37.94 37.33 -13.51
C HIS F 23 -39.13 36.50 -14.00
N ALA F 24 -40.15 36.36 -13.17
CA ALA F 24 -41.34 35.61 -13.54
C ALA F 24 -41.99 36.25 -14.77
N VAL F 25 -42.05 37.58 -14.78
CA VAL F 25 -42.63 38.29 -15.91
C VAL F 25 -41.71 38.21 -17.13
N ALA F 26 -40.43 38.49 -16.90
CA ALA F 26 -39.45 38.46 -17.98
C ALA F 26 -39.35 37.09 -18.66
N SER F 27 -39.49 36.03 -17.87
CA SER F 27 -39.39 34.68 -18.42
C SER F 27 -40.73 34.15 -18.93
N GLY F 28 -41.76 34.97 -18.84
CA GLY F 28 -43.08 34.57 -19.32
C GLY F 28 -43.86 33.67 -18.38
N GLY F 29 -43.34 33.46 -17.18
CA GLY F 29 -44.01 32.62 -16.20
C GLY F 29 -45.23 33.31 -15.61
N ALA F 30 -45.19 34.64 -15.56
CA ALA F 30 -46.30 35.41 -15.03
C ALA F 30 -46.66 36.53 -15.98
N ARG F 31 -47.93 36.92 -16.00
CA ARG F 31 -48.36 38.03 -16.83
C ARG F 31 -48.25 39.27 -15.96
N ILE F 32 -48.30 40.45 -16.57
CA ILE F 32 -48.18 41.66 -15.78
C ILE F 32 -49.36 42.58 -16.00
N VAL F 33 -49.80 43.23 -14.93
CA VAL F 33 -50.92 44.15 -15.01
C VAL F 33 -50.53 45.44 -14.32
N LEU F 34 -50.95 46.56 -14.89
CA LEU F 34 -50.64 47.86 -14.30
C LEU F 34 -51.74 48.18 -13.28
N ALA F 35 -51.36 48.37 -12.02
CA ALA F 35 -52.34 48.68 -10.99
C ALA F 35 -52.94 50.06 -11.23
N PRO F 36 -54.20 50.27 -10.82
CA PRO F 36 -54.85 51.57 -11.01
C PRO F 36 -54.02 52.77 -10.54
N PRO F 37 -53.39 52.66 -9.35
CA PRO F 37 -52.58 53.78 -8.85
C PRO F 37 -51.41 54.12 -9.78
N ALA F 38 -50.84 53.10 -10.42
CA ALA F 38 -49.74 53.33 -11.34
C ALA F 38 -50.29 53.99 -12.61
N ARG F 39 -51.44 53.48 -13.08
CA ARG F 39 -52.06 54.05 -14.27
C ARG F 39 -52.37 55.53 -14.04
N ASP F 40 -52.94 55.82 -12.87
CA ASP F 40 -53.29 57.19 -12.53
C ASP F 40 -52.10 58.13 -12.37
N ARG F 41 -51.02 57.69 -11.73
CA ARG F 41 -49.89 58.59 -11.57
C ARG F 41 -49.18 58.78 -12.91
N CYS F 42 -49.24 57.78 -13.78
CA CYS F 42 -48.62 57.92 -15.08
C CYS F 42 -49.43 58.87 -15.95
N ARG F 43 -50.75 58.83 -15.81
CA ARG F 43 -51.61 59.74 -16.58
C ARG F 43 -51.29 61.17 -16.17
N ALA F 44 -51.08 61.36 -14.87
CA ALA F 44 -50.74 62.69 -14.35
C ALA F 44 -49.41 63.16 -14.94
N SER F 45 -48.45 62.25 -15.06
CA SER F 45 -47.15 62.60 -15.60
C SER F 45 -47.27 62.91 -17.09
N GLU F 46 -48.16 62.18 -17.77
CA GLU F 46 -48.37 62.40 -19.19
C GLU F 46 -48.91 63.84 -19.35
N ALA F 47 -49.79 64.24 -18.44
CA ALA F 47 -50.35 65.59 -18.49
C ALA F 47 -49.28 66.63 -18.19
N ARG F 48 -48.33 66.31 -17.33
CA ARG F 48 -47.26 67.25 -17.01
C ARG F 48 -46.34 67.49 -18.19
N LEU F 49 -46.08 66.44 -18.95
CA LEU F 49 -45.22 66.55 -20.14
C LEU F 49 -45.91 67.45 -21.15
N GLY F 50 -47.22 67.25 -21.34
CA GLY F 50 -47.96 68.07 -22.27
C GLY F 50 -47.89 69.54 -21.91
N ALA F 51 -47.91 69.84 -20.61
CA ALA F 51 -47.84 71.21 -20.13
C ALA F 51 -46.45 71.78 -20.37
N VAL F 52 -45.43 70.95 -20.16
CA VAL F 52 -44.04 71.36 -20.37
C VAL F 52 -43.83 71.74 -21.82
N ILE F 53 -44.37 70.93 -22.73
CA ILE F 53 -44.24 71.19 -24.16
C ILE F 53 -45.01 72.45 -24.55
N ARG F 54 -46.23 72.53 -24.03
CA ARG F 54 -47.13 73.65 -24.28
C ARG F 54 -46.51 74.98 -23.87
N GLU F 55 -45.81 74.97 -22.74
CA GLU F 55 -45.17 76.16 -22.19
C GLU F 55 -43.78 76.44 -22.76
N ALA F 56 -43.33 75.56 -23.65
CA ALA F 56 -42.02 75.72 -24.30
C ALA F 56 -40.88 75.79 -23.29
N ARG F 57 -40.99 75.03 -22.21
CA ARG F 57 -39.94 75.00 -21.20
C ARG F 57 -38.67 74.47 -21.84
N HIS F 58 -37.53 74.98 -21.41
CA HIS F 58 -36.24 74.54 -21.92
C HIS F 58 -35.99 73.16 -21.32
N VAL F 59 -36.21 72.11 -22.13
CA VAL F 59 -36.01 70.74 -21.65
C VAL F 59 -35.28 69.89 -22.66
N TYR F 60 -34.24 69.19 -22.18
CA TYR F 60 -33.42 68.31 -23.00
C TYR F 60 -34.32 67.31 -23.72
N GLY F 61 -34.17 67.19 -25.03
CA GLY F 61 -34.97 66.23 -25.79
C GLY F 61 -36.31 66.74 -26.27
N LEU F 62 -36.76 67.88 -25.73
CA LEU F 62 -38.03 68.46 -26.15
C LEU F 62 -37.79 69.76 -26.91
N THR F 63 -36.75 70.49 -26.52
CA THR F 63 -36.41 71.75 -27.18
C THR F 63 -34.90 71.90 -27.36
N THR F 64 -34.16 70.80 -27.31
CA THR F 64 -32.71 70.85 -27.48
C THR F 64 -32.16 69.63 -28.19
N GLY F 65 -30.96 69.77 -28.76
CA GLY F 65 -30.32 68.65 -29.42
C GLY F 65 -29.91 67.67 -28.33
N PHE F 66 -29.14 66.66 -28.70
CA PHE F 66 -28.69 65.65 -27.74
C PHE F 66 -27.19 65.68 -27.50
N GLY F 67 -26.77 65.22 -26.33
CA GLY F 67 -25.37 65.23 -25.98
C GLY F 67 -24.83 66.65 -26.00
N PRO F 68 -23.62 66.86 -26.55
CA PRO F 68 -23.00 68.19 -26.62
C PRO F 68 -23.77 69.10 -27.58
N LEU F 69 -24.71 68.53 -28.31
CA LEU F 69 -25.50 69.29 -29.27
C LEU F 69 -26.74 69.89 -28.61
N ALA F 70 -26.82 69.76 -27.28
CA ALA F 70 -27.95 70.29 -26.53
C ALA F 70 -27.96 71.81 -26.52
N ASN F 71 -26.85 72.44 -26.91
CA ASN F 71 -26.79 73.90 -26.93
C ASN F 71 -27.54 74.42 -28.15
N ARG F 72 -27.92 73.49 -29.03
CA ARG F 72 -28.71 73.81 -30.21
C ARG F 72 -30.18 73.67 -29.79
N LEU F 73 -30.88 74.79 -29.64
CA LEU F 73 -32.28 74.75 -29.25
C LEU F 73 -33.15 74.36 -30.44
N ILE F 74 -34.23 73.65 -30.18
CA ILE F 74 -35.11 73.17 -31.24
C ILE F 74 -36.52 73.77 -31.16
N SER F 75 -37.07 74.10 -32.33
CA SER F 75 -38.40 74.69 -32.40
C SER F 75 -39.47 73.61 -32.27
N GLY F 76 -40.59 73.95 -31.65
CA GLY F 76 -41.67 73.00 -31.44
C GLY F 76 -42.16 72.19 -32.63
N GLU F 77 -42.21 72.79 -33.81
CA GLU F 77 -42.69 72.06 -34.99
C GLU F 77 -41.71 71.00 -35.47
N ASN F 78 -40.49 71.00 -34.94
CA ASN F 78 -39.49 70.03 -35.35
C ASN F 78 -39.21 68.93 -34.34
N VAL F 79 -39.99 68.88 -33.27
CA VAL F 79 -39.79 67.88 -32.22
C VAL F 79 -39.99 66.43 -32.69
N ARG F 80 -40.99 66.20 -33.53
CA ARG F 80 -41.25 64.86 -34.04
C ARG F 80 -40.02 64.33 -34.77
N THR F 81 -39.44 65.20 -35.61
CA THR F 81 -38.24 64.83 -36.36
C THR F 81 -37.07 64.62 -35.41
N LEU F 82 -36.93 65.55 -34.45
CA LEU F 82 -35.86 65.48 -33.47
C LEU F 82 -35.82 64.10 -32.82
N GLN F 83 -36.97 63.67 -32.29
CA GLN F 83 -37.04 62.38 -31.62
C GLN F 83 -36.95 61.18 -32.55
N ALA F 84 -37.44 61.32 -33.78
CA ALA F 84 -37.34 60.22 -34.73
C ALA F 84 -35.86 60.01 -35.05
N ASN F 85 -35.11 61.10 -35.18
CA ASN F 85 -33.69 61.01 -35.49
C ASN F 85 -32.85 60.56 -34.29
N LEU F 86 -33.38 60.75 -33.09
CA LEU F 86 -32.69 60.31 -31.87
C LEU F 86 -32.59 58.78 -31.94
N VAL F 87 -33.73 58.14 -32.20
CA VAL F 87 -33.80 56.69 -32.30
C VAL F 87 -32.91 56.20 -33.43
N HIS F 88 -32.93 56.92 -34.55
CA HIS F 88 -32.12 56.59 -35.72
C HIS F 88 -30.62 56.59 -35.45
N HIS F 89 -30.09 57.73 -35.00
CA HIS F 89 -28.65 57.80 -34.76
C HIS F 89 -28.16 56.85 -33.67
N LEU F 90 -29.03 56.55 -32.71
CA LEU F 90 -28.67 55.65 -31.62
C LEU F 90 -28.64 54.17 -31.99
N ALA F 91 -29.31 53.81 -33.08
CA ALA F 91 -29.39 52.42 -33.52
C ALA F 91 -28.13 51.94 -34.22
N SER F 92 -27.01 52.05 -33.53
CA SER F 92 -25.70 51.65 -34.07
C SER F 92 -25.16 50.40 -33.37
N GLY F 93 -26.04 49.66 -32.70
CA GLY F 93 -25.62 48.46 -31.99
C GLY F 93 -25.19 47.31 -32.89
N VAL F 94 -24.33 46.46 -32.37
CA VAL F 94 -23.82 45.30 -33.10
C VAL F 94 -23.69 44.12 -32.14
N GLY F 95 -23.40 42.94 -32.69
CA GLY F 95 -23.23 41.76 -31.85
C GLY F 95 -24.47 40.88 -31.71
N PRO F 96 -24.31 39.68 -31.14
CA PRO F 96 -25.47 38.79 -30.97
C PRO F 96 -26.59 39.49 -30.19
N VAL F 97 -27.84 39.16 -30.50
CA VAL F 97 -28.95 39.79 -29.80
C VAL F 97 -29.04 39.26 -28.39
N LEU F 98 -29.66 40.05 -27.53
CA LEU F 98 -29.87 39.62 -26.15
C LEU F 98 -30.84 38.45 -26.24
N ASP F 99 -30.71 37.50 -25.33
CA ASP F 99 -31.60 36.35 -25.33
C ASP F 99 -33.02 36.80 -25.01
N TRP F 100 -34.00 35.97 -25.38
CA TRP F 100 -35.43 36.28 -25.19
C TRP F 100 -35.77 36.81 -23.80
N THR F 101 -35.39 36.07 -22.76
CA THR F 101 -35.69 36.48 -21.39
C THR F 101 -35.04 37.81 -21.02
N THR F 102 -33.78 37.98 -21.40
CA THR F 102 -33.05 39.19 -21.07
C THR F 102 -33.61 40.43 -21.76
N ALA F 103 -33.90 40.32 -23.05
CA ALA F 103 -34.46 41.44 -23.79
C ALA F 103 -35.78 41.88 -23.13
N ARG F 104 -36.59 40.90 -22.72
CA ARG F 104 -37.85 41.21 -22.06
C ARG F 104 -37.58 41.85 -20.70
N ALA F 105 -36.52 41.39 -20.03
CA ALA F 105 -36.18 41.95 -18.72
C ALA F 105 -35.83 43.43 -18.90
N MET F 106 -35.21 43.77 -20.02
CA MET F 106 -34.88 45.16 -20.31
C MET F 106 -36.16 45.96 -20.50
N VAL F 107 -37.12 45.39 -21.23
CA VAL F 107 -38.39 46.09 -21.46
C VAL F 107 -39.06 46.33 -20.10
N LEU F 108 -39.07 45.30 -19.25
CA LEU F 108 -39.66 45.41 -17.93
C LEU F 108 -38.98 46.51 -17.09
N ALA F 109 -37.66 46.57 -17.15
CA ALA F 109 -36.92 47.58 -16.39
C ALA F 109 -37.34 48.99 -16.78
N ARG F 110 -37.50 49.24 -18.08
CA ARG F 110 -37.91 50.55 -18.55
C ARG F 110 -39.33 50.84 -18.04
N LEU F 111 -40.20 49.84 -18.09
CA LEU F 111 -41.58 49.98 -17.63
C LEU F 111 -41.67 50.32 -16.14
N VAL F 112 -40.92 49.59 -15.31
CA VAL F 112 -40.94 49.83 -13.87
C VAL F 112 -40.51 51.27 -13.56
N SER F 113 -39.51 51.77 -14.28
CA SER F 113 -39.05 53.14 -14.08
C SER F 113 -40.18 54.10 -14.43
N ILE F 114 -40.85 53.84 -15.56
CA ILE F 114 -41.96 54.66 -16.00
C ILE F 114 -43.14 54.63 -15.02
N ALA F 115 -43.42 53.46 -14.47
CA ALA F 115 -44.53 53.32 -13.53
C ALA F 115 -44.42 54.24 -12.30
N GLN F 116 -43.24 54.81 -12.07
CA GLN F 116 -43.08 55.70 -10.92
C GLN F 116 -43.73 57.05 -11.21
N GLY F 117 -44.10 57.28 -12.46
CA GLY F 117 -44.76 58.53 -12.83
C GLY F 117 -43.94 59.80 -12.94
N ALA F 118 -42.72 59.69 -13.45
CA ALA F 118 -41.87 60.87 -13.61
C ALA F 118 -41.26 60.93 -15.01
N SER F 119 -41.77 60.10 -15.90
CA SER F 119 -41.24 60.03 -17.27
C SER F 119 -42.09 60.71 -18.35
N GLY F 120 -43.37 60.92 -18.06
CA GLY F 120 -44.24 61.55 -19.03
C GLY F 120 -44.79 60.63 -20.11
N ALA F 121 -44.45 59.34 -20.02
CA ALA F 121 -44.91 58.36 -21.01
C ALA F 121 -46.43 58.35 -21.19
N SER F 122 -46.88 58.31 -22.43
CA SER F 122 -48.31 58.30 -22.73
C SER F 122 -48.89 56.92 -22.43
N GLU F 123 -50.21 56.86 -22.27
CA GLU F 123 -50.89 55.59 -22.00
C GLU F 123 -50.58 54.55 -23.06
N GLY F 124 -50.58 54.98 -24.32
CA GLY F 124 -50.30 54.05 -25.40
C GLY F 124 -48.89 53.51 -25.34
N THR F 125 -47.93 54.35 -25.00
CA THR F 125 -46.55 53.93 -24.90
C THR F 125 -46.39 52.88 -23.81
N ILE F 126 -47.01 53.13 -22.66
CA ILE F 126 -46.95 52.21 -21.54
C ILE F 126 -47.62 50.90 -21.97
N ALA F 127 -48.74 51.02 -22.68
CA ALA F 127 -49.47 49.85 -23.16
C ALA F 127 -48.62 48.96 -24.05
N ARG F 128 -47.80 49.58 -24.91
CA ARG F 128 -46.95 48.81 -25.81
C ARG F 128 -45.93 47.98 -25.02
N LEU F 129 -45.43 48.50 -23.91
CA LEU F 129 -44.47 47.77 -23.10
C LEU F 129 -45.15 46.61 -22.37
N ILE F 130 -46.34 46.88 -21.82
CA ILE F 130 -47.09 45.85 -21.12
C ILE F 130 -47.52 44.74 -22.10
N ASP F 131 -47.97 45.12 -23.30
CA ASP F 131 -48.39 44.15 -24.29
C ASP F 131 -47.23 43.22 -24.66
N LEU F 132 -46.06 43.81 -24.91
CA LEU F 132 -44.89 43.00 -25.27
C LEU F 132 -44.63 41.97 -24.17
N LEU F 133 -44.62 42.42 -22.92
CA LEU F 133 -44.37 41.51 -21.81
C LEU F 133 -45.44 40.43 -21.68
N ASN F 134 -46.67 40.75 -22.02
CA ASN F 134 -47.73 39.75 -21.92
C ASN F 134 -47.78 38.81 -23.12
N SER F 135 -47.08 39.15 -24.19
CA SER F 135 -47.05 38.30 -25.37
C SER F 135 -45.96 37.25 -25.15
N GLU F 136 -45.72 36.42 -26.16
CA GLU F 136 -44.68 35.40 -26.08
C GLU F 136 -43.44 35.85 -26.84
N LEU F 137 -43.37 37.14 -27.14
CA LEU F 137 -42.27 37.68 -27.90
C LEU F 137 -41.32 38.60 -27.13
N ALA F 138 -40.19 38.88 -27.76
CA ALA F 138 -39.18 39.76 -27.20
C ALA F 138 -38.59 40.54 -28.36
N PRO F 139 -38.15 41.78 -28.11
CA PRO F 139 -37.56 42.53 -29.23
C PRO F 139 -36.18 41.92 -29.49
N ALA F 140 -35.69 42.03 -30.73
CA ALA F 140 -34.38 41.51 -31.09
C ALA F 140 -33.44 42.71 -31.02
N VAL F 141 -32.61 42.75 -29.98
CA VAL F 141 -31.72 43.88 -29.78
C VAL F 141 -30.26 43.47 -29.69
N PRO F 142 -29.38 44.15 -30.44
CA PRO F 142 -27.95 43.82 -30.40
C PRO F 142 -27.43 44.02 -28.98
N SER F 143 -26.50 43.18 -28.55
CA SER F 143 -25.98 43.24 -27.19
C SER F 143 -24.88 44.27 -26.96
N ARG F 144 -24.19 44.70 -28.01
CA ARG F 144 -23.10 45.67 -27.88
C ARG F 144 -23.40 47.04 -28.46
N GLY F 145 -22.74 48.06 -27.91
CA GLY F 145 -22.94 49.41 -28.41
C GLY F 145 -23.07 50.50 -27.36
N THR F 146 -23.49 50.13 -26.15
CA THR F 146 -23.66 51.11 -25.09
C THR F 146 -22.52 51.15 -24.06
N VAL F 147 -22.27 52.34 -23.52
CA VAL F 147 -21.23 52.49 -22.49
C VAL F 147 -21.91 52.59 -21.13
N GLY F 148 -23.21 52.31 -21.11
CA GLY F 148 -23.99 52.35 -19.88
C GLY F 148 -24.16 53.71 -19.24
N ASP F 150 -28.37 53.12 -21.24
CA ASP F 150 -28.45 52.11 -22.29
C ASP F 150 -29.25 52.58 -23.52
N LEU F 151 -28.85 53.72 -24.04
CA LEU F 151 -29.54 54.31 -25.18
C LEU F 151 -29.59 53.47 -26.45
N THR F 152 -28.46 52.87 -26.83
CA THR F 152 -28.43 52.08 -28.05
C THR F 152 -29.36 50.87 -28.05
N PRO F 153 -29.25 50.00 -27.03
CA PRO F 153 -30.17 48.84 -27.04
C PRO F 153 -31.64 49.25 -26.99
N LEU F 154 -31.94 50.32 -26.25
CA LEU F 154 -33.32 50.79 -26.14
C LEU F 154 -33.83 51.40 -27.45
N ALA F 155 -32.93 52.00 -28.22
CA ALA F 155 -33.33 52.58 -29.50
C ALA F 155 -33.74 51.43 -30.42
N HIS F 156 -32.98 50.33 -30.37
CA HIS F 156 -33.29 49.17 -31.19
C HIS F 156 -34.63 48.60 -30.76
N MET F 157 -34.91 48.66 -29.45
CA MET F 157 -36.17 48.17 -28.92
C MET F 157 -37.33 48.99 -29.49
N VAL F 158 -37.17 50.31 -29.49
CA VAL F 158 -38.20 51.20 -30.02
C VAL F 158 -38.48 50.82 -31.47
N LEU F 159 -37.43 50.68 -32.27
CA LEU F 159 -37.61 50.31 -33.67
C LEU F 159 -38.39 49.00 -33.80
N CYS F 160 -38.03 48.02 -32.97
CA CYS F 160 -38.74 46.74 -32.99
C CYS F 160 -40.22 46.94 -32.68
N LEU F 161 -40.49 47.73 -31.64
CA LEU F 161 -41.86 48.01 -31.21
C LEU F 161 -42.69 48.81 -32.21
N GLN F 162 -42.01 49.48 -33.15
CA GLN F 162 -42.74 50.23 -34.16
C GLN F 162 -42.96 49.31 -35.35
N GLY F 163 -42.42 48.10 -35.25
CA GLY F 163 -42.55 47.13 -36.31
C GLY F 163 -41.46 47.31 -37.35
N ARG F 164 -40.39 48.02 -36.98
CA ARG F 164 -39.27 48.29 -37.87
C ARG F 164 -38.02 47.52 -37.42
N GLY F 165 -38.22 46.47 -36.66
CA GLY F 165 -37.12 45.66 -36.18
C GLY F 165 -37.61 44.27 -35.88
N ASP F 166 -36.71 43.29 -35.88
CA ASP F 166 -37.08 41.91 -35.62
C ASP F 166 -37.51 41.62 -34.18
N PHE F 167 -38.28 40.56 -34.03
CA PHE F 167 -38.74 40.09 -32.73
C PHE F 167 -38.15 38.69 -32.59
N LEU F 168 -38.17 38.16 -31.37
CA LEU F 168 -37.68 36.82 -31.12
C LEU F 168 -38.78 36.01 -30.47
N ASP F 169 -38.91 34.74 -30.85
CA ASP F 169 -39.91 33.90 -30.17
C ASP F 169 -39.12 33.28 -29.03
N ARG F 170 -39.79 32.54 -28.16
CA ARG F 170 -39.13 31.92 -27.02
C ARG F 170 -37.88 31.10 -27.35
N ASP F 171 -37.83 30.52 -28.53
CA ASP F 171 -36.68 29.70 -28.93
C ASP F 171 -35.54 30.48 -29.58
N GLY F 172 -35.70 31.80 -29.68
CA GLY F 172 -34.66 32.61 -30.28
C GLY F 172 -34.83 32.78 -31.78
N THR F 173 -35.91 32.22 -32.32
CA THR F 173 -36.20 32.34 -33.75
C THR F 173 -36.58 33.78 -34.08
N ARG F 174 -35.94 34.34 -35.09
CA ARG F 174 -36.19 35.71 -35.51
C ARG F 174 -37.46 35.84 -36.35
N LEU F 175 -38.20 36.91 -36.10
CA LEU F 175 -39.44 37.21 -36.83
C LEU F 175 -39.29 38.67 -37.27
N ASP F 176 -39.69 39.00 -38.49
CA ASP F 176 -39.57 40.39 -38.92
C ASP F 176 -40.60 41.24 -38.19
N GLY F 177 -40.39 42.56 -38.19
CA GLY F 177 -41.28 43.47 -37.51
C GLY F 177 -42.78 43.25 -37.68
N ALA F 178 -43.23 43.22 -38.93
CA ALA F 178 -44.66 43.03 -39.22
C ALA F 178 -45.19 41.72 -38.66
N GLU F 179 -44.45 40.64 -38.86
CA GLU F 179 -44.85 39.32 -38.35
C GLU F 179 -44.92 39.32 -36.83
N GLY F 180 -43.99 40.03 -36.19
CA GLY F 180 -43.99 40.10 -34.74
C GLY F 180 -45.26 40.76 -34.22
N LEU F 181 -45.59 41.93 -34.77
CA LEU F 181 -46.79 42.65 -34.35
C LEU F 181 -48.04 41.78 -34.55
N ARG F 182 -48.10 41.12 -35.69
CA ARG F 182 -49.21 40.24 -36.04
C ARG F 182 -49.32 39.07 -35.07
N ARG F 183 -48.25 38.28 -34.95
CA ARG F 183 -48.23 37.12 -34.08
C ARG F 183 -48.51 37.37 -32.60
N GLY F 184 -47.98 38.47 -32.05
CA GLY F 184 -48.20 38.74 -30.64
C GLY F 184 -49.39 39.65 -30.38
N ARG F 185 -50.14 39.94 -31.44
CA ARG F 185 -51.30 40.82 -31.37
C ARG F 185 -50.90 42.11 -30.64
N LEU F 186 -49.94 42.82 -31.24
CA LEU F 186 -49.42 44.07 -30.69
C LEU F 186 -49.74 45.21 -31.65
N GLN F 187 -49.76 46.42 -31.11
CA GLN F 187 -50.01 47.61 -31.90
C GLN F 187 -48.66 48.30 -32.12
N PRO F 188 -48.47 48.94 -33.27
CA PRO F 188 -47.19 49.60 -33.51
C PRO F 188 -47.03 50.82 -32.60
N LEU F 189 -45.85 50.95 -32.00
CA LEU F 189 -45.56 52.05 -31.11
C LEU F 189 -45.67 53.41 -31.82
N ASP F 190 -46.46 54.31 -31.25
CA ASP F 190 -46.64 55.64 -31.83
C ASP F 190 -46.14 56.70 -30.83
N LEU F 191 -45.12 57.43 -31.24
CA LEU F 191 -44.51 58.45 -30.38
C LEU F 191 -44.94 59.89 -30.63
N SER F 192 -46.15 60.07 -31.14
CA SER F 192 -46.66 61.42 -31.43
C SER F 192 -46.78 62.33 -30.21
N HIS F 193 -46.80 61.75 -29.00
CA HIS F 193 -46.91 62.57 -27.80
C HIS F 193 -45.56 63.14 -27.40
N ARG F 194 -44.55 62.89 -28.22
CA ARG F 194 -43.20 63.38 -27.97
C ARG F 194 -42.64 62.82 -26.68
N ASP F 195 -43.02 61.58 -26.39
CA ASP F 195 -42.57 60.89 -25.18
C ASP F 195 -41.50 59.83 -25.47
N ALA F 196 -40.71 60.06 -26.53
CA ALA F 196 -39.67 59.12 -26.91
C ALA F 196 -38.60 58.95 -25.83
N LEU F 197 -38.28 60.02 -25.10
CA LEU F 197 -37.27 59.94 -24.05
C LEU F 197 -37.66 59.06 -22.88
N ALA F 198 -38.93 58.66 -22.83
CA ALA F 198 -39.39 57.80 -21.75
C ALA F 198 -38.97 56.37 -22.09
N LEU F 199 -38.70 56.12 -23.37
CA LEU F 199 -38.30 54.79 -23.83
C LEU F 199 -36.80 54.63 -24.05
N VAL F 200 -36.14 55.71 -24.46
CA VAL F 200 -34.70 55.70 -24.69
C VAL F 200 -34.08 56.43 -23.51
N ASN F 201 -33.88 55.71 -22.42
CA ASN F 201 -33.36 56.33 -21.21
C ASN F 201 -33.02 55.31 -20.14
N GLY F 202 -32.28 55.76 -19.14
CA GLY F 202 -31.95 54.91 -18.01
C GLY F 202 -31.03 53.73 -18.21
N THR F 203 -31.03 52.87 -17.21
CA THR F 203 -30.18 51.69 -17.16
C THR F 203 -30.92 50.39 -17.39
N SER F 204 -31.96 50.43 -18.22
CA SER F 204 -32.80 49.27 -18.50
C SER F 204 -32.12 48.00 -18.98
N ALA F 205 -31.14 48.12 -19.85
CA ALA F 205 -30.47 46.93 -20.37
C ALA F 205 -29.58 46.25 -19.34
N MET F 206 -28.69 47.00 -18.72
CA MET F 206 -27.82 46.38 -17.73
C MET F 206 -28.64 45.84 -16.57
N THR F 207 -29.73 46.53 -16.24
CA THR F 207 -30.60 46.09 -15.14
C THR F 207 -31.31 44.79 -15.49
N GLY F 208 -31.80 44.68 -16.73
CA GLY F 208 -32.48 43.46 -17.14
C GLY F 208 -31.50 42.29 -17.21
N ILE F 209 -30.31 42.54 -17.70
CA ILE F 209 -29.28 41.49 -17.77
C ILE F 209 -28.96 41.04 -16.35
N ALA F 210 -28.79 42.00 -15.45
CA ALA F 210 -28.45 41.69 -14.07
C ALA F 210 -29.54 40.96 -13.29
N LEU F 211 -30.81 41.23 -13.57
CA LEU F 211 -31.85 40.55 -12.83
C LEU F 211 -31.95 39.10 -13.30
N VAL F 212 -31.59 38.85 -14.55
CA VAL F 212 -31.58 37.49 -15.05
C VAL F 212 -30.37 36.80 -14.42
N ASN F 213 -29.26 37.53 -14.26
CA ASN F 213 -28.05 36.98 -13.64
C ASN F 213 -28.38 36.57 -12.20
N ALA F 214 -29.10 37.43 -11.48
CA ALA F 214 -29.45 37.16 -10.09
C ALA F 214 -30.27 35.88 -9.92
N HIS F 215 -31.24 35.68 -10.80
CA HIS F 215 -32.09 34.49 -10.71
C HIS F 215 -31.25 33.24 -10.99
N ALA F 216 -30.42 33.31 -12.02
CA ALA F 216 -29.57 32.17 -12.37
C ALA F 216 -28.61 31.81 -11.25
N CYS F 217 -28.01 32.82 -10.62
CA CYS F 217 -27.06 32.55 -9.52
C CYS F 217 -27.73 31.88 -8.33
N ARG F 218 -29.00 32.16 -8.11
CA ARG F 218 -29.70 31.54 -6.99
C ARG F 218 -29.79 30.04 -7.25
N HIS F 219 -30.14 29.67 -8.49
CA HIS F 219 -30.24 28.26 -8.84
C HIS F 219 -28.88 27.59 -8.83
N LEU F 220 -27.87 28.24 -9.41
CA LEU F 220 -26.52 27.64 -9.41
C LEU F 220 -26.02 27.50 -7.98
N GLY F 221 -26.35 28.48 -7.14
CA GLY F 221 -25.93 28.42 -5.74
C GLY F 221 -26.55 27.22 -5.04
N ASN F 222 -27.81 26.91 -5.36
CA ASN F 222 -28.45 25.76 -4.73
C ASN F 222 -27.76 24.49 -5.18
N TRP F 223 -27.34 24.45 -6.45
CA TRP F 223 -26.64 23.28 -6.96
C TRP F 223 -25.25 23.17 -6.33
N ALA F 224 -24.59 24.31 -6.14
CA ALA F 224 -23.26 24.32 -5.53
C ALA F 224 -23.34 23.66 -4.15
N VAL F 225 -24.39 24.01 -3.41
CA VAL F 225 -24.62 23.46 -2.09
C VAL F 225 -24.95 21.96 -2.18
N ALA F 226 -25.92 21.60 -3.01
CA ALA F 226 -26.33 20.21 -3.15
C ALA F 226 -25.21 19.29 -3.60
N LEU F 227 -24.37 19.77 -4.52
CA LEU F 227 -23.28 18.94 -5.02
C LEU F 227 -22.15 18.84 -4.01
N THR F 228 -21.95 19.90 -3.23
CA THR F 228 -20.92 19.88 -2.19
C THR F 228 -21.34 18.82 -1.16
N ALA F 229 -22.63 18.80 -0.82
CA ALA F 229 -23.14 17.83 0.15
C ALA F 229 -23.00 16.41 -0.37
N LEU F 230 -23.37 16.18 -1.63
CA LEU F 230 -23.27 14.86 -2.22
C LEU F 230 -21.81 14.42 -2.30
N LEU F 231 -20.92 15.38 -2.53
CA LEU F 231 -19.49 15.08 -2.59
C LEU F 231 -19.07 14.52 -1.23
N ALA F 232 -19.60 15.10 -0.16
CA ALA F 232 -19.28 14.63 1.18
C ALA F 232 -19.72 13.19 1.34
N GLU F 233 -20.90 12.86 0.80
CA GLU F 233 -21.41 11.50 0.89
C GLU F 233 -20.58 10.51 0.06
N CYS F 234 -19.82 11.03 -0.92
CA CYS F 234 -19.00 10.17 -1.76
C CYS F 234 -17.57 10.04 -1.24
N LEU F 235 -17.14 10.95 -0.39
CA LEU F 235 -15.79 10.92 0.14
C LEU F 235 -15.70 10.83 1.66
N ARG F 236 -16.75 10.30 2.28
CA ARG F 236 -16.77 10.18 3.74
C ARG F 236 -16.43 11.52 4.41
N GLY F 237 -17.00 12.59 3.88
CA GLY F 237 -16.73 13.92 4.42
C GLY F 237 -17.17 14.11 5.86
N ARG F 238 -16.50 15.02 6.57
CA ARG F 238 -16.81 15.29 7.97
C ARG F 238 -17.78 16.45 8.15
N THR F 239 -18.93 16.15 8.75
CA THR F 239 -19.96 17.18 8.97
C THR F 239 -19.67 18.14 10.11
N GLU F 240 -18.72 17.83 10.99
CA GLU F 240 -18.47 18.75 12.09
C GLU F 240 -17.99 20.10 11.59
N ALA F 241 -17.37 20.13 10.41
CA ALA F 241 -16.88 21.37 9.83
C ALA F 241 -18.05 22.28 9.46
N TRP F 242 -19.23 21.67 9.28
CA TRP F 242 -20.43 22.42 8.91
C TRP F 242 -21.34 22.71 10.10
N ALA F 243 -20.82 22.52 11.30
CA ALA F 243 -21.60 22.75 12.52
C ALA F 243 -22.09 24.20 12.69
N ALA F 244 -23.31 24.34 13.20
CA ALA F 244 -23.88 25.66 13.41
C ALA F 244 -23.01 26.47 14.38
N ALA F 245 -22.39 25.80 15.35
CA ALA F 245 -21.55 26.49 16.32
C ALA F 245 -20.43 27.31 15.66
N LEU F 246 -19.86 26.79 14.59
CA LEU F 246 -18.79 27.48 13.87
C LEU F 246 -19.33 28.72 13.17
N SER F 247 -20.54 28.61 12.63
CA SER F 247 -21.19 29.73 11.97
C SER F 247 -21.35 30.88 12.96
N ASP F 248 -21.86 30.54 14.15
CA ASP F 248 -22.09 31.54 15.18
C ASP F 248 -20.82 32.26 15.61
N LEU F 249 -19.69 31.56 15.55
CA LEU F 249 -18.42 32.15 15.93
C LEU F 249 -17.92 33.15 14.88
N ARG F 250 -18.36 33.00 13.64
CA ARG F 250 -17.98 33.91 12.55
C ARG F 250 -19.28 34.12 11.78
N PRO F 251 -20.20 34.89 12.37
CA PRO F 251 -21.54 35.25 11.90
C PRO F 251 -21.85 35.93 10.56
N HIS F 252 -21.09 35.61 9.51
CA HIS F 252 -21.41 36.17 8.20
C HIS F 252 -22.71 35.47 7.78
N PRO F 253 -23.76 36.25 7.46
CA PRO F 253 -25.06 35.70 7.05
C PRO F 253 -24.98 34.59 6.00
N GLY F 254 -24.27 34.87 4.92
CA GLY F 254 -24.14 33.91 3.84
C GLY F 254 -23.50 32.59 4.27
N GLN F 255 -22.51 32.65 5.15
CA GLN F 255 -21.84 31.45 5.63
C GLN F 255 -22.76 30.64 6.53
N LYS F 256 -23.51 31.33 7.38
CA LYS F 256 -24.43 30.66 8.30
C LYS F 256 -25.46 29.92 7.46
N ASP F 257 -25.94 30.58 6.42
CA ASP F 257 -26.93 30.01 5.50
C ASP F 257 -26.36 28.81 4.77
N ALA F 258 -25.17 28.97 4.20
CA ALA F 258 -24.54 27.88 3.46
C ALA F 258 -24.34 26.64 4.33
N ALA F 259 -23.87 26.83 5.56
CA ALA F 259 -23.65 25.71 6.45
C ALA F 259 -24.97 25.01 6.80
N ALA F 260 -26.01 25.80 7.07
CA ALA F 260 -27.31 25.24 7.43
C ALA F 260 -27.87 24.41 6.27
N ARG F 261 -27.73 24.94 5.06
CA ARG F 261 -28.20 24.25 3.87
C ARG F 261 -27.39 22.99 3.62
N LEU F 262 -26.10 23.04 3.90
CA LEU F 262 -25.24 21.88 3.72
C LEU F 262 -25.67 20.79 4.71
N ARG F 263 -25.89 21.18 5.97
CA ARG F 263 -26.31 20.21 6.97
C ARG F 263 -27.63 19.55 6.55
N ALA F 264 -28.57 20.37 6.09
CA ALA F 264 -29.86 19.86 5.67
C ALA F 264 -29.75 18.85 4.52
N ARG F 265 -28.89 19.13 3.55
CA ARG F 265 -28.72 18.22 2.42
C ARG F 265 -28.29 16.83 2.84
N VAL F 266 -27.38 16.74 3.81
CA VAL F 266 -26.89 15.42 4.25
C VAL F 266 -27.63 14.81 5.43
N ASP F 267 -28.74 15.43 5.83
CA ASP F 267 -29.52 14.89 6.93
C ASP F 267 -29.95 13.48 6.53
N GLY F 268 -29.79 12.52 7.44
CA GLY F 268 -30.18 11.15 7.15
C GLY F 268 -29.14 10.31 6.45
N SER F 269 -28.03 10.93 6.07
CA SER F 269 -26.97 10.20 5.40
C SER F 269 -26.20 9.33 6.39
N ALA F 270 -25.77 8.16 5.93
CA ALA F 270 -24.98 7.25 6.76
C ALA F 270 -23.60 7.16 6.11
N ARG F 271 -23.37 7.99 5.09
CA ARG F 271 -22.11 8.02 4.37
C ARG F 271 -21.11 9.07 4.83
N VAL F 272 -21.59 10.06 5.57
CA VAL F 272 -20.71 11.11 6.08
C VAL F 272 -20.22 10.71 7.48
N VAL F 273 -19.17 11.38 7.95
CA VAL F 273 -18.62 11.12 9.28
C VAL F 273 -19.15 12.24 10.17
N ARG F 274 -19.91 11.87 11.20
CA ARG F 274 -20.49 12.88 12.07
C ARG F 274 -19.80 13.06 13.42
N HIS F 275 -18.84 12.20 13.75
CA HIS F 275 -18.16 12.31 15.03
C HIS F 275 -17.31 13.58 15.14
N VAL F 276 -17.34 14.21 16.31
CA VAL F 276 -16.52 15.38 16.57
C VAL F 276 -15.22 14.73 17.01
N ILE F 277 -14.11 15.03 16.33
CA ILE F 277 -12.84 14.37 16.68
C ILE F 277 -12.32 14.65 18.08
N ALA F 278 -12.58 15.85 18.59
CA ALA F 278 -12.12 16.23 19.92
C ALA F 278 -12.78 15.47 21.07
N GLU F 279 -13.83 14.70 20.77
CA GLU F 279 -14.50 13.93 21.80
C GLU F 279 -13.62 12.76 22.22
N ARG F 280 -12.79 12.32 21.29
CA ARG F 280 -11.87 11.20 21.51
C ARG F 280 -10.74 11.52 22.47
N ARG F 281 -10.57 10.68 23.48
CA ARG F 281 -9.47 10.86 24.43
C ARG F 281 -8.40 9.88 23.98
N LEU F 282 -7.20 10.40 23.73
CA LEU F 282 -6.10 9.57 23.27
C LEU F 282 -5.28 8.99 24.42
N ASP F 283 -4.60 7.88 24.14
CA ASP F 283 -3.74 7.23 25.13
C ASP F 283 -2.46 6.78 24.43
N ALA F 284 -1.50 6.28 25.20
CA ALA F 284 -0.22 5.84 24.65
C ALA F 284 -0.33 4.98 23.39
N GLY F 285 -1.31 4.09 23.35
CA GLY F 285 -1.47 3.21 22.20
C GLY F 285 -1.95 3.88 20.92
N ASP F 286 -2.44 5.12 21.02
CA ASP F 286 -2.95 5.84 19.86
C ASP F 286 -1.91 6.69 19.13
N ILE F 287 -0.79 6.98 19.79
CA ILE F 287 0.25 7.80 19.17
C ILE F 287 0.93 7.06 18.02
N GLY F 288 0.84 7.66 16.83
CA GLY F 288 1.44 7.08 15.64
C GLY F 288 0.81 7.73 14.43
N THR F 289 0.94 7.11 13.26
CA THR F 289 0.36 7.66 12.05
C THR F 289 -0.97 6.98 11.73
N GLU F 290 -2.01 7.79 11.59
CA GLU F 290 -3.33 7.28 11.26
C GLU F 290 -3.50 7.32 9.74
N PRO F 291 -4.43 6.51 9.20
CA PRO F 291 -4.67 6.48 7.75
C PRO F 291 -5.00 7.84 7.12
N GLU F 292 -5.87 8.60 7.78
CA GLU F 292 -6.27 9.90 7.26
C GLU F 292 -6.22 10.99 8.33
N ALA F 293 -6.08 12.23 7.89
CA ALA F 293 -6.04 13.37 8.82
C ALA F 293 -7.43 13.48 9.43
N GLY F 294 -7.52 14.17 10.56
CA GLY F 294 -8.80 14.34 11.23
C GLY F 294 -9.70 15.40 10.60
N GLN F 295 -9.26 16.01 9.51
CA GLN F 295 -10.05 17.05 8.83
C GLN F 295 -9.97 16.90 7.31
N ASP F 296 -11.02 17.33 6.60
CA ASP F 296 -11.06 17.25 5.14
C ASP F 296 -10.27 18.34 4.45
N ALA F 297 -10.00 18.13 3.15
CA ALA F 297 -9.30 19.13 2.35
C ALA F 297 -10.27 20.31 2.30
N TYR F 298 -9.80 21.49 1.91
CA TYR F 298 -10.65 22.68 1.91
C TYR F 298 -11.91 22.67 1.02
N SER F 299 -11.87 21.93 -0.09
CA SER F 299 -13.03 21.88 -0.99
C SER F 299 -14.27 21.33 -0.29
N LEU F 300 -14.08 20.79 0.91
CA LEU F 300 -15.18 20.28 1.71
C LEU F 300 -15.25 21.04 3.03
N ARG F 301 -14.14 21.05 3.76
CA ARG F 301 -14.10 21.72 5.05
C ARG F 301 -14.41 23.22 5.03
N CYS F 302 -13.97 23.91 3.98
CA CYS F 302 -14.20 25.35 3.89
C CYS F 302 -15.32 25.72 2.93
N ALA F 303 -16.19 24.77 2.61
CA ALA F 303 -17.30 25.05 1.70
C ALA F 303 -18.22 26.15 2.25
N PRO F 304 -18.51 26.14 3.56
CA PRO F 304 -19.39 27.19 4.09
C PRO F 304 -18.79 28.59 3.94
N GLN F 305 -17.48 28.69 4.17
CA GLN F 305 -16.78 29.96 4.08
C GLN F 305 -16.65 30.46 2.65
N VAL F 306 -16.40 29.56 1.72
CA VAL F 306 -16.27 29.97 0.31
C VAL F 306 -17.66 30.27 -0.26
N LEU F 307 -18.58 29.31 -0.15
CA LEU F 307 -19.93 29.51 -0.65
C LEU F 307 -20.57 30.74 0.01
N GLY F 308 -20.41 30.86 1.32
CA GLY F 308 -20.99 31.99 2.05
C GLY F 308 -20.54 33.38 1.62
N ALA F 309 -19.27 33.53 1.30
CA ALA F 309 -18.76 34.83 0.86
C ALA F 309 -19.42 35.13 -0.48
N GLY F 310 -19.60 34.08 -1.29
CA GLY F 310 -20.25 34.26 -2.58
C GLY F 310 -21.72 34.63 -2.40
N PHE F 311 -22.37 34.01 -1.42
CA PHE F 311 -23.78 34.29 -1.17
C PHE F 311 -23.96 35.72 -0.66
N ASP F 312 -23.01 36.19 0.15
CA ASP F 312 -23.09 37.55 0.68
C ASP F 312 -22.86 38.55 -0.44
N THR F 313 -22.02 38.19 -1.42
CA THR F 313 -21.77 39.07 -2.55
C THR F 313 -23.07 39.17 -3.36
N LEU F 314 -23.69 38.03 -3.62
CA LEU F 314 -24.95 38.02 -4.36
C LEU F 314 -26.02 38.82 -3.62
N ALA F 315 -26.03 38.69 -2.29
CA ALA F 315 -27.00 39.42 -1.48
C ALA F 315 -26.83 40.93 -1.65
N TRP F 316 -25.58 41.37 -1.69
CA TRP F 316 -25.30 42.80 -1.87
C TRP F 316 -25.78 43.20 -3.27
N HIS F 317 -25.37 42.42 -4.25
CA HIS F 317 -25.76 42.65 -5.65
C HIS F 317 -27.27 42.79 -5.77
N ASP F 318 -28.01 41.89 -5.13
CA ASP F 318 -29.46 41.92 -5.20
C ASP F 318 -30.08 43.11 -4.47
N ARG F 319 -29.49 43.52 -3.35
CA ARG F 319 -30.00 44.69 -2.63
C ARG F 319 -29.91 45.92 -3.53
N VAL F 320 -28.74 46.12 -4.13
CA VAL F 320 -28.51 47.25 -5.01
C VAL F 320 -29.39 47.16 -6.26
N LEU F 321 -29.46 45.96 -6.84
CA LEU F 321 -30.25 45.76 -8.05
C LEU F 321 -31.74 46.02 -7.81
N THR F 322 -32.25 45.65 -6.65
CA THR F 322 -33.65 45.86 -6.34
C THR F 322 -33.95 47.36 -6.34
N ILE F 323 -33.06 48.15 -5.75
CA ILE F 323 -33.24 49.60 -5.71
C ILE F 323 -33.22 50.16 -7.14
N GLU F 324 -32.26 49.71 -7.94
CA GLU F 324 -32.13 50.15 -9.32
C GLU F 324 -33.36 49.84 -10.18
N LEU F 325 -33.84 48.60 -10.08
CA LEU F 325 -35.00 48.17 -10.85
C LEU F 325 -36.23 49.03 -10.57
N ASN F 326 -36.43 49.37 -9.31
CA ASN F 326 -37.58 50.16 -8.90
C ASN F 326 -37.38 51.66 -8.88
N ALA F 327 -36.24 52.11 -9.41
CA ALA F 327 -35.96 53.54 -9.45
C ALA F 327 -36.24 54.15 -10.80
N VAL F 328 -36.18 55.47 -10.86
CA VAL F 328 -36.37 56.18 -12.10
C VAL F 328 -34.96 56.57 -12.52
N THR F 329 -34.45 55.96 -13.58
CA THR F 329 -33.10 56.27 -14.04
C THR F 329 -33.13 57.20 -15.26
N ASP F 330 -34.27 57.84 -15.47
CA ASP F 330 -34.48 58.77 -16.58
C ASP F 330 -33.80 60.14 -16.44
N ASN F 331 -33.64 60.79 -17.59
CA ASN F 331 -33.14 62.15 -17.68
C ASN F 331 -33.60 62.70 -19.02
N PRO F 332 -34.33 63.83 -19.01
CA PRO F 332 -34.71 64.54 -17.78
C PRO F 332 -35.87 63.82 -17.10
N VAL F 333 -36.29 64.33 -15.93
CA VAL F 333 -37.42 63.76 -15.21
C VAL F 333 -38.41 64.87 -14.90
N PHE F 334 -39.66 64.50 -14.67
CA PHE F 334 -40.72 65.48 -14.37
C PHE F 334 -41.27 65.18 -12.98
N PRO F 335 -40.82 65.93 -11.97
CA PRO F 335 -41.24 65.76 -10.58
C PRO F 335 -42.75 65.64 -10.38
N PRO F 336 -43.21 64.50 -9.80
CA PRO F 336 -44.63 64.27 -9.55
C PRO F 336 -45.28 65.35 -8.68
N ASP F 337 -44.49 65.99 -7.82
CA ASP F 337 -45.03 67.04 -6.94
C ASP F 337 -45.22 68.39 -7.62
N GLY F 338 -44.68 68.52 -8.84
CA GLY F 338 -44.82 69.77 -9.58
C GLY F 338 -43.98 70.93 -9.07
N SER F 339 -42.99 70.65 -8.23
CA SER F 339 -42.12 71.68 -7.68
C SER F 339 -41.41 72.47 -8.79
N VAL F 340 -40.93 71.77 -9.80
CA VAL F 340 -40.28 72.40 -10.95
C VAL F 340 -40.79 71.65 -12.17
N PRO F 341 -40.81 72.29 -13.34
CA PRO F 341 -41.30 71.63 -14.55
C PRO F 341 -40.54 70.34 -14.85
N ALA F 342 -39.23 70.38 -14.68
CA ALA F 342 -38.39 69.22 -14.95
C ALA F 342 -37.03 69.40 -14.30
N LEU F 343 -36.33 68.29 -14.10
CA LEU F 343 -35.00 68.29 -13.52
C LEU F 343 -34.02 67.62 -14.48
N HIS F 344 -32.83 68.18 -14.57
CA HIS F 344 -31.78 67.63 -15.42
C HIS F 344 -30.62 67.16 -14.56
N GLY F 345 -30.23 65.91 -14.73
CA GLY F 345 -29.15 65.35 -13.95
C GLY F 345 -28.55 64.11 -14.59
N GLY F 346 -28.04 63.19 -13.78
CA GLY F 346 -27.41 62.01 -14.33
C GLY F 346 -27.80 60.66 -13.74
N ASN F 347 -29.08 60.46 -13.45
CA ASN F 347 -29.51 59.18 -12.87
C ASN F 347 -29.40 58.00 -13.84
N PHE F 348 -28.95 58.27 -15.06
CA PHE F 348 -28.78 57.23 -16.07
C PHE F 348 -27.38 56.59 -15.98
N MET F 349 -26.51 57.15 -15.14
CA MET F 349 -25.15 56.63 -14.96
C MET F 349 -25.23 55.31 -14.20
N GLY F 350 -25.05 54.20 -14.92
CA GLY F 350 -25.16 52.89 -14.30
C GLY F 350 -23.97 52.36 -13.53
N GLN F 351 -23.37 53.21 -12.71
CA GLN F 351 -22.21 52.78 -11.93
C GLN F 351 -22.56 51.71 -10.90
N HIS F 352 -23.75 51.80 -10.31
CA HIS F 352 -24.15 50.80 -9.31
C HIS F 352 -24.21 49.38 -9.87
N VAL F 353 -24.89 49.20 -10.99
CA VAL F 353 -24.96 47.86 -11.59
C VAL F 353 -23.58 47.44 -12.11
N ALA F 354 -22.79 48.41 -12.56
CA ALA F 354 -21.45 48.09 -13.06
C ALA F 354 -20.59 47.48 -11.95
N LEU F 355 -20.57 48.14 -10.79
CA LEU F 355 -19.76 47.67 -9.68
C LEU F 355 -20.30 46.37 -9.07
N THR F 356 -21.60 46.24 -8.91
CA THR F 356 -22.16 45.02 -8.35
C THR F 356 -21.98 43.85 -9.32
N SER F 357 -22.13 44.12 -10.61
CA SER F 357 -21.95 43.07 -11.61
C SER F 357 -20.52 42.56 -11.58
N ASP F 358 -19.55 43.48 -11.53
CA ASP F 358 -18.15 43.10 -11.48
C ASP F 358 -17.84 42.29 -10.22
N ALA F 359 -18.41 42.70 -9.10
CA ALA F 359 -18.18 41.99 -7.84
C ALA F 359 -18.78 40.60 -7.90
N LEU F 360 -20.00 40.49 -8.44
CA LEU F 360 -20.65 39.20 -8.56
C LEU F 360 -19.86 38.30 -9.51
N ALA F 361 -19.33 38.89 -10.58
CA ALA F 361 -18.56 38.12 -11.55
C ALA F 361 -17.35 37.46 -10.86
N THR F 362 -16.70 38.21 -9.99
CA THR F 362 -15.54 37.67 -9.27
C THR F 362 -16.01 36.53 -8.36
N ALA F 363 -17.10 36.75 -7.65
CA ALA F 363 -17.65 35.74 -6.75
C ALA F 363 -18.00 34.48 -7.55
N VAL F 364 -18.60 34.66 -8.73
CA VAL F 364 -18.95 33.50 -9.56
C VAL F 364 -17.70 32.72 -9.96
N THR F 365 -16.63 33.44 -10.30
CA THR F 365 -15.39 32.78 -10.70
C THR F 365 -14.78 32.00 -9.52
N VAL F 366 -14.88 32.56 -8.31
CA VAL F 366 -14.35 31.89 -7.12
C VAL F 366 -15.11 30.59 -6.86
N LEU F 367 -16.44 30.67 -6.86
CA LEU F 367 -17.26 29.48 -6.61
C LEU F 367 -17.14 28.43 -7.72
N ALA F 368 -16.94 28.88 -8.95
CA ALA F 368 -16.76 27.95 -10.06
C ALA F 368 -15.43 27.23 -9.82
N GLY F 369 -14.46 27.96 -9.26
CA GLY F 369 -13.16 27.39 -8.96
C GLY F 369 -13.30 26.27 -7.93
N LEU F 370 -14.15 26.50 -6.94
CA LEU F 370 -14.41 25.51 -5.90
C LEU F 370 -14.94 24.23 -6.56
N ALA F 371 -15.98 24.38 -7.36
CA ALA F 371 -16.59 23.25 -8.05
C ALA F 371 -15.56 22.52 -8.91
N GLU F 372 -14.72 23.29 -9.61
CA GLU F 372 -13.70 22.70 -10.47
C GLU F 372 -12.72 21.87 -9.63
N ARG F 373 -12.34 22.38 -8.47
CA ARG F 373 -11.44 21.64 -7.60
C ARG F 373 -12.13 20.42 -7.01
N GLN F 374 -13.45 20.51 -6.78
CA GLN F 374 -14.17 19.36 -6.24
C GLN F 374 -14.15 18.24 -7.28
N ILE F 375 -14.26 18.59 -8.55
CA ILE F 375 -14.21 17.60 -9.62
C ILE F 375 -12.82 16.97 -9.68
N ALA F 376 -11.80 17.83 -9.62
CA ALA F 376 -10.41 17.37 -9.67
C ALA F 376 -10.08 16.40 -8.54
N ARG F 377 -10.67 16.62 -7.37
CA ARG F 377 -10.40 15.74 -6.22
C ARG F 377 -11.14 14.42 -6.39
N LEU F 378 -12.43 14.51 -6.69
CA LEU F 378 -13.29 13.35 -6.87
C LEU F 378 -12.83 12.37 -7.94
N THR F 379 -12.21 12.87 -9.01
CA THR F 379 -11.76 12.03 -10.11
C THR F 379 -10.32 11.53 -10.01
N ASP F 380 -9.59 11.98 -8.99
CA ASP F 380 -8.19 11.59 -8.79
C ASP F 380 -8.13 10.34 -7.92
N GLU F 381 -7.69 9.22 -8.47
CA GLU F 381 -7.63 7.98 -7.70
C GLU F 381 -6.77 8.07 -6.45
N ARG F 382 -5.81 8.98 -6.44
CA ARG F 382 -4.96 9.16 -5.27
C ARG F 382 -5.64 9.97 -4.16
N LEU F 383 -6.69 10.71 -4.53
CA LEU F 383 -7.39 11.54 -3.55
C LEU F 383 -8.84 11.17 -3.27
N ASN F 384 -9.45 10.33 -4.12
CA ASN F 384 -10.85 9.99 -3.92
C ASN F 384 -11.17 8.81 -3.01
N ARG F 385 -10.22 8.43 -2.18
CA ARG F 385 -10.41 7.35 -1.21
C ARG F 385 -10.98 6.03 -1.73
N GLY F 386 -10.34 5.45 -2.73
CA GLY F 386 -10.78 4.16 -3.23
C GLY F 386 -11.67 4.10 -4.46
N LEU F 387 -12.09 5.26 -4.98
CA LEU F 387 -12.94 5.26 -6.16
C LEU F 387 -12.10 5.07 -7.42
N PRO F 388 -12.69 4.52 -8.48
CA PRO F 388 -11.95 4.30 -9.73
C PRO F 388 -11.38 5.59 -10.29
N PRO F 389 -10.22 5.53 -10.97
CA PRO F 389 -9.65 6.75 -11.53
C PRO F 389 -10.64 7.34 -12.54
N PHE F 390 -10.94 8.61 -12.38
CA PHE F 390 -11.88 9.30 -13.27
C PHE F 390 -13.26 8.65 -13.29
N LEU F 391 -13.56 7.90 -12.23
CA LEU F 391 -14.85 7.26 -12.05
C LEU F 391 -15.30 6.40 -13.23
N HIS F 392 -14.36 5.75 -13.89
CA HIS F 392 -14.70 4.92 -15.03
C HIS F 392 -15.36 3.62 -14.59
N ARG F 393 -15.99 2.96 -15.55
CA ARG F 393 -16.60 1.66 -15.34
C ARG F 393 -16.07 0.84 -16.51
N GLY F 394 -16.04 -0.48 -16.38
CA GLY F 394 -15.47 -1.30 -17.44
C GLY F 394 -13.99 -1.38 -17.14
N PRO F 395 -13.19 -2.13 -17.92
CA PRO F 395 -11.74 -2.24 -17.67
C PRO F 395 -11.01 -0.88 -17.69
N ALA F 396 -10.16 -0.66 -16.70
CA ALA F 396 -9.39 0.58 -16.63
C ALA F 396 -8.42 0.62 -17.81
N GLY F 397 -8.13 1.82 -18.30
CA GLY F 397 -7.23 1.93 -19.43
C GLY F 397 -8.04 1.85 -20.71
N LEU F 398 -8.81 0.77 -20.87
CA LEU F 398 -9.66 0.64 -22.05
C LEU F 398 -10.74 1.70 -21.92
N ASN F 399 -11.04 2.08 -20.68
CA ASN F 399 -12.04 3.12 -20.38
C ASN F 399 -11.38 4.20 -19.52
N SER F 400 -11.71 5.46 -19.81
CA SER F 400 -11.15 6.59 -19.07
C SER F 400 -12.21 7.36 -18.30
N GLY F 401 -13.47 6.94 -18.44
CA GLY F 401 -14.55 7.58 -17.73
C GLY F 401 -14.68 9.08 -17.99
N PHE F 402 -14.61 9.86 -16.91
CA PHE F 402 -14.73 11.33 -16.99
C PHE F 402 -13.40 12.04 -17.15
N MET F 403 -12.37 11.31 -17.55
CA MET F 403 -11.05 11.93 -17.70
C MET F 403 -11.05 13.14 -18.63
N GLY F 404 -11.86 13.07 -19.69
CA GLY F 404 -11.94 14.18 -20.62
C GLY F 404 -12.78 15.32 -20.06
N ALA F 405 -13.92 14.99 -19.48
CA ALA F 405 -14.81 15.99 -18.89
C ALA F 405 -14.11 16.76 -17.76
N GLN F 406 -13.22 16.09 -17.03
CA GLN F 406 -12.50 16.75 -15.94
C GLN F 406 -11.63 17.88 -16.49
N VAL F 407 -10.90 17.60 -17.56
CA VAL F 407 -10.04 18.60 -18.17
C VAL F 407 -10.92 19.74 -18.74
N THR F 408 -12.07 19.37 -19.30
CA THR F 408 -12.97 20.38 -19.85
C THR F 408 -13.42 21.37 -18.77
N ALA F 409 -13.68 20.87 -17.56
CA ALA F 409 -14.09 21.74 -16.46
C ALA F 409 -12.98 22.75 -16.18
N THR F 410 -11.74 22.26 -16.16
CA THR F 410 -10.59 23.11 -15.91
C THR F 410 -10.45 24.16 -17.00
N ALA F 411 -10.66 23.75 -18.24
CA ALA F 411 -10.56 24.68 -19.37
C ALA F 411 -11.62 25.80 -19.26
N LEU F 412 -12.82 25.43 -18.83
CA LEU F 412 -13.91 26.40 -18.70
C LEU F 412 -13.55 27.44 -17.62
N LEU F 413 -12.98 26.96 -16.53
CA LEU F 413 -12.59 27.85 -15.43
C LEU F 413 -11.48 28.79 -15.88
N ALA F 414 -10.46 28.22 -16.51
CA ALA F 414 -9.33 29.02 -17.00
C ALA F 414 -9.84 30.16 -17.86
N GLU F 415 -10.79 29.86 -18.73
CA GLU F 415 -11.32 30.89 -19.62
C GLU F 415 -12.04 31.98 -18.83
N MET F 416 -12.79 31.59 -17.81
CA MET F 416 -13.51 32.56 -16.98
C MET F 416 -12.53 33.56 -16.38
N ARG F 417 -11.40 33.05 -15.90
CA ARG F 417 -10.38 33.86 -15.25
C ARG F 417 -9.71 34.91 -16.13
N ALA F 418 -9.72 34.72 -17.44
CA ALA F 418 -9.08 35.65 -18.36
C ALA F 418 -9.80 36.99 -18.46
N THR F 419 -11.05 37.05 -18.03
CA THR F 419 -11.83 38.27 -18.12
C THR F 419 -12.05 38.90 -16.75
N GLY F 420 -11.69 40.18 -16.63
CA GLY F 420 -11.86 40.85 -15.36
C GLY F 420 -12.98 41.87 -15.36
N PRO F 421 -13.02 42.73 -14.34
CA PRO F 421 -14.04 43.78 -14.17
C PRO F 421 -14.13 44.66 -15.41
N ALA F 422 -15.33 45.07 -15.76
CA ALA F 422 -15.52 45.94 -16.91
C ALA F 422 -15.43 47.42 -16.50
N SER F 423 -15.86 47.69 -15.27
CA SER F 423 -15.92 49.05 -14.70
C SER F 423 -14.67 49.92 -14.73
N ILE F 424 -13.50 49.31 -14.65
CA ILE F 424 -12.25 50.08 -14.61
C ILE F 424 -11.79 50.61 -15.96
N HIS F 425 -12.54 50.35 -17.01
CA HIS F 425 -12.13 50.79 -18.34
C HIS F 425 -12.85 51.99 -18.90
N SER F 426 -13.28 52.89 -18.02
CA SER F 426 -13.97 54.08 -18.49
C SER F 426 -13.06 54.86 -19.44
N ILE F 427 -13.63 55.33 -20.55
CA ILE F 427 -12.91 56.11 -21.54
C ILE F 427 -13.79 57.31 -21.87
N SER F 428 -13.21 58.51 -21.83
CA SER F 428 -13.93 59.74 -22.13
C SER F 428 -14.41 59.66 -23.58
N THR F 429 -15.69 59.88 -23.82
CA THR F 429 -16.23 59.79 -25.17
C THR F 429 -17.31 60.85 -25.43
N ASN F 430 -18.01 60.77 -26.55
CA ASN F 430 -19.05 61.75 -26.89
C ASN F 430 -18.46 63.18 -26.87
N ALA F 431 -17.34 63.38 -27.54
CA ALA F 431 -16.69 64.69 -27.58
C ALA F 431 -16.41 65.20 -26.17
N ALA F 432 -15.96 64.29 -25.30
CA ALA F 432 -15.62 64.60 -23.91
C ALA F 432 -16.79 64.98 -22.99
N ASN F 433 -18.01 64.96 -23.52
CA ASN F 433 -19.18 65.29 -22.69
C ASN F 433 -19.40 64.13 -21.72
N GLN F 434 -19.22 62.91 -22.21
CA GLN F 434 -19.36 61.73 -21.36
C GLN F 434 -17.94 61.37 -20.98
N ASP F 435 -17.27 62.22 -20.19
CA ASP F 435 -15.89 61.97 -19.82
C ASP F 435 -15.64 60.83 -18.84
N VAL F 436 -16.72 60.29 -18.27
CA VAL F 436 -16.68 59.10 -17.41
C VAL F 436 -17.95 58.33 -17.78
N VAL F 437 -17.82 57.01 -17.94
CA VAL F 437 -18.96 56.16 -18.29
C VAL F 437 -18.92 54.92 -17.40
N SER F 438 -20.08 54.30 -17.16
CA SER F 438 -20.12 53.15 -16.26
C SER F 438 -19.75 51.80 -16.83
N LEU F 439 -20.09 51.55 -18.10
CA LEU F 439 -19.84 50.26 -18.73
C LEU F 439 -20.61 49.16 -17.98
N GLY F 440 -21.69 49.54 -17.32
CA GLY F 440 -22.49 48.60 -16.56
C GLY F 440 -23.11 47.47 -17.38
N THR F 441 -23.48 47.77 -18.62
CA THR F 441 -24.08 46.76 -19.49
C THR F 441 -23.03 45.72 -19.83
N ILE F 442 -21.82 46.17 -20.11
CA ILE F 442 -20.72 45.27 -20.41
C ILE F 442 -20.42 44.44 -19.16
N ALA F 443 -20.40 45.09 -18.00
CA ALA F 443 -20.13 44.39 -16.75
C ALA F 443 -21.17 43.29 -16.49
N ALA F 444 -22.44 43.61 -16.73
CA ALA F 444 -23.50 42.62 -16.51
C ALA F 444 -23.38 41.45 -17.48
N ARG F 445 -23.06 41.75 -18.74
CA ARG F 445 -22.90 40.73 -19.76
C ARG F 445 -21.69 39.83 -19.48
N LEU F 446 -20.59 40.42 -19.01
CA LEU F 446 -19.40 39.62 -18.70
C LEU F 446 -19.71 38.68 -17.54
N CYS F 447 -20.52 39.17 -16.60
CA CYS F 447 -20.92 38.35 -15.45
C CYS F 447 -21.79 37.19 -15.95
N ARG F 448 -22.68 37.47 -16.90
CA ARG F 448 -23.53 36.42 -17.45
C ARG F 448 -22.70 35.29 -18.06
N GLU F 449 -21.72 35.65 -18.88
CA GLU F 449 -20.87 34.64 -19.50
C GLU F 449 -20.23 33.74 -18.46
N LYS F 450 -19.77 34.32 -17.37
CA LYS F 450 -19.14 33.54 -16.31
C LYS F 450 -20.17 32.63 -15.62
N ILE F 451 -21.40 33.13 -15.47
CA ILE F 451 -22.45 32.33 -14.86
C ILE F 451 -22.72 31.10 -15.74
N ASP F 452 -22.68 31.29 -17.07
CA ASP F 452 -22.92 30.19 -17.99
C ASP F 452 -21.81 29.14 -17.89
N ARG F 453 -20.58 29.59 -17.71
CA ARG F 453 -19.45 28.67 -17.57
C ARG F 453 -19.61 27.90 -16.26
N TRP F 454 -20.00 28.62 -15.20
CA TRP F 454 -20.19 28.00 -13.88
C TRP F 454 -21.24 26.89 -13.99
N ALA F 455 -22.33 27.18 -14.70
CA ALA F 455 -23.38 26.17 -14.88
C ALA F 455 -22.81 24.92 -15.54
N GLU F 456 -21.93 25.10 -16.52
CA GLU F 456 -21.34 23.95 -17.21
C GLU F 456 -20.39 23.16 -16.32
N ILE F 457 -19.62 23.87 -15.51
CA ILE F 457 -18.69 23.21 -14.58
C ILE F 457 -19.52 22.44 -13.54
N LEU F 458 -20.59 23.04 -13.06
CA LEU F 458 -21.46 22.38 -12.08
C LEU F 458 -22.11 21.15 -12.69
N ALA F 459 -22.42 21.22 -13.98
CA ALA F 459 -23.05 20.08 -14.67
C ALA F 459 -22.08 18.91 -14.73
N ILE F 460 -20.81 19.21 -14.98
CA ILE F 460 -19.80 18.15 -15.04
C ILE F 460 -19.69 17.51 -13.65
N LEU F 461 -19.71 18.34 -12.62
CA LEU F 461 -19.60 17.85 -11.24
C LEU F 461 -20.79 16.98 -10.87
N ALA F 462 -21.97 17.38 -11.32
CA ALA F 462 -23.21 16.63 -11.04
C ALA F 462 -23.15 15.25 -11.67
N LEU F 463 -22.74 15.18 -12.93
CA LEU F 463 -22.64 13.91 -13.64
C LEU F 463 -21.59 13.01 -12.98
N CYS F 464 -20.47 13.58 -12.58
CA CYS F 464 -19.41 12.80 -11.92
C CYS F 464 -19.95 12.25 -10.61
N LEU F 465 -20.65 13.10 -9.86
CA LEU F 465 -21.19 12.70 -8.57
C LEU F 465 -22.26 11.62 -8.65
N ALA F 466 -23.08 11.65 -9.68
CA ALA F 466 -24.12 10.63 -9.83
C ALA F 466 -23.41 9.30 -10.00
N GLN F 467 -22.36 9.30 -10.81
CA GLN F 467 -21.57 8.10 -11.07
C GLN F 467 -20.83 7.66 -9.80
N ALA F 468 -20.20 8.61 -9.12
CA ALA F 468 -19.45 8.30 -7.90
C ALA F 468 -20.35 7.74 -6.80
N ALA F 469 -21.55 8.30 -6.70
CA ALA F 469 -22.51 7.83 -5.68
C ALA F 469 -22.85 6.37 -5.88
N GLU F 470 -23.02 5.97 -7.14
CA GLU F 470 -23.36 4.58 -7.46
C GLU F 470 -22.16 3.65 -7.31
N LEU F 471 -20.97 4.15 -7.64
CA LEU F 471 -19.76 3.35 -7.52
C LEU F 471 -19.46 3.07 -6.04
N ARG F 472 -19.67 4.09 -5.20
CA ARG F 472 -19.40 3.96 -3.78
C ARG F 472 -20.48 3.22 -3.01
N CYS F 473 -21.74 3.52 -3.32
CA CYS F 473 -22.87 2.94 -2.58
C CYS F 473 -23.73 1.93 -3.33
N GLY F 474 -23.37 1.63 -4.57
CA GLY F 474 -24.17 0.69 -5.34
C GLY F 474 -25.34 1.39 -6.00
N SER F 475 -25.92 0.79 -7.03
CA SER F 475 -27.04 1.37 -7.74
C SER F 475 -28.21 1.71 -6.82
N GLY F 476 -28.27 1.03 -5.67
CA GLY F 476 -29.34 1.29 -4.71
C GLY F 476 -29.04 2.50 -3.83
N LEU F 477 -27.83 3.04 -3.96
CA LEU F 477 -27.41 4.21 -3.18
C LEU F 477 -27.60 3.99 -1.68
N ASP F 478 -27.16 2.83 -1.20
CA ASP F 478 -27.28 2.50 0.22
C ASP F 478 -26.53 3.48 1.12
N GLY F 479 -27.23 4.00 2.13
CA GLY F 479 -26.62 4.93 3.05
C GLY F 479 -26.65 6.38 2.62
N VAL F 480 -27.07 6.64 1.37
CA VAL F 480 -27.13 8.01 0.87
C VAL F 480 -28.35 8.72 1.43
N SER F 481 -28.20 10.00 1.75
CA SER F 481 -29.29 10.78 2.29
C SER F 481 -30.50 10.81 1.35
N PRO F 482 -31.69 11.10 1.90
CA PRO F 482 -32.90 11.15 1.08
C PRO F 482 -32.73 12.21 -0.03
N ALA F 483 -32.15 13.35 0.34
CA ALA F 483 -31.93 14.44 -0.60
C ALA F 483 -30.97 14.04 -1.70
N GLY F 484 -29.87 13.39 -1.33
CA GLY F 484 -28.90 12.95 -2.32
C GLY F 484 -29.52 11.90 -3.23
N LYS F 485 -30.29 10.98 -2.65
CA LYS F 485 -30.95 9.94 -3.46
C LYS F 485 -31.88 10.59 -4.48
N LYS F 486 -32.66 11.56 -4.02
CA LYS F 486 -33.60 12.24 -4.90
C LYS F 486 -32.85 12.94 -6.04
N LEU F 487 -31.72 13.56 -5.73
CA LEU F 487 -30.94 14.28 -6.75
C LEU F 487 -30.39 13.32 -7.79
N VAL F 488 -29.78 12.23 -7.35
CA VAL F 488 -29.21 11.25 -8.29
C VAL F 488 -30.33 10.62 -9.12
N GLN F 489 -31.43 10.27 -8.47
CA GLN F 489 -32.56 9.66 -9.15
C GLN F 489 -33.10 10.57 -10.26
N ALA F 490 -33.25 11.85 -9.96
CA ALA F 490 -33.75 12.82 -10.93
C ALA F 490 -32.80 12.96 -12.12
N LEU F 491 -31.51 12.97 -11.84
CA LEU F 491 -30.51 13.08 -12.92
C LEU F 491 -30.56 11.85 -13.80
N ARG F 492 -30.66 10.69 -13.17
CA ARG F 492 -30.69 9.42 -13.89
C ARG F 492 -31.92 9.24 -14.79
N GLU F 493 -32.91 10.10 -14.63
CA GLU F 493 -34.11 10.03 -15.46
C GLU F 493 -33.78 10.46 -16.87
N GLN F 494 -32.77 11.30 -17.02
CA GLN F 494 -32.36 11.81 -18.33
C GLN F 494 -30.91 11.51 -18.72
N PHE F 495 -30.07 11.26 -17.72
CA PHE F 495 -28.66 10.97 -17.96
C PHE F 495 -28.26 9.63 -17.38
N PRO F 496 -28.08 8.63 -18.26
CA PRO F 496 -27.70 7.27 -17.89
C PRO F 496 -26.31 7.14 -17.31
N PRO F 497 -26.08 6.09 -16.51
CA PRO F 497 -24.76 5.88 -15.92
C PRO F 497 -23.74 5.71 -17.03
N LEU F 498 -22.48 5.97 -16.72
CA LEU F 498 -21.44 5.84 -17.72
C LEU F 498 -20.86 4.45 -17.52
N GLU F 499 -21.42 3.46 -18.20
CA GLU F 499 -20.97 2.08 -18.08
C GLU F 499 -19.72 1.84 -18.92
N THR F 500 -19.60 2.59 -20.00
CA THR F 500 -18.45 2.51 -20.90
C THR F 500 -18.30 3.92 -21.48
N ASP F 501 -17.08 4.30 -21.85
CA ASP F 501 -16.83 5.64 -22.38
C ASP F 501 -17.77 6.05 -23.53
N ARG F 502 -18.23 7.29 -23.49
CA ARG F 502 -19.10 7.84 -24.53
C ARG F 502 -18.94 9.36 -24.57
N PRO F 503 -19.32 10.00 -25.68
CA PRO F 503 -19.19 11.46 -25.74
C PRO F 503 -20.10 12.06 -24.68
N LEU F 504 -19.59 13.03 -23.92
CA LEU F 504 -20.39 13.66 -22.86
C LEU F 504 -20.74 15.11 -23.13
N GLY F 505 -20.13 15.71 -24.14
CA GLY F 505 -20.37 17.10 -24.46
C GLY F 505 -21.83 17.55 -24.53
N GLN F 506 -22.65 16.82 -25.30
CA GLN F 506 -24.05 17.19 -25.43
C GLN F 506 -24.82 17.08 -24.12
N GLU F 507 -24.50 16.06 -23.32
CA GLU F 507 -25.15 15.86 -22.03
C GLU F 507 -24.77 16.95 -21.04
N ILE F 508 -23.51 17.39 -21.09
CA ILE F 508 -23.03 18.45 -20.21
C ILE F 508 -23.78 19.75 -20.52
N ALA F 509 -23.88 20.07 -21.80
CA ALA F 509 -24.57 21.28 -22.25
C ALA F 509 -26.06 21.24 -21.88
N ALA F 510 -26.69 20.08 -22.08
CA ALA F 510 -28.11 19.92 -21.78
C ALA F 510 -28.36 20.11 -20.29
N LEU F 511 -27.54 19.49 -19.47
CA LEU F 511 -27.71 19.60 -18.03
C LEU F 511 -27.44 21.03 -17.55
N ALA F 512 -26.46 21.70 -18.12
CA ALA F 512 -26.15 23.08 -17.73
C ALA F 512 -27.39 23.95 -17.90
N THR F 513 -28.09 23.77 -19.03
CA THR F 513 -29.29 24.54 -19.31
C THR F 513 -30.32 24.33 -18.21
N HIS F 514 -30.40 23.09 -17.71
CA HIS F 514 -31.34 22.76 -16.64
C HIS F 514 -30.95 23.40 -15.30
N LEU F 515 -29.66 23.36 -14.95
CA LEU F 515 -29.21 23.92 -13.69
C LEU F 515 -29.50 25.42 -13.57
N LEU F 516 -29.39 26.14 -14.68
CA LEU F 516 -29.64 27.58 -14.69
C LEU F 516 -31.09 27.98 -14.42
N GLN F 517 -32.01 27.04 -14.61
CA GLN F 517 -33.43 27.36 -14.45
C GLN F 517 -34.17 26.65 -13.31
N GLN F 518 -33.56 25.62 -12.74
CA GLN F 518 -34.20 24.87 -11.66
C GLN F 518 -33.18 24.43 -10.61
N SER F 519 -33.66 24.28 -9.38
CA SER F 519 -32.81 23.87 -8.26
C SER F 519 -33.11 22.43 -7.85
N PRO F 520 -32.17 21.77 -7.16
CA PRO F 520 -32.41 20.39 -6.76
C PRO F 520 -33.31 20.34 -5.52
N VAL F 521 -34.59 20.08 -5.73
CA VAL F 521 -35.53 20.02 -4.63
C VAL F 521 -36.47 18.82 -4.77
N LYS G 8 -4.68 60.18 27.06
CA LYS G 8 -5.00 59.46 25.80
C LYS G 8 -6.26 58.62 25.97
N PRO G 9 -7.23 58.76 25.04
CA PRO G 9 -8.48 58.00 25.12
C PRO G 9 -8.23 56.50 25.18
N ALA G 10 -9.14 55.77 25.81
CA ALA G 10 -9.03 54.33 25.93
C ALA G 10 -10.23 53.60 25.35
N VAL G 11 -9.94 52.55 24.57
CA VAL G 11 -10.97 51.75 23.97
C VAL G 11 -11.11 50.49 24.83
N GLU G 12 -12.26 50.31 25.45
CA GLU G 12 -12.47 49.14 26.28
C GLU G 12 -13.03 48.02 25.42
N LEU G 13 -12.28 46.93 25.32
CA LEU G 13 -12.70 45.80 24.52
C LEU G 13 -13.44 44.75 25.33
N ASP G 14 -14.67 44.46 24.91
CA ASP G 14 -15.47 43.44 25.56
C ASP G 14 -15.73 42.44 24.46
N ARG G 15 -16.80 42.64 23.70
CA ARG G 15 -17.13 41.75 22.61
C ARG G 15 -17.03 42.40 21.24
N HIS G 16 -17.54 43.62 21.13
CA HIS G 16 -17.57 44.33 19.86
C HIS G 16 -16.78 45.64 19.82
N ILE G 17 -16.13 45.89 18.69
CA ILE G 17 -15.37 47.12 18.49
C ILE G 17 -15.69 47.55 17.06
N ASP G 18 -15.93 48.83 16.83
CA ASP G 18 -16.24 49.28 15.48
C ASP G 18 -14.97 49.65 14.74
N LEU G 19 -15.08 49.87 13.44
CA LEU G 19 -13.91 50.20 12.63
C LEU G 19 -13.14 51.43 13.09
N ASP G 20 -13.84 52.48 13.50
CA ASP G 20 -13.16 53.69 13.95
C ASP G 20 -12.34 53.43 15.21
N GLN G 21 -12.93 52.71 16.17
CA GLN G 21 -12.24 52.39 17.40
C GLN G 21 -11.01 51.54 17.09
N ALA G 22 -11.18 50.59 16.18
CA ALA G 22 -10.09 49.70 15.81
C ALA G 22 -8.92 50.47 15.19
N HIS G 23 -9.24 51.47 14.35
CA HIS G 23 -8.17 52.24 13.74
C HIS G 23 -7.53 53.16 14.77
N ALA G 24 -8.32 53.61 15.74
CA ALA G 24 -7.82 54.48 16.80
C ALA G 24 -6.72 53.75 17.56
N VAL G 25 -6.97 52.49 17.92
CA VAL G 25 -5.99 51.68 18.63
C VAL G 25 -4.79 51.39 17.73
N ALA G 26 -5.07 50.94 16.52
CA ALA G 26 -4.02 50.59 15.56
C ALA G 26 -3.06 51.75 15.28
N SER G 27 -3.60 52.96 15.16
CA SER G 27 -2.79 54.13 14.86
C SER G 27 -2.16 54.77 16.10
N GLY G 28 -2.44 54.22 17.28
CA GLY G 28 -1.87 54.77 18.50
C GLY G 28 -2.62 55.96 19.06
N GLY G 29 -3.78 56.28 18.48
CA GLY G 29 -4.58 57.39 18.95
C GLY G 29 -5.31 57.04 20.23
N ALA G 30 -5.46 55.74 20.50
CA ALA G 30 -6.14 55.28 21.70
C ALA G 30 -5.46 54.08 22.32
N ARG G 31 -5.58 53.97 23.65
CA ARG G 31 -5.02 52.84 24.38
C ARG G 31 -6.12 51.78 24.35
N ILE G 32 -5.76 50.53 24.61
CA ILE G 32 -6.78 49.48 24.63
C ILE G 32 -6.79 48.78 25.97
N VAL G 33 -7.99 48.52 26.47
CA VAL G 33 -8.18 47.86 27.76
C VAL G 33 -9.17 46.71 27.58
N LEU G 34 -8.91 45.58 28.22
CA LEU G 34 -9.80 44.44 28.13
C LEU G 34 -10.86 44.56 29.24
N ALA G 35 -12.13 44.62 28.86
CA ALA G 35 -13.21 44.73 29.85
C ALA G 35 -13.24 43.52 30.78
N PRO G 36 -13.67 43.73 32.03
CA PRO G 36 -13.75 42.65 33.01
C PRO G 36 -14.39 41.36 32.45
N PRO G 37 -15.55 41.48 31.81
CA PRO G 37 -16.18 40.27 31.27
C PRO G 37 -15.35 39.55 30.21
N ALA G 38 -14.59 40.30 29.43
CA ALA G 38 -13.76 39.69 28.39
C ALA G 38 -12.61 38.96 29.06
N ARG G 39 -12.03 39.57 30.09
CA ARG G 39 -10.93 38.97 30.83
C ARG G 39 -11.40 37.64 31.42
N ASP G 40 -12.59 37.63 31.98
CA ASP G 40 -13.12 36.41 32.57
C ASP G 40 -13.42 35.36 31.52
N ARG G 41 -14.03 35.76 30.40
CA ARG G 41 -14.32 34.78 29.35
C ARG G 41 -13.02 34.14 28.90
N CYS G 42 -11.97 34.94 28.77
CA CYS G 42 -10.69 34.43 28.34
C CYS G 42 -10.05 33.49 29.36
N ARG G 43 -10.18 33.82 30.64
CA ARG G 43 -9.62 32.97 31.68
C ARG G 43 -10.31 31.60 31.60
N ALA G 44 -11.62 31.61 31.39
CA ALA G 44 -12.38 30.37 31.28
C ALA G 44 -11.89 29.55 30.08
N SER G 45 -11.64 30.23 28.97
CA SER G 45 -11.19 29.55 27.76
C SER G 45 -9.80 28.95 28.02
N GLU G 46 -8.96 29.71 28.71
CA GLU G 46 -7.61 29.24 29.04
C GLU G 46 -7.72 27.92 29.81
N ALA G 47 -8.67 27.88 30.75
CA ALA G 47 -8.88 26.69 31.55
C ALA G 47 -9.38 25.51 30.70
N ARG G 48 -10.26 25.79 29.74
CA ARG G 48 -10.75 24.72 28.87
C ARG G 48 -9.61 24.12 28.06
N LEU G 49 -8.70 24.97 27.59
CA LEU G 49 -7.56 24.49 26.83
C LEU G 49 -6.73 23.56 27.73
N GLY G 50 -6.62 23.93 29.01
CA GLY G 50 -5.88 23.12 29.94
C GLY G 50 -6.55 21.76 30.11
N ALA G 51 -7.88 21.78 30.22
CA ALA G 51 -8.65 20.55 30.37
C ALA G 51 -8.53 19.66 29.14
N VAL G 52 -8.49 20.28 27.97
CA VAL G 52 -8.35 19.53 26.72
C VAL G 52 -7.01 18.79 26.73
N ILE G 53 -5.97 19.48 27.18
CA ILE G 53 -4.64 18.87 27.25
C ILE G 53 -4.62 17.78 28.32
N ARG G 54 -5.16 18.12 29.49
CA ARG G 54 -5.22 17.20 30.62
C ARG G 54 -5.95 15.90 30.23
N GLU G 55 -7.02 16.05 29.47
CA GLU G 55 -7.83 14.90 29.04
C GLU G 55 -7.32 14.19 27.78
N ALA G 56 -6.27 14.73 27.17
CA ALA G 56 -5.68 14.13 25.98
C ALA G 56 -6.66 14.03 24.80
N ARG G 57 -7.52 15.03 24.66
CA ARG G 57 -8.48 15.04 23.57
C ARG G 57 -7.73 15.18 22.24
N HIS G 58 -8.26 14.56 21.19
CA HIS G 58 -7.65 14.61 19.86
C HIS G 58 -7.90 16.02 19.31
N VAL G 59 -6.88 16.88 19.39
CA VAL G 59 -7.01 18.25 18.89
C VAL G 59 -5.85 18.71 18.04
N TYR G 60 -6.18 19.27 16.88
CA TYR G 60 -5.21 19.80 15.92
C TYR G 60 -4.23 20.74 16.64
N GLY G 61 -2.93 20.49 16.48
CA GLY G 61 -1.95 21.36 17.09
C GLY G 61 -1.59 21.08 18.55
N LEU G 62 -2.37 20.22 19.20
CA LEU G 62 -2.13 19.85 20.58
C LEU G 62 -1.76 18.37 20.66
N THR G 63 -2.25 17.59 19.70
CA THR G 63 -1.96 16.15 19.65
C THR G 63 -1.77 15.67 18.21
N THR G 64 -1.61 16.61 17.28
CA THR G 64 -1.42 16.25 15.87
C THR G 64 -0.42 17.16 15.18
N GLY G 65 0.06 16.71 14.03
CA GLY G 65 0.98 17.52 13.26
C GLY G 65 0.14 18.60 12.61
N PHE G 66 0.68 19.27 11.59
CA PHE G 66 -0.05 20.34 10.92
C PHE G 66 -0.32 20.04 9.45
N GLY G 67 -1.35 20.67 8.90
CA GLY G 67 -1.69 20.43 7.51
C GLY G 67 -1.95 18.96 7.28
N PRO G 68 -1.52 18.42 6.14
CA PRO G 68 -1.71 17.01 5.80
C PRO G 68 -1.01 16.10 6.80
N LEU G 69 -0.07 16.67 7.54
CA LEU G 69 0.69 15.91 8.53
C LEU G 69 -0.08 15.72 9.84
N ALA G 70 -1.33 16.18 9.86
CA ALA G 70 -2.18 16.04 11.04
C ALA G 70 -2.47 14.57 11.35
N ASN G 71 -2.26 13.69 10.38
CA ASN G 71 -2.51 12.26 10.57
C ASN G 71 -1.44 11.63 11.46
N ARG G 72 -0.42 12.41 11.81
CA ARG G 72 0.65 11.94 12.69
C ARG G 72 0.30 12.45 14.08
N LEU G 73 -0.12 11.56 14.97
CA LEU G 73 -0.49 11.94 16.33
C LEU G 73 0.73 12.17 17.20
N ILE G 74 0.66 13.22 18.01
CA ILE G 74 1.77 13.62 18.88
C ILE G 74 1.54 13.44 20.38
N SER G 75 2.54 12.90 21.07
CA SER G 75 2.45 12.67 22.50
C SER G 75 2.65 13.99 23.24
N GLY G 76 1.93 14.17 24.34
CA GLY G 76 2.02 15.41 25.10
C GLY G 76 3.41 15.89 25.47
N GLU G 77 4.35 14.98 25.63
CA GLU G 77 5.71 15.32 26.01
C GLU G 77 6.44 16.15 24.94
N ASN G 78 5.96 16.09 23.69
CA ASN G 78 6.59 16.81 22.59
C ASN G 78 5.85 18.03 22.04
N VAL G 79 4.79 18.46 22.72
CA VAL G 79 3.98 19.58 22.24
C VAL G 79 4.74 20.92 22.20
N ARG G 80 5.61 21.15 23.17
CA ARG G 80 6.39 22.39 23.21
C ARG G 80 7.20 22.51 21.92
N THR G 81 7.84 21.41 21.54
CA THR G 81 8.64 21.36 20.33
C THR G 81 7.74 21.49 19.11
N LEU G 82 6.59 20.83 19.16
CA LEU G 82 5.62 20.87 18.07
C LEU G 82 5.26 22.32 17.71
N GLN G 83 4.82 23.07 18.71
CA GLN G 83 4.41 24.46 18.48
C GLN G 83 5.58 25.39 18.18
N ALA G 84 6.76 25.08 18.69
CA ALA G 84 7.92 25.92 18.42
C ALA G 84 8.30 25.78 16.95
N ASN G 85 8.17 24.56 16.42
CA ASN G 85 8.50 24.32 15.02
C ASN G 85 7.41 24.83 14.10
N LEU G 86 6.19 24.92 14.61
CA LEU G 86 5.09 25.44 13.81
C LEU G 86 5.48 26.88 13.43
N VAL G 87 5.87 27.66 14.43
CA VAL G 87 6.26 29.04 14.20
C VAL G 87 7.47 29.11 13.26
N HIS G 88 8.40 28.18 13.43
CA HIS G 88 9.60 28.13 12.59
C HIS G 88 9.32 27.87 11.13
N HIS G 89 8.59 26.79 10.83
CA HIS G 89 8.34 26.47 9.44
C HIS G 89 7.46 27.51 8.72
N LEU G 90 6.60 28.19 9.47
CA LEU G 90 5.72 29.20 8.87
C LEU G 90 6.41 30.54 8.59
N ALA G 91 7.57 30.77 9.19
CA ALA G 91 8.28 32.04 9.01
C ALA G 91 9.04 32.12 7.70
N SER G 92 8.33 31.92 6.60
CA SER G 92 8.92 31.97 5.27
C SER G 92 8.53 33.22 4.47
N GLY G 93 7.96 34.21 5.17
CA GLY G 93 7.54 35.41 4.49
C GLY G 93 8.66 36.25 3.89
N VAL G 94 8.35 36.98 2.84
CA VAL G 94 9.30 37.84 2.16
C VAL G 94 8.60 39.15 1.75
N GLY G 95 9.37 40.07 1.17
CA GLY G 95 8.81 41.34 0.73
C GLY G 95 8.86 42.44 1.78
N PRO G 96 8.49 43.68 1.39
CA PRO G 96 8.52 44.77 2.37
C PRO G 96 7.59 44.50 3.56
N VAL G 97 7.98 44.96 4.74
CA VAL G 97 7.17 44.75 5.93
C VAL G 97 5.90 45.59 5.87
N LEU G 98 4.87 45.13 6.58
CA LEU G 98 3.61 45.87 6.63
C LEU G 98 3.95 47.17 7.35
N ASP G 99 3.27 48.26 7.02
CA ASP G 99 3.57 49.51 7.71
C ASP G 99 3.12 49.44 9.17
N TRP G 100 3.68 50.33 9.98
CA TRP G 100 3.41 50.41 11.42
C TRP G 100 1.94 50.23 11.82
N THR G 101 1.06 51.04 11.24
CA THR G 101 -0.36 50.98 11.55
C THR G 101 -0.98 49.65 11.17
N THR G 102 -0.71 49.21 9.95
CA THR G 102 -1.26 47.96 9.44
C THR G 102 -0.81 46.75 10.24
N ALA G 103 0.46 46.71 10.63
CA ALA G 103 0.98 45.58 11.41
C ALA G 103 0.28 45.56 12.76
N ARG G 104 0.06 46.74 13.34
CA ARG G 104 -0.61 46.84 14.63
C ARG G 104 -2.08 46.45 14.49
N ALA G 105 -2.68 46.75 13.34
CA ALA G 105 -4.08 46.41 13.10
C ALA G 105 -4.19 44.88 13.07
N MET G 106 -3.15 44.22 12.55
CA MET G 106 -3.12 42.78 12.50
C MET G 106 -3.13 42.24 13.93
N VAL G 107 -2.25 42.77 14.77
CA VAL G 107 -2.16 42.35 16.16
C VAL G 107 -3.53 42.53 16.83
N LEU G 108 -4.16 43.67 16.58
CA LEU G 108 -5.47 43.97 17.14
C LEU G 108 -6.54 42.96 16.71
N ALA G 109 -6.56 42.63 15.42
CA ALA G 109 -7.53 41.69 14.89
C ALA G 109 -7.39 40.32 15.54
N ARG G 110 -6.16 39.91 15.87
CA ARG G 110 -5.97 38.62 16.52
C ARG G 110 -6.52 38.72 17.93
N LEU G 111 -6.22 39.84 18.60
CA LEU G 111 -6.69 40.07 19.96
C LEU G 111 -8.23 40.05 20.06
N VAL G 112 -8.89 40.77 19.15
CA VAL G 112 -10.36 40.81 19.16
C VAL G 112 -10.94 39.40 19.06
N SER G 113 -10.39 38.59 18.16
CA SER G 113 -10.84 37.22 18.01
C SER G 113 -10.66 36.50 19.35
N ILE G 114 -9.46 36.60 19.92
CA ILE G 114 -9.18 35.96 21.22
C ILE G 114 -10.15 36.38 22.31
N ALA G 115 -10.45 37.68 22.37
CA ALA G 115 -11.36 38.22 23.39
C ALA G 115 -12.75 37.59 23.40
N GLN G 116 -13.13 36.92 22.32
CA GLN G 116 -14.45 36.29 22.27
C GLN G 116 -14.48 35.07 23.19
N GLY G 117 -13.31 34.66 23.65
CA GLY G 117 -13.21 33.53 24.57
C GLY G 117 -13.34 32.13 24.03
N ALA G 118 -12.82 31.88 22.82
CA ALA G 118 -12.89 30.54 22.23
C ALA G 118 -11.53 30.09 21.70
N SER G 119 -10.46 30.81 22.07
CA SER G 119 -9.11 30.49 21.59
C SER G 119 -8.18 29.84 22.60
N GLY G 120 -8.53 29.91 23.88
CA GLY G 120 -7.70 29.31 24.91
C GLY G 120 -6.42 30.04 25.24
N ALA G 121 -6.24 31.26 24.73
CA ALA G 121 -5.03 32.04 25.00
C ALA G 121 -4.85 32.33 26.50
N SER G 122 -3.62 32.19 26.98
CA SER G 122 -3.32 32.45 28.39
C SER G 122 -3.34 33.94 28.68
N GLU G 123 -3.42 34.30 29.96
CA GLU G 123 -3.43 35.70 30.37
C GLU G 123 -2.19 36.44 29.89
N GLY G 124 -1.04 35.77 29.99
CA GLY G 124 0.21 36.40 29.57
C GLY G 124 0.26 36.65 28.08
N THR G 125 -0.26 35.71 27.30
CA THR G 125 -0.26 35.84 25.84
C THR G 125 -1.12 37.04 25.45
N ILE G 126 -2.26 37.18 26.12
CA ILE G 126 -3.16 38.28 25.86
C ILE G 126 -2.48 39.59 26.27
N ALA G 127 -1.72 39.54 27.36
CA ALA G 127 -1.03 40.74 27.83
C ALA G 127 0.01 41.20 26.81
N ARG G 128 0.73 40.26 26.21
CA ARG G 128 1.75 40.62 25.22
C ARG G 128 1.12 41.39 24.06
N LEU G 129 -0.08 40.99 23.64
CA LEU G 129 -0.74 41.68 22.53
C LEU G 129 -1.19 43.08 22.94
N ILE G 130 -1.81 43.18 24.12
CA ILE G 130 -2.27 44.45 24.64
C ILE G 130 -1.10 45.41 24.86
N ASP G 131 -0.01 44.90 25.44
CA ASP G 131 1.17 45.73 25.69
C ASP G 131 1.71 46.30 24.38
N LEU G 132 1.80 45.46 23.35
CA LEU G 132 2.28 45.91 22.05
C LEU G 132 1.42 47.08 21.57
N LEU G 133 0.11 46.91 21.62
CA LEU G 133 -0.83 47.94 21.16
C LEU G 133 -0.77 49.24 21.98
N ASN G 134 -0.45 49.13 23.26
CA ASN G 134 -0.36 50.32 24.09
C ASN G 134 1.02 50.96 24.00
N SER G 135 1.93 50.30 23.30
CA SER G 135 3.29 50.82 23.12
C SER G 135 3.35 51.63 21.82
N GLU G 136 4.50 52.22 21.54
CA GLU G 136 4.68 53.01 20.32
C GLU G 136 5.24 52.16 19.17
N LEU G 137 5.34 50.84 19.39
CA LEU G 137 5.90 49.95 18.38
C LEU G 137 4.92 49.05 17.63
N ALA G 138 5.44 48.42 16.59
CA ALA G 138 4.70 47.47 15.78
C ALA G 138 5.68 46.37 15.41
N PRO G 139 5.20 45.14 15.24
CA PRO G 139 6.15 44.08 14.86
C PRO G 139 6.47 44.27 13.37
N ALA G 140 7.69 43.91 12.98
CA ALA G 140 8.09 44.04 11.58
C ALA G 140 7.81 42.70 10.91
N VAL G 141 6.75 42.64 10.11
CA VAL G 141 6.43 41.38 9.44
C VAL G 141 6.36 41.50 7.92
N PRO G 142 6.95 40.55 7.20
CA PRO G 142 6.93 40.59 5.73
C PRO G 142 5.50 40.60 5.23
N SER G 143 5.26 41.32 4.15
CA SER G 143 3.91 41.44 3.60
C SER G 143 3.46 40.27 2.70
N ARG G 144 4.40 39.48 2.20
CA ARG G 144 4.05 38.35 1.33
C ARG G 144 4.35 36.99 1.93
N GLY G 145 3.64 35.98 1.44
CA GLY G 145 3.88 34.62 1.91
C GLY G 145 2.62 33.84 2.25
N THR G 146 1.52 34.54 2.46
CA THR G 146 0.28 33.87 2.82
C THR G 146 -0.76 33.79 1.69
N VAL G 147 -1.54 32.72 1.69
CA VAL G 147 -2.57 32.52 0.69
C VAL G 147 -3.93 32.80 1.33
N GLY G 148 -3.88 33.38 2.53
CA GLY G 148 -5.09 33.73 3.25
C GLY G 148 -5.98 32.58 3.67
N ASP G 150 -3.93 33.62 7.75
CA ASP G 150 -2.68 34.38 7.66
C ASP G 150 -1.56 33.85 8.55
N LEU G 151 -1.30 32.55 8.45
CA LEU G 151 -0.28 31.90 9.26
C LEU G 151 1.12 32.51 9.19
N THR G 152 1.60 32.76 7.97
CA THR G 152 2.96 33.29 7.83
C THR G 152 3.20 34.65 8.49
N PRO G 153 2.41 35.68 8.15
CA PRO G 153 2.73 36.94 8.85
C PRO G 153 2.55 36.84 10.38
N LEU G 154 1.59 36.04 10.82
CA LEU G 154 1.37 35.87 12.25
C LEU G 154 2.52 35.12 12.92
N ALA G 155 3.13 34.20 12.18
CA ALA G 155 4.26 33.44 12.72
C ALA G 155 5.41 34.43 12.92
N HIS G 156 5.59 35.33 11.97
CA HIS G 156 6.63 36.34 12.05
C HIS G 156 6.36 37.25 13.26
N MET G 157 5.09 37.54 13.50
CA MET G 157 4.70 38.38 14.63
C MET G 157 5.10 37.69 15.94
N VAL G 158 4.84 36.39 16.04
CA VAL G 158 5.19 35.65 17.25
C VAL G 158 6.69 35.74 17.52
N LEU G 159 7.49 35.59 16.47
CA LEU G 159 8.94 35.67 16.62
C LEU G 159 9.31 37.06 17.13
N CYS G 160 8.68 38.09 16.59
CA CYS G 160 8.95 39.46 17.01
C CYS G 160 8.63 39.61 18.52
N LEU G 161 7.44 39.20 18.92
CA LEU G 161 7.03 39.30 20.32
C LEU G 161 7.91 38.50 21.28
N GLN G 162 8.67 37.55 20.75
CA GLN G 162 9.57 36.75 21.58
C GLN G 162 10.94 37.41 21.57
N GLY G 163 11.06 38.52 20.84
CA GLY G 163 12.34 39.21 20.76
C GLY G 163 13.26 38.59 19.74
N ARG G 164 12.69 37.76 18.86
CA ARG G 164 13.46 37.07 17.82
C ARG G 164 13.12 37.60 16.43
N GLY G 165 12.54 38.80 16.39
CA GLY G 165 12.17 39.42 15.13
C GLY G 165 12.23 40.92 15.33
N ASP G 166 12.37 41.67 14.24
CA ASP G 166 12.45 43.13 14.31
C ASP G 166 11.14 43.82 14.68
N PHE G 167 11.26 45.09 15.06
CA PHE G 167 10.11 45.92 15.42
C PHE G 167 10.22 47.20 14.60
N LEU G 168 9.12 47.94 14.49
CA LEU G 168 9.11 49.20 13.76
C LEU G 168 8.63 50.29 14.69
N ASP G 169 9.22 51.48 14.56
CA ASP G 169 8.79 52.62 15.36
C ASP G 169 7.81 53.34 14.43
N ARG G 170 7.09 54.33 14.94
CA ARG G 170 6.11 55.04 14.13
C ARG G 170 6.65 55.55 12.79
N ASP G 171 7.93 55.90 12.74
CA ASP G 171 8.53 56.40 11.50
C ASP G 171 8.99 55.31 10.54
N GLY G 172 8.79 54.06 10.93
CA GLY G 172 9.20 52.96 10.07
C GLY G 172 10.63 52.51 10.33
N THR G 173 11.27 53.12 11.34
CA THR G 173 12.64 52.77 11.69
C THR G 173 12.65 51.37 12.31
N ARG G 174 13.53 50.51 11.82
CA ARG G 174 13.64 49.13 12.30
C ARG G 174 14.53 48.99 13.54
N LEU G 175 14.08 48.17 14.49
CA LEU G 175 14.82 47.89 15.71
C LEU G 175 14.92 46.38 15.81
N ASP G 176 16.04 45.86 16.31
CA ASP G 176 16.13 44.40 16.42
C ASP G 176 15.23 43.96 17.59
N GLY G 177 15.01 42.66 17.69
CA GLY G 177 14.14 42.12 18.73
C GLY G 177 14.43 42.54 20.15
N ALA G 178 15.68 42.44 20.55
CA ALA G 178 16.08 42.80 21.91
C ALA G 178 15.80 44.27 22.19
N GLU G 179 16.16 45.15 21.26
CA GLU G 179 15.93 46.58 21.43
C GLU G 179 14.45 46.93 21.40
N GLY G 180 13.69 46.17 20.62
CA GLY G 180 12.26 46.42 20.54
C GLY G 180 11.60 46.18 21.88
N LEU G 181 11.94 45.08 22.53
CA LEU G 181 11.36 44.75 23.82
C LEU G 181 11.73 45.81 24.87
N ARG G 182 12.97 46.30 24.83
CA ARG G 182 13.39 47.33 25.79
C ARG G 182 12.66 48.63 25.48
N ARG G 183 12.74 49.07 24.23
CA ARG G 183 12.10 50.30 23.78
C ARG G 183 10.61 50.36 24.09
N GLY G 184 9.91 49.26 23.86
CA GLY G 184 8.49 49.27 24.12
C GLY G 184 8.12 48.83 25.51
N ARG G 185 9.12 48.50 26.32
CA ARG G 185 8.89 48.02 27.69
C ARG G 185 7.91 46.84 27.59
N LEU G 186 8.32 45.84 26.82
CA LEU G 186 7.53 44.65 26.58
C LEU G 186 8.23 43.42 27.17
N GLN G 187 7.44 42.44 27.58
CA GLN G 187 7.99 41.21 28.13
C GLN G 187 7.99 40.18 27.01
N PRO G 188 9.03 39.34 26.95
CA PRO G 188 9.06 38.33 25.88
C PRO G 188 7.86 37.39 25.95
N LEU G 189 7.31 37.07 24.80
CA LEU G 189 6.16 36.18 24.70
C LEU G 189 6.57 34.77 25.11
N ASP G 190 5.82 34.18 26.04
CA ASP G 190 6.09 32.83 26.54
C ASP G 190 4.91 31.91 26.21
N LEU G 191 5.14 30.91 25.36
CA LEU G 191 4.08 29.99 24.93
C LEU G 191 4.07 28.64 25.66
N SER G 192 4.52 28.64 26.91
CA SER G 192 4.56 27.41 27.70
C SER G 192 3.19 26.78 27.96
N HIS G 193 2.12 27.58 27.88
CA HIS G 193 0.78 27.02 28.09
C HIS G 193 0.26 26.29 26.86
N ARG G 194 1.10 26.19 25.83
CA ARG G 194 0.73 25.50 24.58
C ARG G 194 -0.41 26.21 23.86
N ASP G 195 -0.46 27.53 23.97
CA ASP G 195 -1.49 28.33 23.32
C ASP G 195 -1.01 29.01 22.04
N ALA G 196 0.01 28.43 21.40
CA ALA G 196 0.55 29.00 20.17
C ALA G 196 -0.50 29.17 19.06
N LEU G 197 -1.48 28.28 19.00
CA LEU G 197 -2.49 28.37 17.95
C LEU G 197 -3.46 29.53 18.15
N ALA G 198 -3.40 30.18 19.31
CA ALA G 198 -4.27 31.32 19.55
C ALA G 198 -3.66 32.53 18.85
N LEU G 199 -2.37 32.45 18.51
CA LEU G 199 -1.66 33.54 17.85
C LEU G 199 -1.39 33.32 16.37
N VAL G 200 -1.17 32.07 15.98
CA VAL G 200 -0.93 31.74 14.57
C VAL G 200 -2.23 31.12 14.12
N ASN G 201 -3.16 31.97 13.70
CA ASN G 201 -4.47 31.49 13.28
C ASN G 201 -5.30 32.63 12.72
N GLY G 202 -6.39 32.28 12.05
CA GLY G 202 -7.30 33.28 11.53
C GLY G 202 -6.92 34.17 10.36
N THR G 203 -7.72 35.22 10.18
CA THR G 203 -7.53 36.16 9.07
C THR G 203 -7.05 37.53 9.56
N SER G 204 -6.24 37.53 10.60
CA SER G 204 -5.73 38.77 11.20
C SER G 204 -5.02 39.77 10.29
N ALA G 205 -4.13 39.28 9.43
CA ALA G 205 -3.40 40.16 8.53
C ALA G 205 -4.30 40.87 7.53
N MET G 206 -5.04 40.10 6.74
CA MET G 206 -5.91 40.69 5.73
C MET G 206 -6.95 41.61 6.39
N THR G 207 -7.41 41.23 7.58
CA THR G 207 -8.40 42.02 8.28
C THR G 207 -7.79 43.36 8.73
N GLY G 208 -6.57 43.31 9.25
CA GLY G 208 -5.90 44.52 9.68
C GLY G 208 -5.62 45.45 8.50
N ILE G 209 -5.20 44.86 7.39
CA ILE G 209 -4.92 45.65 6.20
C ILE G 209 -6.23 46.31 5.73
N ALA G 210 -7.29 45.51 5.70
CA ALA G 210 -8.60 45.99 5.26
C ALA G 210 -9.14 47.10 6.15
N LEU G 211 -8.95 47.00 7.46
CA LEU G 211 -9.48 48.04 8.33
C LEU G 211 -8.74 49.37 8.11
N VAL G 212 -7.46 49.30 7.77
CA VAL G 212 -6.71 50.52 7.49
C VAL G 212 -7.21 51.04 6.14
N ASN G 213 -7.48 50.14 5.20
CA ASN G 213 -8.01 50.54 3.89
C ASN G 213 -9.33 51.28 4.07
N ALA G 214 -10.17 50.75 4.96
CA ALA G 214 -11.48 51.34 5.24
C ALA G 214 -11.38 52.77 5.74
N HIS G 215 -10.49 52.98 6.70
CA HIS G 215 -10.31 54.31 7.28
C HIS G 215 -9.82 55.30 6.24
N ALA G 216 -8.83 54.89 5.45
CA ALA G 216 -8.27 55.75 4.41
C ALA G 216 -9.30 56.10 3.34
N CYS G 217 -10.15 55.14 2.97
CA CYS G 217 -11.16 55.40 1.97
C CYS G 217 -12.18 56.42 2.42
N ARG G 218 -12.48 56.43 3.72
CA ARG G 218 -13.44 57.39 4.26
C ARG G 218 -12.91 58.80 4.05
N HIS G 219 -11.63 59.01 4.36
CA HIS G 219 -11.02 60.33 4.19
C HIS G 219 -10.91 60.70 2.71
N LEU G 220 -10.46 59.77 1.88
CA LEU G 220 -10.31 60.05 0.46
C LEU G 220 -11.68 60.31 -0.16
N GLY G 221 -12.71 59.66 0.36
CA GLY G 221 -14.05 59.88 -0.16
C GLY G 221 -14.51 61.30 0.17
N ASN G 222 -14.14 61.78 1.35
CA ASN G 222 -14.51 63.14 1.75
C ASN G 222 -13.76 64.14 0.87
N TRP G 223 -12.55 63.79 0.46
CA TRP G 223 -11.78 64.67 -0.41
C TRP G 223 -12.34 64.64 -1.84
N ALA G 224 -12.82 63.48 -2.27
CA ALA G 224 -13.37 63.37 -3.62
C ALA G 224 -14.59 64.27 -3.71
N VAL G 225 -15.38 64.30 -2.63
CA VAL G 225 -16.56 65.14 -2.58
C VAL G 225 -16.21 66.63 -2.49
N ALA G 226 -15.27 66.98 -1.62
CA ALA G 226 -14.88 68.39 -1.47
C ALA G 226 -14.24 68.96 -2.73
N LEU G 227 -13.47 68.14 -3.43
CA LEU G 227 -12.81 68.61 -4.64
C LEU G 227 -13.78 68.71 -5.81
N THR G 228 -14.74 67.78 -5.88
CA THR G 228 -15.73 67.81 -6.94
C THR G 228 -16.51 69.12 -6.77
N ALA G 229 -16.87 69.42 -5.53
CA ALA G 229 -17.62 70.64 -5.22
C ALA G 229 -16.83 71.90 -5.60
N LEU G 230 -15.54 71.92 -5.27
CA LEU G 230 -14.69 73.06 -5.58
C LEU G 230 -14.53 73.18 -7.10
N LEU G 231 -14.51 72.04 -7.79
CA LEU G 231 -14.38 72.04 -9.24
C LEU G 231 -15.58 72.77 -9.83
N ALA G 232 -16.75 72.52 -9.24
CA ALA G 232 -17.98 73.17 -9.69
C ALA G 232 -17.87 74.68 -9.49
N GLU G 233 -17.22 75.11 -8.41
CA GLU G 233 -17.08 76.54 -8.16
C GLU G 233 -16.06 77.16 -9.12
N CYS G 234 -15.17 76.34 -9.68
CA CYS G 234 -14.17 76.84 -10.62
C CYS G 234 -14.65 76.80 -12.06
N LEU G 235 -15.67 76.00 -12.34
CA LEU G 235 -16.17 75.87 -13.70
C LEU G 235 -17.65 76.26 -13.86
N ARG G 236 -18.19 76.99 -12.90
CA ARG G 236 -19.59 77.41 -12.93
C ARG G 236 -20.54 76.22 -13.08
N GLY G 237 -20.24 75.14 -12.37
CA GLY G 237 -21.07 73.94 -12.44
C GLY G 237 -22.50 74.15 -11.97
N ARG G 238 -23.40 73.34 -12.50
CA ARG G 238 -24.82 73.41 -12.17
C ARG G 238 -25.19 72.52 -10.99
N THR G 239 -25.81 73.13 -9.97
CA THR G 239 -26.21 72.38 -8.78
C THR G 239 -27.52 71.61 -8.91
N GLU G 240 -28.30 71.87 -9.95
CA GLU G 240 -29.57 71.14 -10.06
C GLU G 240 -29.34 69.65 -10.29
N ALA G 241 -28.17 69.29 -10.82
CA ALA G 241 -27.85 67.88 -11.01
C ALA G 241 -27.68 67.20 -9.66
N TRP G 242 -27.37 68.00 -8.63
CA TRP G 242 -27.16 67.45 -7.31
C TRP G 242 -28.38 67.59 -6.39
N ALA G 243 -29.52 67.94 -6.96
CA ALA G 243 -30.74 68.13 -6.17
C ALA G 243 -31.20 66.86 -5.44
N ALA G 244 -31.71 67.05 -4.22
CA ALA G 244 -32.20 65.92 -3.43
C ALA G 244 -33.29 65.17 -4.16
N ALA G 245 -34.14 65.89 -4.89
CA ALA G 245 -35.23 65.26 -5.63
C ALA G 245 -34.74 64.13 -6.55
N LEU G 246 -33.58 64.33 -7.17
CA LEU G 246 -33.01 63.31 -8.05
C LEU G 246 -32.60 62.08 -7.26
N SER G 247 -32.10 62.31 -6.05
CA SER G 247 -31.69 61.23 -5.17
C SER G 247 -32.89 60.37 -4.77
N ASP G 248 -33.99 61.04 -4.44
CA ASP G 248 -35.21 60.33 -4.03
C ASP G 248 -35.77 59.45 -5.14
N LEU G 249 -35.56 59.87 -6.39
CA LEU G 249 -36.06 59.12 -7.54
C LEU G 249 -35.24 57.84 -7.79
N ARG G 250 -33.98 57.87 -7.38
CA ARG G 250 -33.09 56.72 -7.54
C ARG G 250 -32.39 56.60 -6.19
N PRO G 251 -33.15 56.18 -5.16
CA PRO G 251 -32.73 56.01 -3.76
C PRO G 251 -31.59 55.12 -3.31
N HIS G 252 -30.46 55.14 -4.00
CA HIS G 252 -29.29 54.36 -3.56
C HIS G 252 -28.76 55.20 -2.39
N PRO G 253 -28.58 54.60 -1.20
CA PRO G 253 -28.08 55.36 -0.06
C PRO G 253 -26.79 56.16 -0.32
N GLY G 254 -25.81 55.52 -0.94
CA GLY G 254 -24.55 56.19 -1.23
C GLY G 254 -24.69 57.42 -2.11
N GLN G 255 -25.62 57.35 -3.06
CA GLN G 255 -25.84 58.45 -3.98
C GLN G 255 -26.53 59.61 -3.26
N LYS G 256 -27.53 59.29 -2.45
CA LYS G 256 -28.26 60.30 -1.69
C LYS G 256 -27.28 61.04 -0.78
N ASP G 257 -26.38 60.29 -0.15
CA ASP G 257 -25.38 60.84 0.74
C ASP G 257 -24.37 61.71 -0.02
N ALA G 258 -23.88 61.21 -1.17
CA ALA G 258 -22.93 61.98 -1.97
C ALA G 258 -23.55 63.30 -2.42
N ALA G 259 -24.77 63.24 -2.95
CA ALA G 259 -25.46 64.44 -3.42
C ALA G 259 -25.65 65.46 -2.29
N ALA G 260 -26.05 64.97 -1.12
CA ALA G 260 -26.26 65.83 0.02
C ALA G 260 -24.96 66.51 0.43
N ARG G 261 -23.89 65.72 0.51
CA ARG G 261 -22.58 66.25 0.88
C ARG G 261 -22.08 67.25 -0.15
N LEU G 262 -22.36 67.02 -1.42
CA LEU G 262 -21.93 67.94 -2.47
C LEU G 262 -22.67 69.26 -2.29
N ARG G 263 -23.97 69.18 -2.04
CA ARG G 263 -24.79 70.37 -1.85
C ARG G 263 -24.29 71.19 -0.65
N ALA G 264 -23.91 70.50 0.42
CA ALA G 264 -23.42 71.18 1.61
C ALA G 264 -22.10 71.90 1.34
N ARG G 265 -21.22 71.25 0.58
CA ARG G 265 -19.92 71.83 0.25
C ARG G 265 -20.05 73.17 -0.50
N VAL G 266 -21.05 73.27 -1.37
CA VAL G 266 -21.22 74.50 -2.14
C VAL G 266 -22.24 75.48 -1.56
N ASP G 267 -22.76 75.18 -0.37
CA ASP G 267 -23.72 76.08 0.24
C ASP G 267 -23.04 77.43 0.46
N GLY G 268 -23.72 78.50 0.11
CA GLY G 268 -23.15 79.83 0.30
C GLY G 268 -22.27 80.28 -0.87
N SER G 269 -22.08 79.40 -1.85
CA SER G 269 -21.27 79.74 -3.01
C SER G 269 -22.05 80.64 -3.95
N ALA G 270 -21.35 81.53 -4.65
CA ALA G 270 -21.98 82.43 -5.61
C ALA G 270 -21.35 82.15 -6.96
N ARG G 271 -20.50 81.13 -7.00
CA ARG G 271 -19.79 80.74 -8.22
C ARG G 271 -20.45 79.60 -9.00
N VAL G 272 -21.40 78.92 -8.38
CA VAL G 272 -22.10 77.82 -9.05
C VAL G 272 -23.43 78.32 -9.63
N VAL G 273 -23.98 77.57 -10.59
CA VAL G 273 -25.25 77.93 -11.21
C VAL G 273 -26.33 77.15 -10.49
N ARG G 274 -27.29 77.86 -9.91
CA ARG G 274 -28.37 77.21 -9.16
C ARG G 274 -29.71 77.19 -9.87
N HIS G 275 -29.79 77.85 -11.01
CA HIS G 275 -31.04 77.90 -11.76
C HIS G 275 -31.43 76.53 -12.33
N VAL G 276 -32.72 76.23 -12.30
CA VAL G 276 -33.22 74.98 -12.86
C VAL G 276 -33.53 75.41 -14.30
N ILE G 277 -32.90 74.77 -15.28
CA ILE G 277 -33.11 75.18 -16.66
C ILE G 277 -34.53 75.06 -17.21
N ALA G 278 -35.31 74.13 -16.67
CA ALA G 278 -36.68 73.93 -17.15
C ALA G 278 -37.63 75.06 -16.76
N GLU G 279 -37.18 75.94 -15.87
CA GLU G 279 -38.01 77.06 -15.43
C GLU G 279 -38.16 78.08 -16.56
N ARG G 280 -37.13 78.15 -17.41
CA ARG G 280 -37.09 79.07 -18.53
C ARG G 280 -38.07 78.69 -19.64
N ARG G 281 -38.85 79.66 -20.12
CA ARG G 281 -39.77 79.40 -21.22
C ARG G 281 -39.13 80.02 -22.46
N LEU G 282 -39.04 79.22 -23.52
CA LEU G 282 -38.42 79.70 -24.75
C LEU G 282 -39.37 80.38 -25.72
N ASP G 283 -38.87 81.39 -26.40
CA ASP G 283 -39.65 82.12 -27.41
C ASP G 283 -38.97 81.82 -28.74
N ALA G 284 -39.67 82.05 -29.85
CA ALA G 284 -39.11 81.78 -31.17
C ALA G 284 -37.75 82.44 -31.36
N GLY G 285 -37.62 83.67 -30.90
CA GLY G 285 -36.36 84.39 -31.04
C GLY G 285 -35.16 83.74 -30.37
N ASP G 286 -35.42 82.90 -29.37
CA ASP G 286 -34.33 82.23 -28.65
C ASP G 286 -33.74 81.04 -29.41
N ILE G 287 -34.53 80.46 -30.31
CA ILE G 287 -34.08 79.30 -31.08
C ILE G 287 -32.83 79.54 -31.90
N GLY G 288 -31.79 78.76 -31.60
CA GLY G 288 -30.52 78.86 -32.30
C GLY G 288 -29.49 78.12 -31.47
N THR G 289 -28.22 78.48 -31.66
CA THR G 289 -27.14 77.83 -30.92
C THR G 289 -26.68 78.73 -29.77
N GLU G 290 -26.81 78.24 -28.55
CA GLU G 290 -26.41 79.01 -27.39
C GLU G 290 -24.94 78.75 -27.05
N PRO G 291 -24.32 79.67 -26.30
CA PRO G 291 -22.91 79.53 -25.90
C PRO G 291 -22.58 78.23 -25.17
N GLU G 292 -23.44 77.85 -24.22
CA GLU G 292 -23.22 76.62 -23.45
C GLU G 292 -24.46 75.74 -23.37
N ALA G 293 -24.25 74.43 -23.25
CA ALA G 293 -25.36 73.49 -23.13
C ALA G 293 -25.94 73.67 -21.74
N GLY G 294 -27.21 73.28 -21.56
CA GLY G 294 -27.86 73.42 -20.27
C GLY G 294 -27.42 72.43 -19.20
N GLN G 295 -26.55 71.49 -19.55
CA GLN G 295 -26.08 70.50 -18.57
C GLN G 295 -24.55 70.37 -18.62
N ASP G 296 -23.94 70.01 -17.48
CA ASP G 296 -22.49 69.85 -17.40
C ASP G 296 -22.05 68.49 -17.92
N ALA G 297 -20.75 68.34 -18.14
CA ALA G 297 -20.19 67.06 -18.56
C ALA G 297 -20.39 66.14 -17.36
N TYR G 298 -20.27 64.84 -17.59
CA TYR G 298 -20.49 63.85 -16.54
C TYR G 298 -19.60 63.95 -15.29
N SER G 299 -18.35 64.37 -15.45
CA SER G 299 -17.46 64.48 -14.31
C SER G 299 -18.01 65.41 -13.23
N LEU G 300 -19.05 66.16 -13.57
CA LEU G 300 -19.71 67.04 -12.61
C LEU G 300 -21.15 66.60 -12.43
N ARG G 301 -21.89 66.51 -13.54
CA ARG G 301 -23.30 66.13 -13.50
C ARG G 301 -23.60 64.75 -12.91
N CYS G 302 -22.72 63.78 -13.16
CA CYS G 302 -22.94 62.42 -12.65
C CYS G 302 -22.07 62.08 -11.45
N ALA G 303 -21.57 63.08 -10.75
CA ALA G 303 -20.73 62.85 -9.59
C ALA G 303 -21.49 62.12 -8.47
N PRO G 304 -22.77 62.47 -8.24
CA PRO G 304 -23.52 61.79 -7.18
C PRO G 304 -23.65 60.28 -7.44
N GLN G 305 -23.84 59.93 -8.71
CA GLN G 305 -24.00 58.54 -9.14
C GLN G 305 -22.71 57.74 -9.08
N VAL G 306 -21.61 58.34 -9.55
CA VAL G 306 -20.32 57.66 -9.54
C VAL G 306 -19.79 57.58 -8.11
N LEU G 307 -19.76 58.70 -7.40
CA LEU G 307 -19.28 58.70 -6.02
C LEU G 307 -20.17 57.80 -5.15
N GLY G 308 -21.48 57.87 -5.38
CA GLY G 308 -22.42 57.08 -4.60
C GLY G 308 -22.24 55.57 -4.75
N ALA G 309 -21.92 55.13 -5.96
CA ALA G 309 -21.72 53.70 -6.21
C ALA G 309 -20.47 53.25 -5.45
N GLY G 310 -19.47 54.12 -5.40
CA GLY G 310 -18.25 53.81 -4.68
C GLY G 310 -18.51 53.75 -3.19
N PHE G 311 -19.33 54.69 -2.70
CA PHE G 311 -19.67 54.73 -1.27
C PHE G 311 -20.51 53.52 -0.86
N ASP G 312 -21.38 53.04 -1.74
CA ASP G 312 -22.19 51.88 -1.39
C ASP G 312 -21.31 50.64 -1.37
N THR G 313 -20.24 50.64 -2.16
CA THR G 313 -19.33 49.49 -2.19
C THR G 313 -18.51 49.48 -0.89
N LEU G 314 -18.12 50.68 -0.42
CA LEU G 314 -17.34 50.78 0.80
C LEU G 314 -18.22 50.38 1.99
N ALA G 315 -19.50 50.73 1.94
CA ALA G 315 -20.44 50.41 3.01
C ALA G 315 -20.56 48.89 3.15
N TRP G 316 -20.60 48.19 2.02
CA TRP G 316 -20.70 46.73 2.04
C TRP G 316 -19.39 46.16 2.58
N HIS G 317 -18.28 46.64 2.05
CA HIS G 317 -16.97 46.21 2.50
C HIS G 317 -16.88 46.38 4.02
N ASP G 318 -17.33 47.52 4.51
CA ASP G 318 -17.30 47.80 5.95
C ASP G 318 -18.25 46.94 6.80
N ARG G 319 -19.41 46.57 6.26
CA ARG G 319 -20.35 45.72 6.99
C ARG G 319 -19.70 44.35 7.16
N VAL G 320 -19.16 43.83 6.06
CA VAL G 320 -18.51 42.52 6.08
C VAL G 320 -17.27 42.54 6.96
N LEU G 321 -16.46 43.60 6.83
CA LEU G 321 -15.24 43.70 7.63
C LEU G 321 -15.56 43.81 9.11
N THR G 322 -16.61 44.53 9.46
CA THR G 322 -16.97 44.67 10.87
C THR G 322 -17.30 43.30 11.47
N ILE G 323 -17.99 42.46 10.70
CA ILE G 323 -18.32 41.13 11.19
C ILE G 323 -17.04 40.31 11.34
N GLU G 324 -16.17 40.38 10.33
CA GLU G 324 -14.91 39.62 10.35
C GLU G 324 -13.99 40.02 11.51
N LEU G 325 -13.84 41.32 11.72
CA LEU G 325 -12.98 41.82 12.80
C LEU G 325 -13.43 41.33 14.17
N ASN G 326 -14.74 41.27 14.36
CA ASN G 326 -15.33 40.84 15.63
C ASN G 326 -15.64 39.35 15.74
N ALA G 327 -15.17 38.57 14.77
CA ALA G 327 -15.42 37.14 14.76
C ALA G 327 -14.22 36.37 15.27
N VAL G 328 -14.41 35.06 15.42
CA VAL G 328 -13.35 34.16 15.83
C VAL G 328 -13.06 33.39 14.54
N THR G 329 -11.90 33.62 13.94
CA THR G 329 -11.53 32.94 12.70
C THR G 329 -10.54 31.81 12.94
N ASP G 330 -10.43 31.44 14.22
CA ASP G 330 -9.54 30.37 14.68
C ASP G 330 -9.97 28.97 14.33
N ASN G 331 -8.97 28.08 14.28
CA ASN G 331 -9.16 26.66 14.10
C ASN G 331 -7.96 26.02 14.78
N PRO G 332 -8.21 25.15 15.76
CA PRO G 332 -9.56 24.77 16.23
C PRO G 332 -10.09 25.82 17.20
N VAL G 333 -11.31 25.60 17.68
CA VAL G 333 -11.92 26.50 18.66
C VAL G 333 -12.46 25.67 19.81
N PHE G 334 -12.53 26.31 20.98
CA PHE G 334 -13.01 25.65 22.19
C PHE G 334 -14.31 26.36 22.59
N PRO G 335 -15.46 25.77 22.26
CA PRO G 335 -16.79 26.32 22.55
C PRO G 335 -16.98 26.77 24.00
N PRO G 336 -17.32 28.04 24.20
CA PRO G 336 -17.53 28.58 25.55
C PRO G 336 -18.64 27.87 26.32
N ASP G 337 -19.65 27.38 25.60
CA ASP G 337 -20.78 26.69 26.25
C ASP G 337 -20.43 25.29 26.75
N GLY G 338 -19.22 24.82 26.45
CA GLY G 338 -18.80 23.51 26.89
C GLY G 338 -19.48 22.31 26.24
N SER G 339 -20.20 22.55 25.15
CA SER G 339 -20.91 21.48 24.44
C SER G 339 -19.97 20.35 24.03
N VAL G 340 -18.87 20.70 23.37
CA VAL G 340 -17.87 19.72 22.96
C VAL G 340 -16.52 20.31 23.36
N PRO G 341 -15.49 19.47 23.47
CA PRO G 341 -14.14 19.91 23.86
C PRO G 341 -13.52 20.90 22.88
N ALA G 342 -13.78 20.70 21.60
CA ALA G 342 -13.26 21.58 20.56
C ALA G 342 -13.91 21.26 19.23
N LEU G 343 -13.90 22.23 18.32
CA LEU G 343 -14.49 22.06 17.00
C LEU G 343 -13.39 22.31 15.96
N HIS G 344 -13.41 21.53 14.89
CA HIS G 344 -12.45 21.68 13.81
C HIS G 344 -13.22 22.03 12.55
N GLY G 345 -12.86 23.15 11.93
CA GLY G 345 -13.55 23.59 10.74
C GLY G 345 -12.64 24.45 9.89
N GLY G 346 -13.19 25.45 9.24
CA GLY G 346 -12.35 26.30 8.39
C GLY G 346 -12.68 27.78 8.45
N ASN G 347 -12.91 28.31 9.65
CA ASN G 347 -13.23 29.74 9.77
C ASN G 347 -12.06 30.67 9.46
N PHE G 348 -10.92 30.08 9.13
CA PHE G 348 -9.73 30.85 8.77
C PHE G 348 -9.73 31.17 7.27
N MET G 349 -10.67 30.61 6.52
CA MET G 349 -10.74 30.85 5.09
C MET G 349 -11.17 32.29 4.88
N GLY G 350 -10.26 33.14 4.41
CA GLY G 350 -10.58 34.56 4.24
C GLY G 350 -11.27 34.98 2.96
N GLN G 351 -12.29 34.24 2.55
CA GLN G 351 -12.98 34.58 1.31
C GLN G 351 -13.78 35.87 1.40
N HIS G 352 -14.32 36.19 2.58
CA HIS G 352 -15.10 37.42 2.74
C HIS G 352 -14.27 38.69 2.55
N VAL G 353 -13.08 38.73 3.16
CA VAL G 353 -12.23 39.91 2.99
C VAL G 353 -11.64 39.94 1.58
N ALA G 354 -11.43 38.77 0.99
CA ALA G 354 -10.88 38.72 -0.36
C ALA G 354 -11.86 39.32 -1.36
N LEU G 355 -13.12 38.92 -1.29
CA LEU G 355 -14.13 39.43 -2.22
C LEU G 355 -14.47 40.90 -1.99
N THR G 356 -14.53 41.32 -0.73
CA THR G 356 -14.84 42.72 -0.45
C THR G 356 -13.65 43.63 -0.77
N SER G 357 -12.43 43.11 -0.61
CA SER G 357 -11.25 43.91 -0.94
C SER G 357 -11.17 44.10 -2.45
N ASP G 358 -11.46 43.04 -3.20
CA ASP G 358 -11.43 43.13 -4.65
C ASP G 358 -12.52 44.08 -5.17
N ALA G 359 -13.71 44.02 -4.58
CA ALA G 359 -14.81 44.88 -5.01
C ALA G 359 -14.48 46.35 -4.71
N LEU G 360 -13.91 46.60 -3.54
CA LEU G 360 -13.54 47.96 -3.15
C LEU G 360 -12.41 48.47 -4.05
N ALA G 361 -11.48 47.60 -4.43
CA ALA G 361 -10.36 47.98 -5.29
C ALA G 361 -10.89 48.51 -6.63
N THR G 362 -11.92 47.85 -7.14
CA THR G 362 -12.52 48.25 -8.41
C THR G 362 -13.19 49.63 -8.22
N ALA G 363 -13.89 49.80 -7.11
CA ALA G 363 -14.58 51.05 -6.80
C ALA G 363 -13.57 52.20 -6.71
N VAL G 364 -12.44 51.94 -6.06
CA VAL G 364 -11.38 52.94 -5.90
C VAL G 364 -10.82 53.35 -7.27
N THR G 365 -10.61 52.37 -8.12
CA THR G 365 -10.08 52.66 -9.46
C THR G 365 -11.07 53.50 -10.25
N VAL G 366 -12.37 53.23 -10.08
CA VAL G 366 -13.39 53.99 -10.76
C VAL G 366 -13.43 55.43 -10.24
N LEU G 367 -13.39 55.62 -8.93
CA LEU G 367 -13.43 56.96 -8.38
C LEU G 367 -12.13 57.72 -8.70
N ALA G 368 -11.02 56.99 -8.79
CA ALA G 368 -9.75 57.62 -9.13
C ALA G 368 -9.84 58.10 -10.57
N GLY G 369 -10.55 57.32 -11.39
CA GLY G 369 -10.71 57.70 -12.79
C GLY G 369 -11.51 58.99 -12.90
N LEU G 370 -12.46 59.17 -12.00
CA LEU G 370 -13.29 60.39 -11.98
C LEU G 370 -12.42 61.61 -11.65
N ALA G 371 -11.55 61.48 -10.65
CA ALA G 371 -10.69 62.59 -10.26
C ALA G 371 -9.69 62.88 -11.38
N GLU G 372 -9.24 61.82 -12.06
CA GLU G 372 -8.29 61.99 -13.14
C GLU G 372 -8.92 62.74 -14.32
N ARG G 373 -10.21 62.48 -14.58
CA ARG G 373 -10.89 63.17 -15.67
C ARG G 373 -11.25 64.61 -15.25
N GLN G 374 -11.43 64.82 -13.95
CA GLN G 374 -11.75 66.15 -13.45
C GLN G 374 -10.51 67.04 -13.61
N ILE G 375 -9.34 66.43 -13.49
CA ILE G 375 -8.08 67.15 -13.66
C ILE G 375 -7.89 67.42 -15.15
N ALA G 376 -8.20 66.42 -15.97
CA ALA G 376 -8.06 66.54 -17.41
C ALA G 376 -8.95 67.64 -17.97
N ARG G 377 -10.13 67.82 -17.39
CA ARG G 377 -11.05 68.85 -17.85
C ARG G 377 -10.66 70.24 -17.36
N LEU G 378 -10.31 70.33 -16.09
CA LEU G 378 -9.92 71.60 -15.47
C LEU G 378 -8.68 72.24 -16.10
N THR G 379 -7.72 71.42 -16.52
CA THR G 379 -6.49 71.90 -17.10
C THR G 379 -6.50 72.11 -18.62
N ASP G 380 -7.62 71.76 -19.26
CA ASP G 380 -7.77 71.89 -20.71
C ASP G 380 -8.38 73.25 -21.05
N GLU G 381 -7.59 74.13 -21.67
CA GLU G 381 -8.06 75.46 -22.03
C GLU G 381 -9.29 75.46 -22.94
N ARG G 382 -9.54 74.34 -23.62
CA ARG G 382 -10.70 74.24 -24.50
C ARG G 382 -11.95 73.83 -23.72
N LEU G 383 -11.74 73.27 -22.53
CA LEU G 383 -12.83 72.80 -21.70
C LEU G 383 -12.99 73.53 -20.36
N ASN G 384 -11.98 74.28 -19.92
CA ASN G 384 -12.08 74.94 -18.62
C ASN G 384 -12.75 76.30 -18.55
N ARG G 385 -13.44 76.68 -19.62
CA ARG G 385 -14.18 77.94 -19.64
C ARG G 385 -13.42 79.24 -19.31
N GLY G 386 -12.36 79.51 -20.04
CA GLY G 386 -11.62 80.75 -19.81
C GLY G 386 -10.38 80.69 -18.94
N LEU G 387 -10.13 79.57 -18.28
CA LEU G 387 -8.94 79.48 -17.43
C LEU G 387 -7.69 79.25 -18.26
N PRO G 388 -6.53 79.64 -17.74
CA PRO G 388 -5.27 79.47 -18.47
C PRO G 388 -4.97 78.00 -18.75
N PRO G 389 -4.31 77.71 -19.88
CA PRO G 389 -3.99 76.31 -20.19
C PRO G 389 -3.12 75.71 -19.07
N PHE G 390 -3.60 74.62 -18.50
CA PHE G 390 -2.88 73.94 -17.43
C PHE G 390 -2.71 74.82 -16.20
N LEU G 391 -3.59 75.82 -16.09
CA LEU G 391 -3.62 76.74 -14.96
C LEU G 391 -2.27 77.38 -14.66
N HIS G 392 -1.50 77.68 -15.70
CA HIS G 392 -0.19 78.28 -15.48
C HIS G 392 -0.31 79.76 -15.11
N ARG G 393 0.78 80.30 -14.58
CA ARG G 393 0.85 81.72 -14.24
C ARG G 393 2.14 82.22 -14.88
N GLY G 394 2.22 83.51 -15.19
CA GLY G 394 3.40 84.04 -15.84
C GLY G 394 3.18 83.90 -17.33
N PRO G 395 4.15 84.27 -18.18
CA PRO G 395 3.98 84.16 -19.63
C PRO G 395 3.70 82.74 -20.13
N ALA G 396 2.69 82.60 -20.99
CA ALA G 396 2.34 81.31 -21.55
C ALA G 396 3.50 80.84 -22.41
N GLY G 397 3.68 79.52 -22.51
CA GLY G 397 4.79 79.00 -23.30
C GLY G 397 6.02 78.88 -22.42
N LEU G 398 6.46 80.00 -21.87
CA LEU G 398 7.62 80.00 -20.98
C LEU G 398 7.25 79.23 -19.71
N ASN G 399 5.95 79.17 -19.43
CA ASN G 399 5.45 78.45 -18.25
C ASN G 399 4.35 77.47 -18.67
N SER G 400 4.40 76.26 -18.12
CA SER G 400 3.44 75.23 -18.45
C SER G 400 2.54 74.83 -17.28
N GLY G 401 2.75 75.46 -16.13
CA GLY G 401 1.95 75.18 -14.95
C GLY G 401 1.86 73.71 -14.53
N PHE G 402 0.64 73.19 -14.50
CA PHE G 402 0.39 71.80 -14.09
C PHE G 402 0.35 70.83 -15.26
N MET G 403 0.98 71.18 -16.39
CA MET G 403 0.97 70.31 -17.55
C MET G 403 1.60 68.95 -17.28
N GLY G 404 2.67 68.92 -16.49
CA GLY G 404 3.33 67.67 -16.16
C GLY G 404 2.57 66.89 -15.10
N ALA G 405 2.00 67.60 -14.13
CA ALA G 405 1.26 66.97 -13.06
C ALA G 405 0.00 66.28 -13.59
N GLN G 406 -0.59 66.86 -14.63
CA GLN G 406 -1.80 66.31 -15.24
C GLN G 406 -1.48 64.97 -15.90
N VAL G 407 -0.32 64.88 -16.56
CA VAL G 407 0.09 63.64 -17.22
C VAL G 407 0.45 62.60 -16.15
N THR G 408 1.02 63.06 -15.05
CA THR G 408 1.39 62.16 -13.97
C THR G 408 0.13 61.50 -13.39
N ALA G 409 -0.95 62.26 -13.24
CA ALA G 409 -2.19 61.69 -12.72
C ALA G 409 -2.69 60.59 -13.66
N THR G 410 -2.62 60.85 -14.97
CA THR G 410 -3.07 59.87 -15.95
C THR G 410 -2.21 58.61 -15.84
N ALA G 411 -0.92 58.79 -15.61
CA ALA G 411 -0.01 57.66 -15.47
C ALA G 411 -0.30 56.82 -14.24
N LEU G 412 -0.65 57.49 -13.14
CA LEU G 412 -0.96 56.79 -11.89
C LEU G 412 -2.24 55.96 -12.05
N LEU G 413 -3.21 56.52 -12.77
CA LEU G 413 -4.48 55.84 -13.00
C LEU G 413 -4.24 54.62 -13.89
N ALA G 414 -3.50 54.82 -14.98
CA ALA G 414 -3.21 53.74 -15.91
C ALA G 414 -2.57 52.56 -15.18
N GLU G 415 -1.67 52.85 -14.24
CA GLU G 415 -1.01 51.79 -13.50
C GLU G 415 -2.01 51.07 -12.59
N MET G 416 -2.93 51.82 -11.99
CA MET G 416 -3.95 51.22 -11.12
C MET G 416 -4.78 50.19 -11.91
N ARG G 417 -5.10 50.54 -13.15
CA ARG G 417 -5.92 49.67 -14.00
C ARG G 417 -5.26 48.36 -14.39
N ALA G 418 -3.94 48.31 -14.37
CA ALA G 418 -3.21 47.11 -14.76
C ALA G 418 -3.40 45.93 -13.82
N THR G 419 -3.77 46.22 -12.58
CA THR G 419 -3.95 45.18 -11.57
C THR G 419 -5.43 44.92 -11.31
N GLY G 420 -5.82 43.64 -11.37
CA GLY G 420 -7.21 43.28 -11.15
C GLY G 420 -7.44 42.53 -9.86
N PRO G 421 -8.61 41.89 -9.69
CA PRO G 421 -8.98 41.12 -8.50
C PRO G 421 -7.94 40.06 -8.17
N ALA G 422 -7.71 39.81 -6.89
CA ALA G 422 -6.75 38.79 -6.49
C ALA G 422 -7.45 37.45 -6.26
N SER G 423 -8.71 37.52 -5.84
CA SER G 423 -9.51 36.34 -5.53
C SER G 423 -9.65 35.24 -6.58
N ILE G 424 -9.62 35.62 -7.85
CA ILE G 424 -9.82 34.67 -8.92
C ILE G 424 -8.61 33.77 -9.19
N HIS G 425 -7.53 33.99 -8.45
CA HIS G 425 -6.30 33.24 -8.70
C HIS G 425 -5.99 32.10 -7.75
N SER G 426 -7.02 31.48 -7.18
CA SER G 426 -6.77 30.39 -6.26
C SER G 426 -6.05 29.25 -6.97
N ILE G 427 -5.10 28.66 -6.26
CA ILE G 427 -4.30 27.55 -6.77
C ILE G 427 -4.20 26.49 -5.69
N SER G 428 -4.43 25.23 -6.06
CA SER G 428 -4.35 24.13 -5.11
C SER G 428 -2.92 24.05 -4.58
N THR G 429 -2.75 24.03 -3.26
CA THR G 429 -1.40 23.97 -2.69
C THR G 429 -1.38 23.16 -1.38
N ASN G 430 -0.24 23.13 -0.70
CA ASN G 430 -0.11 22.37 0.54
C ASN G 430 -0.42 20.89 0.26
N ALA G 431 0.19 20.35 -0.79
CA ALA G 431 -0.02 18.95 -1.19
C ALA G 431 -1.50 18.69 -1.47
N ALA G 432 -2.14 19.68 -2.08
CA ALA G 432 -3.57 19.61 -2.44
C ALA G 432 -4.54 19.64 -1.25
N ASN G 433 -4.01 19.77 -0.04
CA ASN G 433 -4.88 19.85 1.14
C ASN G 433 -5.62 21.20 1.11
N GLN G 434 -4.90 22.25 0.74
CA GLN G 434 -5.52 23.56 0.64
C GLN G 434 -5.85 23.70 -0.85
N ASP G 435 -6.78 22.89 -1.33
CA ASP G 435 -7.10 22.91 -2.76
C ASP G 435 -7.81 24.18 -3.25
N VAL G 436 -8.29 24.99 -2.32
CA VAL G 436 -8.89 26.28 -2.63
C VAL G 436 -8.40 27.24 -1.54
N VAL G 437 -7.91 28.40 -1.95
CA VAL G 437 -7.43 29.41 -1.00
C VAL G 437 -8.06 30.76 -1.34
N SER G 438 -8.20 31.63 -0.33
CA SER G 438 -8.85 32.93 -0.55
C SER G 438 -8.01 34.04 -1.16
N LEU G 439 -6.72 34.08 -0.82
CA LEU G 439 -5.82 35.12 -1.29
C LEU G 439 -6.30 36.48 -0.78
N GLY G 440 -7.02 36.46 0.34
CA GLY G 440 -7.55 37.69 0.93
C GLY G 440 -6.53 38.73 1.34
N THR G 441 -5.35 38.28 1.76
CA THR G 441 -4.30 39.20 2.18
C THR G 441 -3.76 39.94 0.96
N ILE G 442 -3.58 39.20 -0.13
CA ILE G 442 -3.10 39.81 -1.37
C ILE G 442 -4.17 40.78 -1.86
N ALA G 443 -5.43 40.37 -1.78
CA ALA G 443 -6.54 41.24 -2.21
C ALA G 443 -6.56 42.56 -1.43
N ALA G 444 -6.41 42.49 -0.12
CA ALA G 444 -6.41 43.70 0.70
C ALA G 444 -5.20 44.57 0.39
N ARG G 445 -4.04 43.94 0.16
CA ARG G 445 -2.83 44.68 -0.15
C ARG G 445 -2.90 45.37 -1.52
N LEU G 446 -3.51 44.72 -2.49
CA LEU G 446 -3.64 45.31 -3.82
C LEU G 446 -4.61 46.48 -3.75
N CYS G 447 -5.60 46.37 -2.90
CA CYS G 447 -6.57 47.43 -2.74
C CYS G 447 -5.87 48.62 -2.09
N ARG G 448 -4.94 48.35 -1.18
CA ARG G 448 -4.20 49.42 -0.51
C ARG G 448 -3.39 50.21 -1.53
N GLU G 449 -2.68 49.51 -2.40
CA GLU G 449 -1.87 50.18 -3.42
C GLU G 449 -2.72 51.12 -4.27
N LYS G 450 -3.93 50.70 -4.60
CA LYS G 450 -4.83 51.52 -5.40
C LYS G 450 -5.29 52.74 -4.61
N ILE G 451 -5.48 52.56 -3.31
CA ILE G 451 -5.89 53.66 -2.45
C ILE G 451 -4.76 54.69 -2.39
N ASP G 452 -3.52 54.21 -2.33
CA ASP G 452 -2.37 55.12 -2.29
C ASP G 452 -2.30 55.93 -3.59
N ARG G 453 -2.54 55.26 -4.71
CA ARG G 453 -2.52 55.94 -6.02
C ARG G 453 -3.65 56.97 -6.09
N TRP G 454 -4.81 56.59 -5.57
CA TRP G 454 -5.98 57.48 -5.56
C TRP G 454 -5.67 58.76 -4.78
N ALA G 455 -4.98 58.61 -3.65
CA ALA G 455 -4.62 59.77 -2.82
C ALA G 455 -3.72 60.73 -3.59
N GLU G 456 -2.82 60.19 -4.40
CA GLU G 456 -1.92 61.01 -5.19
C GLU G 456 -2.66 61.76 -6.30
N ILE G 457 -3.60 61.08 -6.95
CA ILE G 457 -4.38 61.71 -8.01
C ILE G 457 -5.21 62.84 -7.41
N LEU G 458 -5.80 62.59 -6.24
CA LEU G 458 -6.61 63.60 -5.57
C LEU G 458 -5.71 64.78 -5.14
N ALA G 459 -4.49 64.47 -4.71
CA ALA G 459 -3.55 65.50 -4.29
C ALA G 459 -3.32 66.46 -5.47
N ILE G 460 -3.08 65.87 -6.64
CA ILE G 460 -2.84 66.66 -7.84
C ILE G 460 -4.08 67.52 -8.13
N LEU G 461 -5.25 66.90 -8.06
CA LEU G 461 -6.50 67.64 -8.30
C LEU G 461 -6.66 68.80 -7.31
N ALA G 462 -6.32 68.55 -6.05
CA ALA G 462 -6.42 69.58 -5.01
C ALA G 462 -5.50 70.77 -5.32
N LEU G 463 -4.28 70.48 -5.75
CA LEU G 463 -3.33 71.56 -6.05
C LEU G 463 -3.83 72.35 -7.25
N CYS G 464 -4.36 71.66 -8.25
CA CYS G 464 -4.88 72.32 -9.44
C CYS G 464 -6.07 73.21 -9.08
N LEU G 465 -6.93 72.71 -8.21
CA LEU G 465 -8.10 73.46 -7.80
C LEU G 465 -7.78 74.69 -6.97
N ALA G 466 -6.76 74.61 -6.13
CA ALA G 466 -6.36 75.76 -5.32
C ALA G 466 -5.97 76.87 -6.27
N GLN G 467 -5.17 76.51 -7.27
CA GLN G 467 -4.71 77.46 -8.27
C GLN G 467 -5.86 77.97 -9.12
N ALA G 468 -6.74 77.06 -9.55
CA ALA G 468 -7.88 77.44 -10.38
C ALA G 468 -8.81 78.40 -9.67
N ALA G 469 -9.01 78.16 -8.38
CA ALA G 469 -9.89 78.99 -7.55
C ALA G 469 -9.41 80.43 -7.49
N GLU G 470 -8.10 80.60 -7.31
CA GLU G 470 -7.48 81.91 -7.22
C GLU G 470 -7.48 82.58 -8.59
N LEU G 471 -7.23 81.82 -9.64
CA LEU G 471 -7.22 82.36 -11.00
C LEU G 471 -8.62 82.82 -11.42
N ARG G 472 -9.64 82.08 -10.99
CA ARG G 472 -11.02 82.41 -11.33
C ARG G 472 -11.64 83.48 -10.45
N CYS G 473 -11.36 83.41 -9.15
CA CYS G 473 -11.95 84.33 -8.19
C CYS G 473 -11.02 85.30 -7.48
N GLY G 474 -9.74 85.30 -7.87
CA GLY G 474 -8.78 86.18 -7.24
C GLY G 474 -8.26 85.59 -5.94
N SER G 475 -7.15 86.13 -5.44
CA SER G 475 -6.55 85.64 -4.21
C SER G 475 -7.54 85.71 -3.05
N GLY G 476 -8.49 86.65 -3.15
CA GLY G 476 -9.50 86.81 -2.11
C GLY G 476 -10.60 85.77 -2.19
N LEU G 477 -10.62 85.00 -3.27
CA LEU G 477 -11.62 83.95 -3.47
C LEU G 477 -13.05 84.49 -3.38
N ASP G 478 -13.33 85.54 -4.14
CA ASP G 478 -14.65 86.17 -4.13
C ASP G 478 -15.73 85.25 -4.70
N GLY G 479 -16.82 85.11 -3.96
CA GLY G 479 -17.92 84.27 -4.40
C GLY G 479 -17.76 82.80 -4.06
N VAL G 480 -16.59 82.41 -3.56
CA VAL G 480 -16.35 81.03 -3.18
C VAL G 480 -17.04 80.71 -1.87
N SER G 481 -17.62 79.51 -1.77
CA SER G 481 -18.33 79.07 -0.58
C SER G 481 -17.41 79.07 0.63
N PRO G 482 -17.98 79.13 1.85
CA PRO G 482 -17.16 79.12 3.06
C PRO G 482 -16.30 77.86 3.13
N ALA G 483 -16.90 76.73 2.78
CA ALA G 483 -16.19 75.45 2.81
C ALA G 483 -15.04 75.46 1.81
N GLY G 484 -15.30 75.97 0.61
CA GLY G 484 -14.27 76.03 -0.41
C GLY G 484 -13.11 76.92 0.00
N LYS G 485 -13.44 78.08 0.56
CA LYS G 485 -12.42 79.03 1.02
C LYS G 485 -11.55 78.40 2.09
N LYS G 486 -12.19 77.78 3.08
CA LYS G 486 -11.49 77.14 4.17
C LYS G 486 -10.51 76.09 3.65
N LEU G 487 -10.94 75.31 2.66
CA LEU G 487 -10.11 74.27 2.07
C LEU G 487 -8.90 74.87 1.37
N VAL G 488 -9.12 75.85 0.52
CA VAL G 488 -8.02 76.48 -0.21
C VAL G 488 -7.03 77.15 0.74
N GLN G 489 -7.54 77.87 1.74
CA GLN G 489 -6.68 78.56 2.70
C GLN G 489 -5.82 77.56 3.48
N ALA G 490 -6.41 76.41 3.83
CA ALA G 490 -5.68 75.39 4.58
C ALA G 490 -4.54 74.81 3.74
N LEU G 491 -4.81 74.58 2.47
CA LEU G 491 -3.80 74.05 1.56
C LEU G 491 -2.68 75.05 1.41
N ARG G 492 -3.07 76.31 1.22
CA ARG G 492 -2.10 77.40 1.04
C ARG G 492 -1.20 77.61 2.25
N GLU G 493 -1.57 77.04 3.39
CA GLU G 493 -0.76 77.18 4.59
C GLU G 493 0.53 76.38 4.41
N GLN G 494 0.48 75.35 3.56
CA GLN G 494 1.65 74.50 3.33
C GLN G 494 2.09 74.42 1.87
N PHE G 495 1.20 74.75 0.95
CA PHE G 495 1.51 74.70 -0.47
C PHE G 495 1.24 76.03 -1.15
N PRO G 496 2.30 76.78 -1.47
CA PRO G 496 2.19 78.09 -2.11
C PRO G 496 1.63 78.03 -3.54
N PRO G 497 1.09 79.15 -4.01
CA PRO G 497 0.54 79.18 -5.37
C PRO G 497 1.64 78.94 -6.40
N LEU G 498 1.25 78.47 -7.58
CA LEU G 498 2.23 78.22 -8.64
C LEU G 498 2.31 79.48 -9.50
N GLU G 499 3.19 80.40 -9.11
CA GLU G 499 3.38 81.67 -9.83
C GLU G 499 4.32 81.52 -11.01
N THR G 500 5.16 80.48 -10.95
CA THR G 500 6.11 80.16 -12.00
C THR G 500 6.43 78.68 -11.83
N ASP G 501 6.63 77.98 -12.94
CA ASP G 501 6.91 76.54 -12.91
C ASP G 501 7.95 76.10 -11.90
N ARG G 502 7.64 75.01 -11.19
CA ARG G 502 8.55 74.44 -10.20
C ARG G 502 8.30 72.94 -10.02
N PRO G 503 9.28 72.20 -9.48
CA PRO G 503 9.08 70.75 -9.29
C PRO G 503 7.95 70.55 -8.29
N LEU G 504 6.96 69.74 -8.67
CA LEU G 504 5.79 69.49 -7.83
C LEU G 504 5.74 68.10 -7.20
N GLY G 505 6.61 67.21 -7.67
CA GLY G 505 6.64 65.84 -7.16
C GLY G 505 6.62 65.65 -5.66
N GLN G 506 7.49 66.36 -4.94
CA GLN G 506 7.54 66.22 -3.49
C GLN G 506 6.30 66.79 -2.81
N GLU G 507 5.76 67.87 -3.37
CA GLU G 507 4.56 68.47 -2.81
C GLU G 507 3.37 67.52 -2.96
N ILE G 508 3.28 66.88 -4.12
CA ILE G 508 2.20 65.93 -4.39
C ILE G 508 2.26 64.78 -3.38
N ALA G 509 3.45 64.22 -3.20
CA ALA G 509 3.63 63.11 -2.26
C ALA G 509 3.27 63.51 -0.83
N ALA G 510 3.68 64.71 -0.42
CA ALA G 510 3.38 65.17 0.94
C ALA G 510 1.89 65.39 1.15
N LEU G 511 1.22 65.95 0.15
CA LEU G 511 -0.21 66.20 0.25
C LEU G 511 -0.97 64.88 0.29
N ALA G 512 -0.56 63.94 -0.55
CA ALA G 512 -1.19 62.63 -0.61
C ALA G 512 -1.20 61.99 0.78
N THR G 513 -0.08 62.10 1.49
CA THR G 513 0.04 61.53 2.83
C THR G 513 -1.00 62.15 3.75
N HIS G 514 -1.19 63.46 3.62
CA HIS G 514 -2.16 64.18 4.44
C HIS G 514 -3.61 63.75 4.13
N LEU G 515 -3.94 63.64 2.86
CA LEU G 515 -5.29 63.26 2.45
C LEU G 515 -5.75 61.92 3.01
N LEU G 516 -4.81 60.99 3.17
CA LEU G 516 -5.13 59.66 3.68
C LEU G 516 -5.46 59.64 5.17
N GLN G 517 -5.05 60.67 5.89
CA GLN G 517 -5.27 60.69 7.34
C GLN G 517 -6.25 61.72 7.87
N GLN G 518 -6.56 62.73 7.06
CA GLN G 518 -7.48 63.77 7.48
C GLN G 518 -8.41 64.19 6.35
N SER G 519 -9.60 64.65 6.72
CA SER G 519 -10.58 65.11 5.76
C SER G 519 -10.61 66.64 5.78
N PRO G 520 -11.18 67.25 4.72
CA PRO G 520 -11.27 68.71 4.65
C PRO G 520 -12.42 69.24 5.52
N VAL G 521 -12.09 69.79 6.69
CA VAL G 521 -13.10 70.32 7.58
C VAL G 521 -12.62 71.63 8.18
N LYS H 8 39.62 48.34 -14.67
CA LYS H 8 38.17 48.10 -14.93
C LYS H 8 37.88 48.04 -16.43
N PRO H 9 37.14 47.01 -16.88
CA PRO H 9 36.78 46.84 -18.29
C PRO H 9 36.24 48.14 -18.87
N ALA H 10 36.51 48.40 -20.14
CA ALA H 10 36.04 49.62 -20.78
C ALA H 10 35.22 49.37 -22.03
N VAL H 11 34.03 49.96 -22.09
CA VAL H 11 33.15 49.82 -23.24
C VAL H 11 33.28 51.07 -24.10
N GLU H 12 33.79 50.90 -25.32
CA GLU H 12 33.93 52.04 -26.23
C GLU H 12 32.68 52.17 -27.08
N LEU H 13 31.93 53.23 -26.84
CA LEU H 13 30.70 53.49 -27.58
C LEU H 13 30.91 54.30 -28.85
N ASP H 14 30.45 53.74 -29.96
CA ASP H 14 30.55 54.42 -31.25
C ASP H 14 29.12 54.54 -31.77
N ARG H 15 28.63 53.47 -32.40
CA ARG H 15 27.28 53.45 -32.93
C ARG H 15 26.40 52.40 -32.26
N HIS H 16 26.95 51.20 -32.07
CA HIS H 16 26.20 50.09 -31.49
C HIS H 16 26.79 49.53 -30.21
N ILE H 17 25.90 49.12 -29.30
CA ILE H 17 26.28 48.52 -28.03
C ILE H 17 25.24 47.42 -27.78
N ASP H 18 25.69 46.23 -27.39
CA ASP H 18 24.75 45.14 -27.13
C ASP H 18 24.25 45.19 -25.69
N LEU H 19 23.23 44.38 -25.40
CA LEU H 19 22.63 44.36 -24.07
C LEU H 19 23.61 44.01 -22.94
N ASP H 20 24.51 43.06 -23.16
CA ASP H 20 25.47 42.71 -22.11
C ASP H 20 26.40 43.88 -21.80
N GLN H 21 26.85 44.59 -22.84
CA GLN H 21 27.74 45.73 -22.64
C GLN H 21 26.96 46.81 -21.88
N ALA H 22 25.72 47.04 -22.29
CA ALA H 22 24.87 48.03 -21.64
C ALA H 22 24.73 47.73 -20.16
N HIS H 23 24.47 46.47 -19.81
CA HIS H 23 24.32 46.11 -18.41
C HIS H 23 25.64 46.18 -17.66
N ALA H 24 26.74 45.89 -18.35
CA ALA H 24 28.06 45.96 -17.72
C ALA H 24 28.30 47.40 -17.24
N VAL H 25 27.99 48.36 -18.11
CA VAL H 25 28.16 49.76 -17.77
C VAL H 25 27.16 50.21 -16.70
N ALA H 26 25.89 49.87 -16.90
CA ALA H 26 24.85 50.24 -15.96
C ALA H 26 25.09 49.71 -14.55
N SER H 27 25.65 48.50 -14.46
CA SER H 27 25.91 47.88 -13.16
C SER H 27 27.27 48.26 -12.58
N GLY H 28 28.01 49.10 -13.29
CA GLY H 28 29.32 49.54 -12.80
C GLY H 28 30.43 48.54 -13.02
N GLY H 29 30.19 47.51 -13.83
CA GLY H 29 31.22 46.52 -14.09
C GLY H 29 32.23 47.00 -15.12
N ALA H 30 31.82 47.98 -15.92
CA ALA H 30 32.70 48.53 -16.95
C ALA H 30 32.55 50.04 -17.08
N ARG H 31 33.63 50.69 -17.51
CA ARG H 31 33.61 52.13 -17.71
C ARG H 31 33.12 52.36 -19.13
N ILE H 32 32.65 53.57 -19.41
CA ILE H 32 32.15 53.89 -20.74
C ILE H 32 33.06 54.98 -21.34
N VAL H 33 33.37 54.81 -22.62
CA VAL H 33 34.22 55.77 -23.33
C VAL H 33 33.60 56.04 -24.69
N LEU H 34 33.58 57.31 -25.10
CA LEU H 34 33.02 57.66 -26.39
C LEU H 34 34.11 57.55 -27.45
N ALA H 35 33.86 56.72 -28.47
CA ALA H 35 34.83 56.53 -29.55
C ALA H 35 35.04 57.83 -30.32
N PRO H 36 36.24 58.03 -30.88
CA PRO H 36 36.58 59.24 -31.65
C PRO H 36 35.53 59.61 -32.70
N PRO H 37 35.11 58.64 -33.54
CA PRO H 37 34.11 58.97 -34.57
C PRO H 37 32.79 59.42 -33.96
N ALA H 38 32.44 58.87 -32.81
CA ALA H 38 31.20 59.25 -32.13
C ALA H 38 31.33 60.69 -31.63
N ARG H 39 32.48 61.01 -31.08
CA ARG H 39 32.73 62.35 -30.56
C ARG H 39 32.58 63.36 -31.70
N ASP H 40 33.14 63.02 -32.85
CA ASP H 40 33.07 63.92 -34.01
C ASP H 40 31.65 64.10 -34.49
N ARG H 41 30.89 63.00 -34.60
CA ARG H 41 29.50 63.09 -35.04
C ARG H 41 28.70 64.00 -34.10
N CYS H 42 28.99 63.90 -32.81
CA CYS H 42 28.28 64.72 -31.82
C CYS H 42 28.69 66.18 -31.92
N ARG H 43 29.96 66.45 -32.14
CA ARG H 43 30.42 67.83 -32.27
C ARG H 43 29.73 68.45 -33.47
N ALA H 44 29.61 67.67 -34.55
CA ALA H 44 28.97 68.16 -35.76
C ALA H 44 27.49 68.44 -35.50
N SER H 45 26.88 67.63 -34.64
CA SER H 45 25.47 67.81 -34.30
C SER H 45 25.32 69.08 -33.45
N GLU H 46 26.24 69.26 -32.52
CA GLU H 46 26.24 70.44 -31.64
C GLU H 46 26.28 71.68 -32.52
N ALA H 47 27.08 71.62 -33.58
CA ALA H 47 27.22 72.74 -34.51
C ALA H 47 25.92 73.01 -35.24
N ARG H 48 25.24 71.94 -35.65
CA ARG H 48 23.98 72.08 -36.35
C ARG H 48 22.93 72.74 -35.47
N LEU H 49 22.94 72.41 -34.19
CA LEU H 49 21.98 73.01 -33.27
C LEU H 49 22.26 74.50 -33.20
N GLY H 50 23.54 74.85 -33.03
CA GLY H 50 23.92 76.26 -32.96
C GLY H 50 23.43 77.01 -34.18
N ALA H 51 23.59 76.39 -35.36
CA ALA H 51 23.17 77.00 -36.61
C ALA H 51 21.65 77.18 -36.64
N VAL H 52 20.91 76.16 -36.22
CA VAL H 52 19.46 76.23 -36.17
C VAL H 52 19.00 77.44 -35.38
N ILE H 53 19.57 77.62 -34.19
CA ILE H 53 19.22 78.73 -33.33
C ILE H 53 19.64 80.04 -33.97
N ARG H 54 20.83 80.03 -34.55
CA ARG H 54 21.39 81.19 -35.21
C ARG H 54 20.49 81.65 -36.35
N GLU H 55 19.97 80.69 -37.10
CA GLU H 55 19.10 80.96 -38.24
C GLU H 55 17.64 81.22 -37.87
N ALA H 56 17.33 81.12 -36.57
CA ALA H 56 15.98 81.35 -36.08
C ALA H 56 14.96 80.39 -36.70
N ARG H 57 15.34 79.12 -36.81
CA ARG H 57 14.45 78.11 -37.38
C ARG H 57 13.31 77.80 -36.43
N HIS H 58 12.14 77.52 -36.99
CA HIS H 58 10.97 77.17 -36.20
C HIS H 58 11.20 75.75 -35.67
N VAL H 59 11.59 75.64 -34.41
CA VAL H 59 11.84 74.34 -33.81
C VAL H 59 11.24 74.19 -32.41
N TYR H 60 10.63 73.04 -32.18
CA TYR H 60 9.99 72.71 -30.90
C TYR H 60 10.99 72.80 -29.74
N GLY H 61 10.69 73.63 -28.75
CA GLY H 61 11.58 73.73 -27.60
C GLY H 61 12.71 74.75 -27.73
N LEU H 62 12.92 75.25 -28.94
CA LEU H 62 13.97 76.24 -29.18
C LEU H 62 13.32 77.59 -29.45
N THR H 63 12.10 77.57 -29.98
CA THR H 63 11.36 78.79 -30.29
C THR H 63 9.85 78.60 -30.13
N THR H 64 9.45 77.59 -29.36
CA THR H 64 8.04 77.29 -29.14
C THR H 64 7.80 76.81 -27.71
N GLY H 65 6.54 76.77 -27.32
CA GLY H 65 6.20 76.29 -25.99
C GLY H 65 6.26 74.78 -26.04
N PHE H 66 5.66 74.10 -25.07
CA PHE H 66 5.66 72.64 -25.04
C PHE H 66 4.25 72.09 -25.05
N GLY H 67 4.09 70.85 -25.53
CA GLY H 67 2.79 70.24 -25.59
C GLY H 67 1.85 71.09 -26.43
N PRO H 68 0.58 71.23 -26.03
CA PRO H 68 -0.39 72.04 -26.77
C PRO H 68 -0.02 73.52 -26.78
N LEU H 69 0.96 73.89 -25.96
CA LEU H 69 1.41 75.28 -25.88
C LEU H 69 2.47 75.59 -26.93
N ALA H 70 2.69 74.66 -27.84
CA ALA H 70 3.67 74.82 -28.91
C ALA H 70 3.25 75.92 -29.89
N ASN H 71 1.95 76.21 -29.93
CA ASN H 71 1.44 77.24 -30.83
C ASN H 71 1.92 78.63 -30.38
N ARG H 72 2.49 78.70 -29.18
CA ARG H 72 3.03 79.94 -28.65
C ARG H 72 4.50 80.02 -29.04
N LEU H 73 4.83 80.91 -29.98
CA LEU H 73 6.21 81.05 -30.41
C LEU H 73 7.00 81.85 -29.38
N ILE H 74 8.26 81.47 -29.18
CA ILE H 74 9.12 82.13 -28.19
C ILE H 74 10.30 82.87 -28.83
N SER H 75 10.69 83.99 -28.24
CA SER H 75 11.82 84.77 -28.73
C SER H 75 13.10 84.12 -28.20
N GLY H 76 14.21 84.36 -28.89
CA GLY H 76 15.47 83.77 -28.46
C GLY H 76 16.00 84.31 -27.15
N GLU H 77 15.51 85.48 -26.76
CA GLU H 77 15.94 86.09 -25.52
C GLU H 77 15.34 85.43 -24.28
N ASN H 78 14.56 84.37 -24.49
CA ASN H 78 13.92 83.69 -23.37
C ASN H 78 14.05 82.17 -23.39
N VAL H 79 14.89 81.65 -24.27
CA VAL H 79 15.06 80.20 -24.38
C VAL H 79 15.62 79.55 -23.11
N ARG H 80 16.55 80.23 -22.44
CA ARG H 80 17.13 79.70 -21.22
C ARG H 80 16.02 79.46 -20.20
N THR H 81 15.16 80.46 -20.03
CA THR H 81 14.05 80.38 -19.10
C THR H 81 13.08 79.28 -19.51
N LEU H 82 12.82 79.21 -20.82
CA LEU H 82 11.91 78.21 -21.39
C LEU H 82 12.34 76.80 -21.01
N GLN H 83 13.58 76.45 -21.31
CA GLN H 83 14.08 75.12 -21.01
C GLN H 83 14.22 74.86 -19.51
N ALA H 84 14.48 75.92 -18.74
CA ALA H 84 14.60 75.76 -17.30
C ALA H 84 13.24 75.40 -16.73
N ASN H 85 12.18 76.05 -17.23
CA ASN H 85 10.85 75.76 -16.74
C ASN H 85 10.34 74.42 -17.26
N LEU H 86 10.89 73.97 -18.38
CA LEU H 86 10.50 72.69 -18.95
C LEU H 86 10.85 71.61 -17.92
N VAL H 87 12.11 71.62 -17.49
CA VAL H 87 12.59 70.67 -16.50
C VAL H 87 11.76 70.79 -15.22
N HIS H 88 11.41 72.02 -14.88
CA HIS H 88 10.62 72.30 -13.68
C HIS H 88 9.22 71.71 -13.69
N HIS H 89 8.40 72.07 -14.69
CA HIS H 89 7.04 71.57 -14.73
C HIS H 89 6.95 70.05 -14.90
N LEU H 90 8.01 69.45 -15.41
CA LEU H 90 8.04 67.99 -15.62
C LEU H 90 8.45 67.19 -14.38
N ALA H 91 9.11 67.84 -13.44
CA ALA H 91 9.57 67.16 -12.23
C ALA H 91 8.43 66.88 -11.26
N SER H 92 7.39 66.21 -11.74
CA SER H 92 6.22 65.87 -10.92
C SER H 92 6.15 64.39 -10.59
N GLY H 93 7.29 63.70 -10.69
CA GLY H 93 7.31 62.28 -10.40
C GLY H 93 7.09 61.94 -8.94
N VAL H 94 6.58 60.73 -8.69
CA VAL H 94 6.34 60.26 -7.33
C VAL H 94 6.64 58.76 -7.28
N GLY H 95 6.55 58.17 -6.09
CA GLY H 95 6.82 56.75 -5.96
C GLY H 95 8.25 56.42 -5.61
N PRO H 96 8.55 55.16 -5.27
CA PRO H 96 9.93 54.80 -4.93
C PRO H 96 10.88 55.08 -6.08
N VAL H 97 12.12 55.41 -5.76
CA VAL H 97 13.10 55.71 -6.79
C VAL H 97 13.54 54.46 -7.53
N LEU H 98 13.99 54.63 -8.76
CA LEU H 98 14.47 53.50 -9.54
C LEU H 98 15.73 53.04 -8.82
N ASP H 99 16.00 51.75 -8.84
CA ASP H 99 17.19 51.26 -8.16
C ASP H 99 18.45 51.75 -8.89
N TRP H 100 19.56 51.75 -8.16
CA TRP H 100 20.86 52.20 -8.66
C TRP H 100 21.17 51.76 -10.10
N THR H 101 21.15 50.46 -10.35
CA THR H 101 21.45 49.94 -11.68
C THR H 101 20.50 50.43 -12.76
N THR H 102 19.22 50.45 -12.44
CA THR H 102 18.20 50.88 -13.39
C THR H 102 18.30 52.36 -13.71
N ALA H 103 18.48 53.19 -12.68
CA ALA H 103 18.61 54.63 -12.90
C ALA H 103 19.79 54.91 -13.81
N ARG H 104 20.86 54.15 -13.66
CA ARG H 104 22.05 54.33 -14.48
C ARG H 104 21.80 53.82 -15.90
N ALA H 105 20.98 52.77 -16.03
CA ALA H 105 20.67 52.22 -17.33
C ALA H 105 19.93 53.28 -18.14
N MET H 106 19.11 54.07 -17.45
CA MET H 106 18.34 55.14 -18.08
C MET H 106 19.30 56.20 -18.61
N VAL H 107 20.26 56.60 -17.78
CA VAL H 107 21.25 57.59 -18.18
C VAL H 107 21.98 57.07 -19.42
N LEU H 108 22.34 55.80 -19.40
CA LEU H 108 23.04 55.19 -20.52
C LEU H 108 22.19 55.23 -21.77
N ALA H 109 20.91 54.88 -21.64
CA ALA H 109 20.00 54.87 -22.77
C ALA H 109 19.98 56.22 -23.48
N ARG H 110 19.88 57.30 -22.69
CA ARG H 110 19.85 58.63 -23.27
C ARG H 110 21.19 58.94 -23.97
N LEU H 111 22.29 58.50 -23.36
CA LEU H 111 23.63 58.73 -23.94
C LEU H 111 23.81 58.01 -25.27
N VAL H 112 23.37 56.75 -25.35
CA VAL H 112 23.49 56.00 -26.59
C VAL H 112 22.75 56.69 -27.71
N SER H 113 21.55 57.20 -27.40
CA SER H 113 20.77 57.91 -28.40
C SER H 113 21.52 59.14 -28.89
N ILE H 114 22.06 59.91 -27.94
CA ILE H 114 22.81 61.12 -28.26
C ILE H 114 24.05 60.80 -29.10
N ALA H 115 24.74 59.73 -28.73
CA ALA H 115 25.96 59.31 -29.43
C ALA H 115 25.75 59.12 -30.93
N GLN H 116 24.50 58.97 -31.35
CA GLN H 116 24.21 58.77 -32.77
C GLN H 116 24.47 60.05 -33.55
N GLY H 117 24.49 61.18 -32.86
CA GLY H 117 24.77 62.46 -33.50
C GLY H 117 23.60 63.17 -34.17
N ALA H 118 22.44 63.15 -33.53
CA ALA H 118 21.26 63.81 -34.07
C ALA H 118 20.49 64.56 -33.00
N SER H 119 21.09 64.71 -31.82
CA SER H 119 20.44 65.38 -30.70
C SER H 119 20.93 66.80 -30.42
N GLY H 120 22.08 67.16 -30.99
CA GLY H 120 22.61 68.50 -30.78
C GLY H 120 23.22 68.71 -29.40
N ALA H 121 23.39 67.64 -28.64
CA ALA H 121 23.97 67.73 -27.29
C ALA H 121 25.39 68.26 -27.33
N SER H 122 25.71 69.18 -26.43
CA SER H 122 27.05 69.77 -26.35
C SER H 122 28.02 68.79 -25.68
N GLU H 123 29.33 69.04 -25.85
CA GLU H 123 30.35 68.18 -25.26
C GLU H 123 30.24 68.11 -23.73
N GLY H 124 29.88 69.24 -23.12
CA GLY H 124 29.74 69.28 -21.68
C GLY H 124 28.58 68.42 -21.21
N THR H 125 27.47 68.49 -21.94
CA THR H 125 26.29 67.70 -21.60
C THR H 125 26.63 66.22 -21.68
N ILE H 126 27.29 65.82 -22.76
CA ILE H 126 27.68 64.43 -22.95
C ILE H 126 28.65 64.00 -21.86
N ALA H 127 29.56 64.89 -21.49
CA ALA H 127 30.54 64.60 -20.45
C ALA H 127 29.86 64.34 -19.10
N ARG H 128 28.81 65.09 -18.80
CA ARG H 128 28.08 64.92 -17.55
C ARG H 128 27.49 63.51 -17.45
N LEU H 129 26.97 62.99 -18.57
CA LEU H 129 26.39 61.66 -18.58
C LEU H 129 27.47 60.60 -18.43
N ILE H 130 28.57 60.78 -19.16
CA ILE H 130 29.69 59.84 -19.10
C ILE H 130 30.32 59.80 -17.71
N ASP H 131 30.51 60.97 -17.10
CA ASP H 131 31.09 61.03 -15.76
C ASP H 131 30.20 60.28 -14.78
N LEU H 132 28.89 60.50 -14.88
CA LEU H 132 27.94 59.83 -14.00
C LEU H 132 28.11 58.32 -14.12
N LEU H 133 28.10 57.81 -15.35
CA LEU H 133 28.24 56.38 -15.59
C LEU H 133 29.58 55.80 -15.11
N ASN H 134 30.62 56.61 -15.12
CA ASN H 134 31.93 56.15 -14.66
C ASN H 134 32.10 56.31 -13.16
N SER H 135 31.12 56.95 -12.51
CA SER H 135 31.18 57.14 -11.07
C SER H 135 30.50 55.94 -10.40
N GLU H 136 30.43 55.98 -9.07
CA GLU H 136 29.79 54.92 -8.30
C GLU H 136 28.38 55.33 -7.91
N LEU H 137 27.92 56.44 -8.48
CA LEU H 137 26.60 56.97 -8.16
C LEU H 137 25.56 56.83 -9.27
N ALA H 138 24.31 57.11 -8.90
CA ALA H 138 23.19 57.08 -9.81
C ALA H 138 22.22 58.17 -9.36
N PRO H 139 21.50 58.79 -10.31
CA PRO H 139 20.56 59.84 -9.90
C PRO H 139 19.36 59.19 -9.20
N ALA H 140 18.80 59.87 -8.19
CA ALA H 140 17.64 59.35 -7.48
C ALA H 140 16.41 59.91 -8.16
N VAL H 141 15.76 59.08 -8.97
CA VAL H 141 14.58 59.54 -9.69
C VAL H 141 13.34 58.72 -9.35
N PRO H 142 12.20 59.39 -9.15
CA PRO H 142 10.95 58.68 -8.83
C PRO H 142 10.56 57.75 -9.98
N SER H 143 9.98 56.60 -9.64
CA SER H 143 9.61 55.63 -10.66
C SER H 143 8.29 55.90 -11.40
N ARG H 144 7.39 56.66 -10.79
CA ARG H 144 6.10 56.93 -11.41
C ARG H 144 5.95 58.35 -11.92
N GLY H 145 5.03 58.55 -12.87
CA GLY H 145 4.77 59.87 -13.40
C GLY H 145 4.73 60.01 -14.90
N THR H 146 5.32 59.06 -15.63
CA THR H 146 5.35 59.13 -17.09
C THR H 146 4.39 58.15 -17.76
N VAL H 147 3.87 58.56 -18.93
CA VAL H 147 2.97 57.73 -19.72
C VAL H 147 3.75 57.15 -20.91
N GLY H 148 5.07 57.32 -20.85
CA GLY H 148 5.93 56.79 -21.89
C GLY H 148 5.76 57.38 -23.28
N ASP H 150 9.68 59.42 -21.85
CA ASP H 150 9.95 59.43 -20.41
C ASP H 150 10.44 60.77 -19.88
N LEU H 151 9.68 61.83 -20.16
CA LEU H 151 10.06 63.18 -19.75
C LEU H 151 10.21 63.39 -18.24
N THR H 152 9.22 62.95 -17.47
CA THR H 152 9.28 63.14 -16.03
C THR H 152 10.52 62.58 -15.35
N PRO H 153 10.78 61.27 -15.48
CA PRO H 153 11.98 60.75 -14.83
C PRO H 153 13.28 61.37 -15.33
N LEU H 154 13.32 61.75 -16.59
CA LEU H 154 14.54 62.37 -17.16
C LEU H 154 14.71 63.79 -16.65
N ALA H 155 13.59 64.46 -16.37
CA ALA H 155 13.63 65.81 -15.86
C ALA H 155 14.25 65.75 -14.46
N HIS H 156 13.85 64.75 -13.68
CA HIS H 156 14.39 64.58 -12.34
C HIS H 156 15.88 64.27 -12.46
N MET H 157 16.27 63.52 -13.49
CA MET H 157 17.67 63.19 -13.71
C MET H 157 18.45 64.48 -13.94
N VAL H 158 17.88 65.39 -14.72
CA VAL H 158 18.54 66.66 -15.00
C VAL H 158 18.78 67.44 -13.71
N LEU H 159 17.75 67.54 -12.87
CA LEU H 159 17.88 68.26 -11.61
C LEU H 159 18.98 67.62 -10.78
N CYS H 160 19.02 66.28 -10.77
CA CYS H 160 20.04 65.56 -10.00
C CYS H 160 21.43 65.92 -10.50
N LEU H 161 21.60 65.95 -11.82
CA LEU H 161 22.89 66.28 -12.42
C LEU H 161 23.33 67.73 -12.23
N GLN H 162 22.39 68.60 -11.86
CA GLN H 162 22.69 70.00 -11.61
C GLN H 162 22.94 70.19 -10.11
N GLY H 163 22.84 69.09 -9.37
CA GLY H 163 23.05 69.15 -7.94
C GLY H 163 21.80 69.58 -7.20
N ARG H 164 20.68 69.60 -7.91
CA ARG H 164 19.38 70.01 -7.33
C ARG H 164 18.48 68.80 -7.07
N GLY H 165 19.09 67.63 -6.98
CA GLY H 165 18.34 66.41 -6.73
C GLY H 165 19.26 65.40 -6.06
N ASP H 166 18.68 64.41 -5.38
CA ASP H 166 19.44 63.40 -4.68
C ASP H 166 20.14 62.39 -5.59
N PHE H 167 21.12 61.70 -5.02
CA PHE H 167 21.88 60.67 -5.72
C PHE H 167 21.81 59.39 -4.88
N LEU H 168 22.16 58.26 -5.48
CA LEU H 168 22.15 56.98 -4.76
C LEU H 168 23.51 56.30 -4.86
N ASP H 169 23.98 55.72 -3.77
CA ASP H 169 25.24 54.99 -3.81
C ASP H 169 24.81 53.58 -4.20
N ARG H 170 25.77 52.67 -4.38
CA ARG H 170 25.41 51.31 -4.77
C ARG H 170 24.41 50.59 -3.87
N ASP H 171 24.34 50.97 -2.59
CA ASP H 171 23.44 50.35 -1.65
C ASP H 171 22.07 51.00 -1.54
N GLY H 172 21.79 51.97 -2.41
CA GLY H 172 20.51 52.64 -2.37
C GLY H 172 20.44 53.77 -1.37
N THR H 173 21.54 54.00 -0.64
CA THR H 173 21.58 55.09 0.34
C THR H 173 21.55 56.40 -0.43
N ARG H 174 20.68 57.32 0.00
CA ARG H 174 20.55 58.60 -0.67
C ARG H 174 21.50 59.67 -0.17
N LEU H 175 21.98 60.49 -1.11
CA LEU H 175 22.89 61.59 -0.84
C LEU H 175 22.22 62.82 -1.43
N ASP H 176 22.44 63.98 -0.85
CA ASP H 176 21.82 65.17 -1.42
C ASP H 176 22.61 65.59 -2.66
N GLY H 177 22.09 66.55 -3.40
CA GLY H 177 22.76 67.00 -4.61
C GLY H 177 24.22 67.38 -4.44
N ALA H 178 24.48 68.27 -3.50
CA ALA H 178 25.85 68.73 -3.23
C ALA H 178 26.79 67.58 -2.92
N GLU H 179 26.35 66.68 -2.04
CA GLU H 179 27.17 65.54 -1.64
C GLU H 179 27.42 64.59 -2.81
N GLY H 180 26.45 64.50 -3.71
CA GLY H 180 26.58 63.62 -4.85
C GLY H 180 27.67 64.12 -5.79
N LEU H 181 27.60 65.40 -6.13
CA LEU H 181 28.58 65.99 -7.03
C LEU H 181 29.97 65.91 -6.40
N ARG H 182 30.01 66.09 -5.08
CA ARG H 182 31.27 66.03 -4.35
C ARG H 182 31.86 64.63 -4.33
N ARG H 183 31.13 63.70 -3.72
CA ARG H 183 31.59 62.32 -3.62
C ARG H 183 31.88 61.68 -4.98
N GLY H 184 31.09 62.01 -5.98
CA GLY H 184 31.31 61.44 -7.30
C GLY H 184 32.24 62.28 -8.16
N ARG H 185 32.69 63.40 -7.61
CA ARG H 185 33.58 64.31 -8.33
C ARG H 185 32.96 64.65 -9.68
N LEU H 186 31.73 65.15 -9.62
CA LEU H 186 31.00 65.51 -10.82
C LEU H 186 30.80 67.01 -10.92
N GLN H 187 30.85 67.52 -12.14
CA GLN H 187 30.63 68.95 -12.39
C GLN H 187 29.13 69.17 -12.56
N PRO H 188 28.61 70.31 -12.10
CA PRO H 188 27.17 70.55 -12.24
C PRO H 188 26.76 70.70 -13.71
N LEU H 189 25.65 70.08 -14.08
CA LEU H 189 25.17 70.16 -15.46
C LEU H 189 24.80 71.57 -15.85
N ASP H 190 25.39 72.05 -16.95
CA ASP H 190 25.12 73.40 -17.46
C ASP H 190 24.41 73.30 -18.80
N LEU H 191 23.23 73.91 -18.90
CA LEU H 191 22.44 73.87 -20.13
C LEU H 191 22.49 75.20 -20.90
N SER H 192 23.62 75.89 -20.81
CA SER H 192 23.77 77.17 -21.49
C SER H 192 23.68 77.06 -23.01
N HIS H 193 23.96 75.87 -23.54
CA HIS H 193 23.90 75.69 -24.99
C HIS H 193 22.50 75.43 -25.54
N ARG H 194 21.50 75.51 -24.66
CA ARG H 194 20.11 75.31 -25.06
C ARG H 194 19.88 73.91 -25.62
N ASP H 195 20.58 72.93 -25.04
CA ASP H 195 20.48 71.54 -25.46
C ASP H 195 19.75 70.69 -24.43
N ALA H 196 18.80 71.29 -23.72
CA ALA H 196 18.04 70.57 -22.70
C ALA H 196 17.21 69.43 -23.28
N LEU H 197 16.69 69.63 -24.49
CA LEU H 197 15.87 68.63 -25.14
C LEU H 197 16.63 67.36 -25.49
N ALA H 198 17.96 67.41 -25.42
CA ALA H 198 18.77 66.24 -25.72
C ALA H 198 18.78 65.34 -24.48
N LEU H 199 18.42 65.93 -23.34
CA LEU H 199 18.40 65.20 -22.07
C LEU H 199 17.01 64.75 -21.65
N VAL H 200 16.01 65.60 -21.91
CA VAL H 200 14.63 65.28 -21.56
C VAL H 200 13.94 64.89 -22.86
N ASN H 201 14.09 63.62 -23.24
CA ASN H 201 13.53 63.14 -24.49
C ASN H 201 13.60 61.63 -24.57
N GLY H 202 12.92 61.07 -25.56
CA GLY H 202 12.97 59.64 -25.79
C GLY H 202 12.36 58.68 -24.78
N THR H 203 12.76 57.43 -24.94
CA THR H 203 12.27 56.32 -24.12
C THR H 203 13.36 55.76 -23.22
N SER H 204 14.20 56.65 -22.70
CA SER H 204 15.33 56.26 -21.86
C SER H 204 14.99 55.46 -20.60
N ALA H 205 13.99 55.90 -19.85
CA ALA H 205 13.64 55.19 -18.61
C ALA H 205 13.15 53.77 -18.88
N MET H 206 12.14 53.63 -19.72
CA MET H 206 11.61 52.30 -20.01
C MET H 206 12.67 51.40 -20.64
N THR H 207 13.55 51.97 -21.45
CA THR H 207 14.59 51.19 -22.09
C THR H 207 15.59 50.72 -21.04
N GLY H 208 15.91 51.61 -20.10
CA GLY H 208 16.83 51.26 -19.03
C GLY H 208 16.28 50.14 -18.17
N ILE H 209 15.01 50.25 -17.81
CA ILE H 209 14.33 49.24 -16.99
C ILE H 209 14.31 47.91 -17.74
N ALA H 210 13.98 47.97 -19.03
CA ALA H 210 13.90 46.78 -19.87
C ALA H 210 15.23 46.06 -20.06
N LEU H 211 16.32 46.81 -20.18
CA LEU H 211 17.61 46.17 -20.37
C LEU H 211 18.03 45.45 -19.09
N VAL H 212 17.66 45.99 -17.95
CA VAL H 212 17.98 45.34 -16.68
C VAL H 212 17.11 44.08 -16.60
N ASN H 213 15.85 44.20 -17.07
CA ASN H 213 14.94 43.05 -17.08
C ASN H 213 15.52 41.92 -17.91
N ALA H 214 16.06 42.26 -19.08
CA ALA H 214 16.63 41.28 -19.98
C ALA H 214 17.78 40.51 -19.34
N HIS H 215 18.66 41.23 -18.65
CA HIS H 215 19.80 40.61 -17.99
C HIS H 215 19.32 39.64 -16.90
N ALA H 216 18.39 40.09 -16.07
CA ALA H 216 17.84 39.27 -15.00
C ALA H 216 17.19 37.99 -15.51
N CYS H 217 16.44 38.12 -16.61
CA CYS H 217 15.77 36.97 -17.20
C CYS H 217 16.73 35.91 -17.72
N ARG H 218 17.87 36.35 -18.24
CA ARG H 218 18.86 35.40 -18.74
C ARG H 218 19.33 34.51 -17.58
N HIS H 219 19.63 35.14 -16.44
CA HIS H 219 20.09 34.35 -15.29
C HIS H 219 18.97 33.46 -14.75
N LEU H 220 17.77 34.02 -14.58
CA LEU H 220 16.67 33.22 -14.06
C LEU H 220 16.34 32.05 -14.98
N GLY H 221 16.48 32.26 -16.29
CA GLY H 221 16.21 31.20 -17.23
C GLY H 221 17.23 30.08 -17.07
N ASN H 222 18.46 30.45 -16.74
CA ASN H 222 19.50 29.44 -16.52
C ASN H 222 19.18 28.66 -15.25
N TRP H 223 18.64 29.34 -14.26
CA TRP H 223 18.26 28.67 -13.02
C TRP H 223 17.04 27.78 -13.25
N ALA H 224 16.11 28.24 -14.08
CA ALA H 224 14.91 27.46 -14.35
C ALA H 224 15.34 26.14 -15.00
N VAL H 225 16.34 26.21 -15.88
CA VAL H 225 16.85 25.03 -16.56
C VAL H 225 17.62 24.12 -15.59
N ALA H 226 18.54 24.69 -14.82
CA ALA H 226 19.34 23.91 -13.88
C ALA H 226 18.49 23.23 -12.81
N LEU H 227 17.45 23.92 -12.36
CA LEU H 227 16.59 23.36 -11.32
C LEU H 227 15.64 22.30 -11.88
N THR H 228 15.21 22.46 -13.12
CA THR H 228 14.34 21.46 -13.74
C THR H 228 15.17 20.18 -13.85
N ALA H 229 16.43 20.35 -14.24
CA ALA H 229 17.35 19.22 -14.39
C ALA H 229 17.58 18.52 -13.06
N LEU H 230 17.79 19.31 -12.01
CA LEU H 230 18.03 18.73 -10.70
C LEU H 230 16.74 18.04 -10.21
N LEU H 231 15.60 18.57 -10.62
CA LEU H 231 14.33 17.97 -10.23
C LEU H 231 14.23 16.55 -10.80
N ALA H 232 14.63 16.40 -12.06
CA ALA H 232 14.61 15.09 -12.72
C ALA H 232 15.50 14.11 -11.95
N GLU H 233 16.63 14.61 -11.46
CA GLU H 233 17.54 13.74 -10.70
C GLU H 233 16.97 13.38 -9.34
N CYS H 234 16.01 14.17 -8.85
CA CYS H 234 15.41 13.89 -7.55
C CYS H 234 14.16 13.03 -7.66
N LEU H 235 13.59 12.94 -8.86
CA LEU H 235 12.36 12.19 -9.08
C LEU H 235 12.48 11.12 -10.16
N ARG H 236 13.69 10.64 -10.42
CA ARG H 236 13.90 9.63 -11.46
C ARG H 236 13.21 10.06 -12.76
N GLY H 237 13.47 11.31 -13.16
CA GLY H 237 12.86 11.82 -14.39
C GLY H 237 13.37 11.13 -15.64
N ARG H 238 12.50 11.07 -16.66
CA ARG H 238 12.85 10.43 -17.94
C ARG H 238 13.44 11.43 -18.94
N THR H 239 14.69 11.20 -19.31
CA THR H 239 15.39 12.09 -20.24
C THR H 239 14.98 11.96 -21.70
N GLU H 240 14.31 10.88 -22.07
CA GLU H 240 13.94 10.74 -23.48
C GLU H 240 13.04 11.89 -23.94
N ALA H 241 12.30 12.48 -23.00
CA ALA H 241 11.42 13.60 -23.31
C ALA H 241 12.23 14.82 -23.73
N TRP H 242 13.51 14.83 -23.38
CA TRP H 242 14.37 15.96 -23.71
C TRP H 242 15.30 15.64 -24.87
N ALA H 243 14.96 14.60 -25.64
CA ALA H 243 15.77 14.17 -26.77
C ALA H 243 15.84 15.20 -27.90
N ALA H 244 17.03 15.33 -28.49
CA ALA H 244 17.23 16.29 -29.58
C ALA H 244 16.28 16.02 -30.73
N ALA H 245 16.02 14.74 -31.00
CA ALA H 245 15.12 14.35 -32.08
C ALA H 245 13.74 15.01 -31.97
N LEU H 246 13.26 15.17 -30.74
CA LEU H 246 11.96 15.80 -30.52
C LEU H 246 11.98 17.27 -30.86
N SER H 247 13.12 17.92 -30.59
CA SER H 247 13.27 19.34 -30.89
C SER H 247 13.23 19.51 -32.41
N ASP H 248 13.94 18.64 -33.11
CA ASP H 248 13.99 18.71 -34.57
C ASP H 248 12.63 18.60 -35.23
N LEU H 249 11.71 17.87 -34.60
CA LEU H 249 10.36 17.68 -35.13
C LEU H 249 9.49 18.93 -34.96
N ARG H 250 9.81 19.74 -33.96
CA ARG H 250 9.07 20.98 -33.67
C ARG H 250 10.18 21.99 -33.38
N PRO H 251 10.88 22.42 -34.45
CA PRO H 251 12.01 23.36 -34.44
C PRO H 251 11.96 24.80 -33.92
N HIS H 252 11.26 25.03 -32.80
CA HIS H 252 11.25 26.38 -32.23
C HIS H 252 12.66 26.52 -31.61
N PRO H 253 13.39 27.59 -31.95
CA PRO H 253 14.75 27.80 -31.41
C PRO H 253 14.84 27.71 -29.89
N GLY H 254 13.95 28.41 -29.20
CA GLY H 254 13.95 28.40 -27.75
C GLY H 254 13.76 27.00 -27.17
N GLN H 255 12.94 26.18 -27.83
CA GLN H 255 12.70 24.82 -27.35
C GLN H 255 13.93 23.95 -27.53
N LYS H 256 14.54 24.02 -28.72
CA LYS H 256 15.74 23.25 -29.03
C LYS H 256 16.85 23.60 -28.03
N ASP H 257 16.96 24.89 -27.73
CA ASP H 257 17.97 25.37 -26.79
C ASP H 257 17.66 24.84 -25.39
N ALA H 258 16.41 24.95 -24.97
CA ALA H 258 16.00 24.46 -23.66
C ALA H 258 16.33 22.98 -23.48
N ALA H 259 15.91 22.17 -24.44
CA ALA H 259 16.16 20.73 -24.38
C ALA H 259 17.65 20.42 -24.31
N ALA H 260 18.43 21.06 -25.16
CA ALA H 260 19.88 20.87 -25.19
C ALA H 260 20.53 21.22 -23.85
N ARG H 261 20.13 22.35 -23.28
CA ARG H 261 20.68 22.77 -21.99
C ARG H 261 20.26 21.82 -20.88
N LEU H 262 19.05 21.27 -21.00
CA LEU H 262 18.56 20.32 -20.00
C LEU H 262 19.36 19.02 -20.08
N ARG H 263 19.62 18.55 -21.30
CA ARG H 263 20.39 17.32 -21.46
C ARG H 263 21.79 17.49 -20.89
N ALA H 264 22.40 18.66 -21.13
CA ALA H 264 23.74 18.93 -20.64
C ALA H 264 23.79 18.95 -19.10
N ARG H 265 22.78 19.54 -18.47
CA ARG H 265 22.73 19.61 -17.02
C ARG H 265 22.76 18.22 -16.36
N VAL H 266 22.03 17.27 -16.94
CA VAL H 266 21.98 15.93 -16.36
C VAL H 266 23.01 14.96 -16.92
N ASP H 267 23.89 15.45 -17.78
CA ASP H 267 24.93 14.57 -18.34
C ASP H 267 25.75 13.98 -17.19
N GLY H 268 25.94 12.66 -17.20
CA GLY H 268 26.70 12.01 -16.16
C GLY H 268 25.87 11.54 -14.99
N SER H 269 24.59 11.90 -15.00
CA SER H 269 23.70 11.50 -13.91
C SER H 269 23.31 10.02 -13.98
N ALA H 270 23.22 9.38 -12.82
CA ALA H 270 22.83 7.98 -12.74
C ALA H 270 21.51 7.94 -11.98
N ARG H 271 20.91 9.12 -11.80
CA ARG H 271 19.66 9.23 -11.07
C ARG H 271 18.46 9.40 -11.99
N VAL H 272 18.69 9.78 -13.24
CA VAL H 272 17.61 9.95 -14.21
C VAL H 272 17.42 8.64 -14.97
N VAL H 273 16.26 8.47 -15.59
CA VAL H 273 15.95 7.28 -16.38
C VAL H 273 16.25 7.63 -17.84
N ARG H 274 17.19 6.93 -18.44
CA ARG H 274 17.56 7.23 -19.83
C ARG H 274 17.02 6.26 -20.88
N HIS H 275 16.33 5.22 -20.44
CA HIS H 275 15.81 4.23 -21.39
C HIS H 275 14.58 4.70 -22.17
N VAL H 276 14.61 4.51 -23.49
CA VAL H 276 13.50 4.87 -24.35
C VAL H 276 12.50 3.73 -24.14
N ILE H 277 11.30 4.05 -23.66
CA ILE H 277 10.32 3.00 -23.39
C ILE H 277 9.90 2.15 -24.58
N ALA H 278 9.91 2.75 -25.77
CA ALA H 278 9.50 2.02 -26.97
C ALA H 278 10.49 0.93 -27.38
N GLU H 279 11.65 0.88 -26.73
CA GLU H 279 12.64 -0.16 -27.05
C GLU H 279 12.15 -1.47 -26.45
N ARG H 280 11.35 -1.36 -25.40
CA ARG H 280 10.83 -2.54 -24.71
C ARG H 280 9.76 -3.26 -25.52
N ARG H 281 9.93 -4.57 -25.69
CA ARG H 281 8.96 -5.40 -26.42
C ARG H 281 8.14 -6.12 -25.34
N LEU H 282 6.83 -5.89 -25.35
CA LEU H 282 5.95 -6.51 -24.37
C LEU H 282 5.48 -7.89 -24.79
N ASP H 283 5.16 -8.72 -23.82
CA ASP H 283 4.63 -10.07 -24.06
C ASP H 283 3.45 -10.24 -23.12
N ALA H 284 2.72 -11.35 -23.25
CA ALA H 284 1.55 -11.59 -22.41
C ALA H 284 1.76 -11.37 -20.91
N GLY H 285 2.93 -11.75 -20.42
CA GLY H 285 3.21 -11.59 -18.99
C GLY H 285 3.32 -10.15 -18.53
N ASP H 286 3.50 -9.21 -19.47
CA ASP H 286 3.63 -7.80 -19.12
C ASP H 286 2.30 -7.07 -18.98
N ILE H 287 1.23 -7.62 -19.55
CA ILE H 287 -0.07 -6.98 -19.49
C ILE H 287 -0.63 -6.95 -18.06
N GLY H 288 -0.83 -5.73 -17.56
CA GLY H 288 -1.34 -5.53 -16.22
C GLY H 288 -1.09 -4.08 -15.83
N THR H 289 -1.12 -3.79 -14.54
CA THR H 289 -0.89 -2.44 -14.07
C THR H 289 0.51 -2.27 -13.49
N GLU H 290 1.26 -1.32 -14.02
CA GLU H 290 2.60 -1.07 -13.54
C GLU H 290 2.56 0.04 -12.50
N PRO H 291 3.55 0.07 -11.59
CA PRO H 291 3.62 1.08 -10.54
C PRO H 291 3.51 2.52 -11.04
N GLU H 292 4.14 2.79 -12.18
CA GLU H 292 4.14 4.14 -12.73
C GLU H 292 3.96 4.16 -14.24
N ALA H 293 3.45 5.27 -14.75
CA ALA H 293 3.24 5.43 -16.18
C ALA H 293 4.63 5.56 -16.82
N GLY H 294 4.69 5.33 -18.13
CA GLY H 294 5.95 5.40 -18.84
C GLY H 294 6.41 6.80 -19.21
N GLN H 295 5.65 7.82 -18.81
CA GLN H 295 5.99 9.21 -19.10
C GLN H 295 5.80 10.05 -17.83
N ASP H 296 6.62 11.09 -17.69
CA ASP H 296 6.53 11.97 -16.52
C ASP H 296 5.38 12.97 -16.64
N ALA H 297 5.06 13.59 -15.51
CA ALA H 297 4.04 14.63 -15.47
C ALA H 297 4.60 15.79 -16.30
N TYR H 298 3.75 16.72 -16.70
CA TYR H 298 4.20 17.82 -17.55
C TYR H 298 5.31 18.74 -17.00
N SER H 299 5.35 18.95 -15.69
CA SER H 299 6.37 19.82 -15.11
C SER H 299 7.79 19.35 -15.42
N LEU H 300 7.92 18.10 -15.88
CA LEU H 300 9.21 17.57 -16.29
C LEU H 300 9.18 17.29 -17.79
N ARG H 301 8.25 16.45 -18.23
CA ARG H 301 8.14 16.08 -19.63
C ARG H 301 8.00 17.23 -20.63
N CYS H 302 7.25 18.27 -20.26
CA CYS H 302 7.04 19.40 -21.17
C CYS H 302 7.90 20.62 -20.86
N ALA H 303 8.92 20.44 -20.02
CA ALA H 303 9.80 21.55 -19.67
C ALA H 303 10.44 22.21 -20.90
N PRO H 304 10.88 21.41 -21.89
CA PRO H 304 11.49 22.02 -23.07
C PRO H 304 10.53 22.98 -23.78
N GLN H 305 9.27 22.55 -23.88
CA GLN H 305 8.24 23.32 -24.55
C GLN H 305 7.82 24.58 -23.79
N VAL H 306 7.70 24.47 -22.48
CA VAL H 306 7.30 25.62 -21.67
C VAL H 306 8.45 26.63 -21.56
N LEU H 307 9.63 26.15 -21.22
CA LEU H 307 10.79 27.03 -21.10
C LEU H 307 11.11 27.63 -22.45
N GLY H 308 11.06 26.79 -23.48
CA GLY H 308 11.34 27.22 -24.84
C GLY H 308 10.49 28.38 -25.32
N ALA H 309 9.19 28.32 -25.04
CA ALA H 309 8.30 29.40 -25.44
C ALA H 309 8.70 30.66 -24.70
N GLY H 310 9.11 30.51 -23.46
CA GLY H 310 9.53 31.66 -22.68
C GLY H 310 10.81 32.24 -23.25
N PHE H 311 11.73 31.37 -23.66
CA PHE H 311 12.99 31.81 -24.24
C PHE H 311 12.79 32.51 -25.58
N ASP H 312 11.85 32.04 -26.38
CA ASP H 312 11.59 32.68 -27.66
C ASP H 312 10.96 34.05 -27.43
N THR H 313 10.22 34.20 -26.34
CA THR H 313 9.60 35.48 -26.01
C THR H 313 10.70 36.45 -25.61
N LEU H 314 11.64 35.98 -24.79
CA LEU H 314 12.75 36.80 -24.33
C LEU H 314 13.61 37.21 -25.53
N ALA H 315 13.76 36.28 -26.49
CA ALA H 315 14.55 36.55 -27.69
C ALA H 315 13.94 37.69 -28.50
N TRP H 316 12.62 37.68 -28.62
CA TRP H 316 11.93 38.73 -29.37
C TRP H 316 12.08 40.04 -28.62
N HIS H 317 11.88 39.99 -27.31
CA HIS H 317 12.01 41.15 -26.45
C HIS H 317 13.39 41.79 -26.61
N ASP H 318 14.42 40.95 -26.60
CA ASP H 318 15.79 41.44 -26.72
C ASP H 318 16.12 42.00 -28.10
N ARG H 319 15.52 41.44 -29.14
CA ARG H 319 15.77 41.92 -30.51
C ARG H 319 15.23 43.34 -30.66
N VAL H 320 14.02 43.56 -30.16
CA VAL H 320 13.37 44.86 -30.21
C VAL H 320 14.08 45.86 -29.30
N LEU H 321 14.41 45.43 -28.10
CA LEU H 321 15.09 46.31 -27.16
C LEU H 321 16.44 46.77 -27.71
N THR H 322 17.17 45.84 -28.34
CA THR H 322 18.47 46.17 -28.92
C THR H 322 18.33 47.30 -29.94
N ILE H 323 17.30 47.23 -30.77
CA ILE H 323 17.06 48.28 -31.76
C ILE H 323 16.73 49.58 -31.04
N GLU H 324 15.86 49.49 -30.04
CA GLU H 324 15.44 50.67 -29.27
C GLU H 324 16.61 51.36 -28.57
N LEU H 325 17.47 50.55 -27.95
CA LEU H 325 18.62 51.08 -27.21
C LEU H 325 19.59 51.86 -28.08
N ASN H 326 19.81 51.37 -29.30
CA ASN H 326 20.73 52.01 -30.22
C ASN H 326 20.07 53.00 -31.17
N ALA H 327 18.81 53.30 -30.93
CA ALA H 327 18.09 54.23 -31.78
C ALA H 327 18.05 55.63 -31.20
N VAL H 328 17.58 56.58 -32.00
CA VAL H 328 17.44 57.96 -31.57
C VAL H 328 15.94 58.15 -31.37
N THR H 329 15.51 58.15 -30.12
CA THR H 329 14.08 58.31 -29.81
C THR H 329 13.74 59.76 -29.47
N ASP H 330 14.64 60.67 -29.86
CA ASP H 330 14.48 62.11 -29.61
C ASP H 330 13.46 62.80 -30.52
N ASN H 331 13.02 63.97 -30.07
CA ASN H 331 12.12 64.85 -30.82
C ASN H 331 12.22 66.23 -30.21
N PRO H 332 12.60 67.24 -31.04
CA PRO H 332 12.93 67.09 -32.45
C PRO H 332 14.29 66.44 -32.64
N VAL H 333 14.67 66.21 -33.89
CA VAL H 333 15.96 65.62 -34.23
C VAL H 333 16.59 66.46 -35.33
N PHE H 334 17.92 66.43 -35.40
CA PHE H 334 18.66 67.21 -36.40
C PHE H 334 19.39 66.26 -37.34
N PRO H 335 18.83 66.06 -38.54
CA PRO H 335 19.41 65.18 -39.57
C PRO H 335 20.89 65.41 -39.81
N PRO H 336 21.72 64.38 -39.59
CA PRO H 336 23.17 64.47 -39.79
C PRO H 336 23.54 64.81 -41.24
N ASP H 337 22.71 64.42 -42.19
CA ASP H 337 22.99 64.70 -43.60
C ASP H 337 22.76 66.16 -43.96
N GLY H 338 22.11 66.89 -43.06
CA GLY H 338 21.86 68.31 -43.31
C GLY H 338 20.73 68.58 -44.30
N SER H 339 20.00 67.54 -44.66
CA SER H 339 18.88 67.66 -45.60
C SER H 339 17.92 68.77 -45.18
N VAL H 340 17.48 68.73 -43.93
CA VAL H 340 16.58 69.75 -43.38
C VAL H 340 17.15 70.20 -42.03
N PRO H 341 16.81 71.42 -41.60
CA PRO H 341 17.32 71.92 -40.31
C PRO H 341 16.99 70.99 -39.14
N ALA H 342 15.76 70.48 -39.13
CA ALA H 342 15.33 69.57 -38.07
C ALA H 342 14.03 68.88 -38.48
N LEU H 343 13.73 67.77 -37.82
CA LEU H 343 12.53 67.01 -38.11
C LEU H 343 11.66 66.90 -36.86
N HIS H 344 10.34 67.01 -37.04
CA HIS H 344 9.42 66.89 -35.92
C HIS H 344 8.54 65.68 -36.15
N GLY H 345 8.58 64.74 -35.20
CA GLY H 345 7.79 63.53 -35.32
C GLY H 345 7.45 62.91 -33.98
N GLY H 346 7.37 61.58 -33.93
CA GLY H 346 7.02 60.90 -32.69
C GLY H 346 7.85 59.70 -32.30
N ASN H 347 9.16 59.75 -32.53
CA ASN H 347 10.02 58.61 -32.18
C ASN H 347 10.14 58.40 -30.67
N PHE H 348 9.46 59.24 -29.89
CA PHE H 348 9.49 59.13 -28.44
C PHE H 348 8.37 58.20 -27.92
N MET H 349 7.50 57.76 -28.83
CA MET H 349 6.38 56.89 -28.48
C MET H 349 6.92 55.49 -28.18
N GLY H 350 6.97 55.12 -26.91
CA GLY H 350 7.51 53.82 -26.54
C GLY H 350 6.60 52.61 -26.67
N GLN H 351 5.89 52.51 -27.78
CA GLN H 351 4.98 51.39 -27.98
C GLN H 351 5.74 50.05 -28.11
N HIS H 352 6.95 50.08 -28.66
CA HIS H 352 7.73 48.86 -28.80
C HIS H 352 8.14 48.22 -27.48
N VAL H 353 8.68 49.02 -26.57
CA VAL H 353 9.09 48.49 -25.28
C VAL H 353 7.85 48.10 -24.46
N ALA H 354 6.76 48.84 -24.65
CA ALA H 354 5.52 48.55 -23.93
C ALA H 354 4.99 47.17 -24.30
N LEU H 355 4.90 46.89 -25.60
CA LEU H 355 4.38 45.60 -26.06
C LEU H 355 5.32 44.43 -25.75
N THR H 356 6.63 44.62 -25.87
CA THR H 356 7.56 43.53 -25.58
C THR H 356 7.67 43.28 -24.08
N SER H 357 7.55 44.34 -23.28
CA SER H 357 7.60 44.20 -21.83
C SER H 357 6.38 43.42 -21.32
N ASP H 358 5.20 43.73 -21.88
CA ASP H 358 3.97 43.04 -21.49
C ASP H 358 4.06 41.57 -21.90
N ALA H 359 4.55 41.31 -23.10
CA ALA H 359 4.69 39.92 -23.57
C ALA H 359 5.67 39.13 -22.70
N LEU H 360 6.80 39.76 -22.36
CA LEU H 360 7.79 39.08 -21.53
C LEU H 360 7.19 38.84 -20.15
N ALA H 361 6.41 39.80 -19.65
CA ALA H 361 5.77 39.68 -18.34
C ALA H 361 4.89 38.45 -18.27
N THR H 362 4.17 38.19 -19.36
CA THR H 362 3.29 37.01 -19.42
C THR H 362 4.15 35.75 -19.41
N ALA H 363 5.23 35.76 -20.19
CA ALA H 363 6.13 34.61 -20.26
C ALA H 363 6.77 34.33 -18.90
N VAL H 364 7.13 35.40 -18.18
CA VAL H 364 7.73 35.23 -16.85
C VAL H 364 6.72 34.61 -15.88
N THR H 365 5.46 35.04 -15.98
CA THR H 365 4.43 34.50 -15.10
C THR H 365 4.21 33.02 -15.42
N VAL H 366 4.25 32.67 -16.70
CA VAL H 366 4.09 31.28 -17.11
C VAL H 366 5.24 30.41 -16.60
N LEU H 367 6.48 30.88 -16.75
CA LEU H 367 7.63 30.11 -16.28
C LEU H 367 7.67 30.01 -14.74
N ALA H 368 7.16 31.03 -14.06
CA ALA H 368 7.11 31.02 -12.61
C ALA H 368 6.08 29.98 -12.17
N GLY H 369 5.02 29.84 -12.97
CA GLY H 369 3.98 28.87 -12.65
C GLY H 369 4.57 27.47 -12.75
N LEU H 370 5.46 27.28 -13.71
CA LEU H 370 6.13 25.99 -13.89
C LEU H 370 6.98 25.70 -12.65
N ALA H 371 7.76 26.69 -12.21
CA ALA H 371 8.61 26.49 -11.04
C ALA H 371 7.75 26.20 -9.81
N GLU H 372 6.65 26.94 -9.67
CA GLU H 372 5.75 26.77 -8.53
C GLU H 372 5.15 25.36 -8.51
N ARG H 373 4.77 24.85 -9.68
CA ARG H 373 4.21 23.49 -9.75
C ARG H 373 5.30 22.45 -9.48
N GLN H 374 6.54 22.75 -9.86
CA GLN H 374 7.63 21.81 -9.61
C GLN H 374 7.85 21.68 -8.09
N ILE H 375 7.68 22.79 -7.37
CA ILE H 375 7.82 22.77 -5.92
C ILE H 375 6.67 21.97 -5.31
N ALA H 376 5.46 22.23 -5.85
CA ALA H 376 4.26 21.56 -5.37
C ALA H 376 4.34 20.06 -5.52
N ARG H 377 4.98 19.60 -6.59
CA ARG H 377 5.12 18.18 -6.84
C ARG H 377 6.21 17.56 -5.96
N LEU H 378 7.39 18.17 -5.97
CA LEU H 378 8.52 17.70 -5.19
C LEU H 378 8.25 17.57 -3.69
N THR H 379 7.42 18.46 -3.14
CA THR H 379 7.12 18.44 -1.71
C THR H 379 5.90 17.62 -1.31
N ASP H 380 5.20 17.05 -2.29
CA ASP H 380 3.99 16.26 -2.01
C ASP H 380 4.36 14.78 -1.87
N GLU H 381 4.22 14.23 -0.67
CA GLU H 381 4.58 12.83 -0.45
C GLU H 381 3.85 11.82 -1.34
N ARG H 382 2.69 12.20 -1.86
CA ARG H 382 1.94 11.32 -2.75
C ARG H 382 2.47 11.37 -4.18
N LEU H 383 3.25 12.41 -4.49
CA LEU H 383 3.77 12.60 -5.84
C LEU H 383 5.30 12.59 -5.97
N ASN H 384 6.01 12.70 -4.86
CA ASN H 384 7.48 12.78 -4.91
C ASN H 384 8.22 11.45 -4.84
N ARG H 385 7.51 10.37 -5.14
CA ARG H 385 8.11 9.04 -5.18
C ARG H 385 9.02 8.63 -4.01
N GLY H 386 8.46 8.60 -2.81
CA GLY H 386 9.25 8.16 -1.66
C GLY H 386 9.93 9.18 -0.78
N LEU H 387 9.98 10.44 -1.20
CA LEU H 387 10.60 11.47 -0.38
C LEU H 387 9.69 11.85 0.79
N PRO H 388 10.28 12.37 1.89
CA PRO H 388 9.50 12.78 3.06
C PRO H 388 8.54 13.91 2.71
N PRO H 389 7.38 13.97 3.38
CA PRO H 389 6.43 15.04 3.08
C PRO H 389 7.06 16.40 3.34
N PHE H 390 7.06 17.26 2.33
CA PHE H 390 7.63 18.60 2.43
C PHE H 390 9.13 18.58 2.73
N LEU H 391 9.74 17.45 2.41
CA LEU H 391 11.19 17.25 2.56
C LEU H 391 11.71 17.59 3.96
N HIS H 392 10.95 17.26 4.99
CA HIS H 392 11.38 17.54 6.34
C HIS H 392 12.41 16.51 6.77
N ARG H 393 13.14 16.86 7.84
CA ARG H 393 14.09 15.95 8.45
C ARG H 393 13.65 16.00 9.91
N GLY H 394 14.04 15.02 10.71
CA GLY H 394 13.61 14.98 12.09
C GLY H 394 12.29 14.24 12.12
N PRO H 395 11.68 14.02 13.30
CA PRO H 395 10.40 13.30 13.32
C PRO H 395 9.32 14.05 12.57
N ALA H 396 8.48 13.31 11.82
CA ALA H 396 7.40 13.95 11.06
C ALA H 396 6.34 14.42 12.06
N GLY H 397 5.62 15.46 11.70
CA GLY H 397 4.61 15.98 12.61
C GLY H 397 5.29 17.04 13.45
N LEU H 398 6.33 16.63 14.17
CA LEU H 398 7.10 17.57 14.99
C LEU H 398 7.84 18.53 14.08
N ASN H 399 8.09 18.10 12.85
CA ASN H 399 8.78 18.90 11.83
C ASN H 399 7.96 18.87 10.54
N SER H 400 7.80 20.04 9.91
CA SER H 400 7.03 20.15 8.67
C SER H 400 7.91 20.54 7.46
N GLY H 401 9.20 20.77 7.71
CA GLY H 401 10.11 21.12 6.63
C GLY H 401 9.80 22.37 5.83
N PHE H 402 9.63 22.20 4.52
CA PHE H 402 9.33 23.31 3.62
C PHE H 402 7.83 23.51 3.41
N MET H 403 7.02 23.00 4.33
CA MET H 403 5.57 23.13 4.18
C MET H 403 5.12 24.58 4.10
N GLY H 404 5.75 25.45 4.90
CA GLY H 404 5.39 26.87 4.86
C GLY H 404 5.91 27.54 3.60
N ALA H 405 7.15 27.23 3.23
CA ALA H 405 7.78 27.80 2.05
C ALA H 405 7.05 27.45 0.76
N GLN H 406 6.52 26.23 0.68
CA GLN H 406 5.81 25.76 -0.50
C GLN H 406 4.58 26.64 -0.74
N VAL H 407 3.86 26.94 0.34
CA VAL H 407 2.67 27.77 0.27
C VAL H 407 3.05 29.21 -0.09
N THR H 408 4.19 29.66 0.42
CA THR H 408 4.66 31.00 0.12
C THR H 408 4.92 31.15 -1.38
N ALA H 409 5.43 30.09 -2.01
CA ALA H 409 5.68 30.12 -3.45
C ALA H 409 4.36 30.26 -4.22
N THR H 410 3.32 29.58 -3.74
CA THR H 410 2.02 29.66 -4.37
C THR H 410 1.49 31.08 -4.26
N ALA H 411 1.65 31.68 -3.09
CA ALA H 411 1.19 33.05 -2.84
C ALA H 411 1.86 34.07 -3.74
N LEU H 412 3.17 33.90 -3.95
CA LEU H 412 3.93 34.82 -4.79
C LEU H 412 3.43 34.75 -6.23
N LEU H 413 3.18 33.53 -6.70
CA LEU H 413 2.68 33.32 -8.06
C LEU H 413 1.28 33.91 -8.22
N ALA H 414 0.41 33.64 -7.26
CA ALA H 414 -0.96 34.15 -7.32
C ALA H 414 -0.94 35.66 -7.43
N GLU H 415 -0.07 36.30 -6.66
CA GLU H 415 0.05 37.75 -6.71
C GLU H 415 0.52 38.20 -8.10
N MET H 416 1.49 37.48 -8.67
CA MET H 416 1.99 37.79 -10.00
C MET H 416 0.85 37.83 -11.02
N ARG H 417 -0.04 36.84 -10.94
CA ARG H 417 -1.14 36.74 -11.88
C ARG H 417 -2.17 37.87 -11.80
N ALA H 418 -2.26 38.51 -10.65
CA ALA H 418 -3.22 39.60 -10.45
C ALA H 418 -2.98 40.81 -11.34
N THR H 419 -1.75 40.97 -11.81
CA THR H 419 -1.41 42.10 -12.65
C THR H 419 -1.24 41.70 -14.11
N GLY H 420 -1.94 42.40 -14.99
CA GLY H 420 -1.86 42.11 -16.42
C GLY H 420 -1.08 43.15 -17.20
N PRO H 421 -1.18 43.14 -18.54
CA PRO H 421 -0.49 44.09 -19.42
C PRO H 421 -0.78 45.56 -19.10
N ALA H 422 0.23 46.41 -19.26
CA ALA H 422 0.07 47.83 -19.02
C ALA H 422 -0.38 48.57 -20.29
N SER H 423 0.07 48.07 -21.44
CA SER H 423 -0.20 48.65 -22.75
C SER H 423 -1.64 48.95 -23.12
N ILE H 424 -2.57 48.10 -22.70
CA ILE H 424 -3.97 48.28 -23.05
C ILE H 424 -4.69 49.41 -22.33
N HIS H 425 -4.01 50.08 -21.41
CA HIS H 425 -4.65 51.15 -20.65
C HIS H 425 -4.39 52.59 -21.09
N SER H 426 -4.13 52.77 -22.37
CA SER H 426 -3.86 54.11 -22.88
C SER H 426 -5.08 54.99 -22.60
N ILE H 427 -4.81 56.22 -22.17
CA ILE H 427 -5.86 57.20 -21.86
C ILE H 427 -5.45 58.54 -22.47
N SER H 428 -6.37 59.19 -23.18
CA SER H 428 -6.09 60.49 -23.79
C SER H 428 -5.76 61.53 -22.71
N THR H 429 -4.61 62.18 -22.82
CA THR H 429 -4.21 63.17 -21.81
C THR H 429 -3.50 64.38 -22.44
N ASN H 430 -3.03 65.31 -21.60
CA ASN H 430 -2.36 66.52 -22.08
C ASN H 430 -3.32 67.31 -22.99
N ALA H 431 -4.53 67.54 -22.48
CA ALA H 431 -5.56 68.27 -23.23
C ALA H 431 -5.84 67.61 -24.57
N ALA H 432 -5.84 66.28 -24.57
CA ALA H 432 -6.11 65.47 -25.76
C ALA H 432 -5.02 65.50 -26.84
N ASN H 433 -3.92 66.19 -26.58
CA ASN H 433 -2.81 66.25 -27.54
C ASN H 433 -2.14 64.89 -27.56
N GLN H 434 -1.99 64.28 -26.39
CA GLN H 434 -1.41 62.95 -26.31
C GLN H 434 -2.60 62.00 -26.20
N ASP H 435 -3.40 61.91 -27.27
CA ASP H 435 -4.59 61.06 -27.22
C ASP H 435 -4.32 59.57 -27.15
N VAL H 436 -3.10 59.15 -27.49
CA VAL H 436 -2.69 57.75 -27.35
C VAL H 436 -1.30 57.75 -26.73
N VAL H 437 -1.12 56.95 -25.68
CA VAL H 437 0.17 56.87 -24.99
C VAL H 437 0.57 55.41 -24.88
N SER H 438 1.88 55.14 -24.79
CA SER H 438 2.35 53.77 -24.73
C SER H 438 2.38 53.11 -23.36
N LEU H 439 2.62 53.89 -22.31
CA LEU H 439 2.71 53.37 -20.94
C LEU H 439 3.82 52.32 -20.88
N GLY H 440 4.82 52.45 -21.75
CA GLY H 440 5.92 51.50 -21.79
C GLY H 440 6.77 51.41 -20.53
N THR H 441 6.87 52.53 -19.81
CA THR H 441 7.66 52.56 -18.59
C THR H 441 6.94 51.75 -17.52
N ILE H 442 5.63 51.92 -17.45
CA ILE H 442 4.83 51.17 -16.50
C ILE H 442 4.92 49.68 -16.86
N ALA H 443 4.88 49.38 -18.15
CA ALA H 443 4.95 48.00 -18.63
C ALA H 443 6.26 47.33 -18.21
N ALA H 444 7.37 48.04 -18.37
CA ALA H 444 8.68 47.50 -18.00
C ALA H 444 8.78 47.30 -16.49
N ARG H 445 8.23 48.23 -15.72
CA ARG H 445 8.26 48.13 -14.26
C ARG H 445 7.40 46.96 -13.75
N LEU H 446 6.24 46.74 -14.36
CA LEU H 446 5.38 45.64 -13.92
C LEU H 446 6.07 44.31 -14.25
N CYS H 447 6.80 44.28 -15.36
CA CYS H 447 7.52 43.08 -15.76
C CYS H 447 8.64 42.84 -14.74
N ARG H 448 9.29 43.92 -14.31
CA ARG H 448 10.37 43.82 -13.33
C ARG H 448 9.88 43.20 -12.03
N GLU H 449 8.70 43.62 -11.57
CA GLU H 449 8.12 43.08 -10.34
C GLU H 449 7.88 41.57 -10.46
N LYS H 450 7.43 41.15 -11.63
CA LYS H 450 7.17 39.73 -11.87
C LYS H 450 8.46 38.94 -11.91
N ILE H 451 9.51 39.56 -12.41
CA ILE H 451 10.83 38.93 -12.47
C ILE H 451 11.32 38.71 -11.04
N ASP H 452 11.09 39.69 -10.18
CA ASP H 452 11.50 39.57 -8.78
C ASP H 452 10.76 38.45 -8.06
N ARG H 453 9.48 38.30 -8.37
CA ARG H 453 8.68 37.25 -7.76
C ARG H 453 9.18 35.89 -8.26
N TRP H 454 9.49 35.82 -9.56
CA TRP H 454 9.98 34.59 -10.16
C TRP H 454 11.29 34.16 -9.50
N ALA H 455 12.15 35.13 -9.16
CA ALA H 455 13.42 34.81 -8.52
C ALA H 455 13.20 34.19 -7.14
N GLU H 456 12.21 34.69 -6.42
CA GLU H 456 11.90 34.19 -5.08
C GLU H 456 11.36 32.76 -5.17
N ILE H 457 10.50 32.53 -6.17
CA ILE H 457 9.93 31.21 -6.38
C ILE H 457 11.05 30.22 -6.72
N LEU H 458 11.98 30.64 -7.58
CA LEU H 458 13.10 29.79 -7.97
C LEU H 458 14.01 29.56 -6.77
N ALA H 459 14.11 30.55 -5.89
CA ALA H 459 14.94 30.41 -4.70
C ALA H 459 14.35 29.33 -3.80
N ILE H 460 13.03 29.31 -3.66
CA ILE H 460 12.37 28.30 -2.83
C ILE H 460 12.58 26.91 -3.46
N LEU H 461 12.46 26.84 -4.78
CA LEU H 461 12.65 25.57 -5.48
C LEU H 461 14.08 25.06 -5.31
N ALA H 462 15.04 25.97 -5.40
CA ALA H 462 16.45 25.61 -5.25
C ALA H 462 16.74 25.05 -3.86
N LEU H 463 16.21 25.69 -2.83
CA LEU H 463 16.43 25.22 -1.47
C LEU H 463 15.79 23.85 -1.27
N CYS H 464 14.59 23.68 -1.81
CA CYS H 464 13.90 22.39 -1.71
C CYS H 464 14.71 21.30 -2.39
N LEU H 465 15.26 21.61 -3.56
CA LEU H 465 16.05 20.65 -4.32
C LEU H 465 17.36 20.26 -3.67
N ALA H 466 18.03 21.21 -3.03
CA ALA H 466 19.28 20.90 -2.34
C ALA H 466 18.96 19.86 -1.28
N GLN H 467 17.89 20.10 -0.53
CA GLN H 467 17.44 19.19 0.51
C GLN H 467 17.02 17.85 -0.09
N ALA H 468 16.18 17.89 -1.12
CA ALA H 468 15.68 16.68 -1.77
C ALA H 468 16.81 15.80 -2.28
N ALA H 469 17.80 16.41 -2.92
CA ALA H 469 18.94 15.67 -3.47
C ALA H 469 19.66 14.89 -2.37
N GLU H 470 19.82 15.51 -1.21
CA GLU H 470 20.50 14.86 -0.10
C GLU H 470 19.65 13.76 0.51
N LEU H 471 18.34 13.98 0.56
CA LEU H 471 17.44 12.98 1.12
C LEU H 471 17.39 11.77 0.20
N ARG H 472 17.41 12.02 -1.10
CA ARG H 472 17.35 10.95 -2.08
C ARG H 472 18.67 10.22 -2.27
N CYS H 473 19.76 10.98 -2.39
CA CYS H 473 21.07 10.40 -2.67
C CYS H 473 22.10 10.44 -1.53
N GLY H 474 21.70 10.92 -0.36
CA GLY H 474 22.64 10.98 0.75
C GLY H 474 23.46 12.26 0.67
N SER H 475 24.11 12.63 1.76
CA SER H 475 24.93 13.84 1.79
C SER H 475 26.03 13.86 0.72
N GLY H 476 26.46 12.68 0.29
CA GLY H 476 27.49 12.60 -0.73
C GLY H 476 26.95 12.74 -2.14
N LEU H 477 25.63 12.88 -2.25
CA LEU H 477 24.98 13.03 -3.55
C LEU H 477 25.39 11.92 -4.51
N ASP H 478 25.33 10.68 -4.06
CA ASP H 478 25.71 9.55 -4.90
C ASP H 478 24.81 9.41 -6.12
N GLY H 479 25.42 9.37 -7.29
CA GLY H 479 24.66 9.21 -8.53
C GLY H 479 24.27 10.51 -9.19
N VAL H 480 24.37 11.62 -8.47
CA VAL H 480 24.01 12.92 -9.01
C VAL H 480 25.04 13.38 -10.05
N SER H 481 24.56 14.07 -11.07
CA SER H 481 25.41 14.57 -12.14
C SER H 481 26.46 15.54 -11.61
N PRO H 482 27.54 15.76 -12.38
CA PRO H 482 28.59 16.69 -11.96
C PRO H 482 28.03 18.11 -11.79
N ALA H 483 27.20 18.54 -12.75
CA ALA H 483 26.60 19.86 -12.70
C ALA H 483 25.68 19.96 -11.50
N GLY H 484 24.91 18.89 -11.25
CA GLY H 484 24.01 18.86 -10.12
C GLY H 484 24.76 18.93 -8.79
N LYS H 485 25.86 18.19 -8.69
CA LYS H 485 26.66 18.20 -7.46
C LYS H 485 27.25 19.58 -7.22
N LYS H 486 27.76 20.20 -8.28
CA LYS H 486 28.34 21.51 -8.16
C LYS H 486 27.31 22.54 -7.69
N LEU H 487 26.11 22.45 -8.25
CA LEU H 487 25.06 23.39 -7.88
C LEU H 487 24.67 23.26 -6.42
N VAL H 488 24.47 22.04 -5.94
CA VAL H 488 24.09 21.83 -4.55
C VAL H 488 25.20 22.23 -3.60
N GLN H 489 26.44 21.85 -3.92
CA GLN H 489 27.58 22.20 -3.09
C GLN H 489 27.72 23.72 -2.99
N ALA H 490 27.51 24.42 -4.10
CA ALA H 490 27.60 25.88 -4.09
C ALA H 490 26.52 26.49 -3.19
N LEU H 491 25.32 25.91 -3.23
CA LEU H 491 24.23 26.40 -2.40
C LEU H 491 24.52 26.16 -0.92
N ARG H 492 25.03 24.97 -0.63
CA ARG H 492 25.35 24.59 0.74
C ARG H 492 26.46 25.40 1.39
N GLU H 493 27.18 26.19 0.59
CA GLU H 493 28.25 27.01 1.15
C GLU H 493 27.63 28.14 1.97
N GLN H 494 26.45 28.58 1.56
CA GLN H 494 25.76 29.67 2.26
C GLN H 494 24.45 29.24 2.91
N PHE H 495 23.85 28.17 2.40
CA PHE H 495 22.58 27.71 2.93
C PHE H 495 22.66 26.29 3.46
N PRO H 496 22.66 26.16 4.79
CA PRO H 496 22.74 24.87 5.49
C PRO H 496 21.51 24.02 5.22
N PRO H 497 21.66 22.69 5.37
CA PRO H 497 20.53 21.80 5.14
C PRO H 497 19.48 22.03 6.22
N LEU H 498 18.24 21.62 5.96
CA LEU H 498 17.18 21.79 6.94
C LEU H 498 17.10 20.51 7.77
N GLU H 499 17.78 20.49 8.91
CA GLU H 499 17.79 19.31 9.78
C GLU H 499 16.60 19.33 10.72
N THR H 500 16.13 20.53 11.02
CA THR H 500 15.00 20.75 11.89
C THR H 500 14.40 22.08 11.43
N ASP H 501 13.09 22.24 11.59
CA ASP H 501 12.43 23.46 11.14
C ASP H 501 13.05 24.76 11.65
N ARG H 502 13.17 25.73 10.74
CA ARG H 502 13.71 27.04 11.06
C ARG H 502 13.12 28.07 10.10
N PRO H 503 13.11 29.35 10.50
CA PRO H 503 12.58 30.40 9.62
C PRO H 503 13.41 30.43 8.34
N LEU H 504 12.73 30.42 7.19
CA LEU H 504 13.42 30.42 5.90
C LEU H 504 13.29 31.73 5.13
N GLY H 505 12.41 32.60 5.58
CA GLY H 505 12.18 33.87 4.90
C GLY H 505 13.41 34.64 4.47
N GLN H 506 14.31 34.91 5.40
CA GLN H 506 15.51 35.67 5.06
C GLN H 506 16.41 34.92 4.08
N GLU H 507 16.51 33.60 4.22
CA GLU H 507 17.34 32.83 3.30
C GLU H 507 16.75 32.86 1.89
N ILE H 508 15.43 32.79 1.78
CA ILE H 508 14.78 32.85 0.48
C ILE H 508 15.10 34.18 -0.21
N ALA H 509 14.97 35.27 0.55
CA ALA H 509 15.24 36.59 0.01
C ALA H 509 16.70 36.75 -0.39
N ALA H 510 17.61 36.23 0.44
CA ALA H 510 19.03 36.34 0.14
C ALA H 510 19.37 35.57 -1.12
N LEU H 511 18.81 34.36 -1.25
CA LEU H 511 19.08 33.56 -2.43
C LEU H 511 18.51 34.18 -3.70
N ALA H 512 17.30 34.73 -3.61
CA ALA H 512 16.65 35.36 -4.76
C ALA H 512 17.54 36.46 -5.34
N THR H 513 18.13 37.26 -4.46
CA THR H 513 19.00 38.36 -4.88
C THR H 513 20.18 37.79 -5.69
N HIS H 514 20.68 36.63 -5.26
CA HIS H 514 21.79 35.98 -5.94
C HIS H 514 21.37 35.47 -7.33
N LEU H 515 20.21 34.82 -7.40
CA LEU H 515 19.73 34.26 -8.66
C LEU H 515 19.59 35.31 -9.77
N LEU H 516 19.15 36.50 -9.40
CA LEU H 516 18.96 37.58 -10.36
C LEU H 516 20.26 38.09 -10.99
N GLN H 517 21.39 37.88 -10.32
CA GLN H 517 22.66 38.39 -10.83
C GLN H 517 23.69 37.36 -11.29
N GLN H 518 23.49 36.09 -10.93
CA GLN H 518 24.43 35.05 -11.31
C GLN H 518 23.74 33.74 -11.68
N SER H 519 24.32 33.02 -12.63
CA SER H 519 23.76 31.74 -13.07
C SER H 519 24.55 30.59 -12.43
N PRO H 520 23.98 29.38 -12.44
CA PRO H 520 24.67 28.22 -11.87
C PRO H 520 25.71 27.67 -12.84
N VAL H 521 26.97 27.67 -12.43
CA VAL H 521 28.04 27.16 -13.29
C VAL H 521 29.20 26.62 -12.46
#